data_3Q45
#
_entry.id   3Q45
#
_cell.length_a   94.000
_cell.length_b   158.200
_cell.length_c   182.740
_cell.angle_alpha   90.00
_cell.angle_beta   100.28
_cell.angle_gamma   90.00
#
_symmetry.space_group_name_H-M   'P 1 21 1'
#
loop_
_entity.id
_entity.type
_entity.pdbx_description
1 polymer 'Mandelate racemase/muconate lactonizing enzyme family; possible chloromuconate cycloisomerase'
2 non-polymer 'MAGNESIUM ION'
3 non-polymer D-ALANINE
4 non-polymer VALINE
5 water water
#
_entity_poly.entity_id   1
_entity_poly.type   'polypeptide(L)'
_entity_poly.pdbx_seq_one_letter_code
;MIITQVELYKSPVKLKEPFKISLGILTHANNVIVRIHTASGHIGYGECSPFMTIHGESMDTAFIVGQYLAKGLIGTSCLD
IVSNSLLMDAIIYGNSCIKSAFNIALYDLAAQHAGLPLYAFLGGKKDKIIQTDYTVSIDEPHKMAADAVQIKKNGFEIIK
VKVGGSKELDVERIRMIREAAGDSITLRIDANQGWSVETAIETLTLLEPYNIQHCEEPVSRNLYTALPKIRQACRIPIMA
DESCCNSFDAERLIQIQACDSFNLKLSKSAGITNALNIIRLAEQAHMPVQVGGFLESRLGFTAAAHVALVSKTICYYDFD
TPLMFEADPVRGGIVYQQRGIIEVPETAGLGAGYQKDYLSGLEKICIN
;
_entity_poly.pdbx_strand_id   A,B,C,D,E,F,G,H,I
#
loop_
_chem_comp.id
_chem_comp.type
_chem_comp.name
_chem_comp.formula
MG non-polymer 'MAGNESIUM ION' 'Mg 2'
#
# COMPACT_ATOMS: atom_id res chain seq x y z
N MET A 1 -20.06 -11.39 38.78
CA MET A 1 -20.23 -12.74 38.23
C MET A 1 -19.15 -13.67 38.75
N ILE A 2 -19.58 -14.70 39.46
CA ILE A 2 -18.67 -15.61 40.14
C ILE A 2 -17.89 -16.49 39.18
N ILE A 3 -16.63 -16.75 39.49
CA ILE A 3 -15.80 -17.63 38.70
C ILE A 3 -15.99 -19.06 39.18
N THR A 4 -16.37 -19.96 38.26
CA THR A 4 -16.72 -21.32 38.64
C THR A 4 -15.64 -22.33 38.31
N GLN A 5 -14.94 -22.12 37.20
CA GLN A 5 -13.82 -22.99 36.88
C GLN A 5 -12.83 -22.33 35.93
N VAL A 6 -11.55 -22.68 36.03
CA VAL A 6 -10.59 -22.25 35.02
C VAL A 6 -9.87 -23.45 34.41
N GLU A 7 -9.68 -23.41 33.08
CA GLU A 7 -8.96 -24.46 32.38
C GLU A 7 -7.63 -23.90 31.93
N LEU A 8 -6.57 -24.70 32.00
CA LEU A 8 -5.25 -24.31 31.52
C LEU A 8 -4.80 -25.30 30.45
N TYR A 9 -4.16 -24.80 29.39
CA TYR A 9 -3.76 -25.64 28.27
C TYR A 9 -2.30 -25.41 27.92
N LYS A 10 -1.57 -26.48 27.62
CA LYS A 10 -0.25 -26.32 26.99
C LYS A 10 -0.41 -26.21 25.48
N SER A 11 0.02 -25.08 24.92
CA SER A 11 -0.15 -24.79 23.49
C SER A 11 1.17 -24.59 22.75
N PRO A 12 1.79 -25.69 22.31
CA PRO A 12 3.06 -25.59 21.61
C PRO A 12 2.87 -25.66 20.09
N VAL A 13 3.14 -24.57 19.40
CA VAL A 13 3.05 -24.56 17.95
C VAL A 13 4.42 -24.30 17.33
N LYS A 14 4.76 -25.08 16.30
CA LYS A 14 6.06 -24.98 15.65
C LYS A 14 6.15 -23.78 14.72
N LEU A 15 7.32 -23.14 14.70
CA LEU A 15 7.57 -22.04 13.79
C LEU A 15 8.05 -22.54 12.42
N LYS A 16 7.77 -21.77 11.36
CA LYS A 16 8.22 -22.13 10.03
C LYS A 16 9.75 -22.13 9.99
N GLU A 17 10.35 -20.98 10.26
CA GLU A 17 11.79 -20.88 10.39
C GLU A 17 12.11 -20.67 11.86
N PRO A 18 13.24 -21.19 12.31
CA PRO A 18 13.66 -20.89 13.68
C PRO A 18 13.84 -19.37 13.93
N PHE A 19 13.45 -18.93 15.11
CA PHE A 19 13.49 -17.53 15.51
C PHE A 19 14.73 -17.30 16.36
N LYS A 20 15.55 -16.35 15.95
CA LYS A 20 16.90 -16.18 16.50
C LYS A 20 17.15 -14.79 17.04
N ILE A 21 17.50 -14.70 18.32
CA ILE A 21 17.92 -13.44 18.91
C ILE A 21 19.24 -13.62 19.63
N SER A 22 19.83 -12.52 20.09
CA SER A 22 21.16 -12.59 20.70
C SER A 22 21.16 -13.52 21.90
N LEU A 23 19.98 -13.71 22.50
CA LEU A 23 19.85 -14.52 23.70
C LEU A 23 19.71 -16.01 23.43
N GLY A 24 19.29 -16.36 22.22
CA GLY A 24 19.10 -17.76 21.87
C GLY A 24 18.22 -18.00 20.64
N ILE A 25 17.98 -19.29 20.37
CA ILE A 25 17.21 -19.70 19.21
C ILE A 25 15.97 -20.50 19.61
N LEU A 26 14.83 -20.21 18.97
CA LEU A 26 13.58 -20.90 19.30
C LEU A 26 12.98 -21.61 18.09
N THR A 27 12.51 -22.84 18.30
CA THR A 27 11.88 -23.59 17.22
C THR A 27 10.36 -23.62 17.37
N HIS A 28 9.89 -23.42 18.60
CA HIS A 28 8.47 -23.48 18.91
C HIS A 28 8.04 -22.28 19.73
N ALA A 29 6.78 -21.92 19.60
CA ALA A 29 6.16 -21.01 20.56
C ALA A 29 5.47 -21.88 21.58
N ASN A 30 6.06 -22.01 22.77
CA ASN A 30 5.45 -22.84 23.81
C ASN A 30 4.61 -22.03 24.78
N ASN A 31 3.35 -21.83 24.43
CA ASN A 31 2.47 -20.95 25.16
C ASN A 31 1.58 -21.70 26.17
N VAL A 32 0.97 -20.94 27.07
CA VAL A 32 -0.03 -21.48 27.95
C VAL A 32 -1.32 -20.70 27.77
N ILE A 33 -2.42 -21.42 27.57
CA ILE A 33 -3.73 -20.81 27.42
C ILE A 33 -4.56 -20.91 28.68
N VAL A 34 -5.33 -19.86 28.96
CA VAL A 34 -6.18 -19.79 30.16
C VAL A 34 -7.61 -19.48 29.79
N ARG A 35 -8.55 -20.29 30.26
CA ARG A 35 -9.97 -20.05 30.07
C ARG A 35 -10.67 -19.97 31.41
N ILE A 36 -11.23 -18.81 31.73
CA ILE A 36 -12.04 -18.63 32.93
C ILE A 36 -13.54 -18.73 32.63
N HIS A 37 -14.24 -19.56 33.40
CA HIS A 37 -15.68 -19.75 33.26
C HIS A 37 -16.43 -19.06 34.39
N THR A 38 -17.54 -18.41 34.06
CA THR A 38 -18.41 -17.88 35.09
C THR A 38 -19.67 -18.74 35.26
N ALA A 39 -20.36 -18.52 36.37
CA ALA A 39 -21.61 -19.20 36.64
C ALA A 39 -22.63 -18.90 35.55
N SER A 40 -22.64 -17.64 35.08
CA SER A 40 -23.52 -17.23 34.01
C SER A 40 -23.16 -17.87 32.67
N GLY A 41 -22.08 -18.63 32.65
CA GLY A 41 -21.67 -19.31 31.45
C GLY A 41 -20.83 -18.52 30.46
N HIS A 42 -20.30 -17.40 30.89
CA HIS A 42 -19.36 -16.64 30.07
C HIS A 42 -17.98 -17.26 30.13
N ILE A 43 -17.22 -17.09 29.06
CA ILE A 43 -15.86 -17.59 29.03
C ILE A 43 -14.88 -16.51 28.61
N GLY A 44 -13.83 -16.31 29.40
CA GLY A 44 -12.79 -15.37 29.08
C GLY A 44 -11.50 -16.07 28.71
N TYR A 45 -10.84 -15.60 27.65
CA TYR A 45 -9.58 -16.20 27.20
C TYR A 45 -8.39 -15.33 27.55
N GLY A 46 -7.29 -15.98 27.93
CA GLY A 46 -6.03 -15.32 28.11
C GLY A 46 -4.97 -16.26 27.61
N GLU A 47 -3.85 -15.70 27.15
CA GLU A 47 -2.75 -16.50 26.66
C GLU A 47 -1.52 -15.88 27.20
N CYS A 48 -0.46 -16.67 27.33
CA CYS A 48 0.85 -16.13 27.61
C CYS A 48 1.93 -16.98 26.94
N SER A 49 3.09 -16.37 26.73
CA SER A 49 4.16 -17.02 26.01
C SER A 49 5.47 -16.97 26.79
N PRO A 50 5.65 -17.91 27.71
CA PRO A 50 6.85 -17.86 28.57
C PRO A 50 8.12 -17.87 27.79
N PHE A 51 9.03 -16.96 28.14
CA PHE A 51 10.34 -16.86 27.50
C PHE A 51 11.40 -16.97 28.58
N MET A 52 12.04 -18.13 28.67
CA MET A 52 12.89 -18.47 29.82
C MET A 52 13.96 -17.46 30.15
N THR A 53 14.68 -16.99 29.15
CA THR A 53 15.78 -16.07 29.41
C THR A 53 15.38 -14.61 29.72
N ILE A 54 14.06 -14.35 29.78
CA ILE A 54 13.57 -13.00 30.06
C ILE A 54 12.54 -12.99 31.15
N HIS A 55 11.57 -13.88 31.05
CA HIS A 55 10.55 -13.99 32.06
C HIS A 55 11.08 -14.76 33.26
N GLY A 56 11.91 -15.74 32.98
CA GLY A 56 12.29 -16.70 33.99
C GLY A 56 11.12 -17.61 34.29
N GLU A 57 10.28 -17.82 33.29
CA GLU A 57 9.22 -18.80 33.38
C GLU A 57 9.28 -19.67 32.14
N SER A 58 8.65 -20.83 32.17
CA SER A 58 8.59 -21.69 31.01
C SER A 58 7.19 -22.18 30.85
N MET A 59 6.88 -22.85 29.75
CA MET A 59 5.54 -23.39 29.59
C MET A 59 5.26 -24.32 30.77
N ASP A 60 6.25 -25.11 31.15
CA ASP A 60 6.07 -26.05 32.24
C ASP A 60 5.77 -25.37 33.56
N THR A 61 6.56 -24.37 33.95
CA THR A 61 6.31 -23.65 35.19
C THR A 61 4.98 -22.89 35.15
N ALA A 62 4.69 -22.24 34.03
CA ALA A 62 3.46 -21.48 33.89
C ALA A 62 2.24 -22.39 34.11
N PHE A 63 2.31 -23.59 33.57
CA PHE A 63 1.21 -24.53 33.68
C PHE A 63 0.95 -24.93 35.14
N ILE A 64 1.99 -24.94 35.96
CA ILE A 64 1.85 -25.29 37.36
C ILE A 64 1.39 -24.09 38.17
N VAL A 65 2.14 -23.00 38.07
CA VAL A 65 1.82 -21.81 38.82
C VAL A 65 0.40 -21.34 38.50
N GLY A 66 0.00 -21.51 37.27
CA GLY A 66 -1.35 -21.16 36.85
C GLY A 66 -2.42 -21.86 37.64
N GLN A 67 -2.13 -23.08 38.06
CA GLN A 67 -3.06 -23.83 38.90
C GLN A 67 -3.15 -23.25 40.30
N TYR A 68 -2.01 -22.87 40.86
CA TYR A 68 -2.02 -22.16 42.14
C TYR A 68 -2.99 -21.00 42.06
N LEU A 69 -2.88 -20.25 40.96
CA LEU A 69 -3.64 -19.03 40.74
C LEU A 69 -5.12 -19.29 40.52
N ALA A 70 -5.43 -20.23 39.64
CA ALA A 70 -6.81 -20.63 39.41
C ALA A 70 -7.50 -20.95 40.72
N LYS A 71 -6.87 -21.77 41.56
CA LYS A 71 -7.41 -22.19 42.85
C LYS A 71 -7.89 -20.99 43.64
N GLY A 72 -7.03 -20.00 43.77
CA GLY A 72 -7.34 -18.81 44.52
C GLY A 72 -8.43 -17.96 43.90
N LEU A 73 -8.62 -18.06 42.59
CA LEU A 73 -9.61 -17.26 41.91
C LEU A 73 -11.01 -17.87 41.93
N ILE A 74 -11.08 -19.18 42.06
CA ILE A 74 -12.37 -19.83 42.10
C ILE A 74 -13.24 -19.25 43.22
N GLY A 75 -14.41 -18.75 42.85
CA GLY A 75 -15.37 -18.21 43.80
C GLY A 75 -15.40 -16.69 43.86
N THR A 76 -14.43 -16.05 43.21
CA THR A 76 -14.34 -14.61 43.25
C THR A 76 -15.12 -13.99 42.10
N SER A 77 -15.34 -12.68 42.17
CA SER A 77 -16.02 -11.97 41.10
C SER A 77 -15.03 -11.54 40.03
N CYS A 78 -15.25 -12.03 38.83
CA CYS A 78 -14.34 -11.72 37.72
C CYS A 78 -14.34 -10.23 37.35
N LEU A 79 -15.17 -9.44 38.01
CA LEU A 79 -15.21 -8.03 37.70
C LEU A 79 -14.23 -7.24 38.57
N ASP A 80 -13.87 -7.78 39.74
CA ASP A 80 -12.94 -7.14 40.65
C ASP A 80 -11.51 -7.35 40.18
N ILE A 81 -11.19 -6.79 39.03
CA ILE A 81 -9.90 -7.06 38.43
C ILE A 81 -8.74 -6.72 39.34
N VAL A 82 -8.76 -5.54 39.95
CA VAL A 82 -7.71 -5.12 40.85
C VAL A 82 -7.61 -6.03 42.07
N SER A 83 -8.75 -6.30 42.70
CA SER A 83 -8.76 -7.21 43.84
C SER A 83 -8.14 -8.57 43.48
N ASN A 84 -8.49 -9.09 42.31
CA ASN A 84 -8.02 -10.41 41.91
C ASN A 84 -6.54 -10.42 41.52
N SER A 85 -6.07 -9.31 40.99
CA SER A 85 -4.67 -9.20 40.63
C SER A 85 -3.84 -9.19 41.89
N LEU A 86 -4.39 -8.56 42.94
CA LEU A 86 -3.73 -8.53 44.24
C LEU A 86 -3.74 -9.90 44.89
N LEU A 87 -4.87 -10.57 44.80
CA LEU A 87 -5.01 -11.93 45.26
C LEU A 87 -3.92 -12.83 44.68
N MET A 88 -3.69 -12.73 43.37
CA MET A 88 -2.67 -13.56 42.74
C MET A 88 -1.30 -13.20 43.27
N ASP A 89 -1.02 -11.91 43.40
CA ASP A 89 0.26 -11.47 43.92
C ASP A 89 0.49 -12.03 45.32
N ALA A 90 -0.58 -12.10 46.12
CA ALA A 90 -0.49 -12.68 47.45
C ALA A 90 -0.23 -14.18 47.41
N ILE A 91 -0.56 -14.83 46.31
CA ILE A 91 -0.32 -16.27 46.19
C ILE A 91 1.14 -16.57 45.84
N ILE A 92 1.70 -15.78 44.93
CA ILE A 92 3.07 -15.99 44.50
C ILE A 92 3.68 -14.71 43.94
N TYR A 93 4.93 -14.45 44.27
CA TYR A 93 5.63 -13.28 43.78
C TYR A 93 6.09 -13.53 42.33
N GLY A 94 6.29 -12.44 41.59
CA GLY A 94 6.68 -12.51 40.19
C GLY A 94 5.73 -13.32 39.32
N ASN A 95 6.30 -14.18 38.47
CA ASN A 95 5.48 -14.95 37.55
C ASN A 95 4.49 -14.10 36.77
N SER A 96 4.97 -12.95 36.29
CA SER A 96 4.12 -12.01 35.59
C SER A 96 3.52 -12.62 34.33
N CYS A 97 4.32 -13.38 33.59
CA CYS A 97 3.87 -14.01 32.36
C CYS A 97 2.55 -14.77 32.54
N ILE A 98 2.55 -15.79 33.39
CA ILE A 98 1.31 -16.51 33.63
C ILE A 98 0.21 -15.61 34.22
N LYS A 99 0.56 -14.74 35.15
CA LYS A 99 -0.41 -13.80 35.72
C LYS A 99 -1.09 -12.99 34.63
N SER A 100 -0.33 -12.57 33.64
CA SER A 100 -0.89 -11.75 32.57
C SER A 100 -2.02 -12.49 31.86
N ALA A 101 -1.87 -13.79 31.65
CA ALA A 101 -2.89 -14.53 30.99
C ALA A 101 -4.19 -14.47 31.81
N PHE A 102 -4.09 -14.69 33.11
CA PHE A 102 -5.28 -14.56 33.92
C PHE A 102 -5.84 -13.15 33.83
N ASN A 103 -4.96 -12.17 33.93
CA ASN A 103 -5.40 -10.78 33.86
C ASN A 103 -6.16 -10.50 32.58
N ILE A 104 -5.56 -10.84 31.45
CA ILE A 104 -6.18 -10.64 30.16
C ILE A 104 -7.56 -11.27 30.15
N ALA A 105 -7.66 -12.52 30.56
CA ALA A 105 -8.95 -13.19 30.57
C ALA A 105 -9.98 -12.45 31.43
N LEU A 106 -9.55 -11.91 32.55
CA LEU A 106 -10.47 -11.19 33.42
C LEU A 106 -11.03 -10.00 32.69
N TYR A 107 -10.16 -9.26 32.01
CA TYR A 107 -10.61 -8.10 31.23
C TYR A 107 -11.55 -8.53 30.14
N ASP A 108 -11.30 -9.69 29.58
CA ASP A 108 -12.17 -10.22 28.56
C ASP A 108 -13.58 -10.27 29.13
N LEU A 109 -13.73 -11.01 30.22
CA LEU A 109 -15.01 -11.12 30.90
C LEU A 109 -15.58 -9.73 31.25
N ALA A 110 -14.77 -8.84 31.79
CA ALA A 110 -15.24 -7.49 32.10
C ALA A 110 -15.77 -6.74 30.89
N ALA A 111 -15.02 -6.76 29.79
CA ALA A 111 -15.50 -6.14 28.57
C ALA A 111 -16.79 -6.80 28.08
N GLN A 112 -16.82 -8.13 28.10
CA GLN A 112 -18.05 -8.84 27.71
C GLN A 112 -19.24 -8.32 28.49
N HIS A 113 -19.09 -8.19 29.80
CA HIS A 113 -20.16 -7.79 30.69
C HIS A 113 -20.69 -6.40 30.32
N ALA A 114 -19.79 -5.54 29.88
CA ALA A 114 -20.11 -4.16 29.56
C ALA A 114 -20.63 -4.04 28.15
N GLY A 115 -20.50 -5.12 27.39
CA GLY A 115 -20.97 -5.13 26.03
C GLY A 115 -20.11 -4.30 25.12
N LEU A 116 -18.85 -4.13 25.48
CA LEU A 116 -17.89 -3.39 24.66
C LEU A 116 -16.70 -4.24 24.25
N PRO A 117 -16.07 -3.89 23.12
CA PRO A 117 -14.77 -4.49 22.79
C PRO A 117 -13.74 -4.00 23.79
N LEU A 118 -12.67 -4.76 24.01
CA LEU A 118 -11.71 -4.43 25.04
C LEU A 118 -11.23 -3.00 24.91
N TYR A 119 -10.75 -2.65 23.72
CA TYR A 119 -10.23 -1.30 23.51
C TYR A 119 -11.18 -0.20 24.01
N ALA A 120 -12.47 -0.32 23.72
CA ALA A 120 -13.43 0.64 24.20
C ALA A 120 -13.66 0.55 25.71
N PHE A 121 -13.61 -0.66 26.25
CA PHE A 121 -13.82 -0.83 27.67
C PHE A 121 -12.67 -0.16 28.43
N LEU A 122 -11.51 -0.10 27.79
CA LEU A 122 -10.35 0.54 28.40
C LEU A 122 -10.32 2.04 28.15
N GLY A 123 -11.32 2.57 27.45
CA GLY A 123 -11.35 3.99 27.15
C GLY A 123 -10.59 4.41 25.91
N GLY A 124 -10.31 3.46 25.02
CA GLY A 124 -9.58 3.76 23.82
C GLY A 124 -10.54 4.05 22.68
N LYS A 125 -9.98 4.35 21.51
CA LYS A 125 -10.79 4.60 20.32
C LYS A 125 -9.96 4.37 19.08
N LYS A 126 -10.60 4.01 17.97
CA LYS A 126 -9.87 3.68 16.76
C LYS A 126 -9.53 4.94 15.97
N ASP A 127 -8.54 5.69 16.46
CA ASP A 127 -8.18 6.94 15.85
C ASP A 127 -6.78 6.95 15.27
N LYS A 128 -6.26 5.77 14.95
CA LYS A 128 -4.93 5.65 14.36
C LYS A 128 -4.72 4.30 13.68
N ILE A 129 -3.81 4.23 12.72
CA ILE A 129 -3.55 2.98 12.05
C ILE A 129 -2.45 2.20 12.76
N ILE A 130 -2.74 0.94 13.05
CA ILE A 130 -1.77 0.09 13.69
C ILE A 130 -1.01 -0.66 12.62
N GLN A 131 0.29 -0.43 12.55
CA GLN A 131 1.12 -1.08 11.56
C GLN A 131 2.28 -1.80 12.19
N THR A 132 2.39 -3.09 11.91
CA THR A 132 3.42 -3.89 12.54
C THR A 132 4.65 -3.91 11.70
N ASP A 133 5.77 -4.14 12.36
CA ASP A 133 7.03 -4.39 11.69
C ASP A 133 7.11 -5.90 11.44
N TYR A 134 8.24 -6.37 10.96
CA TYR A 134 8.47 -7.79 10.88
C TYR A 134 9.95 -7.99 11.17
N THR A 135 10.30 -9.15 11.71
CA THR A 135 11.57 -9.31 12.41
C THR A 135 12.56 -10.18 11.64
N VAL A 136 13.75 -9.64 11.40
CA VAL A 136 14.81 -10.43 10.82
C VAL A 136 15.62 -11.07 11.92
N SER A 137 15.69 -12.39 11.93
CA SER A 137 16.46 -13.10 12.96
C SER A 137 17.94 -12.80 12.83
N ILE A 138 18.64 -12.79 13.96
CA ILE A 138 20.08 -12.62 13.96
C ILE A 138 20.78 -13.84 13.36
N ASP A 139 21.50 -13.63 12.27
CA ASP A 139 22.14 -14.72 11.55
C ASP A 139 23.36 -14.16 10.82
N GLU A 140 23.95 -14.99 9.97
CA GLU A 140 25.02 -14.56 9.08
C GLU A 140 24.49 -13.43 8.18
N PRO A 141 25.29 -12.39 7.95
CA PRO A 141 24.79 -11.16 7.31
C PRO A 141 24.11 -11.36 5.94
N HIS A 142 24.61 -12.28 5.13
CA HIS A 142 23.97 -12.54 3.84
C HIS A 142 22.55 -13.06 4.00
N LYS A 143 22.40 -14.05 4.87
CA LYS A 143 21.09 -14.56 5.23
C LYS A 143 20.17 -13.40 5.67
N MET A 144 20.67 -12.56 6.55
CA MET A 144 19.86 -11.47 7.08
C MET A 144 19.39 -10.49 6.01
N ALA A 145 20.27 -10.17 5.08
CA ALA A 145 19.89 -9.29 3.98
C ALA A 145 18.83 -9.96 3.09
N ALA A 146 19.00 -11.25 2.83
CA ALA A 146 18.04 -12.00 2.05
C ALA A 146 16.63 -11.90 2.64
N ASP A 147 16.53 -12.18 3.94
CA ASP A 147 15.28 -12.09 4.69
C ASP A 147 14.69 -10.69 4.61
N ALA A 148 15.53 -9.69 4.83
CA ALA A 148 15.06 -8.31 4.77
C ALA A 148 14.39 -8.07 3.43
N VAL A 149 14.96 -8.64 2.38
CA VAL A 149 14.42 -8.46 1.05
C VAL A 149 13.05 -9.10 0.94
N GLN A 150 12.98 -10.40 1.21
CA GLN A 150 11.71 -11.12 1.23
C GLN A 150 10.65 -10.32 1.99
N ILE A 151 11.03 -9.78 3.12
CA ILE A 151 10.09 -9.04 3.96
C ILE A 151 9.57 -7.83 3.22
N LYS A 152 10.47 -7.09 2.59
CA LYS A 152 10.10 -5.90 1.82
C LYS A 152 9.18 -6.28 0.67
N LYS A 153 9.52 -7.39 0.02
CA LYS A 153 8.72 -7.92 -1.07
C LYS A 153 7.30 -8.26 -0.62
N ASN A 154 7.20 -8.93 0.53
CA ASN A 154 5.89 -9.25 1.10
C ASN A 154 5.10 -8.01 1.51
N GLY A 155 5.72 -6.84 1.43
CA GLY A 155 4.96 -5.61 1.58
C GLY A 155 5.08 -4.90 2.90
N PHE A 156 5.87 -5.43 3.82
CA PHE A 156 6.04 -4.82 5.12
C PHE A 156 6.86 -3.55 4.99
N GLU A 157 6.42 -2.48 5.65
CA GLU A 157 7.07 -1.18 5.53
C GLU A 157 8.02 -0.85 6.67
N ILE A 158 8.08 -1.73 7.66
CA ILE A 158 8.95 -1.55 8.81
C ILE A 158 9.68 -2.85 9.12
N ILE A 159 11.01 -2.82 9.18
CA ILE A 159 11.77 -4.01 9.54
C ILE A 159 12.42 -3.87 10.91
N LYS A 160 12.33 -4.92 11.72
CA LYS A 160 13.01 -4.96 13.01
C LYS A 160 14.14 -5.96 12.95
N VAL A 161 15.37 -5.46 13.16
CA VAL A 161 16.55 -6.30 13.04
C VAL A 161 17.19 -6.68 14.38
N LYS A 162 17.39 -7.98 14.56
CA LYS A 162 17.99 -8.50 15.78
C LYS A 162 19.50 -8.41 15.71
N VAL A 163 20.05 -7.47 16.45
CA VAL A 163 21.48 -7.37 16.60
C VAL A 163 21.90 -7.84 17.99
N GLY A 164 23.17 -7.66 18.33
CA GLY A 164 23.70 -8.04 19.63
C GLY A 164 24.99 -8.84 19.58
N GLY A 165 25.57 -8.97 18.39
CA GLY A 165 26.82 -9.68 18.20
C GLY A 165 27.98 -8.74 18.45
N SER A 166 29.14 -9.06 17.88
CA SER A 166 30.31 -8.17 17.94
C SER A 166 30.04 -6.89 17.16
N LYS A 167 30.64 -5.78 17.59
CA LYS A 167 30.44 -4.50 16.92
C LYS A 167 30.68 -4.61 15.40
N GLU A 168 31.77 -5.26 15.04
CA GLU A 168 32.12 -5.48 13.64
C GLU A 168 30.95 -6.08 12.88
N LEU A 169 30.49 -7.23 13.35
CA LEU A 169 29.46 -8.04 12.70
C LEU A 169 28.08 -7.35 12.58
N ASP A 170 27.67 -6.68 13.65
CA ASP A 170 26.38 -5.98 13.65
C ASP A 170 26.34 -4.86 12.64
N VAL A 171 27.48 -4.24 12.40
CA VAL A 171 27.54 -3.15 11.44
C VAL A 171 27.50 -3.73 10.03
N GLU A 172 28.20 -4.82 9.82
CA GLU A 172 28.17 -5.47 8.53
C GLU A 172 26.73 -5.88 8.25
N ARG A 173 26.05 -6.35 9.29
CA ARG A 173 24.65 -6.75 9.19
C ARG A 173 23.75 -5.61 8.71
N ILE A 174 23.73 -4.50 9.45
CA ILE A 174 22.88 -3.37 9.09
C ILE A 174 23.21 -2.80 7.72
N ARG A 175 24.49 -2.71 7.39
CA ARG A 175 24.92 -2.22 6.09
C ARG A 175 24.40 -3.12 4.97
N MET A 176 24.75 -4.40 5.02
CA MET A 176 24.30 -5.32 3.99
C MET A 176 22.80 -5.24 3.77
N ILE A 177 22.06 -5.08 4.86
CA ILE A 177 20.60 -4.94 4.80
C ILE A 177 20.23 -3.63 4.13
N ARG A 178 20.80 -2.53 4.60
CA ARG A 178 20.48 -1.21 4.08
C ARG A 178 20.78 -1.13 2.58
N GLU A 179 21.88 -1.73 2.14
CA GLU A 179 22.27 -1.66 0.74
C GLU A 179 21.58 -2.73 -0.08
N ALA A 180 20.92 -3.68 0.58
CA ALA A 180 20.18 -4.72 -0.13
C ALA A 180 18.67 -4.54 -0.06
N ALA A 181 18.20 -3.45 0.55
CA ALA A 181 16.77 -3.27 0.73
C ALA A 181 16.28 -1.83 0.68
N GLY A 182 17.20 -0.88 0.77
CA GLY A 182 16.80 0.49 0.58
C GLY A 182 17.00 1.38 1.78
N ASP A 183 16.85 2.68 1.57
CA ASP A 183 17.10 3.67 2.60
C ASP A 183 15.80 4.35 3.01
N SER A 184 14.74 3.97 2.32
CA SER A 184 13.44 4.59 2.53
C SER A 184 12.63 3.79 3.52
N ILE A 185 12.75 2.45 3.41
CA ILE A 185 12.09 1.55 4.35
C ILE A 185 12.60 1.82 5.76
N THR A 186 11.67 2.11 6.67
CA THR A 186 12.06 2.40 8.05
C THR A 186 12.51 1.13 8.78
N LEU A 187 13.65 1.20 9.47
CA LEU A 187 14.10 0.04 10.24
C LEU A 187 14.57 0.33 11.66
N ARG A 188 14.22 -0.60 12.57
CA ARG A 188 14.52 -0.49 13.99
C ARG A 188 15.33 -1.71 14.40
N ILE A 189 16.17 -1.56 15.44
CA ILE A 189 17.03 -2.67 15.87
C ILE A 189 16.84 -3.05 17.34
N ASP A 190 17.22 -4.29 17.65
CA ASP A 190 17.01 -4.85 18.99
C ASP A 190 18.19 -5.75 19.37
N ALA A 191 18.87 -5.40 20.46
CA ALA A 191 20.09 -6.10 20.86
C ALA A 191 19.82 -7.19 21.87
N ASN A 192 18.69 -7.11 22.54
CA ASN A 192 18.35 -8.05 23.59
C ASN A 192 19.51 -8.22 24.56
N GLN A 193 19.97 -7.09 25.08
CA GLN A 193 21.02 -7.07 26.10
C GLN A 193 22.39 -7.57 25.60
N GLY A 194 22.55 -7.65 24.29
CA GLY A 194 23.75 -8.24 23.68
C GLY A 194 25.09 -7.56 23.89
N TRP A 195 25.12 -6.24 23.86
CA TRP A 195 26.38 -5.50 23.99
C TRP A 195 26.78 -5.09 25.41
N SER A 196 28.09 -4.88 25.60
CA SER A 196 28.56 -4.22 26.81
C SER A 196 28.31 -2.73 26.65
N VAL A 197 28.33 -1.97 27.73
CA VAL A 197 28.11 -0.53 27.63
C VAL A 197 29.03 0.11 26.59
N GLU A 198 30.27 -0.34 26.60
CA GLU A 198 31.34 0.07 25.67
C GLU A 198 30.91 -0.22 24.24
N THR A 199 30.73 -1.52 23.95
CA THR A 199 30.45 -1.99 22.60
C THR A 199 29.18 -1.33 22.10
N ALA A 200 28.27 -1.05 23.01
CA ALA A 200 27.00 -0.43 22.64
C ALA A 200 27.26 0.93 22.03
N ILE A 201 27.85 1.81 22.81
CA ILE A 201 28.13 3.16 22.33
C ILE A 201 28.92 3.18 21.02
N GLU A 202 29.89 2.30 20.88
CA GLU A 202 30.69 2.26 19.66
C GLU A 202 29.89 1.80 18.45
N THR A 203 29.11 0.74 18.63
CA THR A 203 28.28 0.21 17.55
C THR A 203 27.14 1.18 17.17
N LEU A 204 26.57 1.85 18.16
CA LEU A 204 25.45 2.74 17.92
C LEU A 204 25.84 3.99 17.17
N THR A 205 27.09 4.44 17.34
CA THR A 205 27.55 5.61 16.59
C THR A 205 27.98 5.17 15.20
N LEU A 206 28.59 3.99 15.12
CA LEU A 206 28.95 3.39 13.85
C LEU A 206 27.73 3.04 13.00
N LEU A 207 26.54 3.04 13.61
CA LEU A 207 25.31 2.66 12.92
C LEU A 207 24.45 3.86 12.55
N GLU A 208 24.68 4.99 13.21
CA GLU A 208 23.88 6.19 12.99
C GLU A 208 23.70 6.60 11.53
N PRO A 209 24.77 6.50 10.72
CA PRO A 209 24.67 6.82 9.30
C PRO A 209 23.56 6.05 8.58
N TYR A 210 23.29 4.82 9.01
CA TYR A 210 22.29 3.99 8.35
C TYR A 210 20.84 4.34 8.73
N ASN A 211 20.66 5.43 9.45
CA ASN A 211 19.33 5.96 9.76
C ASN A 211 18.40 4.94 10.40
N ILE A 212 18.65 4.61 11.68
CA ILE A 212 17.81 3.62 12.34
C ILE A 212 16.90 4.28 13.37
N GLN A 213 15.67 3.78 13.47
CA GLN A 213 14.59 4.47 14.16
C GLN A 213 14.74 4.51 15.66
N HIS A 214 15.06 3.34 16.24
CA HIS A 214 15.40 3.20 17.64
C HIS A 214 16.04 1.84 17.90
N CYS A 215 16.71 1.73 19.05
CA CYS A 215 17.37 0.50 19.41
C CYS A 215 16.80 0.01 20.73
N GLU A 216 16.33 -1.23 20.75
CA GLU A 216 15.79 -1.82 21.96
C GLU A 216 16.89 -2.44 22.79
N GLU A 217 16.86 -2.17 24.09
CA GLU A 217 17.68 -2.88 25.07
C GLU A 217 19.08 -3.21 24.54
N PRO A 218 19.96 -2.21 24.49
CA PRO A 218 21.33 -2.42 24.00
C PRO A 218 22.20 -3.20 24.98
N VAL A 219 21.99 -3.02 26.27
CA VAL A 219 22.83 -3.71 27.25
C VAL A 219 22.03 -4.49 28.28
N SER A 220 22.74 -5.22 29.15
CA SER A 220 22.16 -5.99 30.24
C SER A 220 21.15 -5.19 31.05
N ARG A 221 20.02 -5.82 31.37
CA ARG A 221 18.98 -5.18 32.14
C ARG A 221 19.53 -4.81 33.50
N ASN A 222 20.60 -5.50 33.89
CA ASN A 222 21.27 -5.25 35.17
C ASN A 222 22.02 -3.94 35.19
N LEU A 223 22.36 -3.45 34.01
CA LEU A 223 23.15 -2.22 33.88
C LEU A 223 22.30 -1.03 33.42
N TYR A 224 21.03 -1.02 33.80
CA TYR A 224 20.14 0.02 33.33
C TYR A 224 20.61 1.39 33.75
N THR A 225 21.47 1.43 34.77
CA THR A 225 21.99 2.69 35.29
C THR A 225 22.99 3.33 34.33
N ALA A 226 23.50 2.51 33.41
CA ALA A 226 24.40 2.98 32.37
C ALA A 226 23.63 3.48 31.16
N LEU A 227 22.33 3.29 31.15
CA LEU A 227 21.52 3.73 30.01
C LEU A 227 21.62 5.25 29.77
N PRO A 228 21.48 6.06 30.84
CA PRO A 228 21.53 7.51 30.60
C PRO A 228 22.83 7.93 29.90
N LYS A 229 23.94 7.32 30.28
CA LYS A 229 25.21 7.58 29.61
C LYS A 229 25.16 7.23 28.11
N ILE A 230 24.52 6.11 27.79
CA ILE A 230 24.41 5.68 26.39
C ILE A 230 23.44 6.56 25.59
N ARG A 231 22.36 6.98 26.25
CA ARG A 231 21.37 7.83 25.61
C ARG A 231 21.99 9.13 25.13
N GLN A 232 22.91 9.66 25.94
CA GLN A 232 23.52 10.95 25.67
C GLN A 232 24.65 10.85 24.66
N ALA A 233 25.37 9.74 24.68
CA ALA A 233 26.47 9.52 23.76
C ALA A 233 26.06 8.65 22.58
N CYS A 234 24.92 8.97 21.98
CA CYS A 234 24.41 8.21 20.84
C CYS A 234 23.18 8.87 20.24
N ARG A 235 23.24 9.19 18.96
CA ARG A 235 22.12 9.83 18.26
C ARG A 235 20.88 8.95 18.32
N ILE A 236 20.94 7.81 17.64
CA ILE A 236 19.82 6.88 17.61
C ILE A 236 19.17 6.75 18.99
N PRO A 237 17.84 6.84 19.02
CA PRO A 237 17.09 6.74 20.28
C PRO A 237 17.11 5.32 20.83
N ILE A 238 17.12 5.18 22.15
CA ILE A 238 17.15 3.85 22.72
C ILE A 238 15.87 3.55 23.48
N MET A 239 15.37 2.34 23.27
CA MET A 239 14.10 1.90 23.83
C MET A 239 14.34 0.78 24.84
N ALA A 240 13.82 0.97 26.05
CA ALA A 240 13.95 -0.02 27.11
C ALA A 240 12.94 -1.14 26.93
N ASP A 241 13.41 -2.38 26.88
CA ASP A 241 12.50 -3.52 26.81
C ASP A 241 12.59 -4.34 28.09
N GLU A 242 13.55 -5.25 28.17
CA GLU A 242 13.73 -6.05 29.36
C GLU A 242 13.92 -5.18 30.58
N SER A 243 14.45 -3.98 30.39
CA SER A 243 14.72 -3.07 31.51
C SER A 243 13.46 -2.38 32.02
N CYS A 244 12.38 -2.47 31.25
CA CYS A 244 11.12 -1.89 31.63
C CYS A 244 10.05 -2.96 31.62
N CYS A 245 9.77 -3.51 32.79
CA CYS A 245 8.78 -4.55 32.94
C CYS A 245 7.48 -4.04 33.55
N ASN A 246 7.56 -3.40 34.71
CA ASN A 246 6.37 -2.89 35.38
C ASN A 246 6.43 -1.39 35.58
N SER A 247 5.39 -0.83 36.21
CA SER A 247 5.30 0.61 36.37
C SER A 247 6.44 1.17 37.23
N PHE A 248 6.86 0.43 38.25
CA PHE A 248 7.98 0.87 39.07
C PHE A 248 9.24 1.01 38.23
N ASP A 249 9.51 0.00 37.42
CA ASP A 249 10.64 0.06 36.51
C ASP A 249 10.55 1.30 35.62
N ALA A 250 9.35 1.59 35.16
CA ALA A 250 9.17 2.71 34.25
C ALA A 250 9.53 4.01 34.96
N GLU A 251 9.00 4.22 36.16
CA GLU A 251 9.23 5.44 36.91
C GLU A 251 10.72 5.65 37.18
N ARG A 252 11.38 4.58 37.58
CA ARG A 252 12.81 4.60 37.83
C ARG A 252 13.62 4.99 36.60
N LEU A 253 13.23 4.47 35.44
CA LEU A 253 13.96 4.77 34.21
C LEU A 253 13.78 6.22 33.81
N ILE A 254 12.57 6.72 33.99
CA ILE A 254 12.23 8.10 33.69
C ILE A 254 13.04 9.04 34.58
N GLN A 255 13.05 8.72 35.88
CA GLN A 255 13.75 9.48 36.91
C GLN A 255 15.21 9.81 36.56
N ILE A 256 15.93 8.82 36.04
CA ILE A 256 17.33 8.99 35.72
C ILE A 256 17.52 9.24 34.23
N GLN A 257 16.43 9.60 33.57
CA GLN A 257 16.40 9.77 32.11
C GLN A 257 17.20 8.70 31.34
N ALA A 258 16.81 7.44 31.48
CA ALA A 258 17.60 6.32 30.97
C ALA A 258 17.44 6.12 29.47
N CYS A 259 16.30 6.51 28.93
CA CYS A 259 15.95 6.13 27.57
C CYS A 259 14.91 7.03 26.97
N ASP A 260 14.78 6.90 25.64
CA ASP A 260 13.87 7.73 24.87
C ASP A 260 12.45 7.17 24.78
N SER A 261 12.33 5.84 24.76
CA SER A 261 11.03 5.19 24.64
C SER A 261 10.99 3.82 25.33
N PHE A 262 9.77 3.31 25.51
CA PHE A 262 9.54 2.01 26.11
C PHE A 262 9.06 0.99 25.09
N ASN A 263 9.33 -0.28 25.37
CA ASN A 263 8.62 -1.37 24.71
C ASN A 263 7.70 -2.08 25.71
N LEU A 264 6.42 -1.82 25.59
CA LEU A 264 5.42 -2.32 26.51
C LEU A 264 4.96 -3.71 26.09
N LYS A 265 4.96 -4.64 27.04
CA LYS A 265 4.50 -6.00 26.80
C LYS A 265 3.63 -6.46 27.99
N LEU A 266 2.45 -6.99 27.73
CA LEU A 266 1.54 -7.38 28.79
C LEU A 266 2.12 -8.44 29.73
N SER A 267 2.93 -9.36 29.20
CA SER A 267 3.61 -10.36 30.03
C SER A 267 4.51 -9.74 31.09
N LYS A 268 5.24 -8.68 30.75
CA LYS A 268 6.18 -8.11 31.68
C LYS A 268 5.46 -7.34 32.80
N SER A 269 4.32 -6.76 32.47
CA SER A 269 3.57 -5.96 33.45
C SER A 269 2.50 -6.79 34.19
N ALA A 270 2.46 -8.09 33.92
CA ALA A 270 1.55 -9.02 34.57
C ALA A 270 0.11 -8.78 34.19
N GLY A 271 -0.09 -8.14 33.05
CA GLY A 271 -1.42 -7.91 32.55
C GLY A 271 -1.68 -6.48 32.10
N ILE A 272 -2.94 -6.22 31.81
CA ILE A 272 -3.37 -4.93 31.34
C ILE A 272 -3.35 -3.92 32.45
N THR A 273 -3.87 -4.28 33.62
CA THR A 273 -3.95 -3.35 34.75
C THR A 273 -2.70 -2.51 34.93
N ASN A 274 -1.55 -3.14 35.11
CA ASN A 274 -0.32 -2.37 35.30
C ASN A 274 0.22 -1.75 34.01
N ALA A 275 -0.06 -2.37 32.86
CA ALA A 275 0.36 -1.79 31.60
C ALA A 275 -0.22 -0.40 31.46
N LEU A 276 -1.46 -0.23 31.90
CA LEU A 276 -2.10 1.08 31.89
C LEU A 276 -1.30 2.12 32.65
N ASN A 277 -0.70 1.73 33.77
CA ASN A 277 0.16 2.61 34.56
C ASN A 277 1.41 3.01 33.80
N ILE A 278 2.08 2.06 33.20
CA ILE A 278 3.25 2.36 32.40
C ILE A 278 2.91 3.35 31.30
N ILE A 279 1.76 3.17 30.66
CA ILE A 279 1.32 4.07 29.59
C ILE A 279 1.14 5.50 30.12
N ARG A 280 0.45 5.64 31.24
CA ARG A 280 0.25 6.93 31.88
C ARG A 280 1.57 7.65 32.09
N LEU A 281 2.52 6.96 32.71
CA LEU A 281 3.85 7.52 32.92
C LEU A 281 4.49 7.98 31.63
N ALA A 282 4.46 7.13 30.62
CA ALA A 282 5.03 7.47 29.33
C ALA A 282 4.37 8.75 28.77
N GLU A 283 3.07 8.89 28.97
CA GLU A 283 2.35 10.08 28.55
C GLU A 283 2.90 11.31 29.26
N GLN A 284 2.87 11.29 30.59
CA GLN A 284 3.34 12.42 31.39
C GLN A 284 4.80 12.80 31.08
N ALA A 285 5.56 11.88 30.52
CA ALA A 285 6.93 12.14 30.18
C ALA A 285 7.16 12.27 28.68
N HIS A 286 6.06 12.38 27.93
CA HIS A 286 6.11 12.58 26.48
C HIS A 286 7.04 11.57 25.82
N MET A 287 6.91 10.31 26.23
CA MET A 287 7.71 9.22 25.68
C MET A 287 6.91 8.33 24.76
N PRO A 288 7.37 8.18 23.52
CA PRO A 288 6.73 7.21 22.62
C PRO A 288 6.79 5.79 23.19
N VAL A 289 5.72 5.02 22.99
CA VAL A 289 5.68 3.64 23.42
C VAL A 289 5.48 2.73 22.24
N GLN A 290 6.21 1.64 22.20
CA GLN A 290 5.99 0.58 21.23
C GLN A 290 5.32 -0.54 22.00
N VAL A 291 4.21 -1.08 21.50
CA VAL A 291 3.64 -2.30 22.09
C VAL A 291 4.13 -3.51 21.35
N GLY A 292 4.62 -4.50 22.09
CA GLY A 292 5.11 -5.73 21.51
C GLY A 292 4.69 -6.97 22.28
N GLY A 293 5.49 -8.02 22.18
CA GLY A 293 5.17 -9.28 22.82
C GLY A 293 6.27 -10.30 22.68
N PHE A 294 5.95 -11.57 22.86
CA PHE A 294 6.92 -12.65 22.72
C PHE A 294 6.47 -13.59 21.61
N LEU A 295 6.06 -14.81 21.93
CA LEU A 295 5.58 -15.68 20.86
C LEU A 295 4.14 -16.06 21.05
N GLU A 296 3.35 -15.13 21.59
CA GLU A 296 1.91 -15.29 21.68
C GLU A 296 1.33 -15.52 20.29
N SER A 297 0.22 -16.25 20.23
CA SER A 297 -0.55 -16.37 19.00
C SER A 297 -1.31 -15.07 18.76
N ARG A 298 -2.18 -15.04 17.76
CA ARG A 298 -2.98 -13.85 17.54
C ARG A 298 -3.92 -13.52 18.71
N LEU A 299 -4.15 -14.47 19.60
CA LEU A 299 -5.02 -14.18 20.72
C LEU A 299 -4.34 -13.23 21.68
N GLY A 300 -3.09 -13.54 21.99
CA GLY A 300 -2.30 -12.70 22.86
C GLY A 300 -2.08 -11.34 22.27
N PHE A 301 -1.73 -11.32 21.00
CA PHE A 301 -1.51 -10.04 20.33
C PHE A 301 -2.78 -9.25 20.10
N THR A 302 -3.92 -9.92 20.14
CA THR A 302 -5.18 -9.20 20.05
C THR A 302 -5.34 -8.37 21.30
N ALA A 303 -4.92 -8.91 22.44
CA ALA A 303 -5.00 -8.19 23.68
C ALA A 303 -4.07 -6.98 23.60
N ALA A 304 -2.88 -7.21 23.09
CA ALA A 304 -1.92 -6.12 22.92
C ALA A 304 -2.50 -5.03 22.04
N ALA A 305 -3.14 -5.43 20.94
CA ALA A 305 -3.69 -4.50 19.98
C ALA A 305 -4.82 -3.68 20.58
N HIS A 306 -5.64 -4.29 21.42
CA HIS A 306 -6.67 -3.54 22.12
C HIS A 306 -6.07 -2.47 23.02
N VAL A 307 -5.00 -2.83 23.71
CA VAL A 307 -4.32 -1.91 24.61
C VAL A 307 -3.62 -0.81 23.82
N ALA A 308 -3.09 -1.16 22.65
CA ALA A 308 -2.47 -0.18 21.78
C ALA A 308 -3.34 1.02 21.43
N LEU A 309 -4.66 0.87 21.50
CA LEU A 309 -5.58 1.92 21.10
C LEU A 309 -5.97 2.83 22.26
N VAL A 310 -5.28 2.67 23.36
CA VAL A 310 -5.66 3.34 24.60
C VAL A 310 -5.09 4.77 24.73
N SER A 311 -3.98 5.04 24.04
CA SER A 311 -3.27 6.29 24.20
C SER A 311 -2.48 6.68 22.95
N LYS A 312 -2.47 7.98 22.64
CA LYS A 312 -1.80 8.47 21.43
C LYS A 312 -0.29 8.44 21.55
N THR A 313 0.19 8.18 22.76
CA THR A 313 1.63 8.08 23.01
C THR A 313 2.16 6.74 22.49
N ILE A 314 1.28 5.76 22.33
CA ILE A 314 1.67 4.50 21.71
C ILE A 314 1.62 4.70 20.22
N CYS A 315 2.72 4.40 19.54
CA CYS A 315 2.83 4.67 18.11
C CYS A 315 3.72 3.73 17.29
N TYR A 316 4.32 2.74 17.95
CA TYR A 316 5.06 1.72 17.23
C TYR A 316 4.47 0.38 17.63
N TYR A 317 4.49 -0.58 16.72
CA TYR A 317 3.86 -1.86 16.98
C TYR A 317 4.72 -3.01 16.46
N ASP A 318 4.92 -4.02 17.30
CA ASP A 318 5.71 -5.23 16.96
C ASP A 318 4.84 -6.48 17.22
N PHE A 319 4.08 -6.90 16.22
CA PHE A 319 3.07 -7.95 16.42
C PHE A 319 3.28 -9.08 15.43
N ASP A 320 4.53 -9.39 15.12
CA ASP A 320 4.80 -10.21 13.94
C ASP A 320 4.80 -11.72 14.15
N THR A 321 5.23 -12.17 15.31
CA THR A 321 5.49 -13.58 15.54
C THR A 321 4.36 -14.52 15.16
N PRO A 322 3.08 -14.10 15.33
CA PRO A 322 2.03 -15.04 14.92
C PRO A 322 2.15 -15.45 13.46
N LEU A 323 2.66 -14.56 12.61
CA LEU A 323 2.87 -14.86 11.19
C LEU A 323 3.96 -15.91 10.97
N MET A 324 4.71 -16.23 12.03
CA MET A 324 5.77 -17.22 11.93
C MET A 324 5.33 -18.64 12.26
N PHE A 325 4.08 -18.78 12.69
CA PHE A 325 3.52 -20.06 13.11
C PHE A 325 3.29 -20.96 11.91
N GLU A 326 3.50 -22.27 12.06
CA GLU A 326 3.16 -23.20 11.02
C GLU A 326 1.67 -23.25 10.81
N ALA A 327 0.90 -22.93 11.85
CA ALA A 327 -0.56 -23.00 11.80
C ALA A 327 -1.24 -22.06 12.79
N ASP A 328 -2.34 -21.46 12.36
CA ASP A 328 -3.05 -20.46 13.15
C ASP A 328 -4.25 -21.06 13.86
N PRO A 329 -4.14 -21.30 15.17
CA PRO A 329 -5.22 -21.93 15.91
C PRO A 329 -6.24 -20.96 16.49
N VAL A 330 -6.06 -19.68 16.22
CA VAL A 330 -6.96 -18.66 16.76
C VAL A 330 -8.22 -18.48 15.94
N ARG A 331 -9.32 -18.30 16.64
CA ARG A 331 -10.59 -17.97 16.00
C ARG A 331 -10.87 -16.50 16.28
N GLY A 332 -11.13 -15.72 15.23
CA GLY A 332 -11.35 -14.30 15.36
C GLY A 332 -10.08 -13.52 15.59
N GLY A 333 -10.15 -12.51 16.45
CA GLY A 333 -8.97 -11.77 16.79
C GLY A 333 -8.51 -10.85 15.69
N ILE A 334 -7.39 -10.16 15.91
CA ILE A 334 -6.85 -9.19 14.96
C ILE A 334 -6.59 -9.84 13.61
N VAL A 335 -6.81 -9.10 12.54
CA VAL A 335 -6.52 -9.60 11.20
C VAL A 335 -5.39 -8.78 10.57
N TYR A 336 -4.45 -9.48 9.95
CA TYR A 336 -3.35 -8.84 9.28
C TYR A 336 -3.73 -8.52 7.84
N GLN A 337 -3.64 -7.24 7.49
CA GLN A 337 -3.90 -6.79 6.14
C GLN A 337 -2.58 -6.51 5.42
N GLN A 338 -2.65 -5.98 4.20
CA GLN A 338 -1.43 -5.71 3.47
C GLN A 338 -0.67 -4.54 4.11
N ARG A 339 0.64 -4.53 3.89
CA ARG A 339 1.53 -3.50 4.44
C ARG A 339 1.72 -3.68 5.95
N GLY A 340 1.25 -4.81 6.47
CA GLY A 340 1.30 -5.08 7.89
C GLY A 340 0.36 -4.22 8.73
N ILE A 341 -0.70 -3.73 8.11
CA ILE A 341 -1.71 -2.99 8.85
C ILE A 341 -2.62 -3.94 9.62
N ILE A 342 -2.86 -3.63 10.90
CA ILE A 342 -3.62 -4.51 11.78
C ILE A 342 -5.01 -3.96 12.04
N GLU A 343 -6.02 -4.82 11.94
CA GLU A 343 -7.38 -4.42 12.26
C GLU A 343 -7.89 -5.11 13.53
N VAL A 344 -8.40 -4.32 14.46
CA VAL A 344 -8.86 -4.80 15.77
C VAL A 344 -10.33 -5.18 15.82
N PRO A 345 -10.66 -6.33 16.42
CA PRO A 345 -12.05 -6.78 16.56
C PRO A 345 -12.91 -5.70 17.20
N GLU A 346 -14.19 -5.65 16.84
CA GLU A 346 -15.10 -4.68 17.41
C GLU A 346 -16.19 -5.34 18.22
N THR A 347 -16.23 -6.67 18.27
CA THR A 347 -17.25 -7.33 19.03
C THR A 347 -16.93 -7.22 20.55
N ALA A 348 -17.92 -7.47 21.40
CA ALA A 348 -17.68 -7.45 22.84
C ALA A 348 -16.58 -8.39 23.32
N GLY A 349 -15.80 -7.93 24.30
CA GLY A 349 -14.73 -8.67 24.92
C GLY A 349 -13.40 -8.63 24.18
N LEU A 350 -12.56 -9.62 24.42
CA LEU A 350 -11.30 -9.76 23.73
C LEU A 350 -11.53 -9.83 22.23
N GLY A 351 -12.58 -10.52 21.82
CA GLY A 351 -12.90 -10.60 20.42
C GLY A 351 -12.09 -11.68 19.71
N ALA A 352 -11.61 -12.63 20.50
CA ALA A 352 -10.85 -13.76 19.99
C ALA A 352 -11.06 -15.00 20.82
N GLY A 353 -10.80 -16.16 20.24
CA GLY A 353 -10.83 -17.41 20.98
C GLY A 353 -10.07 -18.45 20.20
N TYR A 354 -10.22 -19.71 20.55
CA TYR A 354 -9.50 -20.75 19.80
C TYR A 354 -10.41 -21.61 18.96
N GLN A 355 -9.86 -22.07 17.83
CA GLN A 355 -10.57 -22.88 16.87
C GLN A 355 -11.16 -24.08 17.59
N LYS A 356 -12.28 -24.58 17.05
CA LYS A 356 -13.01 -25.70 17.62
C LYS A 356 -12.13 -26.94 17.69
N ASP A 357 -12.15 -27.56 18.86
CA ASP A 357 -11.36 -28.78 19.09
C ASP A 357 -9.87 -28.69 18.73
N TYR A 358 -9.36 -27.48 18.59
CA TYR A 358 -7.92 -27.31 18.69
C TYR A 358 -7.60 -27.52 20.16
N LEU A 359 -8.37 -26.84 21.01
CA LEU A 359 -8.16 -26.96 22.45
C LEU A 359 -8.27 -28.39 22.92
N SER A 360 -9.22 -29.14 22.38
CA SER A 360 -9.48 -30.47 22.91
C SER A 360 -8.33 -31.43 22.66
N GLY A 361 -7.46 -31.08 21.73
CA GLY A 361 -6.28 -31.89 21.42
C GLY A 361 -5.08 -31.53 22.28
N LEU A 362 -5.25 -30.56 23.16
CA LEU A 362 -4.14 -30.04 23.96
C LEU A 362 -4.03 -30.71 25.32
N GLU A 363 -2.81 -30.83 25.83
CA GLU A 363 -2.64 -31.30 27.19
C GLU A 363 -3.26 -30.24 28.09
N LYS A 364 -4.19 -30.64 28.94
CA LYS A 364 -4.91 -29.66 29.72
C LYS A 364 -5.18 -30.08 31.14
N ILE A 365 -5.42 -29.12 32.01
CA ILE A 365 -5.90 -29.41 33.33
C ILE A 365 -7.08 -28.52 33.61
N CYS A 366 -7.84 -28.82 34.65
CA CYS A 366 -9.07 -28.10 34.93
C CYS A 366 -9.22 -27.88 36.42
N ILE A 367 -9.32 -26.63 36.85
CA ILE A 367 -9.36 -26.33 38.27
C ILE A 367 -10.79 -26.11 38.70
N ASN A 368 -11.32 -26.92 39.60
CA ASN A 368 -12.60 -26.55 40.19
C ASN A 368 -12.44 -25.85 41.49
N MET B 1 -29.46 -29.74 30.66
CA MET B 1 -29.78 -28.68 31.61
C MET B 1 -31.26 -28.32 31.54
N ILE B 2 -31.96 -28.50 32.66
CA ILE B 2 -33.40 -28.30 32.74
C ILE B 2 -33.79 -26.83 32.65
N ILE B 3 -34.89 -26.56 31.94
CA ILE B 3 -35.45 -25.22 31.88
C ILE B 3 -36.34 -24.94 33.09
N THR B 4 -36.03 -23.90 33.83
CA THR B 4 -36.72 -23.59 35.07
C THR B 4 -37.78 -22.51 34.93
N GLN B 5 -37.48 -21.47 34.16
CA GLN B 5 -38.46 -20.44 33.89
C GLN B 5 -38.21 -19.72 32.59
N VAL B 6 -39.25 -19.16 31.99
CA VAL B 6 -39.08 -18.29 30.84
C VAL B 6 -39.82 -16.97 31.04
N GLU B 7 -39.19 -15.87 30.66
CA GLU B 7 -39.79 -14.56 30.78
C GLU B 7 -40.08 -14.07 29.38
N LEU B 8 -41.21 -13.41 29.20
CA LEU B 8 -41.55 -12.77 27.93
C LEU B 8 -41.74 -11.25 28.11
N TYR B 9 -41.23 -10.48 27.16
CA TYR B 9 -41.28 -9.02 27.25
C TYR B 9 -41.88 -8.39 26.00
N LYS B 10 -42.72 -7.37 26.14
CA LYS B 10 -43.15 -6.57 25.01
C LYS B 10 -42.16 -5.43 24.82
N SER B 11 -41.51 -5.39 23.66
CA SER B 11 -40.44 -4.44 23.41
C SER B 11 -40.72 -3.56 22.20
N PRO B 12 -41.46 -2.48 22.42
CA PRO B 12 -41.80 -1.55 21.34
C PRO B 12 -40.83 -0.38 21.30
N VAL B 13 -40.07 -0.25 20.23
CA VAL B 13 -39.19 0.90 20.07
C VAL B 13 -39.55 1.67 18.83
N LYS B 14 -39.57 2.99 18.93
CA LYS B 14 -39.99 3.85 17.84
C LYS B 14 -38.90 4.03 16.81
N LEU B 15 -39.29 4.09 15.55
CA LEU B 15 -38.36 4.36 14.47
C LEU B 15 -38.16 5.85 14.26
N LYS B 16 -36.98 6.26 13.79
CA LYS B 16 -36.68 7.65 13.45
C LYS B 16 -37.62 8.15 12.37
N GLU B 17 -37.55 7.54 11.20
CA GLU B 17 -38.49 7.83 10.13
C GLU B 17 -39.43 6.64 10.01
N PRO B 18 -40.68 6.88 9.61
CA PRO B 18 -41.58 5.77 9.34
C PRO B 18 -41.07 4.85 8.21
N PHE B 19 -41.27 3.55 8.37
CA PHE B 19 -40.75 2.54 7.46
C PHE B 19 -41.90 2.12 6.57
N LYS B 20 -41.69 2.20 5.26
CA LYS B 20 -42.77 2.10 4.26
C LYS B 20 -42.54 1.04 3.20
N ILE B 21 -43.44 0.08 3.10
CA ILE B 21 -43.37 -0.92 2.04
C ILE B 21 -44.72 -0.99 1.34
N SER B 22 -44.78 -1.70 0.22
CA SER B 22 -46.02 -1.78 -0.55
C SER B 22 -47.19 -2.23 0.30
N LEU B 23 -46.90 -2.99 1.35
CA LEU B 23 -47.93 -3.61 2.17
C LEU B 23 -48.47 -2.70 3.26
N GLY B 24 -47.70 -1.67 3.62
CA GLY B 24 -48.08 -0.76 4.69
C GLY B 24 -46.94 0.09 5.26
N ILE B 25 -47.30 0.89 6.26
CA ILE B 25 -46.37 1.80 6.92
C ILE B 25 -46.22 1.49 8.42
N LEU B 26 -44.99 1.51 8.91
CA LEU B 26 -44.74 1.21 10.31
C LEU B 26 -44.02 2.34 11.04
N THR B 27 -44.48 2.65 12.25
CA THR B 27 -43.88 3.71 13.04
C THR B 27 -43.01 3.13 14.16
N HIS B 28 -43.31 1.89 14.52
CA HIS B 28 -42.60 1.24 15.60
C HIS B 28 -42.19 -0.16 15.20
N ALA B 29 -41.12 -0.64 15.81
CA ALA B 29 -40.82 -2.05 15.80
C ALA B 29 -41.42 -2.63 17.09
N ASN B 30 -42.52 -3.35 16.96
CA ASN B 30 -43.14 -3.95 18.13
C ASN B 30 -42.72 -5.40 18.31
N ASN B 31 -41.61 -5.60 19.00
CA ASN B 31 -41.00 -6.90 19.16
C ASN B 31 -41.38 -7.65 20.43
N VAL B 32 -41.13 -8.96 20.44
CA VAL B 32 -41.31 -9.73 21.66
C VAL B 32 -39.98 -10.37 22.05
N ILE B 33 -39.59 -10.22 23.31
CA ILE B 33 -38.34 -10.77 23.80
C ILE B 33 -38.57 -12.01 24.66
N VAL B 34 -37.68 -13.00 24.52
CA VAL B 34 -37.82 -14.26 25.24
C VAL B 34 -36.55 -14.52 25.97
N ARG B 35 -36.64 -14.78 27.27
CA ARG B 35 -35.50 -15.21 28.10
C ARG B 35 -35.76 -16.56 28.74
N ILE B 36 -34.97 -17.56 28.40
CA ILE B 36 -35.05 -18.86 29.03
C ILE B 36 -33.99 -19.02 30.12
N HIS B 37 -34.42 -19.47 31.29
CA HIS B 37 -33.53 -19.72 32.43
C HIS B 37 -33.32 -21.21 32.63
N THR B 38 -32.10 -21.61 32.93
CA THR B 38 -31.84 -23.00 33.33
C THR B 38 -31.58 -23.14 34.82
N ALA B 39 -31.61 -24.38 35.30
CA ALA B 39 -31.36 -24.66 36.70
C ALA B 39 -29.96 -24.23 37.05
N SER B 40 -29.03 -24.47 36.12
CA SER B 40 -27.64 -24.06 36.28
C SER B 40 -27.42 -22.54 36.25
N GLY B 41 -28.49 -21.78 36.05
CA GLY B 41 -28.39 -20.32 36.05
C GLY B 41 -27.94 -19.68 34.74
N HIS B 42 -27.95 -20.45 33.65
CA HIS B 42 -27.73 -19.90 32.32
C HIS B 42 -28.98 -19.23 31.79
N ILE B 43 -28.79 -18.22 30.96
CA ILE B 43 -29.89 -17.49 30.38
C ILE B 43 -29.71 -17.37 28.87
N GLY B 44 -30.71 -17.82 28.13
CA GLY B 44 -30.70 -17.64 26.70
C GLY B 44 -31.68 -16.60 26.23
N TYR B 45 -31.30 -15.83 25.23
CA TYR B 45 -32.14 -14.74 24.73
C TYR B 45 -32.60 -15.07 23.35
N GLY B 46 -33.85 -14.74 23.07
CA GLY B 46 -34.41 -14.81 21.74
C GLY B 46 -35.30 -13.61 21.52
N GLU B 47 -35.40 -13.16 20.28
CA GLU B 47 -36.24 -12.03 19.97
C GLU B 47 -37.03 -12.37 18.73
N CYS B 48 -38.18 -11.74 18.56
CA CYS B 48 -38.91 -11.86 17.32
C CYS B 48 -39.65 -10.56 17.04
N SER B 49 -39.96 -10.33 15.77
CA SER B 49 -40.56 -9.07 15.36
C SER B 49 -41.81 -9.28 14.52
N PRO B 50 -42.94 -9.61 15.15
CA PRO B 50 -44.15 -9.94 14.43
C PRO B 50 -44.50 -8.88 13.41
N PHE B 51 -44.83 -9.31 12.21
CA PHE B 51 -45.26 -8.44 11.13
C PHE B 51 -46.64 -8.91 10.62
N MET B 52 -47.69 -8.20 10.99
CA MET B 52 -49.05 -8.72 10.78
C MET B 52 -49.38 -9.18 9.37
N THR B 53 -49.02 -8.39 8.38
CA THR B 53 -49.42 -8.72 7.02
C THR B 53 -48.58 -9.84 6.37
N ILE B 54 -47.61 -10.39 7.10
CA ILE B 54 -46.76 -11.45 6.58
C ILE B 54 -46.72 -12.66 7.49
N HIS B 55 -46.46 -12.41 8.76
CA HIS B 55 -46.47 -13.49 9.72
C HIS B 55 -47.91 -13.91 10.04
N GLY B 56 -48.83 -12.96 10.02
CA GLY B 56 -50.13 -13.16 10.62
C GLY B 56 -50.06 -13.27 12.14
N GLU B 57 -49.03 -12.66 12.71
CA GLU B 57 -48.86 -12.55 14.15
C GLU B 57 -48.62 -11.09 14.52
N SER B 58 -48.94 -10.72 15.74
CA SER B 58 -48.65 -9.38 16.23
C SER B 58 -47.91 -9.51 17.56
N MET B 59 -47.36 -8.40 18.05
CA MET B 59 -46.78 -8.37 19.38
C MET B 59 -47.79 -8.91 20.41
N ASP B 60 -49.04 -8.52 20.25
CA ASP B 60 -50.06 -8.98 21.20
C ASP B 60 -50.27 -10.49 21.16
N THR B 61 -50.38 -11.07 19.96
CA THR B 61 -50.60 -12.51 19.87
C THR B 61 -49.34 -13.25 20.25
N ALA B 62 -48.19 -12.76 19.82
CA ALA B 62 -46.92 -13.40 20.19
C ALA B 62 -46.77 -13.54 21.69
N PHE B 63 -47.07 -12.46 22.39
CA PHE B 63 -46.96 -12.41 23.83
C PHE B 63 -47.85 -13.46 24.50
N ILE B 64 -49.02 -13.73 23.94
CA ILE B 64 -49.88 -14.78 24.49
C ILE B 64 -49.46 -16.19 24.11
N VAL B 65 -49.28 -16.44 22.81
CA VAL B 65 -48.87 -17.73 22.34
C VAL B 65 -47.55 -18.14 22.99
N GLY B 66 -46.64 -17.20 23.15
CA GLY B 66 -45.39 -17.45 23.81
C GLY B 66 -45.54 -18.08 25.19
N GLN B 67 -46.62 -17.74 25.88
CA GLN B 67 -46.91 -18.31 27.17
C GLN B 67 -47.36 -19.75 27.09
N TYR B 68 -48.19 -20.06 26.10
CA TYR B 68 -48.52 -21.45 25.83
C TYR B 68 -47.23 -22.25 25.67
N LEU B 69 -46.33 -21.69 24.88
CA LEU B 69 -45.07 -22.35 24.58
C LEU B 69 -44.17 -22.54 25.79
N ALA B 70 -43.93 -21.45 26.50
CA ALA B 70 -43.17 -21.48 27.74
C ALA B 70 -43.63 -22.61 28.66
N LYS B 71 -44.93 -22.63 28.94
CA LYS B 71 -45.55 -23.65 29.78
C LYS B 71 -45.10 -25.04 29.40
N GLY B 72 -45.19 -25.36 28.11
CA GLY B 72 -44.78 -26.67 27.66
C GLY B 72 -43.30 -26.94 27.78
N LEU B 73 -42.48 -25.90 27.74
CA LEU B 73 -41.05 -26.10 27.77
C LEU B 73 -40.51 -26.26 29.19
N ILE B 74 -41.20 -25.70 30.17
CA ILE B 74 -40.74 -25.78 31.55
C ILE B 74 -40.52 -27.23 31.95
N GLY B 75 -39.31 -27.55 32.40
CA GLY B 75 -38.97 -28.89 32.82
C GLY B 75 -38.23 -29.74 31.79
N THR B 76 -38.10 -29.23 30.58
CA THR B 76 -37.39 -29.97 29.52
C THR B 76 -35.92 -29.59 29.47
N SER B 77 -35.14 -30.35 28.71
CA SER B 77 -33.72 -30.07 28.55
C SER B 77 -33.52 -29.11 27.38
N CYS B 78 -32.91 -27.98 27.66
CA CYS B 78 -32.73 -26.96 26.63
C CYS B 78 -31.74 -27.39 25.55
N LEU B 79 -31.18 -28.58 25.67
CA LEU B 79 -30.24 -29.06 24.65
C LEU B 79 -30.93 -29.88 23.56
N ASP B 80 -32.08 -30.46 23.90
CA ASP B 80 -32.89 -31.20 22.95
C ASP B 80 -33.65 -30.25 22.03
N ILE B 81 -32.91 -29.51 21.23
CA ILE B 81 -33.50 -28.48 20.39
C ILE B 81 -34.58 -29.03 19.47
N VAL B 82 -34.28 -30.12 18.76
CA VAL B 82 -35.27 -30.74 17.88
C VAL B 82 -36.51 -31.24 18.64
N SER B 83 -36.28 -31.95 19.73
CA SER B 83 -37.38 -32.41 20.56
C SER B 83 -38.27 -31.25 21.00
N ASN B 84 -37.67 -30.13 21.39
CA ASN B 84 -38.43 -29.00 21.92
C ASN B 84 -39.17 -28.22 20.85
N SER B 85 -38.59 -28.18 19.65
CA SER B 85 -39.24 -27.54 18.53
C SER B 85 -40.46 -28.32 18.15
N LEU B 86 -40.38 -29.65 18.26
CA LEU B 86 -41.51 -30.50 17.97
C LEU B 86 -42.59 -30.32 19.02
N LEU B 87 -42.17 -30.22 20.27
CA LEU B 87 -43.06 -29.99 21.39
C LEU B 87 -43.89 -28.71 21.20
N MET B 88 -43.24 -27.64 20.75
CA MET B 88 -43.95 -26.42 20.44
C MET B 88 -44.94 -26.58 19.33
N ASP B 89 -44.54 -27.26 18.27
CA ASP B 89 -45.43 -27.53 17.14
C ASP B 89 -46.65 -28.33 17.60
N ALA B 90 -46.44 -29.23 18.54
CA ALA B 90 -47.54 -30.00 19.07
C ALA B 90 -48.50 -29.15 19.89
N ILE B 91 -48.02 -28.01 20.39
CA ILE B 91 -48.83 -27.14 21.20
C ILE B 91 -49.71 -26.24 20.32
N ILE B 92 -49.16 -25.75 19.24
CA ILE B 92 -49.89 -24.86 18.34
C ILE B 92 -49.29 -24.87 16.94
N TYR B 93 -50.15 -24.85 15.94
CA TYR B 93 -49.71 -24.84 14.55
C TYR B 93 -49.26 -23.43 14.18
N GLY B 94 -48.43 -23.32 13.16
CA GLY B 94 -47.92 -22.03 12.72
C GLY B 94 -47.22 -21.22 13.79
N ASN B 95 -47.55 -19.94 13.89
CA ASN B 95 -46.89 -19.04 14.84
C ASN B 95 -45.36 -19.12 14.82
N SER B 96 -44.79 -19.16 13.63
CA SER B 96 -43.35 -19.33 13.48
C SER B 96 -42.58 -18.17 14.12
N CYS B 97 -43.08 -16.97 13.94
CA CYS B 97 -42.43 -15.82 14.53
C CYS B 97 -42.09 -15.99 16.01
N ILE B 98 -43.11 -16.15 16.85
CA ILE B 98 -42.84 -16.37 18.23
C ILE B 98 -41.99 -17.64 18.47
N LYS B 99 -42.34 -18.74 17.83
CA LYS B 99 -41.53 -19.94 17.90
C LYS B 99 -40.04 -19.71 17.65
N SER B 100 -39.74 -18.91 16.64
CA SER B 100 -38.37 -18.58 16.32
C SER B 100 -37.62 -18.00 17.52
N ALA B 101 -38.28 -17.14 18.29
CA ALA B 101 -37.63 -16.56 19.43
C ALA B 101 -37.25 -17.63 20.44
N PHE B 102 -38.17 -18.51 20.77
CA PHE B 102 -37.80 -19.61 21.64
C PHE B 102 -36.65 -20.42 21.04
N ASN B 103 -36.75 -20.74 19.74
CA ASN B 103 -35.73 -21.52 19.09
C ASN B 103 -34.38 -20.85 19.20
N ILE B 104 -34.31 -19.58 18.85
CA ILE B 104 -33.05 -18.85 18.97
C ILE B 104 -32.48 -18.94 20.37
N ALA B 105 -33.30 -18.70 21.37
CA ALA B 105 -32.86 -18.78 22.75
C ALA B 105 -32.31 -20.17 23.13
N LEU B 106 -32.96 -21.20 22.63
CA LEU B 106 -32.47 -22.55 22.86
C LEU B 106 -31.07 -22.75 22.30
N TYR B 107 -30.83 -22.27 21.09
CA TYR B 107 -29.51 -22.40 20.49
C TYR B 107 -28.51 -21.58 21.27
N ASP B 108 -28.98 -20.46 21.79
CA ASP B 108 -28.12 -19.63 22.64
C ASP B 108 -27.57 -20.48 23.77
N LEU B 109 -28.48 -21.05 24.56
CA LEU B 109 -28.11 -21.98 25.61
C LEU B 109 -27.22 -23.11 25.14
N ALA B 110 -27.56 -23.72 24.01
CA ALA B 110 -26.74 -24.79 23.46
C ALA B 110 -25.32 -24.34 23.19
N ALA B 111 -25.17 -23.21 22.51
CA ALA B 111 -23.85 -22.73 22.18
C ALA B 111 -23.12 -22.40 23.46
N GLN B 112 -23.81 -21.80 24.41
CA GLN B 112 -23.19 -21.49 25.70
C GLN B 112 -22.62 -22.75 26.34
N HIS B 113 -23.40 -23.82 26.32
CA HIS B 113 -23.02 -25.08 26.92
C HIS B 113 -21.79 -25.65 26.30
N ALA B 114 -21.63 -25.46 25.00
CA ALA B 114 -20.50 -25.99 24.25
C ALA B 114 -19.28 -25.07 24.29
N GLY B 115 -19.47 -23.88 24.86
CA GLY B 115 -18.41 -22.92 24.96
C GLY B 115 -17.99 -22.32 23.64
N LEU B 116 -18.93 -22.22 22.72
CA LEU B 116 -18.68 -21.68 21.39
C LEU B 116 -19.62 -20.52 21.11
N PRO B 117 -19.20 -19.59 20.24
CA PRO B 117 -20.16 -18.63 19.66
C PRO B 117 -21.14 -19.36 18.74
N LEU B 118 -22.36 -18.86 18.59
CA LEU B 118 -23.37 -19.55 17.80
C LEU B 118 -22.84 -20.02 16.43
N TYR B 119 -22.21 -19.12 15.66
CA TYR B 119 -21.78 -19.47 14.32
C TYR B 119 -20.91 -20.71 14.32
N ALA B 120 -20.01 -20.80 15.28
CA ALA B 120 -19.14 -21.95 15.41
C ALA B 120 -19.89 -23.21 15.86
N PHE B 121 -20.86 -23.04 16.73
CA PHE B 121 -21.66 -24.15 17.20
C PHE B 121 -22.46 -24.74 16.05
N LEU B 122 -22.81 -23.91 15.07
CA LEU B 122 -23.56 -24.33 13.92
C LEU B 122 -22.65 -24.86 12.80
N GLY B 123 -21.35 -24.87 13.05
CA GLY B 123 -20.40 -25.35 12.07
C GLY B 123 -19.97 -24.33 11.03
N GLY B 124 -20.16 -23.06 11.34
CA GLY B 124 -19.74 -21.98 10.46
C GLY B 124 -18.32 -21.51 10.74
N LYS B 125 -17.86 -20.56 9.95
CA LYS B 125 -16.53 -20.02 10.16
C LYS B 125 -16.48 -18.65 9.54
N LYS B 126 -15.59 -17.80 10.04
CA LYS B 126 -15.53 -16.43 9.56
C LYS B 126 -14.66 -16.31 8.33
N ASP B 127 -15.19 -16.75 7.19
CA ASP B 127 -14.41 -16.79 5.96
C ASP B 127 -14.98 -15.88 4.88
N LYS B 128 -15.80 -14.92 5.26
CA LYS B 128 -16.35 -13.95 4.32
C LYS B 128 -16.77 -12.67 5.00
N ILE B 129 -16.83 -11.58 4.25
CA ILE B 129 -17.28 -10.31 4.81
C ILE B 129 -18.79 -10.18 4.69
N ILE B 130 -19.44 -9.86 5.81
CA ILE B 130 -20.86 -9.63 5.81
C ILE B 130 -21.13 -8.15 5.59
N GLN B 131 -21.76 -7.82 4.47
CA GLN B 131 -22.10 -6.44 4.18
C GLN B 131 -23.60 -6.21 3.98
N THR B 132 -24.17 -5.32 4.77
CA THR B 132 -25.60 -5.08 4.71
C THR B 132 -25.90 -3.98 3.71
N ASP B 133 -27.08 -4.06 3.15
CA ASP B 133 -27.64 -3.01 2.34
C ASP B 133 -28.32 -2.03 3.28
N TYR B 134 -28.96 -1.01 2.73
CA TYR B 134 -29.84 -0.17 3.52
C TYR B 134 -31.06 0.14 2.66
N THR B 135 -32.21 0.31 3.30
CA THR B 135 -33.50 0.28 2.63
C THR B 135 -34.14 1.65 2.43
N VAL B 136 -34.49 1.95 1.19
CA VAL B 136 -35.24 3.15 0.89
C VAL B 136 -36.71 2.82 0.92
N SER B 137 -37.45 3.50 1.79
CA SER B 137 -38.89 3.25 1.89
C SER B 137 -39.60 3.69 0.64
N ILE B 138 -40.71 3.03 0.33
CA ILE B 138 -41.51 3.37 -0.84
C ILE B 138 -42.25 4.68 -0.58
N ASP B 139 -41.99 5.67 -1.42
CA ASP B 139 -42.56 6.98 -1.25
C ASP B 139 -42.63 7.67 -2.59
N GLU B 140 -42.95 8.96 -2.58
CA GLU B 140 -42.88 9.80 -3.76
C GLU B 140 -41.44 9.79 -4.30
N PRO B 141 -41.26 9.72 -5.63
CA PRO B 141 -39.95 9.46 -6.22
C PRO B 141 -38.84 10.43 -5.83
N HIS B 142 -39.15 11.71 -5.67
CA HIS B 142 -38.14 12.68 -5.25
C HIS B 142 -37.61 12.38 -3.86
N LYS B 143 -38.53 12.11 -2.93
CA LYS B 143 -38.16 11.68 -1.59
C LYS B 143 -37.24 10.48 -1.66
N MET B 144 -37.59 9.51 -2.49
CA MET B 144 -36.84 8.27 -2.59
C MET B 144 -35.43 8.51 -3.09
N ALA B 145 -35.29 9.38 -4.07
CA ALA B 145 -33.96 9.67 -4.59
C ALA B 145 -33.13 10.34 -3.52
N ALA B 146 -33.77 11.25 -2.77
CA ALA B 146 -33.10 11.99 -1.72
C ALA B 146 -32.50 11.03 -0.71
N ASP B 147 -33.33 10.10 -0.25
CA ASP B 147 -32.90 9.08 0.71
C ASP B 147 -31.75 8.26 0.16
N ALA B 148 -31.87 7.85 -1.09
CA ALA B 148 -30.84 7.04 -1.72
C ALA B 148 -29.51 7.78 -1.63
N VAL B 149 -29.56 9.09 -1.87
CA VAL B 149 -28.36 9.92 -1.77
C VAL B 149 -27.77 9.90 -0.37
N GLN B 150 -28.58 10.27 0.62
CA GLN B 150 -28.15 10.26 2.01
C GLN B 150 -27.51 8.91 2.35
N ILE B 151 -28.12 7.83 1.91
CA ILE B 151 -27.60 6.49 2.14
C ILE B 151 -26.22 6.28 1.53
N LYS B 152 -26.03 6.71 0.30
CA LYS B 152 -24.73 6.62 -0.36
C LYS B 152 -23.70 7.49 0.37
N LYS B 153 -24.13 8.65 0.84
CA LYS B 153 -23.27 9.57 1.57
C LYS B 153 -22.80 8.96 2.89
N ASN B 154 -23.73 8.33 3.60
CA ASN B 154 -23.39 7.63 4.84
C ASN B 154 -22.45 6.43 4.61
N GLY B 155 -22.19 6.09 3.35
CA GLY B 155 -21.18 5.11 3.04
C GLY B 155 -21.64 3.71 2.66
N PHE B 156 -22.94 3.46 2.71
CA PHE B 156 -23.47 2.16 2.31
C PHE B 156 -23.25 1.90 0.84
N GLU B 157 -22.81 0.70 0.50
CA GLU B 157 -22.47 0.37 -0.88
C GLU B 157 -23.56 -0.45 -1.59
N ILE B 158 -24.63 -0.76 -0.87
CA ILE B 158 -25.74 -1.50 -1.44
C ILE B 158 -27.07 -0.88 -0.98
N ILE B 159 -27.91 -0.51 -1.94
CA ILE B 159 -29.22 0.00 -1.60
C ILE B 159 -30.35 -0.97 -1.92
N LYS B 160 -31.30 -1.12 -1.02
CA LYS B 160 -32.48 -1.93 -1.27
C LYS B 160 -33.69 -1.04 -1.40
N VAL B 161 -34.34 -1.07 -2.57
CA VAL B 161 -35.45 -0.18 -2.84
C VAL B 161 -36.84 -0.85 -2.80
N LYS B 162 -37.73 -0.27 -2.01
CA LYS B 162 -39.07 -0.80 -1.90
C LYS B 162 -39.96 -0.33 -3.06
N VAL B 163 -40.27 -1.25 -3.95
CA VAL B 163 -41.21 -0.97 -5.03
C VAL B 163 -42.50 -1.74 -4.79
N GLY B 164 -43.40 -1.73 -5.75
CA GLY B 164 -44.67 -2.41 -5.62
C GLY B 164 -45.88 -1.58 -6.01
N GLY B 165 -45.63 -0.40 -6.57
CA GLY B 165 -46.70 0.49 -6.98
C GLY B 165 -47.10 0.20 -8.41
N SER B 166 -47.70 1.17 -9.07
CA SER B 166 -47.98 1.06 -10.50
C SER B 166 -46.68 0.97 -11.33
N LYS B 167 -46.75 0.31 -12.47
CA LYS B 167 -45.57 0.13 -13.32
C LYS B 167 -44.91 1.45 -13.64
N GLU B 168 -45.73 2.44 -13.98
CA GLU B 168 -45.28 3.76 -14.32
C GLU B 168 -44.40 4.32 -13.22
N LEU B 169 -44.97 4.36 -12.02
CA LEU B 169 -44.37 4.98 -10.83
C LEU B 169 -43.08 4.31 -10.36
N ASP B 170 -43.06 2.97 -10.36
CA ASP B 170 -41.89 2.23 -9.91
C ASP B 170 -40.70 2.46 -10.83
N VAL B 171 -40.95 2.70 -12.10
CA VAL B 171 -39.86 2.93 -13.03
C VAL B 171 -39.33 4.35 -12.84
N GLU B 172 -40.24 5.29 -12.63
CA GLU B 172 -39.82 6.65 -12.34
C GLU B 172 -38.95 6.62 -11.08
N ARG B 173 -39.37 5.82 -10.10
CA ARG B 173 -38.64 5.66 -8.86
C ARG B 173 -37.21 5.16 -9.12
N ILE B 174 -37.07 4.03 -9.77
CA ILE B 174 -35.73 3.49 -10.00
C ILE B 174 -34.86 4.43 -10.82
N ARG B 175 -35.44 5.06 -11.83
CA ARG B 175 -34.70 5.96 -12.69
C ARG B 175 -34.17 7.16 -11.90
N MET B 176 -35.08 7.86 -11.23
CA MET B 176 -34.71 9.01 -10.42
C MET B 176 -33.59 8.68 -9.45
N ILE B 177 -33.65 7.49 -8.87
CA ILE B 177 -32.62 7.03 -7.95
C ILE B 177 -31.30 6.77 -8.68
N ARG B 178 -31.38 6.01 -9.77
CA ARG B 178 -30.21 5.70 -10.56
C ARG B 178 -29.49 6.96 -11.06
N GLU B 179 -30.26 7.95 -11.49
CA GLU B 179 -29.67 9.16 -12.03
C GLU B 179 -29.30 10.15 -10.94
N ALA B 180 -29.77 9.90 -9.72
CA ALA B 180 -29.43 10.77 -8.59
C ALA B 180 -28.41 10.14 -7.64
N ALA B 181 -27.91 8.95 -7.96
CA ALA B 181 -27.02 8.27 -7.04
C ALA B 181 -25.91 7.46 -7.70
N GLY B 182 -26.04 7.20 -8.99
CA GLY B 182 -24.95 6.55 -9.71
C GLY B 182 -25.30 5.20 -10.27
N ASP B 183 -24.40 4.65 -11.06
CA ASP B 183 -24.66 3.40 -11.76
C ASP B 183 -23.72 2.34 -11.26
N SER B 184 -22.82 2.75 -10.37
CA SER B 184 -21.80 1.86 -9.83
C SER B 184 -22.30 1.21 -8.54
N ILE B 185 -23.01 1.99 -7.73
CA ILE B 185 -23.57 1.48 -6.49
C ILE B 185 -24.55 0.38 -6.81
N THR B 186 -24.35 -0.79 -6.20
CA THR B 186 -25.22 -1.94 -6.45
C THR B 186 -26.58 -1.74 -5.80
N LEU B 187 -27.66 -2.00 -6.54
CA LEU B 187 -28.99 -1.88 -5.93
C LEU B 187 -29.95 -3.05 -6.22
N ARG B 188 -30.77 -3.38 -5.22
CA ARG B 188 -31.71 -4.50 -5.27
C ARG B 188 -33.10 -4.00 -4.93
N ILE B 189 -34.13 -4.65 -5.44
CA ILE B 189 -35.48 -4.14 -5.23
C ILE B 189 -36.40 -5.19 -4.63
N ASP B 190 -37.48 -4.72 -4.02
CA ASP B 190 -38.39 -5.56 -3.25
C ASP B 190 -39.81 -5.02 -3.39
N ALA B 191 -40.71 -5.85 -3.92
CA ALA B 191 -42.07 -5.44 -4.23
C ALA B 191 -43.06 -5.83 -3.15
N ASN B 192 -42.63 -6.69 -2.25
CA ASN B 192 -43.51 -7.21 -1.22
C ASN B 192 -44.88 -7.58 -1.77
N GLN B 193 -44.89 -8.42 -2.80
CA GLN B 193 -46.14 -8.93 -3.38
C GLN B 193 -46.97 -7.84 -4.05
N GLY B 194 -46.35 -6.72 -4.41
CA GLY B 194 -47.07 -5.57 -4.90
C GLY B 194 -47.73 -5.65 -6.26
N TRP B 195 -47.07 -6.29 -7.21
CA TRP B 195 -47.53 -6.38 -8.60
C TRP B 195 -48.42 -7.61 -8.92
N SER B 196 -49.24 -7.47 -9.95
CA SER B 196 -49.88 -8.61 -10.58
C SER B 196 -48.84 -9.31 -11.44
N VAL B 197 -49.08 -10.55 -11.84
CA VAL B 197 -48.10 -11.27 -12.67
C VAL B 197 -47.76 -10.47 -13.91
N GLU B 198 -48.79 -9.85 -14.47
CA GLU B 198 -48.78 -9.01 -15.66
C GLU B 198 -47.87 -7.79 -15.43
N THR B 199 -48.24 -6.97 -14.45
CA THR B 199 -47.50 -5.75 -14.13
C THR B 199 -46.06 -6.06 -13.78
N ALA B 200 -45.84 -7.22 -13.19
CA ALA B 200 -44.51 -7.64 -12.76
C ALA B 200 -43.61 -7.73 -13.97
N ILE B 201 -43.98 -8.61 -14.88
CA ILE B 201 -43.20 -8.84 -16.08
C ILE B 201 -42.91 -7.55 -16.86
N GLU B 202 -43.91 -6.69 -16.96
CA GLU B 202 -43.75 -5.44 -17.69
C GLU B 202 -42.80 -4.46 -16.99
N THR B 203 -42.94 -4.34 -15.68
CA THR B 203 -42.07 -3.47 -14.90
C THR B 203 -40.65 -4.01 -14.83
N LEU B 204 -40.52 -5.34 -14.74
CA LEU B 204 -39.21 -5.94 -14.59
C LEU B 204 -38.36 -5.83 -15.87
N THR B 205 -39.00 -5.83 -17.04
CA THR B 205 -38.26 -5.64 -18.28
C THR B 205 -37.98 -4.15 -18.50
N LEU B 206 -38.92 -3.30 -18.12
CA LEU B 206 -38.74 -1.86 -18.15
C LEU B 206 -37.67 -1.39 -17.16
N LEU B 207 -37.28 -2.24 -16.22
CA LEU B 207 -36.27 -1.88 -15.21
C LEU B 207 -34.89 -2.48 -15.49
N GLU B 208 -34.83 -3.51 -16.33
CA GLU B 208 -33.58 -4.15 -16.64
C GLU B 208 -32.44 -3.22 -17.00
N PRO B 209 -32.71 -2.20 -17.83
CA PRO B 209 -31.67 -1.25 -18.22
C PRO B 209 -30.96 -0.63 -17.03
N TYR B 210 -31.66 -0.48 -15.91
CA TYR B 210 -31.10 0.17 -14.73
C TYR B 210 -30.19 -0.73 -13.90
N ASN B 211 -29.92 -1.94 -14.40
CA ASN B 211 -28.98 -2.87 -13.78
C ASN B 211 -29.26 -3.17 -12.32
N ILE B 212 -30.33 -3.92 -12.07
CA ILE B 212 -30.67 -4.23 -10.71
C ILE B 212 -30.34 -5.69 -10.34
N GLN B 213 -29.87 -5.89 -9.11
CA GLN B 213 -29.24 -7.13 -8.69
C GLN B 213 -30.19 -8.32 -8.57
N HIS B 214 -31.32 -8.07 -7.92
CA HIS B 214 -32.41 -9.03 -7.87
C HIS B 214 -33.68 -8.37 -7.33
N CYS B 215 -34.82 -9.00 -7.56
CA CYS B 215 -36.08 -8.47 -7.09
C CYS B 215 -36.73 -9.46 -6.13
N GLU B 216 -37.09 -8.99 -4.94
CA GLU B 216 -37.73 -9.86 -3.96
C GLU B 216 -39.22 -9.87 -4.18
N GLU B 217 -39.80 -11.06 -4.13
CA GLU B 217 -41.25 -11.25 -4.10
C GLU B 217 -42.05 -10.27 -4.94
N PRO B 218 -42.05 -10.46 -6.27
CA PRO B 218 -42.75 -9.52 -7.15
C PRO B 218 -44.26 -9.63 -7.06
N VAL B 219 -44.77 -10.83 -6.85
CA VAL B 219 -46.22 -10.99 -6.81
C VAL B 219 -46.70 -11.66 -5.53
N SER B 220 -48.01 -11.80 -5.41
CA SER B 220 -48.65 -12.47 -4.31
C SER B 220 -48.06 -13.81 -4.00
N ARG B 221 -47.85 -14.08 -2.72
CA ARG B 221 -47.32 -15.36 -2.29
C ARG B 221 -48.26 -16.50 -2.69
N ASN B 222 -49.51 -16.16 -2.92
CA ASN B 222 -50.52 -17.12 -3.37
C ASN B 222 -50.33 -17.54 -4.80
N LEU B 223 -49.61 -16.73 -5.57
CA LEU B 223 -49.42 -17.00 -6.99
C LEU B 223 -48.01 -17.46 -7.29
N TYR B 224 -47.40 -18.19 -6.37
CA TYR B 224 -46.02 -18.60 -6.52
C TYR B 224 -45.84 -19.47 -7.75
N THR B 225 -46.93 -20.08 -8.20
CA THR B 225 -46.91 -20.97 -9.36
C THR B 225 -46.66 -20.19 -10.65
N ALA B 226 -46.92 -18.88 -10.61
CA ALA B 226 -46.62 -17.99 -11.73
C ALA B 226 -45.19 -17.47 -11.69
N LEU B 227 -44.45 -17.83 -10.66
CA LEU B 227 -43.08 -17.38 -10.58
C LEU B 227 -42.23 -17.92 -11.72
N PRO B 228 -42.33 -19.23 -12.02
CA PRO B 228 -41.46 -19.75 -13.06
C PRO B 228 -41.65 -18.97 -14.38
N LYS B 229 -42.88 -18.61 -14.70
CA LYS B 229 -43.18 -17.83 -15.88
C LYS B 229 -42.49 -16.47 -15.86
N ILE B 230 -42.47 -15.83 -14.70
CA ILE B 230 -41.83 -14.54 -14.58
C ILE B 230 -40.31 -14.68 -14.65
N ARG B 231 -39.77 -15.71 -14.02
CA ARG B 231 -38.34 -15.94 -14.00
C ARG B 231 -37.75 -16.03 -15.40
N GLN B 232 -38.53 -16.65 -16.29
CA GLN B 232 -38.11 -16.90 -17.65
C GLN B 232 -38.30 -15.67 -18.54
N ALA B 233 -39.37 -14.93 -18.31
CA ALA B 233 -39.63 -13.72 -19.09
C ALA B 233 -38.72 -12.54 -18.71
N CYS B 234 -38.07 -12.64 -17.55
CA CYS B 234 -37.32 -11.51 -17.04
C CYS B 234 -35.87 -11.83 -16.76
N ARG B 235 -35.03 -10.85 -17.06
CA ARG B 235 -33.59 -11.01 -16.97
C ARG B 235 -33.16 -10.82 -15.54
N ILE B 236 -33.64 -9.75 -14.90
CA ILE B 236 -33.44 -9.49 -13.49
C ILE B 236 -33.78 -10.73 -12.69
N PRO B 237 -32.84 -11.21 -11.84
CA PRO B 237 -33.15 -12.41 -11.06
C PRO B 237 -34.25 -12.13 -10.02
N ILE B 238 -35.06 -13.12 -9.73
CA ILE B 238 -36.09 -12.93 -8.73
C ILE B 238 -35.86 -13.79 -7.48
N MET B 239 -36.05 -13.15 -6.33
CA MET B 239 -35.81 -13.77 -5.03
C MET B 239 -37.12 -13.95 -4.26
N ALA B 240 -37.36 -15.17 -3.83
CA ALA B 240 -38.57 -15.47 -3.10
C ALA B 240 -38.38 -15.09 -1.63
N ASP B 241 -39.30 -14.30 -1.10
CA ASP B 241 -39.26 -13.96 0.29
C ASP B 241 -40.48 -14.55 1.00
N GLU B 242 -41.59 -13.84 0.98
CA GLU B 242 -42.83 -14.36 1.58
C GLU B 242 -43.18 -15.76 1.03
N SER B 243 -42.75 -16.04 -0.20
CA SER B 243 -43.13 -17.28 -0.84
C SER B 243 -42.27 -18.41 -0.37
N CYS B 244 -41.18 -18.07 0.30
CA CYS B 244 -40.30 -19.08 0.88
C CYS B 244 -40.16 -18.90 2.40
N CYS B 245 -40.94 -19.64 3.15
CA CYS B 245 -40.95 -19.56 4.60
C CYS B 245 -40.19 -20.72 5.26
N ASN B 246 -40.63 -21.93 5.02
CA ASN B 246 -39.95 -23.10 5.60
C ASN B 246 -39.32 -23.98 4.53
N SER B 247 -38.70 -25.07 4.95
CA SER B 247 -37.99 -25.95 4.03
C SER B 247 -38.93 -26.59 2.98
N PHE B 248 -40.15 -26.93 3.35
CA PHE B 248 -41.10 -27.45 2.39
C PHE B 248 -41.36 -26.45 1.27
N ASP B 249 -41.63 -25.22 1.63
CA ASP B 249 -41.77 -24.16 0.65
C ASP B 249 -40.57 -24.10 -0.28
N ALA B 250 -39.37 -24.25 0.27
CA ALA B 250 -38.15 -24.14 -0.50
C ALA B 250 -38.03 -25.24 -1.53
N GLU B 251 -38.29 -26.47 -1.10
CA GLU B 251 -38.27 -27.62 -1.99
C GLU B 251 -39.27 -27.45 -3.14
N ARG B 252 -40.48 -27.03 -2.81
CA ARG B 252 -41.53 -26.85 -3.80
C ARG B 252 -41.12 -25.80 -4.82
N LEU B 253 -40.50 -24.72 -4.37
CA LEU B 253 -40.11 -23.64 -5.27
C LEU B 253 -39.01 -24.10 -6.23
N ILE B 254 -38.05 -24.85 -5.70
CA ILE B 254 -36.96 -25.42 -6.47
C ILE B 254 -37.48 -26.37 -7.53
N GLN B 255 -38.40 -27.23 -7.12
CA GLN B 255 -39.02 -28.24 -7.97
C GLN B 255 -39.60 -27.65 -9.25
N ILE B 256 -40.28 -26.51 -9.15
CA ILE B 256 -40.91 -25.91 -10.30
C ILE B 256 -40.05 -24.78 -10.88
N GLN B 257 -38.81 -24.71 -10.43
CA GLN B 257 -37.88 -23.64 -10.82
C GLN B 257 -38.52 -22.25 -10.79
N ALA B 258 -39.00 -21.87 -9.61
CA ALA B 258 -39.79 -20.66 -9.47
C ALA B 258 -38.93 -19.42 -9.40
N CYS B 259 -37.69 -19.56 -8.98
CA CYS B 259 -36.90 -18.37 -8.68
C CYS B 259 -35.40 -18.63 -8.65
N ASP B 260 -34.63 -17.55 -8.62
CA ASP B 260 -33.18 -17.63 -8.72
C ASP B 260 -32.54 -17.67 -7.35
N SER B 261 -33.14 -17.01 -6.39
CA SER B 261 -32.58 -17.00 -5.03
C SER B 261 -33.64 -16.92 -3.94
N PHE B 262 -33.22 -17.17 -2.71
CA PHE B 262 -34.09 -17.08 -1.55
C PHE B 262 -33.74 -15.91 -0.65
N ASN B 263 -34.74 -15.38 0.04
CA ASN B 263 -34.50 -14.52 1.19
C ASN B 263 -34.86 -15.26 2.48
N LEU B 264 -33.83 -15.69 3.21
CA LEU B 264 -33.97 -16.48 4.41
C LEU B 264 -34.17 -15.60 5.65
N LYS B 265 -35.19 -15.88 6.43
CA LYS B 265 -35.48 -15.14 7.66
C LYS B 265 -35.86 -16.10 8.78
N LEU B 266 -35.22 -15.97 9.96
CA LEU B 266 -35.45 -16.94 11.01
C LEU B 266 -36.91 -17.01 11.47
N SER B 267 -37.59 -15.87 11.48
CA SER B 267 -39.01 -15.84 11.82
C SER B 267 -39.89 -16.74 10.90
N LYS B 268 -39.59 -16.78 9.61
CA LYS B 268 -40.41 -17.54 8.68
C LYS B 268 -40.19 -19.05 8.84
N SER B 269 -38.97 -19.42 9.19
CA SER B 269 -38.66 -20.82 9.36
C SER B 269 -38.82 -21.32 10.80
N ALA B 270 -39.38 -20.48 11.67
CA ALA B 270 -39.64 -20.81 13.06
C ALA B 270 -38.38 -21.12 13.87
N GLY B 271 -37.25 -20.58 13.42
CA GLY B 271 -36.02 -20.74 14.13
C GLY B 271 -34.84 -21.10 13.26
N ILE B 272 -33.74 -21.43 13.91
CA ILE B 272 -32.52 -21.79 13.24
C ILE B 272 -32.59 -23.20 12.68
N THR B 273 -33.18 -24.12 13.44
CA THR B 273 -33.27 -25.54 13.05
C THR B 273 -33.73 -25.76 11.60
N ASN B 274 -34.87 -25.22 11.23
CA ASN B 274 -35.36 -25.35 9.88
C ASN B 274 -34.66 -24.43 8.87
N ALA B 275 -34.15 -23.30 9.33
CA ALA B 275 -33.42 -22.43 8.43
C ALA B 275 -32.22 -23.19 7.87
N LEU B 276 -31.64 -24.06 8.68
CA LEU B 276 -30.51 -24.86 8.23
C LEU B 276 -30.92 -25.75 7.06
N ASN B 277 -32.12 -26.32 7.12
CA ASN B 277 -32.64 -27.12 6.03
C ASN B 277 -32.80 -26.32 4.76
N ILE B 278 -33.39 -25.13 4.86
CA ILE B 278 -33.51 -24.24 3.69
C ILE B 278 -32.14 -23.97 3.06
N ILE B 279 -31.14 -23.75 3.90
CA ILE B 279 -29.80 -23.48 3.43
C ILE B 279 -29.21 -24.66 2.67
N ARG B 280 -29.34 -25.86 3.22
CA ARG B 280 -28.90 -27.10 2.56
C ARG B 280 -29.50 -27.21 1.16
N LEU B 281 -30.82 -27.07 1.06
CA LEU B 281 -31.51 -27.12 -0.21
C LEU B 281 -30.93 -26.11 -1.18
N ALA B 282 -30.76 -24.88 -0.72
CA ALA B 282 -30.21 -23.83 -1.57
C ALA B 282 -28.83 -24.22 -2.07
N GLU B 283 -28.06 -24.89 -1.23
CA GLU B 283 -26.73 -25.36 -1.61
C GLU B 283 -26.80 -26.40 -2.74
N GLN B 284 -27.58 -27.44 -2.51
CA GLN B 284 -27.77 -28.51 -3.47
C GLN B 284 -28.26 -28.00 -4.82
N ALA B 285 -28.93 -26.85 -4.82
CA ALA B 285 -29.47 -26.27 -6.03
C ALA B 285 -28.72 -25.01 -6.46
N HIS B 286 -27.53 -24.83 -5.91
CA HIS B 286 -26.64 -23.75 -6.33
C HIS B 286 -27.38 -22.39 -6.39
N MET B 287 -28.16 -22.12 -5.36
CA MET B 287 -28.97 -20.93 -5.28
C MET B 287 -28.44 -19.97 -4.23
N PRO B 288 -28.12 -18.75 -4.64
CA PRO B 288 -27.66 -17.76 -3.69
C PRO B 288 -28.74 -17.44 -2.66
N VAL B 289 -28.31 -17.25 -1.41
CA VAL B 289 -29.24 -16.93 -0.35
C VAL B 289 -28.94 -15.55 0.23
N GLN B 290 -29.99 -14.77 0.44
CA GLN B 290 -29.86 -13.53 1.18
C GLN B 290 -30.45 -13.74 2.57
N VAL B 291 -29.70 -13.44 3.61
CA VAL B 291 -30.31 -13.49 4.93
C VAL B 291 -30.86 -12.12 5.32
N GLY B 292 -32.08 -12.08 5.82
CA GLY B 292 -32.65 -10.82 6.28
C GLY B 292 -33.50 -10.95 7.51
N GLY B 293 -34.53 -10.11 7.61
CA GLY B 293 -35.37 -10.08 8.79
C GLY B 293 -36.50 -9.07 8.74
N PHE B 294 -37.10 -8.77 9.87
CA PHE B 294 -38.17 -7.79 9.91
C PHE B 294 -37.74 -6.55 10.67
N LEU B 295 -38.29 -6.30 11.84
CA LEU B 295 -37.84 -5.15 12.61
C LEU B 295 -37.22 -5.55 13.93
N GLU B 296 -36.53 -6.69 13.94
CA GLU B 296 -35.79 -7.15 15.10
C GLU B 296 -34.74 -6.11 15.44
N SER B 297 -34.36 -6.06 16.71
CA SER B 297 -33.23 -5.26 17.16
C SER B 297 -31.94 -5.95 16.74
N ARG B 298 -30.80 -5.40 17.15
CA ARG B 298 -29.53 -6.07 16.89
C ARG B 298 -29.45 -7.46 17.53
N LEU B 299 -30.30 -7.76 18.50
CA LEU B 299 -30.22 -9.08 19.08
C LEU B 299 -30.69 -10.10 18.07
N GLY B 300 -31.84 -9.84 17.45
CA GLY B 300 -32.39 -10.73 16.47
C GLY B 300 -31.48 -10.86 15.28
N PHE B 301 -31.00 -9.74 14.80
CA PHE B 301 -30.11 -9.78 13.66
C PHE B 301 -28.75 -10.40 14.00
N THR B 302 -28.42 -10.49 15.27
CA THR B 302 -27.18 -11.14 15.66
C THR B 302 -27.34 -12.62 15.40
N ALA B 303 -28.52 -13.15 15.70
CA ALA B 303 -28.81 -14.54 15.38
C ALA B 303 -28.74 -14.76 13.87
N ALA B 304 -29.38 -13.90 13.10
CA ALA B 304 -29.28 -13.94 11.66
C ALA B 304 -27.83 -13.96 11.17
N ALA B 305 -27.01 -13.08 11.73
CA ALA B 305 -25.62 -12.96 11.31
C ALA B 305 -24.82 -14.20 11.63
N HIS B 306 -25.05 -14.78 12.80
CA HIS B 306 -24.44 -16.06 13.13
C HIS B 306 -24.77 -17.13 12.10
N VAL B 307 -26.04 -17.17 11.67
CA VAL B 307 -26.48 -18.19 10.75
C VAL B 307 -25.87 -17.93 9.40
N ALA B 308 -25.72 -16.65 9.07
CA ALA B 308 -25.16 -16.23 7.80
C ALA B 308 -23.76 -16.78 7.52
N LEU B 309 -23.05 -17.18 8.58
CA LEU B 309 -21.69 -17.69 8.43
C LEU B 309 -21.62 -19.20 8.22
N VAL B 310 -22.77 -19.81 8.00
CA VAL B 310 -22.87 -21.26 8.05
C VAL B 310 -22.56 -21.90 6.69
N SER B 311 -22.72 -21.14 5.61
CA SER B 311 -22.64 -21.68 4.28
C SER B 311 -22.20 -20.62 3.27
N LYS B 312 -21.38 -21.01 2.31
CA LYS B 312 -20.87 -20.07 1.34
C LYS B 312 -21.93 -19.68 0.31
N THR B 313 -23.05 -20.39 0.31
CA THR B 313 -24.14 -20.09 -0.60
C THR B 313 -24.91 -18.83 -0.15
N ILE B 314 -24.78 -18.48 1.11
CA ILE B 314 -25.31 -17.23 1.60
C ILE B 314 -24.32 -16.10 1.27
N CYS B 315 -24.78 -15.07 0.59
CA CYS B 315 -23.88 -14.04 0.10
C CYS B 315 -24.49 -12.66 -0.02
N TYR B 316 -25.76 -12.53 0.35
CA TYR B 316 -26.37 -11.21 0.44
C TYR B 316 -26.90 -11.01 1.84
N TYR B 317 -26.94 -9.77 2.30
CA TYR B 317 -27.35 -9.50 3.68
C TYR B 317 -28.21 -8.24 3.79
N ASP B 318 -29.33 -8.35 4.47
CA ASP B 318 -30.21 -7.22 4.69
C ASP B 318 -30.45 -7.08 6.17
N PHE B 319 -29.58 -6.35 6.85
CA PHE B 319 -29.62 -6.25 8.31
C PHE B 319 -29.78 -4.82 8.80
N ASP B 320 -30.53 -4.01 8.08
CA ASP B 320 -30.50 -2.58 8.29
C ASP B 320 -31.42 -2.04 9.41
N THR B 321 -32.61 -2.60 9.54
CA THR B 321 -33.64 -2.00 10.38
C THR B 321 -33.24 -1.56 11.78
N PRO B 322 -32.28 -2.26 12.41
CA PRO B 322 -31.86 -1.79 13.73
C PRO B 322 -31.29 -0.36 13.71
N LEU B 323 -30.62 0.00 12.61
CA LEU B 323 -30.16 1.36 12.43
C LEU B 323 -31.27 2.41 12.35
N MET B 324 -32.51 1.97 12.21
CA MET B 324 -33.64 2.88 12.11
C MET B 324 -34.28 3.17 13.46
N PHE B 325 -33.80 2.51 14.51
CA PHE B 325 -34.33 2.63 15.85
C PHE B 325 -33.99 3.99 16.45
N GLU B 326 -34.91 4.57 17.22
CA GLU B 326 -34.59 5.79 17.92
C GLU B 326 -33.52 5.53 18.97
N ALA B 327 -33.50 4.29 19.48
CA ALA B 327 -32.57 3.94 20.54
C ALA B 327 -32.21 2.45 20.52
N ASP B 328 -30.94 2.15 20.73
CA ASP B 328 -30.43 0.79 20.73
C ASP B 328 -30.38 0.18 22.13
N PRO B 329 -31.32 -0.71 22.46
CA PRO B 329 -31.37 -1.33 23.79
C PRO B 329 -30.51 -2.56 23.93
N VAL B 330 -29.83 -2.97 22.87
CA VAL B 330 -29.05 -4.20 22.87
C VAL B 330 -27.65 -4.02 23.47
N ARG B 331 -27.24 -4.97 24.29
CA ARG B 331 -25.90 -5.03 24.85
C ARG B 331 -25.11 -6.14 24.13
N GLY B 332 -23.96 -5.77 23.59
CA GLY B 332 -23.20 -6.70 22.79
C GLY B 332 -23.74 -6.85 21.39
N GLY B 333 -23.68 -8.06 20.86
CA GLY B 333 -24.25 -8.35 19.54
C GLY B 333 -23.41 -7.82 18.41
N ILE B 334 -23.92 -7.93 17.20
CA ILE B 334 -23.20 -7.51 15.98
C ILE B 334 -22.95 -6.01 16.00
N VAL B 335 -21.80 -5.59 15.50
CA VAL B 335 -21.49 -4.18 15.44
C VAL B 335 -21.38 -3.75 13.98
N TYR B 336 -21.99 -2.61 13.67
CA TYR B 336 -21.99 -2.06 12.33
C TYR B 336 -20.77 -1.18 12.15
N GLN B 337 -19.96 -1.52 11.16
CA GLN B 337 -18.79 -0.75 10.82
C GLN B 337 -19.04 0.08 9.56
N GLN B 338 -18.03 0.77 9.06
CA GLN B 338 -18.23 1.62 7.91
C GLN B 338 -18.47 0.77 6.68
N ARG B 339 -19.19 1.32 5.71
CA ARG B 339 -19.52 0.63 4.47
C ARG B 339 -20.58 -0.43 4.70
N GLY B 340 -21.16 -0.43 5.90
CA GLY B 340 -22.19 -1.40 6.25
C GLY B 340 -21.63 -2.80 6.45
N ILE B 341 -20.35 -2.90 6.76
CA ILE B 341 -19.76 -4.19 7.08
C ILE B 341 -20.11 -4.60 8.52
N ILE B 342 -20.50 -5.85 8.70
CA ILE B 342 -20.98 -6.33 9.99
C ILE B 342 -19.99 -7.27 10.63
N GLU B 343 -19.74 -7.11 11.92
CA GLU B 343 -18.83 -7.99 12.63
C GLU B 343 -19.60 -8.80 13.64
N VAL B 344 -19.38 -10.11 13.65
CA VAL B 344 -20.09 -11.05 14.52
C VAL B 344 -19.34 -11.34 15.82
N PRO B 345 -20.06 -11.36 16.96
CA PRO B 345 -19.46 -11.60 18.27
C PRO B 345 -18.70 -12.92 18.33
N GLU B 346 -17.66 -12.97 19.15
CA GLU B 346 -16.93 -14.21 19.27
C GLU B 346 -17.08 -14.89 20.60
N THR B 347 -17.89 -14.30 21.46
CA THR B 347 -18.08 -14.87 22.77
C THR B 347 -19.07 -16.02 22.73
N ALA B 348 -19.08 -16.84 23.77
CA ALA B 348 -19.93 -18.02 23.79
C ALA B 348 -21.40 -17.66 23.70
N GLY B 349 -22.15 -18.43 22.92
CA GLY B 349 -23.58 -18.23 22.80
C GLY B 349 -23.98 -17.25 21.73
N LEU B 350 -25.18 -16.70 21.85
CA LEU B 350 -25.66 -15.68 20.94
C LEU B 350 -24.71 -14.48 20.91
N GLY B 351 -24.15 -14.17 22.07
CA GLY B 351 -23.20 -13.09 22.17
C GLY B 351 -23.85 -11.72 22.23
N ALA B 352 -25.09 -11.70 22.71
CA ALA B 352 -25.90 -10.49 22.79
C ALA B 352 -26.94 -10.62 23.88
N GLY B 353 -27.32 -9.50 24.44
CA GLY B 353 -28.35 -9.48 25.45
C GLY B 353 -28.92 -8.07 25.50
N TYR B 354 -29.68 -7.75 26.53
CA TYR B 354 -30.23 -6.41 26.58
C TYR B 354 -29.58 -5.58 27.67
N GLN B 355 -29.49 -4.27 27.41
CA GLN B 355 -28.96 -3.30 28.36
C GLN B 355 -29.62 -3.41 29.75
N LYS B 356 -28.87 -3.01 30.77
CA LYS B 356 -29.35 -3.17 32.14
C LYS B 356 -30.59 -2.36 32.39
N ASP B 357 -31.54 -2.97 33.08
CA ASP B 357 -32.84 -2.39 33.38
C ASP B 357 -33.57 -1.73 32.19
N TYR B 358 -33.17 -2.10 30.97
CA TYR B 358 -34.03 -1.84 29.84
C TYR B 358 -35.20 -2.79 29.98
N LEU B 359 -34.88 -4.05 30.19
CA LEU B 359 -35.89 -5.07 30.35
C LEU B 359 -36.82 -4.81 31.51
N SER B 360 -36.28 -4.28 32.61
CA SER B 360 -37.12 -4.08 33.79
C SER B 360 -38.21 -3.04 33.60
N GLY B 361 -38.05 -2.18 32.60
CA GLY B 361 -39.03 -1.17 32.27
C GLY B 361 -40.11 -1.63 31.32
N LEU B 362 -40.02 -2.88 30.91
CA LEU B 362 -40.86 -3.44 29.88
C LEU B 362 -42.06 -4.17 30.46
N GLU B 363 -43.20 -4.12 29.77
CA GLU B 363 -44.33 -4.95 30.15
C GLU B 363 -43.91 -6.39 30.01
N LYS B 364 -44.03 -7.16 31.08
CA LYS B 364 -43.51 -8.51 31.06
C LYS B 364 -44.41 -9.51 31.75
N ILE B 365 -44.24 -10.77 31.38
CA ILE B 365 -44.83 -11.86 32.15
C ILE B 365 -43.75 -12.90 32.39
N CYS B 366 -44.02 -13.84 33.29
CA CYS B 366 -43.03 -14.81 33.70
C CYS B 366 -43.70 -16.14 33.90
N ILE B 367 -43.23 -17.17 33.19
CA ILE B 367 -43.83 -18.49 33.27
C ILE B 367 -43.03 -19.39 34.21
N ASN B 368 -43.66 -19.71 35.34
CA ASN B 368 -43.03 -20.33 36.50
C ASN B 368 -42.16 -19.40 37.34
N MET C 1 39.01 19.69 -34.17
CA MET C 1 38.78 18.51 -35.02
C MET C 1 37.59 18.74 -35.94
N ILE C 2 37.86 18.70 -37.25
CA ILE C 2 36.86 19.03 -38.26
C ILE C 2 35.79 17.97 -38.39
N ILE C 3 34.55 18.40 -38.60
CA ILE C 3 33.44 17.47 -38.82
C ILE C 3 33.36 17.08 -40.29
N THR C 4 33.43 15.79 -40.58
CA THR C 4 33.49 15.32 -41.96
C THR C 4 32.17 14.79 -42.51
N GLN C 5 31.41 14.11 -41.67
CA GLN C 5 30.08 13.71 -42.08
C GLN C 5 29.16 13.48 -40.88
N VAL C 6 27.85 13.64 -41.09
CA VAL C 6 26.88 13.26 -40.08
C VAL C 6 25.84 12.32 -40.68
N GLU C 7 25.48 11.29 -39.90
CA GLU C 7 24.44 10.35 -40.30
C GLU C 7 23.23 10.55 -39.42
N LEU C 8 22.05 10.42 -39.99
CA LEU C 8 20.80 10.52 -39.24
C LEU C 8 20.02 9.26 -39.45
N TYR C 9 19.39 8.77 -38.37
CA TYR C 9 18.63 7.51 -38.40
C TYR C 9 17.22 7.67 -37.83
N LYS C 10 16.25 7.03 -38.44
CA LYS C 10 14.92 6.97 -37.85
C LYS C 10 14.89 5.74 -36.97
N SER C 11 14.66 5.94 -35.68
CA SER C 11 14.71 4.85 -34.69
C SER C 11 13.38 4.64 -33.96
N PRO C 12 12.46 3.88 -34.57
CA PRO C 12 11.17 3.62 -33.96
C PRO C 12 11.14 2.29 -33.22
N VAL C 13 11.09 2.34 -31.90
CA VAL C 13 10.94 1.12 -31.11
C VAL C 13 9.58 1.05 -30.39
N LYS C 14 8.95 -0.11 -30.45
CA LYS C 14 7.61 -0.32 -29.88
C LYS C 14 7.65 -0.47 -28.36
N LEU C 15 6.65 0.09 -27.68
CA LEU C 15 6.55 -0.03 -26.23
C LEU C 15 5.79 -1.30 -25.86
N LYS C 16 6.11 -1.86 -24.69
CA LYS C 16 5.39 -3.03 -24.18
C LYS C 16 3.92 -2.69 -23.99
N GLU C 17 3.64 -1.77 -23.09
CA GLU C 17 2.29 -1.26 -22.89
C GLU C 17 2.22 0.14 -23.49
N PRO C 18 1.07 0.50 -24.05
CA PRO C 18 0.92 1.89 -24.49
C PRO C 18 1.14 2.89 -23.33
N PHE C 19 1.77 4.02 -23.65
CA PHE C 19 2.10 5.08 -22.69
C PHE C 19 1.10 6.20 -22.82
N LYS C 20 0.45 6.53 -21.70
CA LYS C 20 -0.74 7.40 -21.70
C LYS C 20 -0.58 8.62 -20.82
N ILE C 21 -0.75 9.80 -21.40
CA ILE C 21 -0.79 11.03 -20.63
C ILE C 21 -2.03 11.84 -21.01
N SER C 22 -2.28 12.93 -20.28
CA SER C 22 -3.49 13.71 -20.50
C SER C 22 -3.57 14.23 -21.93
N LEU C 23 -2.40 14.37 -22.56
CA LEU C 23 -2.29 14.91 -23.91
C LEU C 23 -2.52 13.88 -25.02
N GLY C 24 -2.38 12.60 -24.71
CA GLY C 24 -2.52 11.55 -25.71
C GLY C 24 -1.91 10.21 -25.34
N ILE C 25 -1.99 9.27 -26.27
CA ILE C 25 -1.49 7.92 -26.07
C ILE C 25 -0.41 7.57 -27.10
N LEU C 26 0.67 6.95 -26.64
CA LEU C 26 1.77 6.55 -27.53
C LEU C 26 2.01 5.03 -27.57
N THR C 27 2.21 4.47 -28.75
CA THR C 27 2.50 3.05 -28.87
C THR C 27 3.97 2.83 -29.13
N HIS C 28 4.63 3.85 -29.68
CA HIS C 28 6.04 3.74 -30.06
C HIS C 28 6.83 4.93 -29.55
N ALA C 29 8.12 4.73 -29.31
CA ALA C 29 9.03 5.84 -29.18
C ALA C 29 9.65 6.05 -30.55
N ASN C 30 9.25 7.12 -31.24
CA ASN C 30 9.77 7.40 -32.56
C ASN C 30 10.89 8.42 -32.50
N ASN C 31 12.11 7.93 -32.30
CA ASN C 31 13.26 8.79 -32.08
C ASN C 31 14.08 9.03 -33.32
N VAL C 32 14.97 10.00 -33.24
CA VAL C 32 15.91 10.27 -34.32
C VAL C 32 17.32 10.23 -33.77
N ILE C 33 18.19 9.46 -34.42
CA ILE C 33 19.57 9.29 -33.96
C ILE C 33 20.54 10.11 -34.81
N VAL C 34 21.57 10.66 -34.19
CA VAL C 34 22.53 11.50 -34.88
C VAL C 34 23.93 10.97 -34.58
N ARG C 35 24.73 10.78 -35.62
CA ARG C 35 26.14 10.41 -35.48
C ARG C 35 27.03 11.42 -36.20
N ILE C 36 27.86 12.13 -35.46
CA ILE C 36 28.81 13.04 -36.07
C ILE C 36 30.18 12.37 -36.19
N HIS C 37 30.80 12.46 -37.36
CA HIS C 37 32.12 11.91 -37.63
C HIS C 37 33.16 13.00 -37.79
N THR C 38 34.34 12.80 -37.22
CA THR C 38 35.41 13.75 -37.42
C THR C 38 36.47 13.19 -38.38
N ALA C 39 37.35 14.06 -38.84
CA ALA C 39 38.44 13.63 -39.70
C ALA C 39 39.32 12.65 -38.97
N SER C 40 39.55 12.89 -37.68
CA SER C 40 40.37 12.00 -36.87
C SER C 40 39.72 10.64 -36.66
N GLY C 41 38.50 10.47 -37.17
CA GLY C 41 37.77 9.23 -36.99
C GLY C 41 37.01 9.02 -35.69
N HIS C 42 36.83 10.08 -34.91
CA HIS C 42 35.95 10.02 -33.75
C HIS C 42 34.47 10.10 -34.12
N ILE C 43 33.63 9.47 -33.32
CA ILE C 43 32.21 9.47 -33.57
C ILE C 43 31.47 9.90 -32.32
N GLY C 44 30.61 10.91 -32.46
CA GLY C 44 29.74 11.34 -31.39
C GLY C 44 28.29 10.92 -31.62
N TYR C 45 27.62 10.49 -30.56
CA TYR C 45 26.22 10.08 -30.68
C TYR C 45 25.31 11.10 -30.01
N GLY C 46 24.17 11.34 -30.63
CA GLY C 46 23.11 12.14 -30.07
C GLY C 46 21.77 11.48 -30.39
N GLU C 47 20.81 11.64 -29.50
CA GLU C 47 19.50 11.08 -29.73
C GLU C 47 18.49 12.15 -29.37
N CYS C 48 17.29 12.06 -29.94
CA CYS C 48 16.20 12.94 -29.58
C CYS C 48 14.89 12.23 -29.81
N SER C 49 13.87 12.64 -29.07
CA SER C 49 12.62 11.92 -29.10
C SER C 49 11.49 12.92 -29.28
N PRO C 50 11.22 13.31 -30.54
CA PRO C 50 10.18 14.29 -30.85
C PRO C 50 8.83 13.88 -30.28
N PHE C 51 8.20 14.83 -29.58
CA PHE C 51 6.88 14.66 -29.02
C PHE C 51 5.95 15.74 -29.58
N MET C 52 5.08 15.36 -30.50
CA MET C 52 4.37 16.35 -31.31
C MET C 52 3.64 17.40 -30.51
N THR C 53 2.93 16.98 -29.47
CA THR C 53 2.07 17.92 -28.74
C THR C 53 2.82 18.81 -27.75
N ILE C 54 4.14 18.68 -27.70
CA ILE C 54 4.95 19.50 -26.80
C ILE C 54 6.12 20.16 -27.52
N HIS C 55 6.83 19.39 -28.33
CA HIS C 55 7.94 19.94 -29.08
C HIS C 55 7.40 20.67 -30.31
N GLY C 56 6.32 20.17 -30.88
CA GLY C 56 5.89 20.64 -32.18
C GLY C 56 6.83 20.11 -33.25
N GLU C 57 7.47 18.97 -32.95
CA GLU C 57 8.31 18.28 -33.91
C GLU C 57 7.88 16.81 -33.94
N SER C 58 8.22 16.12 -35.03
CA SER C 58 7.94 14.68 -35.13
C SER C 58 9.21 13.99 -35.59
N MET C 59 9.21 12.67 -35.62
CA MET C 59 10.34 11.95 -36.15
C MET C 59 10.56 12.37 -37.60
N ASP C 60 9.47 12.53 -38.34
CA ASP C 60 9.57 12.92 -39.72
C ASP C 60 10.19 14.29 -39.88
N THR C 61 9.76 15.27 -39.10
CA THR C 61 10.29 16.61 -39.26
C THR C 61 11.73 16.70 -38.78
N ALA C 62 12.02 15.99 -37.70
CA ALA C 62 13.36 16.00 -37.14
C ALA C 62 14.36 15.46 -38.15
N PHE C 63 13.98 14.36 -38.80
CA PHE C 63 14.81 13.75 -39.81
C PHE C 63 15.15 14.70 -40.97
N ILE C 64 14.23 15.58 -41.33
CA ILE C 64 14.49 16.55 -42.38
C ILE C 64 15.31 17.74 -41.87
N VAL C 65 14.81 18.40 -40.83
CA VAL C 65 15.50 19.55 -40.26
C VAL C 65 16.94 19.17 -39.89
N GLY C 66 17.12 17.96 -39.39
CA GLY C 66 18.45 17.50 -39.03
C GLY C 66 19.43 17.55 -40.18
N GLN C 67 18.94 17.38 -41.40
CA GLN C 67 19.80 17.48 -42.58
C GLN C 67 20.19 18.91 -42.88
N TYR C 68 19.27 19.84 -42.71
CA TYR C 68 19.61 21.24 -42.83
C TYR C 68 20.76 21.55 -41.91
N LEU C 69 20.69 20.97 -40.72
CA LEU C 69 21.64 21.26 -39.66
C LEU C 69 22.99 20.65 -39.94
N ALA C 70 22.97 19.36 -40.27
CA ALA C 70 24.16 18.65 -40.67
C ALA C 70 24.93 19.41 -41.71
N LYS C 71 24.24 19.81 -42.78
CA LYS C 71 24.84 20.56 -43.88
C LYS C 71 25.68 21.71 -43.37
N GLY C 72 25.10 22.49 -42.47
CA GLY C 72 25.78 23.67 -41.96
C GLY C 72 26.97 23.33 -41.08
N LEU C 73 26.96 22.16 -40.46
CA LEU C 73 28.00 21.80 -39.52
C LEU C 73 29.20 21.20 -40.21
N ILE C 74 28.99 20.58 -41.37
CA ILE C 74 30.09 19.96 -42.09
C ILE C 74 31.18 20.99 -42.31
N GLY C 75 32.39 20.67 -41.86
CA GLY C 75 33.55 21.52 -42.03
C GLY C 75 33.91 22.35 -40.82
N THR C 76 33.06 22.35 -39.81
CA THR C 76 33.32 23.12 -38.59
C THR C 76 34.04 22.28 -37.57
N SER C 77 34.57 22.95 -36.54
CA SER C 77 35.26 22.29 -35.43
C SER C 77 34.24 21.83 -34.40
N CYS C 78 34.19 20.52 -34.15
CA CYS C 78 33.22 20.00 -33.21
C CYS C 78 33.49 20.43 -31.77
N LEU C 79 34.55 21.19 -31.55
CA LEU C 79 34.85 21.65 -30.20
C LEU C 79 34.22 23.00 -29.89
N ASP C 80 33.96 23.79 -30.94
CA ASP C 80 33.30 25.09 -30.80
C ASP C 80 31.81 24.91 -30.58
N ILE C 81 31.47 24.28 -29.46
CA ILE C 81 30.09 23.96 -29.17
C ILE C 81 29.18 25.17 -29.23
N VAL C 82 29.56 26.27 -28.61
CA VAL C 82 28.74 27.48 -28.63
C VAL C 82 28.58 28.03 -30.03
N SER C 83 29.69 28.16 -30.73
CA SER C 83 29.66 28.65 -32.10
C SER C 83 28.73 27.80 -32.97
N ASN C 84 28.83 26.49 -32.84
CA ASN C 84 27.98 25.60 -33.64
C ASN C 84 26.50 25.64 -33.28
N SER C 85 26.21 25.82 -32.01
CA SER C 85 24.84 25.92 -31.55
C SER C 85 24.22 27.20 -32.14
N LEU C 86 25.02 28.25 -32.26
CA LEU C 86 24.55 29.50 -32.86
C LEU C 86 24.34 29.32 -34.34
N LEU C 87 25.25 28.59 -34.96
CA LEU C 87 25.14 28.25 -36.36
C LEU C 87 23.82 27.57 -36.67
N MET C 88 23.49 26.58 -35.88
CA MET C 88 22.21 25.91 -36.04
C MET C 88 21.05 26.87 -35.90
N ASP C 89 21.08 27.70 -34.88
CA ASP C 89 20.03 28.66 -34.65
C ASP C 89 19.88 29.59 -35.85
N ALA C 90 21.00 29.93 -36.47
CA ALA C 90 20.94 30.80 -37.63
C ALA C 90 20.35 30.08 -38.84
N ILE C 91 20.42 28.74 -38.86
CA ILE C 91 19.82 27.97 -39.94
C ILE C 91 18.28 27.85 -39.81
N ILE C 92 17.80 27.59 -38.60
CA ILE C 92 16.36 27.51 -38.39
C ILE C 92 16.00 27.85 -36.95
N TYR C 93 14.90 28.55 -36.77
CA TYR C 93 14.40 28.86 -35.43
C TYR C 93 13.74 27.64 -34.79
N GLY C 94 13.68 27.62 -33.46
CA GLY C 94 13.07 26.53 -32.73
C GLY C 94 13.70 25.20 -33.01
N ASN C 95 12.87 24.18 -33.18
CA ASN C 95 13.37 22.83 -33.45
C ASN C 95 14.42 22.37 -32.45
N SER C 96 14.18 22.68 -31.18
CA SER C 96 15.11 22.37 -30.11
C SER C 96 15.34 20.86 -30.01
N CYS C 97 14.28 20.09 -30.18
CA CYS C 97 14.42 18.65 -30.04
C CYS C 97 15.56 18.15 -30.94
N ILE C 98 15.46 18.39 -32.23
CA ILE C 98 16.50 17.87 -33.11
C ILE C 98 17.84 18.53 -32.81
N LYS C 99 17.83 19.83 -32.57
CA LYS C 99 19.05 20.51 -32.23
C LYS C 99 19.75 19.84 -31.03
N SER C 100 18.96 19.39 -30.05
CA SER C 100 19.54 18.81 -28.85
C SER C 100 20.38 17.61 -29.19
N ALA C 101 19.91 16.80 -30.13
CA ALA C 101 20.66 15.61 -30.52
C ALA C 101 22.01 16.02 -31.09
N PHE C 102 22.04 17.01 -31.97
CA PHE C 102 23.32 17.50 -32.44
C PHE C 102 24.17 17.98 -31.27
N ASN C 103 23.55 18.76 -30.37
CA ASN C 103 24.30 19.34 -29.28
C ASN C 103 24.93 18.25 -28.42
N ILE C 104 24.11 17.29 -28.02
CA ILE C 104 24.58 16.18 -27.24
C ILE C 104 25.79 15.54 -27.92
N ALA C 105 25.66 15.22 -29.20
CA ALA C 105 26.76 14.56 -29.90
C ALA C 105 28.01 15.41 -29.92
N LEU C 106 27.85 16.71 -30.06
CA LEU C 106 29.01 17.57 -30.01
C LEU C 106 29.72 17.42 -28.66
N TYR C 107 28.94 17.43 -27.57
CA TYR C 107 29.53 17.30 -26.25
C TYR C 107 30.21 15.96 -26.13
N ASP C 108 29.61 14.94 -26.69
CA ASP C 108 30.22 13.62 -26.72
C ASP C 108 31.63 13.75 -27.27
N LEU C 109 31.76 14.37 -28.44
CA LEU C 109 33.06 14.52 -29.07
C LEU C 109 33.98 15.32 -28.17
N ALA C 110 33.45 16.38 -27.58
CA ALA C 110 34.27 17.24 -26.74
C ALA C 110 34.82 16.46 -25.55
N ALA C 111 33.93 15.77 -24.85
CA ALA C 111 34.36 14.94 -23.74
C ALA C 111 35.40 13.93 -24.18
N GLN C 112 35.14 13.22 -25.28
CA GLN C 112 36.10 12.27 -25.81
C GLN C 112 37.47 12.90 -25.96
N HIS C 113 37.50 14.13 -26.48
CA HIS C 113 38.76 14.80 -26.79
C HIS C 113 39.54 15.08 -25.51
N ALA C 114 38.82 15.35 -24.44
CA ALA C 114 39.41 15.73 -23.18
C ALA C 114 39.69 14.49 -22.35
N GLY C 115 39.24 13.36 -22.83
CA GLY C 115 39.54 12.10 -22.18
C GLY C 115 38.81 11.96 -20.87
N LEU C 116 37.65 12.62 -20.77
CA LEU C 116 36.79 12.53 -19.59
C LEU C 116 35.39 12.03 -19.97
N PRO C 117 34.69 11.40 -19.00
CA PRO C 117 33.27 11.13 -19.18
C PRO C 117 32.50 12.45 -19.18
N LEU C 118 31.34 12.49 -19.80
CA LEU C 118 30.62 13.74 -19.97
C LEU C 118 30.46 14.48 -18.67
N TYR C 119 29.95 13.78 -17.65
CA TYR C 119 29.69 14.42 -16.36
C TYR C 119 30.91 15.18 -15.79
N ALA C 120 32.09 14.58 -15.89
CA ALA C 120 33.30 15.25 -15.46
C ALA C 120 33.70 16.38 -16.41
N PHE C 121 33.43 16.21 -17.69
CA PHE C 121 33.80 17.25 -18.65
C PHE C 121 32.96 18.49 -18.36
N LEU C 122 31.76 18.27 -17.81
CA LEU C 122 30.85 19.36 -17.47
C LEU C 122 31.12 19.94 -16.08
N GLY C 123 32.11 19.39 -15.39
CA GLY C 123 32.48 19.84 -14.04
C GLY C 123 31.66 19.23 -12.91
N GLY C 124 31.05 18.07 -13.17
CA GLY C 124 30.23 17.41 -12.18
C GLY C 124 31.07 16.37 -11.47
N LYS C 125 30.46 15.66 -10.53
CA LYS C 125 31.16 14.62 -9.78
C LYS C 125 30.12 13.67 -9.21
N LYS C 126 30.51 12.43 -8.98
CA LYS C 126 29.57 11.44 -8.50
C LYS C 126 29.40 11.50 -6.99
N ASP C 127 28.69 12.52 -6.51
CA ASP C 127 28.52 12.74 -5.09
C ASP C 127 27.07 12.57 -4.60
N LYS C 128 26.26 11.84 -5.35
CA LYS C 128 24.89 11.59 -4.93
C LYS C 128 24.32 10.40 -5.66
N ILE C 129 23.29 9.78 -5.11
CA ILE C 129 22.68 8.65 -5.78
C ILE C 129 21.55 9.10 -6.70
N ILE C 130 21.59 8.61 -7.94
CA ILE C 130 20.53 8.93 -8.86
C ILE C 130 19.47 7.84 -8.80
N GLN C 131 18.26 8.23 -8.41
CA GLN C 131 17.17 7.28 -8.34
C GLN C 131 15.95 7.74 -9.18
N THR C 132 15.53 6.88 -10.08
CA THR C 132 14.45 7.21 -10.96
C THR C 132 13.13 6.78 -10.37
N ASP C 133 12.08 7.46 -10.77
CA ASP C 133 10.73 7.07 -10.47
C ASP C 133 10.30 6.17 -11.60
N TYR C 134 9.03 5.78 -11.60
CA TYR C 134 8.49 5.02 -12.71
C TYR C 134 7.05 5.50 -12.85
N THR C 135 6.53 5.46 -14.06
CA THR C 135 5.35 6.24 -14.40
C THR C 135 4.10 5.41 -14.62
N VAL C 136 3.05 5.74 -13.89
CA VAL C 136 1.77 5.10 -14.12
C VAL C 136 1.00 5.90 -15.16
N SER C 137 0.65 5.25 -16.25
CA SER C 137 -0.11 5.91 -17.30
C SER C 137 -1.49 6.29 -16.82
N ILE C 138 -2.04 7.36 -17.37
CA ILE C 138 -3.38 7.80 -17.02
C ILE C 138 -4.41 6.85 -17.63
N ASP C 139 -5.20 6.22 -16.77
CA ASP C 139 -6.16 5.23 -17.22
C ASP C 139 -7.31 5.19 -16.22
N GLU C 140 -8.20 4.21 -16.39
CA GLU C 140 -9.24 3.93 -15.42
C GLU C 140 -8.60 3.62 -14.06
N PRO C 141 -9.17 4.14 -12.97
CA PRO C 141 -8.50 4.12 -11.66
C PRO C 141 -8.06 2.74 -11.16
N HIS C 142 -8.86 1.71 -11.43
CA HIS C 142 -8.48 0.36 -11.01
C HIS C 142 -7.21 -0.11 -11.71
N LYS C 143 -7.16 0.07 -13.02
CA LYS C 143 -5.95 -0.17 -13.81
C LYS C 143 -4.75 0.56 -13.21
N MET C 144 -4.93 1.84 -12.90
CA MET C 144 -3.82 2.64 -12.37
C MET C 144 -3.32 2.13 -11.04
N ALA C 145 -4.23 1.71 -10.17
CA ALA C 145 -3.82 1.19 -8.87
C ALA C 145 -3.05 -0.11 -9.07
N ALA C 146 -3.52 -0.95 -9.98
CA ALA C 146 -2.86 -2.21 -10.29
C ALA C 146 -1.41 -2.01 -10.73
N ASP C 147 -1.21 -1.08 -11.67
CA ASP C 147 0.13 -0.73 -12.13
C ASP C 147 1.00 -0.23 -10.99
N ALA C 148 0.44 0.64 -10.15
CA ALA C 148 1.19 1.21 -9.04
C ALA C 148 1.71 0.08 -8.18
N VAL C 149 0.89 -0.94 -8.02
CA VAL C 149 1.26 -2.11 -7.23
C VAL C 149 2.45 -2.85 -7.86
N GLN C 150 2.26 -3.29 -9.09
CA GLN C 150 3.32 -3.94 -9.85
C GLN C 150 4.63 -3.16 -9.72
N ILE C 151 4.54 -1.83 -9.83
CA ILE C 151 5.72 -0.99 -9.78
C ILE C 151 6.40 -1.10 -8.43
N LYS C 152 5.59 -1.07 -7.38
CA LYS C 152 6.11 -1.17 -6.02
C LYS C 152 6.77 -2.54 -5.82
N LYS C 153 6.12 -3.57 -6.33
CA LYS C 153 6.62 -4.92 -6.30
C LYS C 153 7.97 -5.05 -7.00
N ASN C 154 8.09 -4.45 -8.18
CA ASN C 154 9.35 -4.46 -8.92
C ASN C 154 10.44 -3.66 -8.19
N GLY C 155 10.09 -3.02 -7.08
CA GLY C 155 11.10 -2.43 -6.23
C GLY C 155 11.32 -0.94 -6.36
N PHE C 156 10.57 -0.29 -7.24
CA PHE C 156 10.71 1.16 -7.38
C PHE C 156 10.20 1.89 -6.14
N GLU C 157 10.96 2.88 -5.67
CA GLU C 157 10.61 3.58 -4.45
C GLU C 157 9.89 4.93 -4.68
N ILE C 158 9.78 5.33 -5.95
CA ILE C 158 9.13 6.58 -6.32
C ILE C 158 8.19 6.36 -7.49
N ILE C 159 6.93 6.74 -7.34
CA ILE C 159 5.99 6.58 -8.44
C ILE C 159 5.58 7.93 -9.00
N LYS C 160 5.51 8.04 -10.32
CA LYS C 160 5.04 9.26 -10.96
C LYS C 160 3.69 8.99 -11.63
N VAL C 161 2.65 9.69 -11.18
CA VAL C 161 1.30 9.44 -11.68
C VAL C 161 0.78 10.48 -12.66
N LYS C 162 0.31 10.00 -13.80
CA LYS C 162 -0.22 10.89 -14.80
C LYS C 162 -1.66 11.24 -14.53
N VAL C 163 -1.88 12.47 -14.07
CA VAL C 163 -3.23 13.01 -13.91
C VAL C 163 -3.55 14.02 -15.02
N GLY C 164 -4.69 14.67 -14.91
CA GLY C 164 -5.10 15.67 -15.87
C GLY C 164 -6.53 15.50 -16.37
N GLY C 165 -7.27 14.60 -15.74
CA GLY C 165 -8.66 14.42 -16.07
C GLY C 165 -9.56 15.36 -15.27
N SER C 166 -10.81 14.99 -15.12
CA SER C 166 -11.72 15.76 -14.27
C SER C 166 -11.27 15.71 -12.81
N LYS C 167 -11.58 16.74 -12.04
CA LYS C 167 -11.19 16.80 -10.64
C LYS C 167 -11.63 15.54 -9.87
N GLU C 168 -12.87 15.15 -10.11
CA GLU C 168 -13.47 13.97 -9.50
C GLU C 168 -12.56 12.77 -9.72
N LEU C 169 -12.33 12.46 -10.99
CA LEU C 169 -11.60 11.27 -11.42
C LEU C 169 -10.14 11.22 -10.95
N ASP C 170 -9.45 12.36 -10.99
CA ASP C 170 -8.04 12.39 -10.59
C ASP C 170 -7.88 12.09 -9.11
N VAL C 171 -8.87 12.49 -8.33
CA VAL C 171 -8.80 12.26 -6.90
C VAL C 171 -9.07 10.79 -6.60
N GLU C 172 -10.06 10.23 -7.28
CA GLU C 172 -10.33 8.80 -7.17
C GLU C 172 -9.08 8.01 -7.54
N ARG C 173 -8.39 8.47 -8.59
CA ARG C 173 -7.13 7.89 -9.03
C ARG C 173 -6.07 7.89 -7.91
N ILE C 174 -5.72 9.06 -7.39
CA ILE C 174 -4.69 9.14 -6.36
C ILE C 174 -5.07 8.35 -5.10
N ARG C 175 -6.34 8.41 -4.71
CA ARG C 175 -6.80 7.68 -3.54
C ARG C 175 -6.66 6.17 -3.72
N MET C 176 -7.27 5.63 -4.77
CA MET C 176 -7.18 4.22 -5.06
C MET C 176 -5.74 3.74 -5.05
N ILE C 177 -4.83 4.56 -5.57
CA ILE C 177 -3.41 4.23 -5.60
C ILE C 177 -2.82 4.26 -4.20
N ARG C 178 -3.08 5.35 -3.48
CA ARG C 178 -2.55 5.52 -2.13
C ARG C 178 -3.01 4.37 -1.22
N GLU C 179 -4.27 3.96 -1.36
CA GLU C 179 -4.83 2.92 -0.51
C GLU C 179 -4.51 1.53 -1.01
N ALA C 180 -4.00 1.44 -2.24
CA ALA C 180 -3.61 0.14 -2.79
C ALA C 180 -2.10 -0.06 -2.86
N ALA C 181 -1.32 0.88 -2.33
CA ALA C 181 0.14 0.79 -2.46
C ALA C 181 0.90 1.35 -1.27
N GLY C 182 0.24 2.14 -0.44
CA GLY C 182 0.89 2.61 0.77
C GLY C 182 1.06 4.10 0.88
N ASP C 183 1.51 4.54 2.04
CA ASP C 183 1.60 5.96 2.33
C ASP C 183 3.05 6.32 2.52
N SER C 184 3.92 5.32 2.49
CA SER C 184 5.34 5.52 2.73
C SER C 184 6.07 5.74 1.41
N ILE C 185 5.65 5.00 0.40
CA ILE C 185 6.21 5.16 -0.94
C ILE C 185 5.97 6.59 -1.43
N THR C 186 7.04 7.30 -1.78
CA THR C 186 6.92 8.67 -2.24
C THR C 186 6.30 8.73 -3.63
N LEU C 187 5.31 9.61 -3.82
CA LEU C 187 4.71 9.78 -5.15
C LEU C 187 4.52 11.23 -5.64
N ARG C 188 4.75 11.41 -6.94
CA ARG C 188 4.70 12.72 -7.60
C ARG C 188 3.71 12.65 -8.77
N ILE C 189 3.09 13.78 -9.10
CA ILE C 189 2.06 13.76 -10.13
C ILE C 189 2.34 14.74 -11.27
N ASP C 190 1.73 14.48 -12.42
CA ASP C 190 1.98 15.24 -13.64
C ASP C 190 0.71 15.34 -14.45
N ALA C 191 0.25 16.57 -14.68
CA ALA C 191 -1.04 16.81 -15.35
C ALA C 191 -0.86 17.05 -16.84
N ASN C 192 0.36 17.37 -17.25
CA ASN C 192 0.60 17.70 -18.63
C ASN C 192 -0.40 18.70 -19.17
N GLN C 193 -0.55 19.83 -18.45
CA GLN C 193 -1.41 20.94 -18.85
C GLN C 193 -2.90 20.60 -18.84
N GLY C 194 -3.27 19.57 -18.10
CA GLY C 194 -4.61 19.00 -18.20
C GLY C 194 -5.75 19.79 -17.62
N TRP C 195 -5.48 20.50 -16.53
CA TRP C 195 -6.53 21.23 -15.80
C TRP C 195 -6.64 22.70 -16.20
N SER C 196 -7.81 23.27 -15.96
CA SER C 196 -7.98 24.73 -16.00
C SER C 196 -7.41 25.27 -14.71
N VAL C 197 -7.14 26.58 -14.64
CA VAL C 197 -6.56 27.16 -13.42
C VAL C 197 -7.44 26.87 -12.21
N GLU C 198 -8.75 26.90 -12.47
CA GLU C 198 -9.83 26.62 -11.56
C GLU C 198 -9.76 25.17 -11.04
N THR C 199 -9.90 24.22 -11.97
CA THR C 199 -9.84 22.79 -11.68
C THR C 199 -8.54 22.40 -11.02
N ALA C 200 -7.48 23.09 -11.37
CA ALA C 200 -6.18 22.81 -10.79
C ALA C 200 -6.23 23.04 -9.30
N ILE C 201 -6.53 24.27 -8.91
CA ILE C 201 -6.53 24.64 -7.52
C ILE C 201 -7.43 23.76 -6.66
N GLU C 202 -8.60 23.41 -7.20
CA GLU C 202 -9.53 22.55 -6.48
C GLU C 202 -9.02 21.12 -6.30
N THR C 203 -8.47 20.56 -7.36
CA THR C 203 -7.95 19.20 -7.31
C THR C 203 -6.68 19.13 -6.46
N LEU C 204 -5.87 20.18 -6.50
CA LEU C 204 -4.62 20.18 -5.76
C LEU C 204 -4.81 20.28 -4.25
N THR C 205 -5.86 20.97 -3.81
CA THR C 205 -6.15 21.00 -2.39
C THR C 205 -6.85 19.71 -1.98
N LEU C 206 -7.74 19.21 -2.84
CA LEU C 206 -8.38 17.91 -2.62
C LEU C 206 -7.40 16.73 -2.59
N LEU C 207 -6.16 16.96 -3.04
CA LEU C 207 -5.16 15.90 -3.11
C LEU C 207 -4.12 16.01 -2.00
N GLU C 208 -4.01 17.18 -1.39
CA GLU C 208 -2.98 17.43 -0.39
C GLU C 208 -2.91 16.37 0.69
N PRO C 209 -4.08 15.91 1.18
CA PRO C 209 -4.12 14.88 2.22
C PRO C 209 -3.30 13.64 1.83
N TYR C 210 -3.24 13.33 0.54
CA TYR C 210 -2.56 12.12 0.08
C TYR C 210 -1.04 12.25 0.02
N ASN C 211 -0.51 13.38 0.51
CA ASN C 211 0.93 13.59 0.64
C ASN C 211 1.70 13.38 -0.66
N ILE C 212 1.55 14.31 -1.60
CA ILE C 212 2.22 14.16 -2.88
C ILE C 212 3.38 15.15 -3.01
N GLN C 213 4.47 14.70 -3.65
CA GLN C 213 5.77 15.37 -3.56
C GLN C 213 5.84 16.68 -4.34
N HIS C 214 5.30 16.65 -5.56
CA HIS C 214 5.14 17.83 -6.38
C HIS C 214 4.27 17.51 -7.58
N CYS C 215 3.73 18.54 -8.20
CA CYS C 215 2.88 18.38 -9.37
C CYS C 215 3.50 19.12 -10.55
N GLU C 216 3.72 18.39 -11.65
CA GLU C 216 4.27 18.96 -12.86
C GLU C 216 3.16 19.58 -13.70
N GLU C 217 3.39 20.81 -14.15
CA GLU C 217 2.58 21.44 -15.19
C GLU C 217 1.09 21.17 -15.04
N PRO C 218 0.45 21.87 -14.10
CA PRO C 218 -0.97 21.66 -13.84
C PRO C 218 -1.89 22.27 -14.90
N VAL C 219 -1.46 23.36 -15.50
CA VAL C 219 -2.29 24.03 -16.48
C VAL C 219 -1.55 24.29 -17.80
N SER C 220 -2.29 24.78 -18.78
CA SER C 220 -1.75 25.19 -20.06
C SER C 220 -0.46 26.03 -19.94
N ARG C 221 0.53 25.67 -20.75
CA ARG C 221 1.77 26.42 -20.80
C ARG C 221 1.52 27.87 -21.19
N ASN C 222 0.40 28.10 -21.87
CA ASN C 222 -0.01 29.45 -22.25
C ASN C 222 -0.45 30.31 -21.07
N LEU C 223 -0.84 29.68 -19.97
CA LEU C 223 -1.35 30.40 -18.81
C LEU C 223 -0.36 30.37 -17.69
N TYR C 224 0.93 30.43 -18.01
CA TYR C 224 1.97 30.35 -16.99
C TYR C 224 1.85 31.51 -16.01
N THR C 225 1.19 32.57 -16.43
CA THR C 225 1.06 33.75 -15.60
C THR C 225 0.12 33.50 -14.43
N ALA C 226 -0.70 32.46 -14.56
CA ALA C 226 -1.61 32.04 -13.49
C ALA C 226 -0.92 31.08 -12.53
N LEU C 227 0.31 30.69 -12.84
CA LEU C 227 1.05 29.80 -11.94
C LEU C 227 1.26 30.39 -10.54
N PRO C 228 1.73 31.65 -10.46
CA PRO C 228 1.96 32.21 -9.12
C PRO C 228 0.72 32.12 -8.22
N LYS C 229 -0.45 32.39 -8.79
CA LYS C 229 -1.71 32.29 -8.05
C LYS C 229 -1.94 30.86 -7.55
N ILE C 230 -1.61 29.86 -8.38
CA ILE C 230 -1.81 28.46 -8.00
C ILE C 230 -0.79 28.05 -6.95
N ARG C 231 0.43 28.51 -7.11
CA ARG C 231 1.51 28.20 -6.17
C ARG C 231 1.14 28.62 -4.75
N GLN C 232 0.47 29.76 -4.63
CA GLN C 232 0.13 30.31 -3.33
C GLN C 232 -1.11 29.68 -2.73
N ALA C 233 -2.07 29.32 -3.57
CA ALA C 233 -3.29 28.69 -3.11
C ALA C 233 -3.11 27.22 -2.73
N CYS C 234 -2.01 26.62 -3.19
CA CYS C 234 -1.82 25.17 -3.03
C CYS C 234 -0.56 24.79 -2.28
N ARG C 235 -0.69 23.75 -1.46
CA ARG C 235 0.38 23.38 -0.54
C ARG C 235 1.38 22.54 -1.29
N ILE C 236 0.85 21.55 -2.01
CA ILE C 236 1.64 20.70 -2.90
C ILE C 236 2.48 21.56 -3.82
N PRO C 237 3.79 21.36 -3.82
CA PRO C 237 4.67 22.21 -4.66
C PRO C 237 4.40 21.94 -6.15
N ILE C 238 4.54 22.98 -6.98
CA ILE C 238 4.29 22.78 -8.41
C ILE C 238 5.56 22.95 -9.21
N MET C 239 5.74 22.05 -10.16
CA MET C 239 6.95 21.98 -10.99
C MET C 239 6.61 22.30 -12.44
N ALA C 240 7.30 23.30 -12.98
CA ALA C 240 7.12 23.70 -14.38
C ALA C 240 7.82 22.76 -15.36
N ASP C 241 7.07 22.17 -16.28
CA ASP C 241 7.68 21.36 -17.31
C ASP C 241 7.57 22.04 -18.68
N GLU C 242 6.46 21.81 -19.37
CA GLU C 242 6.27 22.46 -20.65
C GLU C 242 6.44 23.96 -20.56
N SER C 243 6.21 24.54 -19.37
CA SER C 243 6.27 25.99 -19.20
C SER C 243 7.69 26.47 -19.05
N CYS C 244 8.62 25.55 -18.84
CA CYS C 244 10.04 25.88 -18.71
C CYS C 244 10.88 25.10 -19.70
N CYS C 245 11.17 25.73 -20.85
CA CYS C 245 11.90 25.06 -21.92
C CYS C 245 13.34 25.49 -21.99
N ASN C 246 13.57 26.79 -22.13
CA ASN C 246 14.93 27.31 -22.19
C ASN C 246 15.21 28.24 -21.02
N SER C 247 16.40 28.83 -21.00
CA SER C 247 16.82 29.67 -19.91
C SER C 247 15.95 30.92 -19.76
N PHE C 248 15.52 31.50 -20.87
CA PHE C 248 14.67 32.69 -20.82
C PHE C 248 13.38 32.37 -20.10
N ASP C 249 12.75 31.27 -20.49
CA ASP C 249 11.57 30.80 -19.80
C ASP C 249 11.82 30.67 -18.29
N ALA C 250 12.99 30.16 -17.93
CA ALA C 250 13.30 29.92 -16.52
C ALA C 250 13.35 31.24 -15.76
N GLU C 251 14.08 32.20 -16.29
CA GLU C 251 14.21 33.51 -15.68
C GLU C 251 12.85 34.14 -15.49
N ARG C 252 12.01 34.04 -16.51
CA ARG C 252 10.70 34.66 -16.47
C ARG C 252 9.82 34.02 -15.39
N LEU C 253 9.91 32.71 -15.26
CA LEU C 253 9.13 32.00 -14.24
C LEU C 253 9.56 32.38 -12.82
N ILE C 254 10.87 32.51 -12.64
CA ILE C 254 11.47 32.92 -11.38
C ILE C 254 11.03 34.32 -11.01
N GLN C 255 11.13 35.22 -11.98
CA GLN C 255 10.77 36.61 -11.82
C GLN C 255 9.38 36.83 -11.20
N ILE C 256 8.40 36.04 -11.61
CA ILE C 256 7.04 36.18 -11.14
C ILE C 256 6.68 35.12 -10.09
N GLN C 257 7.73 34.46 -9.58
CA GLN C 257 7.59 33.38 -8.63
C GLN C 257 6.48 32.39 -9.00
N ALA C 258 6.59 31.77 -10.18
CA ALA C 258 5.50 30.97 -10.73
C ALA C 258 5.42 29.58 -10.14
N CYS C 259 6.55 29.09 -9.63
CA CYS C 259 6.61 27.68 -9.28
C CYS C 259 7.75 27.38 -8.32
N ASP C 260 7.69 26.17 -7.77
CA ASP C 260 8.62 25.76 -6.73
C ASP C 260 9.85 25.08 -7.32
N SER C 261 9.65 24.36 -8.43
CA SER C 261 10.74 23.63 -9.06
C SER C 261 10.57 23.47 -10.57
N PHE C 262 11.67 23.11 -11.23
CA PHE C 262 11.70 22.88 -12.67
C PHE C 262 11.80 21.41 -13.03
N ASN C 263 11.26 21.05 -14.19
CA ASN C 263 11.61 19.78 -14.82
C ASN C 263 12.49 20.05 -16.05
N LEU C 264 13.78 19.79 -15.91
CA LEU C 264 14.77 20.06 -16.95
C LEU C 264 14.88 18.90 -17.94
N LYS C 265 14.76 19.22 -19.23
CA LYS C 265 14.88 18.21 -20.29
C LYS C 265 15.76 18.75 -21.41
N LEU C 266 16.74 17.97 -21.85
CA LEU C 266 17.67 18.45 -22.89
C LEU C 266 16.98 18.84 -24.22
N SER C 267 15.96 18.09 -24.62
CA SER C 267 15.15 18.45 -25.80
C SER C 267 14.59 19.85 -25.75
N LYS C 268 14.09 20.28 -24.59
CA LYS C 268 13.43 21.59 -24.49
C LYS C 268 14.43 22.73 -24.55
N SER C 269 15.62 22.50 -24.02
CA SER C 269 16.66 23.53 -23.98
C SER C 269 17.58 23.50 -25.19
N ALA C 270 17.30 22.59 -26.14
CA ALA C 270 18.07 22.45 -27.38
C ALA C 270 19.49 21.92 -27.14
N GLY C 271 19.66 21.23 -26.03
CA GLY C 271 20.94 20.66 -25.72
C GLY C 271 21.43 20.91 -24.31
N ILE C 272 22.66 20.50 -24.06
CA ILE C 272 23.29 20.67 -22.79
C ILE C 272 23.67 22.13 -22.55
N THR C 273 24.25 22.79 -23.55
CA THR C 273 24.67 24.18 -23.39
C THR C 273 23.67 25.06 -22.63
N ASN C 274 22.44 25.12 -23.08
CA ASN C 274 21.47 25.98 -22.43
C ASN C 274 20.88 25.34 -21.18
N ALA C 275 20.89 24.02 -21.10
CA ALA C 275 20.43 23.34 -19.89
C ALA C 275 21.27 23.81 -18.72
N LEU C 276 22.56 24.02 -18.95
CA LEU C 276 23.46 24.48 -17.91
C LEU C 276 22.98 25.82 -17.37
N ASN C 277 22.54 26.70 -18.27
CA ASN C 277 22.02 28.01 -17.85
C ASN C 277 20.79 27.90 -16.96
N ILE C 278 19.85 27.05 -17.36
CA ILE C 278 18.68 26.81 -16.53
C ILE C 278 19.09 26.31 -15.15
N ILE C 279 20.07 25.42 -15.11
CA ILE C 279 20.56 24.89 -13.84
C ILE C 279 21.14 26.00 -12.95
N ARG C 280 21.99 26.84 -13.53
CA ARG C 280 22.54 27.97 -12.81
C ARG C 280 21.44 28.80 -12.16
N LEU C 281 20.45 29.20 -12.94
CA LEU C 281 19.35 30.00 -12.44
C LEU C 281 18.64 29.32 -11.29
N ALA C 282 18.34 28.03 -11.45
CA ALA C 282 17.71 27.26 -10.39
C ALA C 282 18.55 27.26 -9.10
N GLU C 283 19.87 27.23 -9.26
CA GLU C 283 20.78 27.32 -8.12
C GLU C 283 20.60 28.67 -7.42
N GLN C 284 20.78 29.75 -8.17
CA GLN C 284 20.71 31.08 -7.60
C GLN C 284 19.36 31.36 -6.93
N ALA C 285 18.35 30.59 -7.30
CA ALA C 285 17.03 30.77 -6.72
C ALA C 285 16.64 29.61 -5.81
N HIS C 286 17.63 28.80 -5.45
CA HIS C 286 17.44 27.71 -4.49
C HIS C 286 16.21 26.85 -4.86
N MET C 287 16.14 26.49 -6.13
CA MET C 287 15.01 25.74 -6.64
C MET C 287 15.45 24.34 -6.98
N PRO C 288 14.82 23.34 -6.37
CA PRO C 288 15.10 21.96 -6.77
C PRO C 288 14.80 21.74 -8.27
N VAL C 289 15.64 20.93 -8.92
CA VAL C 289 15.45 20.56 -10.31
C VAL C 289 15.26 19.07 -10.43
N GLN C 290 14.25 18.66 -11.20
CA GLN C 290 14.12 17.28 -11.63
C GLN C 290 14.63 17.19 -13.07
N VAL C 291 15.52 16.23 -13.35
CA VAL C 291 15.90 15.97 -14.72
C VAL C 291 15.03 14.87 -15.31
N GLY C 292 14.44 15.13 -16.48
CA GLY C 292 13.62 14.14 -17.15
C GLY C 292 13.86 14.03 -18.65
N GLY C 293 12.82 13.62 -19.37
CA GLY C 293 12.88 13.48 -20.81
C GLY C 293 11.60 13.00 -21.45
N PHE C 294 11.72 12.42 -22.64
CA PHE C 294 10.52 11.98 -23.34
C PHE C 294 10.62 10.50 -23.55
N LEU C 295 10.74 10.05 -24.78
CA LEU C 295 10.84 8.61 -24.99
C LEU C 295 12.19 8.24 -25.53
N GLU C 296 13.21 8.96 -25.10
CA GLU C 296 14.57 8.65 -25.52
C GLU C 296 14.92 7.25 -25.03
N SER C 297 15.81 6.56 -25.76
CA SER C 297 16.38 5.30 -25.30
C SER C 297 17.37 5.60 -24.20
N ARG C 298 18.04 4.57 -23.68
CA ARG C 298 19.07 4.78 -22.69
C ARG C 298 20.19 5.72 -23.16
N LEU C 299 20.36 5.91 -24.46
CA LEU C 299 21.43 6.78 -24.92
C LEU C 299 21.11 8.22 -24.56
N GLY C 300 19.86 8.62 -24.83
CA GLY C 300 19.39 9.96 -24.54
C GLY C 300 19.43 10.21 -23.05
N PHE C 301 18.90 9.25 -22.30
CA PHE C 301 18.88 9.41 -20.85
C PHE C 301 20.28 9.32 -20.24
N THR C 302 21.23 8.75 -20.96
CA THR C 302 22.59 8.73 -20.48
C THR C 302 23.13 10.15 -20.46
N ALA C 303 22.79 10.92 -21.49
CA ALA C 303 23.15 12.33 -21.54
C ALA C 303 22.49 13.09 -20.39
N ALA C 304 21.20 12.84 -20.19
CA ALA C 304 20.49 13.42 -19.07
C ALA C 304 21.19 13.08 -17.74
N ALA C 305 21.55 11.81 -17.56
CA ALA C 305 22.17 11.39 -16.33
C ALA C 305 23.52 12.05 -16.11
N HIS C 306 24.28 12.25 -17.17
CA HIS C 306 25.54 12.96 -17.03
C HIS C 306 25.29 14.38 -16.54
N VAL C 307 24.27 15.02 -17.07
CA VAL C 307 24.02 16.41 -16.74
C VAL C 307 23.52 16.49 -15.32
N ALA C 308 22.76 15.47 -14.91
CA ALA C 308 22.22 15.39 -13.56
C ALA C 308 23.28 15.48 -12.45
N LEU C 309 24.53 15.15 -12.77
CA LEU C 309 25.60 15.14 -11.77
C LEU C 309 26.33 16.46 -11.73
N VAL C 310 25.75 17.48 -12.34
CA VAL C 310 26.46 18.75 -12.52
C VAL C 310 26.25 19.72 -11.36
N SER C 311 25.15 19.54 -10.62
CA SER C 311 24.78 20.47 -9.56
C SER C 311 23.95 19.81 -8.48
N LYS C 312 24.16 20.23 -7.23
CA LYS C 312 23.48 19.62 -6.10
C LYS C 312 22.02 20.06 -6.02
N THR C 313 21.66 21.03 -6.85
CA THR C 313 20.29 21.52 -6.87
C THR C 313 19.40 20.57 -7.64
N ILE C 314 20.01 19.71 -8.46
CA ILE C 314 19.27 18.66 -9.14
C ILE C 314 19.14 17.48 -8.18
N CYS C 315 17.91 17.03 -7.93
CA CYS C 315 17.70 16.03 -6.89
C CYS C 315 16.52 15.08 -7.13
N TYR C 316 15.81 15.27 -8.23
CA TYR C 316 14.77 14.30 -8.61
C TYR C 316 15.09 13.81 -10.02
N TYR C 317 14.71 12.57 -10.34
CA TYR C 317 15.07 11.99 -11.62
C TYR C 317 13.92 11.18 -12.21
N ASP C 318 13.60 11.44 -13.47
CA ASP C 318 12.54 10.73 -14.19
C ASP C 318 13.14 10.09 -15.45
N PHE C 319 13.71 8.90 -15.33
CA PHE C 319 14.42 8.27 -16.43
C PHE C 319 13.80 6.92 -16.79
N ASP C 320 12.49 6.79 -16.70
CA ASP C 320 11.90 5.47 -16.76
C ASP C 320 11.62 4.89 -18.16
N THR C 321 11.29 5.74 -19.12
CA THR C 321 10.71 5.28 -20.37
C THR C 321 11.53 4.20 -21.09
N PRO C 322 12.86 4.24 -20.99
CA PRO C 322 13.63 3.17 -21.65
C PRO C 322 13.20 1.79 -21.20
N LEU C 323 12.81 1.65 -19.93
CA LEU C 323 12.36 0.37 -19.41
C LEU C 323 11.03 -0.08 -20.02
N MET C 324 10.39 0.81 -20.76
CA MET C 324 9.13 0.49 -21.42
C MET C 324 9.30 -0.04 -22.83
N PHE C 325 10.53 -0.05 -23.31
CA PHE C 325 10.85 -0.52 -24.66
C PHE C 325 10.67 -2.04 -24.80
N GLU C 326 10.21 -2.49 -25.94
CA GLU C 326 10.18 -3.92 -26.20
C GLU C 326 11.58 -4.48 -26.31
N ALA C 327 12.53 -3.63 -26.69
CA ALA C 327 13.91 -4.07 -26.91
C ALA C 327 14.92 -2.92 -26.75
N ASP C 328 16.05 -3.21 -26.12
CA ASP C 328 17.07 -2.20 -25.80
C ASP C 328 18.21 -2.21 -26.82
N PRO C 329 18.24 -1.21 -27.70
CA PRO C 329 19.22 -1.19 -28.79
C PRO C 329 20.48 -0.46 -28.39
N VAL C 330 20.56 0.00 -27.16
CA VAL C 330 21.73 0.76 -26.73
C VAL C 330 22.86 -0.16 -26.28
N ARG C 331 24.08 0.26 -26.62
CA ARG C 331 25.31 -0.40 -26.17
C ARG C 331 25.96 0.52 -25.15
N GLY C 332 26.27 -0.01 -23.96
CA GLY C 332 26.80 0.79 -22.88
C GLY C 332 25.77 1.67 -22.22
N GLY C 333 26.18 2.88 -21.85
CA GLY C 333 25.27 3.84 -21.25
C GLY C 333 24.85 3.49 -19.84
N ILE C 334 23.95 4.28 -19.27
CA ILE C 334 23.53 4.10 -17.89
C ILE C 334 22.94 2.71 -17.66
N VAL C 335 23.18 2.15 -16.49
CA VAL C 335 22.59 0.85 -16.15
C VAL C 335 21.62 1.01 -14.98
N TYR C 336 20.46 0.37 -15.12
CA TYR C 336 19.45 0.39 -14.10
C TYR C 336 19.70 -0.72 -13.09
N GLN C 337 19.90 -0.33 -11.83
CA GLN C 337 20.04 -1.28 -10.75
C GLN C 337 18.72 -1.46 -9.99
N GLN C 338 18.75 -2.19 -8.88
CA GLN C 338 17.53 -2.38 -8.10
C GLN C 338 17.16 -1.10 -7.39
N ARG C 339 15.85 -0.94 -7.13
CA ARG C 339 15.30 0.23 -6.45
C ARG C 339 15.27 1.42 -7.39
N GLY C 340 15.54 1.18 -8.67
CA GLY C 340 15.60 2.24 -9.66
C GLY C 340 16.82 3.14 -9.53
N ILE C 341 17.88 2.64 -8.90
CA ILE C 341 19.12 3.40 -8.81
C ILE C 341 19.92 3.32 -10.12
N ILE C 342 20.40 4.47 -10.58
CA ILE C 342 21.02 4.59 -11.89
C ILE C 342 22.52 4.75 -11.75
N GLU C 343 23.28 3.99 -12.53
CA GLU C 343 24.73 4.16 -12.52
C GLU C 343 25.24 4.76 -13.83
N VAL C 344 26.08 5.80 -13.72
CA VAL C 344 26.56 6.55 -14.89
C VAL C 344 27.91 6.05 -15.40
N PRO C 345 28.05 5.88 -16.73
CA PRO C 345 29.29 5.41 -17.34
C PRO C 345 30.47 6.28 -16.92
N GLU C 346 31.66 5.68 -16.85
CA GLU C 346 32.84 6.44 -16.45
C GLU C 346 33.86 6.59 -17.55
N THR C 347 33.62 5.92 -18.67
CA THR C 347 34.52 5.99 -19.81
C THR C 347 34.43 7.37 -20.48
N ALA C 348 35.42 7.70 -21.31
CA ALA C 348 35.43 8.99 -21.98
C ALA C 348 34.21 9.18 -22.88
N GLY C 349 33.70 10.41 -22.92
CA GLY C 349 32.58 10.78 -23.76
C GLY C 349 31.21 10.45 -23.18
N LEU C 350 30.22 10.34 -24.05
CA LEU C 350 28.86 10.06 -23.63
C LEU C 350 28.85 8.72 -22.91
N GLY C 351 29.69 7.81 -23.40
CA GLY C 351 29.78 6.52 -22.77
C GLY C 351 28.66 5.59 -23.15
N ALA C 352 28.09 5.85 -24.32
CA ALA C 352 27.04 5.00 -24.88
C ALA C 352 27.07 5.05 -26.38
N GLY C 353 26.46 4.05 -26.99
CA GLY C 353 26.30 4.04 -28.44
C GLY C 353 25.23 3.03 -28.78
N TYR C 354 25.16 2.61 -30.04
CA TYR C 354 24.14 1.65 -30.39
C TYR C 354 24.71 0.31 -30.76
N GLN C 355 23.95 -0.73 -30.45
CA GLN C 355 24.31 -2.11 -30.75
C GLN C 355 24.73 -2.28 -32.21
N LYS C 356 25.61 -3.23 -32.46
CA LYS C 356 26.13 -3.50 -33.79
C LYS C 356 25.03 -3.87 -34.75
N ASP C 357 25.04 -3.22 -35.91
CA ASP C 357 24.03 -3.46 -36.95
C ASP C 357 22.58 -3.38 -36.49
N TYR C 358 22.34 -2.73 -35.35
CA TYR C 358 21.01 -2.22 -35.09
C TYR C 358 20.83 -1.02 -36.01
N LEU C 359 21.82 -0.13 -36.00
CA LEU C 359 21.81 1.04 -36.86
C LEU C 359 21.68 0.69 -38.33
N SER C 360 22.35 -0.37 -38.77
CA SER C 360 22.36 -0.70 -40.18
C SER C 360 20.99 -1.13 -40.72
N GLY C 361 20.11 -1.55 -39.83
CA GLY C 361 18.76 -1.92 -40.23
C GLY C 361 17.77 -0.77 -40.22
N LEU C 362 18.25 0.43 -39.89
CA LEU C 362 17.42 1.60 -39.74
C LEU C 362 17.37 2.44 -41.03
N GLU C 363 16.22 3.09 -41.28
CA GLU C 363 16.12 4.04 -42.37
C GLU C 363 17.09 5.17 -42.05
N LYS C 364 18.01 5.47 -42.96
CA LYS C 364 19.04 6.46 -42.65
C LYS C 364 19.40 7.33 -43.83
N ILE C 365 20.00 8.47 -43.54
CA ILE C 365 20.53 9.30 -44.57
C ILE C 365 21.91 9.71 -44.10
N CYS C 366 22.70 10.30 -44.99
CA CYS C 366 24.09 10.61 -44.66
C CYS C 366 24.45 11.94 -45.31
N ILE C 367 24.95 12.88 -44.53
CA ILE C 367 25.22 14.20 -45.05
C ILE C 367 26.71 14.36 -45.29
N ASN C 368 27.06 14.44 -46.57
CA ASN C 368 28.42 14.32 -47.07
C ASN C 368 28.97 12.92 -47.11
N MET D 1 42.48 1.75 -46.55
CA MET D 1 43.20 2.98 -46.19
C MET D 1 44.71 2.75 -46.05
N ILE D 2 45.47 3.44 -46.88
CA ILE D 2 46.91 3.26 -46.96
C ILE D 2 47.62 3.79 -45.71
N ILE D 3 48.67 3.09 -45.29
CA ILE D 3 49.50 3.54 -44.19
C ILE D 3 50.60 4.46 -44.70
N THR D 4 50.67 5.68 -44.16
CA THR D 4 51.57 6.70 -44.70
C THR D 4 52.82 6.87 -43.87
N GLN D 5 52.69 6.76 -42.55
CA GLN D 5 53.86 6.82 -41.67
C GLN D 5 53.59 6.17 -40.32
N VAL D 6 54.65 5.67 -39.69
CA VAL D 6 54.53 5.18 -38.33
C VAL D 6 55.58 5.81 -37.45
N GLU D 7 55.18 6.21 -36.26
CA GLU D 7 56.10 6.77 -35.28
C GLU D 7 56.30 5.76 -34.15
N LEU D 8 57.53 5.67 -33.65
CA LEU D 8 57.84 4.82 -32.50
C LEU D 8 58.44 5.64 -31.38
N TYR D 9 58.03 5.34 -30.16
CA TYR D 9 58.44 6.13 -28.99
C TYR D 9 58.98 5.23 -27.88
N LYS D 10 60.06 5.65 -27.23
CA LYS D 10 60.51 4.99 -25.99
C LYS D 10 59.80 5.62 -24.79
N SER D 11 59.02 4.81 -24.08
CA SER D 11 58.16 5.30 -23.01
C SER D 11 58.50 4.63 -21.68
N PRO D 12 59.49 5.18 -20.99
CA PRO D 12 59.91 4.66 -19.68
C PRO D 12 59.27 5.43 -18.53
N VAL D 13 58.41 4.77 -17.77
CA VAL D 13 57.82 5.40 -16.60
C VAL D 13 58.19 4.63 -15.34
N LYS D 14 58.53 5.37 -14.29
CA LYS D 14 59.00 4.79 -13.04
C LYS D 14 57.85 4.27 -12.20
N LEU D 15 58.06 3.15 -11.53
CA LEU D 15 57.08 2.58 -10.63
C LEU D 15 57.21 3.17 -9.24
N LYS D 16 56.10 3.22 -8.50
CA LYS D 16 56.13 3.71 -7.13
C LYS D 16 57.04 2.82 -6.28
N GLU D 17 56.64 1.56 -6.15
CA GLU D 17 57.45 0.55 -5.48
C GLU D 17 58.06 -0.36 -6.54
N PRO D 18 59.29 -0.84 -6.31
CA PRO D 18 59.84 -1.83 -7.24
C PRO D 18 58.96 -3.09 -7.33
N PHE D 19 58.85 -3.62 -8.53
CA PHE D 19 57.99 -4.77 -8.83
C PHE D 19 58.86 -6.02 -8.87
N LYS D 20 58.51 -7.02 -8.05
CA LYS D 20 59.36 -8.16 -7.76
C LYS D 20 58.73 -9.51 -8.09
N ILE D 21 59.36 -10.27 -8.98
CA ILE D 21 58.95 -11.64 -9.23
C ILE D 21 60.15 -12.60 -9.11
N SER D 22 59.87 -13.89 -9.17
CA SER D 22 60.91 -14.90 -8.97
C SER D 22 62.05 -14.70 -9.96
N LEU D 23 61.73 -14.12 -11.10
CA LEU D 23 62.70 -13.96 -12.19
C LEU D 23 63.58 -12.72 -12.06
N GLY D 24 63.15 -11.74 -11.25
CA GLY D 24 63.88 -10.49 -11.14
C GLY D 24 63.09 -9.33 -10.57
N ILE D 25 63.74 -8.17 -10.50
CA ILE D 25 63.15 -6.96 -9.93
C ILE D 25 63.14 -5.82 -10.95
N LEU D 26 62.02 -5.10 -11.04
CA LEU D 26 61.90 -3.99 -11.99
C LEU D 26 61.61 -2.66 -11.32
N THR D 27 62.29 -1.61 -11.78
CA THR D 27 62.05 -0.28 -11.20
C THR D 27 61.22 0.58 -12.14
N HIS D 28 61.29 0.24 -13.42
CA HIS D 28 60.59 0.99 -14.45
C HIS D 28 59.78 0.07 -15.35
N ALA D 29 58.71 0.61 -15.92
CA ALA D 29 58.07 -0.03 -17.05
C ALA D 29 58.68 0.60 -18.29
N ASN D 30 59.53 -0.13 -19.01
CA ASN D 30 60.16 0.44 -20.20
C ASN D 30 59.46 0.00 -21.46
N ASN D 31 58.43 0.77 -21.84
CA ASN D 31 57.55 0.39 -22.92
C ASN D 31 57.95 1.02 -24.25
N VAL D 32 57.41 0.47 -25.33
CA VAL D 32 57.54 1.09 -26.64
C VAL D 32 56.15 1.41 -27.18
N ILE D 33 55.97 2.62 -27.66
CA ILE D 33 54.68 3.05 -28.21
C ILE D 33 54.71 3.10 -29.73
N VAL D 34 53.62 2.69 -30.36
CA VAL D 34 53.53 2.72 -31.81
C VAL D 34 52.32 3.55 -32.24
N ARG D 35 52.53 4.46 -33.18
CA ARG D 35 51.45 5.22 -33.79
C ARG D 35 51.47 5.04 -35.31
N ILE D 36 50.41 4.47 -35.85
CA ILE D 36 50.26 4.34 -37.29
C ILE D 36 49.35 5.45 -37.86
N HIS D 37 49.83 6.11 -38.91
CA HIS D 37 49.06 7.15 -39.60
C HIS D 37 48.58 6.66 -40.94
N THR D 38 47.34 6.99 -41.29
CA THR D 38 46.82 6.70 -42.62
C THR D 38 46.73 7.96 -43.49
N ALA D 39 46.56 7.77 -44.79
CA ALA D 39 46.42 8.90 -45.69
C ALA D 39 45.20 9.72 -45.30
N SER D 40 44.13 9.03 -44.90
CA SER D 40 42.91 9.70 -44.45
C SER D 40 43.07 10.47 -43.14
N GLY D 41 44.26 10.40 -42.55
CA GLY D 41 44.56 11.11 -41.31
C GLY D 41 44.07 10.45 -40.03
N HIS D 42 43.76 9.16 -40.09
CA HIS D 42 43.44 8.39 -38.89
C HIS D 42 44.70 7.94 -38.23
N ILE D 43 44.64 7.78 -36.91
CA ILE D 43 45.81 7.37 -36.15
C ILE D 43 45.47 6.20 -35.27
N GLY D 44 46.26 5.15 -35.38
CA GLY D 44 46.10 4.00 -34.49
C GLY D 44 47.22 3.89 -33.47
N TYR D 45 46.87 3.53 -32.23
CA TYR D 45 47.85 3.40 -31.17
C TYR D 45 48.07 1.97 -30.80
N GLY D 46 49.33 1.63 -30.59
CA GLY D 46 49.70 0.35 -30.02
C GLY D 46 50.80 0.55 -29.00
N GLU D 47 50.81 -0.31 -27.99
CA GLU D 47 51.85 -0.26 -26.98
C GLU D 47 52.38 -1.65 -26.75
N CYS D 48 53.62 -1.76 -26.29
CA CYS D 48 54.13 -3.05 -25.86
C CYS D 48 55.12 -2.84 -24.71
N SER D 49 55.27 -3.86 -23.89
CA SER D 49 56.08 -3.75 -22.69
C SER D 49 57.11 -4.89 -22.62
N PRO D 50 58.22 -4.75 -23.35
CA PRO D 50 59.22 -5.82 -23.41
C PRO D 50 59.68 -6.24 -22.02
N PHE D 51 59.72 -7.55 -21.81
CA PHE D 51 60.18 -8.13 -20.56
C PHE D 51 61.30 -9.12 -20.88
N MET D 52 62.55 -8.71 -20.64
CA MET D 52 63.69 -9.44 -21.17
C MET D 52 63.71 -10.93 -20.86
N THR D 53 63.42 -11.28 -19.62
CA THR D 53 63.51 -12.69 -19.20
C THR D 53 62.35 -13.58 -19.66
N ILE D 54 61.41 -13.01 -20.41
CA ILE D 54 60.28 -13.78 -20.93
C ILE D 54 60.07 -13.58 -22.42
N HIS D 55 60.09 -12.33 -22.85
CA HIS D 55 59.93 -12.06 -24.27
C HIS D 55 61.24 -12.35 -24.97
N GLY D 56 62.34 -12.02 -24.29
CA GLY D 56 63.65 -12.01 -24.93
C GLY D 56 63.78 -10.79 -25.83
N GLU D 57 63.06 -9.73 -25.46
CA GLU D 57 63.13 -8.45 -26.13
C GLU D 57 63.28 -7.39 -25.04
N SER D 58 63.82 -6.23 -25.41
CA SER D 58 63.94 -5.10 -24.51
C SER D 58 63.36 -3.85 -25.17
N MET D 59 63.21 -2.78 -24.40
CA MET D 59 62.78 -1.54 -24.99
C MET D 59 63.72 -1.17 -26.13
N ASP D 60 65.02 -1.39 -25.93
CA ASP D 60 65.99 -1.05 -26.95
C ASP D 60 65.81 -1.87 -28.22
N THR D 61 65.61 -3.18 -28.08
CA THR D 61 65.50 -4.01 -29.29
C THR D 61 64.16 -3.77 -29.96
N ALA D 62 63.11 -3.63 -29.16
CA ALA D 62 61.80 -3.33 -29.72
C ALA D 62 61.83 -2.09 -30.60
N PHE D 63 62.49 -1.06 -30.11
CA PHE D 63 62.58 0.22 -30.81
C PHE D 63 63.28 0.10 -32.17
N ILE D 64 64.17 -0.89 -32.29
CA ILE D 64 64.88 -1.07 -33.55
C ILE D 64 64.05 -1.95 -34.46
N VAL D 65 63.66 -3.10 -33.95
CA VAL D 65 62.92 -4.06 -34.76
C VAL D 65 61.63 -3.41 -35.27
N GLY D 66 61.01 -2.59 -34.43
CA GLY D 66 59.82 -1.86 -34.81
C GLY D 66 60.00 -1.04 -36.08
N GLN D 67 61.22 -0.58 -36.33
CA GLN D 67 61.51 0.19 -37.51
C GLN D 67 61.56 -0.69 -38.74
N TYR D 68 62.19 -1.86 -38.63
CA TYR D 68 62.18 -2.84 -39.69
C TYR D 68 60.74 -3.06 -40.10
N LEU D 69 59.88 -3.21 -39.09
CA LEU D 69 58.49 -3.53 -39.31
C LEU D 69 57.76 -2.37 -39.99
N ALA D 70 57.89 -1.18 -39.41
CA ALA D 70 57.26 0.00 -39.97
C ALA D 70 57.59 0.09 -41.45
N LYS D 71 58.86 0.00 -41.77
CA LYS D 71 59.31 0.10 -43.16
C LYS D 71 58.47 -0.77 -44.07
N GLY D 72 58.28 -2.02 -43.69
CA GLY D 72 57.55 -2.94 -44.54
C GLY D 72 56.06 -2.66 -44.59
N LEU D 73 55.53 -1.96 -43.58
CA LEU D 73 54.11 -1.68 -43.54
C LEU D 73 53.73 -0.44 -44.34
N ILE D 74 54.65 0.51 -44.44
CA ILE D 74 54.38 1.71 -45.21
C ILE D 74 53.91 1.37 -46.61
N GLY D 75 52.73 1.87 -46.97
CA GLY D 75 52.18 1.66 -48.29
C GLY D 75 51.11 0.60 -48.35
N THR D 76 50.94 -0.15 -47.26
CA THR D 76 49.93 -1.21 -47.18
C THR D 76 48.59 -0.73 -46.63
N SER D 77 47.55 -1.55 -46.80
CA SER D 77 46.23 -1.20 -46.29
C SER D 77 46.10 -1.66 -44.87
N CYS D 78 45.85 -0.72 -43.97
CA CYS D 78 45.78 -1.05 -42.55
C CYS D 78 44.59 -1.92 -42.19
N LEU D 79 43.79 -2.29 -43.18
CA LEU D 79 42.63 -3.13 -42.91
C LEU D 79 42.93 -4.62 -43.12
N ASP D 80 43.94 -4.91 -43.94
CA ASP D 80 44.38 -6.28 -44.21
C ASP D 80 45.20 -6.78 -43.02
N ILE D 81 44.55 -6.94 -41.88
CA ILE D 81 45.28 -7.24 -40.67
C ILE D 81 46.07 -8.52 -40.77
N VAL D 82 45.45 -9.57 -41.29
CA VAL D 82 46.12 -10.86 -41.48
C VAL D 82 47.29 -10.75 -42.46
N SER D 83 47.05 -10.17 -43.62
CA SER D 83 48.11 -9.96 -44.60
C SER D 83 49.31 -9.24 -43.98
N ASN D 84 49.06 -8.20 -43.19
CA ASN D 84 50.12 -7.41 -42.60
C ASN D 84 50.86 -8.14 -41.48
N SER D 85 50.14 -8.98 -40.75
CA SER D 85 50.74 -9.75 -39.69
C SER D 85 51.69 -10.78 -40.29
N LEU D 86 51.33 -11.30 -41.46
CA LEU D 86 52.20 -12.21 -42.19
C LEU D 86 53.41 -11.48 -42.75
N LEU D 87 53.19 -10.29 -43.28
CA LEU D 87 54.26 -9.46 -43.78
C LEU D 87 55.34 -9.24 -42.71
N MET D 88 54.91 -8.91 -41.49
CA MET D 88 55.83 -8.72 -40.38
C MET D 88 56.61 -9.99 -40.11
N ASP D 89 55.89 -11.09 -40.02
CA ASP D 89 56.53 -12.39 -39.80
C ASP D 89 57.59 -12.68 -40.87
N ALA D 90 57.31 -12.27 -42.10
CA ALA D 90 58.26 -12.50 -43.18
C ALA D 90 59.47 -11.58 -43.05
N ILE D 91 59.32 -10.50 -42.27
CA ILE D 91 60.45 -9.59 -42.07
C ILE D 91 61.39 -10.09 -40.98
N ILE D 92 60.83 -10.59 -39.89
CA ILE D 92 61.63 -11.13 -38.80
C ILE D 92 60.85 -12.15 -37.99
N TYR D 93 61.52 -13.24 -37.61
CA TYR D 93 60.94 -14.24 -36.75
C TYR D 93 60.83 -13.76 -35.31
N GLY D 94 59.95 -14.40 -34.55
CA GLY D 94 59.71 -13.99 -33.18
C GLY D 94 59.38 -12.53 -32.99
N ASN D 95 59.99 -11.93 -31.98
CA ASN D 95 59.71 -10.55 -31.64
C ASN D 95 58.21 -10.25 -31.50
N SER D 96 57.48 -11.13 -30.84
CA SER D 96 56.05 -10.99 -30.71
C SER D 96 55.70 -9.72 -29.98
N CYS D 97 56.49 -9.38 -28.97
CA CYS D 97 56.19 -8.19 -28.19
C CYS D 97 55.99 -6.96 -29.08
N ILE D 98 57.03 -6.59 -29.80
CA ILE D 98 56.92 -5.42 -30.64
C ILE D 98 55.84 -5.62 -31.72
N LYS D 99 55.79 -6.81 -32.31
CA LYS D 99 54.73 -7.11 -33.28
C LYS D 99 53.34 -6.82 -32.72
N SER D 100 53.12 -7.19 -31.47
CA SER D 100 51.82 -7.01 -30.86
C SER D 100 51.38 -5.54 -30.86
N ALA D 101 52.32 -4.65 -30.61
CA ALA D 101 52.01 -3.22 -30.65
C ALA D 101 51.50 -2.83 -32.03
N PHE D 102 52.18 -3.30 -33.09
CA PHE D 102 51.71 -2.98 -34.43
C PHE D 102 50.34 -3.58 -34.64
N ASN D 103 50.19 -4.82 -34.23
CA ASN D 103 48.93 -5.51 -34.42
C ASN D 103 47.79 -4.76 -33.72
N ILE D 104 47.98 -4.42 -32.46
CA ILE D 104 46.98 -3.66 -31.74
C ILE D 104 46.61 -2.37 -32.47
N ALA D 105 47.62 -1.61 -32.88
CA ALA D 105 47.36 -0.38 -33.63
C ALA D 105 46.51 -0.62 -34.90
N LEU D 106 46.87 -1.66 -35.65
CA LEU D 106 46.10 -2.01 -36.83
C LEU D 106 44.63 -2.24 -36.46
N TYR D 107 44.37 -3.02 -35.43
CA TYR D 107 42.99 -3.24 -35.00
C TYR D 107 42.33 -1.93 -34.61
N ASP D 108 43.10 -1.05 -34.00
CA ASP D 108 42.56 0.24 -33.64
C ASP D 108 41.99 0.88 -34.90
N LEU D 109 42.84 1.04 -35.90
CA LEU D 109 42.43 1.62 -37.16
C LEU D 109 41.22 0.87 -37.76
N ALA D 110 41.21 -0.45 -37.66
CA ALA D 110 40.12 -1.22 -38.24
C ALA D 110 38.81 -0.90 -37.54
N ALA D 111 38.83 -0.94 -36.22
CA ALA D 111 37.66 -0.62 -35.44
C ALA D 111 37.21 0.80 -35.75
N GLN D 112 38.15 1.74 -35.78
CA GLN D 112 37.81 3.11 -36.13
C GLN D 112 37.03 3.15 -37.45
N HIS D 113 37.53 2.42 -38.44
CA HIS D 113 36.94 2.43 -39.78
C HIS D 113 35.51 1.91 -39.77
N ALA D 114 35.25 0.93 -38.91
CA ALA D 114 33.94 0.32 -38.80
C ALA D 114 33.02 1.10 -37.86
N GLY D 115 33.56 2.11 -37.20
CA GLY D 115 32.77 2.94 -36.32
C GLY D 115 32.30 2.19 -35.09
N LEU D 116 33.07 1.20 -34.66
CA LEU D 116 32.81 0.46 -33.43
C LEU D 116 33.97 0.58 -32.45
N PRO D 117 33.69 0.40 -31.15
CA PRO D 117 34.77 0.16 -30.18
C PRO D 117 35.39 -1.22 -30.45
N LEU D 118 36.66 -1.40 -30.08
CA LEU D 118 37.36 -2.64 -30.39
C LEU D 118 36.57 -3.88 -30.00
N TYR D 119 36.11 -3.93 -28.75
CA TYR D 119 35.42 -5.12 -28.28
C TYR D 119 34.27 -5.54 -29.19
N ALA D 120 33.51 -4.55 -29.67
CA ALA D 120 32.40 -4.83 -30.57
C ALA D 120 32.90 -5.25 -31.95
N PHE D 121 33.97 -4.62 -32.41
CA PHE D 121 34.52 -4.97 -33.71
C PHE D 121 34.96 -6.42 -33.70
N LEU D 122 35.36 -6.90 -32.52
CA LEU D 122 35.83 -8.26 -32.35
C LEU D 122 34.71 -9.25 -32.09
N GLY D 123 33.47 -8.75 -32.09
CA GLY D 123 32.30 -9.58 -31.88
C GLY D 123 32.01 -9.85 -30.41
N GLY D 124 32.54 -9.00 -29.54
CA GLY D 124 32.30 -9.15 -28.12
C GLY D 124 31.09 -8.34 -27.69
N LYS D 125 30.75 -8.42 -26.42
CA LYS D 125 29.64 -7.65 -25.86
C LYS D 125 29.83 -7.50 -24.37
N LYS D 126 29.31 -6.42 -23.81
CA LYS D 126 29.48 -6.16 -22.38
C LYS D 126 28.50 -6.95 -21.52
N ASP D 127 28.74 -8.25 -21.37
CA ASP D 127 27.81 -9.10 -20.64
C ASP D 127 28.45 -9.72 -19.42
N LYS D 128 29.48 -9.09 -18.88
CA LYS D 128 30.11 -9.57 -17.65
C LYS D 128 30.93 -8.46 -17.00
N ILE D 129 31.20 -8.59 -15.71
CA ILE D 129 31.97 -7.58 -15.00
C ILE D 129 33.44 -7.97 -15.01
N ILE D 130 34.28 -7.03 -15.38
CA ILE D 130 35.71 -7.27 -15.42
C ILE D 130 36.30 -6.80 -14.11
N GLN D 131 36.83 -7.74 -13.35
CA GLN D 131 37.46 -7.40 -12.08
C GLN D 131 38.92 -7.82 -12.02
N THR D 132 39.79 -6.85 -11.75
CA THR D 132 41.21 -7.14 -11.69
C THR D 132 41.62 -7.55 -10.28
N ASP D 133 42.70 -8.32 -10.23
CA ASP D 133 43.36 -8.64 -8.99
C ASP D 133 44.37 -7.55 -8.76
N TYR D 134 45.20 -7.69 -7.73
CA TYR D 134 46.34 -6.79 -7.55
C TYR D 134 47.46 -7.65 -7.01
N THR D 135 48.69 -7.27 -7.31
CA THR D 135 49.81 -8.18 -7.18
C THR D 135 50.75 -7.85 -6.03
N VAL D 136 50.96 -8.83 -5.15
CA VAL D 136 51.94 -8.67 -4.07
C VAL D 136 53.26 -9.17 -4.58
N SER D 137 54.26 -8.29 -4.56
CA SER D 137 55.61 -8.66 -5.03
C SER D 137 56.24 -9.70 -4.10
N ILE D 138 57.08 -10.55 -4.67
CA ILE D 138 57.80 -11.54 -3.88
C ILE D 138 58.87 -10.86 -3.01
N ASP D 139 58.74 -11.03 -1.71
CA ASP D 139 59.63 -10.38 -0.76
C ASP D 139 59.68 -11.19 0.52
N GLU D 140 60.28 -10.60 1.56
CA GLU D 140 60.27 -11.19 2.89
C GLU D 140 58.80 -11.29 3.37
N PRO D 141 58.43 -12.42 3.99
CA PRO D 141 57.01 -12.73 4.28
C PRO D 141 56.26 -11.65 5.05
N HIS D 142 56.91 -10.98 5.99
CA HIS D 142 56.22 -9.91 6.75
C HIS D 142 55.82 -8.77 5.81
N LYS D 143 56.77 -8.34 4.99
CA LYS D 143 56.50 -7.33 3.96
C LYS D 143 55.30 -7.75 3.13
N MET D 144 55.31 -8.99 2.65
CA MET D 144 54.26 -9.49 1.77
C MET D 144 52.89 -9.48 2.43
N ALA D 145 52.82 -9.84 3.71
CA ALA D 145 51.55 -9.82 4.40
C ALA D 145 51.07 -8.38 4.56
N ALA D 146 52.01 -7.47 4.82
CA ALA D 146 51.67 -6.05 5.00
C ALA D 146 51.00 -5.51 3.74
N ASP D 147 51.63 -5.78 2.60
CA ASP D 147 51.11 -5.39 1.29
C ASP D 147 49.72 -5.98 1.06
N ALA D 148 49.58 -7.28 1.32
CA ALA D 148 48.30 -7.94 1.15
C ALA D 148 47.20 -7.20 1.92
N VAL D 149 47.56 -6.73 3.11
CA VAL D 149 46.63 -5.98 3.93
C VAL D 149 46.24 -4.67 3.26
N GLN D 150 47.24 -3.84 2.97
CA GLN D 150 47.02 -2.57 2.26
C GLN D 150 46.11 -2.77 1.04
N ILE D 151 46.38 -3.82 0.28
CA ILE D 151 45.60 -4.14 -0.91
C ILE D 151 44.13 -4.40 -0.55
N LYS D 152 43.91 -5.21 0.49
CA LYS D 152 42.54 -5.50 0.94
C LYS D 152 41.83 -4.23 1.41
N LYS D 153 42.58 -3.38 2.11
CA LYS D 153 42.08 -2.10 2.60
C LYS D 153 41.67 -1.19 1.44
N ASN D 154 42.51 -1.13 0.41
CA ASN D 154 42.19 -0.34 -0.78
C ASN D 154 40.96 -0.87 -1.55
N GLY D 155 40.45 -2.02 -1.14
CA GLY D 155 39.18 -2.52 -1.65
C GLY D 155 39.25 -3.64 -2.68
N PHE D 156 40.45 -4.04 -3.07
CA PHE D 156 40.58 -5.12 -4.04
C PHE D 156 40.11 -6.44 -3.45
N GLU D 157 39.33 -7.19 -4.23
CA GLU D 157 38.76 -8.45 -3.75
C GLU D 157 39.49 -9.71 -4.24
N ILE D 158 40.54 -9.51 -5.03
CA ILE D 158 41.37 -10.62 -5.50
C ILE D 158 42.85 -10.26 -5.40
N ILE D 159 43.63 -11.11 -4.73
CA ILE D 159 45.07 -10.86 -4.62
C ILE D 159 45.88 -11.90 -5.40
N LYS D 160 46.89 -11.41 -6.11
CA LYS D 160 47.78 -12.29 -6.85
C LYS D 160 49.14 -12.25 -6.19
N VAL D 161 49.60 -13.41 -5.70
CA VAL D 161 50.84 -13.48 -4.96
C VAL D 161 51.99 -14.09 -5.78
N LYS D 162 53.09 -13.35 -5.86
CA LYS D 162 54.29 -13.86 -6.50
C LYS D 162 55.11 -14.82 -5.59
N VAL D 163 55.06 -16.10 -5.93
CA VAL D 163 55.89 -17.11 -5.28
C VAL D 163 56.98 -17.58 -6.25
N GLY D 164 57.74 -18.58 -5.83
CA GLY D 164 58.82 -19.11 -6.65
C GLY D 164 60.13 -19.32 -5.89
N GLY D 165 60.10 -19.08 -4.58
CA GLY D 165 61.27 -19.30 -3.74
C GLY D 165 61.37 -20.75 -3.30
N SER D 166 62.08 -20.99 -2.20
CA SER D 166 62.15 -22.32 -1.61
C SER D 166 60.77 -22.74 -1.07
N LYS D 167 60.49 -24.05 -1.10
CA LYS D 167 59.21 -24.58 -0.61
C LYS D 167 58.85 -24.06 0.78
N GLU D 168 59.83 -24.10 1.67
CA GLU D 168 59.68 -23.59 3.02
C GLU D 168 59.12 -22.17 3.01
N LEU D 169 59.85 -21.28 2.33
CA LEU D 169 59.57 -19.85 2.33
C LEU D 169 58.23 -19.47 1.70
N ASP D 170 57.88 -20.10 0.59
CA ASP D 170 56.65 -19.81 -0.12
C ASP D 170 55.44 -20.17 0.71
N VAL D 171 55.57 -21.22 1.53
CA VAL D 171 54.46 -21.62 2.39
C VAL D 171 54.32 -20.64 3.56
N GLU D 172 55.45 -20.21 4.10
CA GLU D 172 55.43 -19.21 5.16
C GLU D 172 54.78 -17.94 4.63
N ARG D 173 55.09 -17.62 3.38
CA ARG D 173 54.50 -16.48 2.69
C ARG D 173 52.97 -16.57 2.61
N ILE D 174 52.46 -17.63 1.98
CA ILE D 174 51.01 -17.77 1.84
C ILE D 174 50.28 -17.80 3.17
N ARG D 175 50.85 -18.50 4.15
CA ARG D 175 50.24 -18.61 5.47
C ARG D 175 50.15 -17.23 6.12
N MET D 176 51.30 -16.56 6.25
CA MET D 176 51.34 -15.23 6.85
C MET D 176 50.31 -14.28 6.22
N ILE D 177 50.16 -14.41 4.90
CA ILE D 177 49.18 -13.60 4.17
C ILE D 177 47.76 -14.04 4.53
N ARG D 178 47.50 -15.35 4.46
CA ARG D 178 46.18 -15.88 4.74
C ARG D 178 45.71 -15.53 6.16
N GLU D 179 46.63 -15.58 7.12
CA GLU D 179 46.28 -15.30 8.51
C GLU D 179 46.32 -13.79 8.81
N ALA D 180 46.87 -13.01 7.89
CA ALA D 180 46.93 -11.55 8.07
C ALA D 180 45.94 -10.80 7.19
N ALA D 181 45.09 -11.52 6.46
CA ALA D 181 44.18 -10.87 5.51
C ALA D 181 42.84 -11.56 5.34
N GLY D 182 42.73 -12.80 5.77
CA GLY D 182 41.44 -13.46 5.74
C GLY D 182 41.38 -14.67 4.84
N ASP D 183 40.27 -15.40 4.93
CA ASP D 183 40.11 -16.66 4.21
C ASP D 183 39.02 -16.53 3.17
N SER D 184 38.37 -15.36 3.18
CA SER D 184 37.25 -15.09 2.27
C SER D 184 37.74 -14.45 0.99
N ILE D 185 38.73 -13.55 1.12
CA ILE D 185 39.33 -12.89 -0.03
C ILE D 185 39.96 -13.94 -0.94
N THR D 186 39.54 -13.97 -2.20
CA THR D 186 40.07 -14.94 -3.15
C THR D 186 41.51 -14.59 -3.49
N LEU D 187 42.42 -15.58 -3.47
CA LEU D 187 43.80 -15.34 -3.89
C LEU D 187 44.38 -16.40 -4.85
N ARG D 188 45.23 -15.92 -5.77
CA ARG D 188 45.85 -16.75 -6.79
C ARG D 188 47.36 -16.52 -6.74
N ILE D 189 48.13 -17.53 -7.16
CA ILE D 189 49.58 -17.42 -7.05
C ILE D 189 50.29 -17.62 -8.38
N ASP D 190 51.53 -17.15 -8.44
CA ASP D 190 52.32 -17.15 -9.66
C ASP D 190 53.80 -17.37 -9.33
N ALA D 191 54.36 -18.44 -9.87
CA ALA D 191 55.75 -18.83 -9.56
C ALA D 191 56.75 -18.32 -10.60
N ASN D 192 56.26 -17.94 -11.76
CA ASN D 192 57.11 -17.50 -12.84
C ASN D 192 58.27 -18.48 -13.05
N GLN D 193 57.92 -19.76 -13.23
CA GLN D 193 58.91 -20.81 -13.52
C GLN D 193 59.88 -21.06 -12.36
N GLY D 194 59.55 -20.56 -11.16
CA GLY D 194 60.46 -20.61 -10.02
C GLY D 194 60.88 -21.98 -9.48
N TRP D 195 59.95 -22.94 -9.43
CA TRP D 195 60.20 -24.24 -8.81
C TRP D 195 60.69 -25.32 -9.78
N SER D 196 61.37 -26.32 -9.24
CA SER D 196 61.61 -27.57 -9.97
C SER D 196 60.31 -28.39 -9.95
N VAL D 197 60.20 -29.38 -10.84
CA VAL D 197 58.97 -30.17 -10.87
C VAL D 197 58.67 -30.74 -9.49
N GLU D 198 59.75 -31.13 -8.84
CA GLU D 198 59.78 -31.74 -7.52
C GLU D 198 59.24 -30.74 -6.48
N THR D 199 59.92 -29.61 -6.36
CA THR D 199 59.57 -28.59 -5.39
C THR D 199 58.15 -28.07 -5.62
N ALA D 200 57.73 -28.09 -6.89
CA ALA D 200 56.42 -27.61 -7.27
C ALA D 200 55.35 -28.46 -6.57
N ILE D 201 55.36 -29.75 -6.89
CA ILE D 201 54.38 -30.68 -6.36
C ILE D 201 54.31 -30.65 -4.83
N GLU D 202 55.47 -30.56 -4.19
CA GLU D 202 55.52 -30.52 -2.72
C GLU D 202 54.93 -29.24 -2.15
N THR D 203 55.30 -28.11 -2.73
CA THR D 203 54.79 -26.83 -2.28
C THR D 203 53.30 -26.68 -2.60
N LEU D 204 52.87 -27.24 -3.73
CA LEU D 204 51.47 -27.09 -4.15
C LEU D 204 50.49 -27.89 -3.29
N THR D 205 50.93 -29.03 -2.78
CA THR D 205 50.10 -29.80 -1.86
C THR D 205 50.16 -29.16 -0.46
N LEU D 206 51.34 -28.68 -0.08
CA LEU D 206 51.54 -27.96 1.18
C LEU D 206 50.77 -26.63 1.25
N LEU D 207 50.29 -26.17 0.09
CA LEU D 207 49.55 -24.90 0.01
C LEU D 207 48.04 -25.09 -0.14
N GLU D 208 47.62 -26.27 -0.58
CA GLU D 208 46.21 -26.56 -0.82
C GLU D 208 45.27 -26.17 0.33
N PRO D 209 45.67 -26.43 1.59
CA PRO D 209 44.85 -26.03 2.73
C PRO D 209 44.48 -24.54 2.72
N TYR D 210 45.36 -23.70 2.19
CA TYR D 210 45.12 -22.27 2.18
C TYR D 210 44.13 -21.79 1.10
N ASN D 211 43.53 -22.74 0.39
CA ASN D 211 42.47 -22.44 -0.58
C ASN D 211 42.90 -21.43 -1.64
N ILE D 212 43.76 -21.84 -2.56
CA ILE D 212 44.21 -20.91 -3.58
C ILE D 212 43.60 -21.24 -4.96
N GLN D 213 43.22 -20.18 -5.69
CA GLN D 213 42.38 -20.29 -6.88
C GLN D 213 43.04 -21.01 -8.06
N HIS D 214 44.27 -20.62 -8.35
CA HIS D 214 45.09 -21.30 -9.35
C HIS D 214 46.55 -20.82 -9.24
N CYS D 215 47.46 -21.60 -9.82
CA CYS D 215 48.88 -21.27 -9.79
C CYS D 215 49.40 -21.10 -11.21
N GLU D 216 50.01 -19.95 -11.50
CA GLU D 216 50.54 -19.71 -12.82
C GLU D 216 51.96 -20.26 -12.92
N GLU D 217 52.23 -20.95 -14.03
CA GLU D 217 53.58 -21.34 -14.41
C GLU D 217 54.47 -21.72 -13.22
N PRO D 218 54.26 -22.94 -12.69
CA PRO D 218 55.01 -23.38 -11.52
C PRO D 218 56.45 -23.75 -11.85
N VAL D 219 56.70 -24.25 -13.06
CA VAL D 219 58.05 -24.65 -13.43
C VAL D 219 58.53 -24.04 -14.74
N SER D 220 59.79 -24.31 -15.06
CA SER D 220 60.39 -23.88 -16.32
C SER D 220 59.50 -24.14 -17.54
N ARG D 221 59.39 -23.14 -18.40
CA ARG D 221 58.63 -23.28 -19.63
C ARG D 221 59.20 -24.39 -20.50
N ASN D 222 60.47 -24.71 -20.26
CA ASN D 222 61.17 -25.78 -20.97
C ASN D 222 60.69 -27.17 -20.57
N LEU D 223 60.13 -27.26 -19.36
CA LEU D 223 59.65 -28.53 -18.83
C LEU D 223 58.14 -28.64 -18.86
N TYR D 224 57.50 -28.06 -19.87
CA TYR D 224 56.05 -28.06 -19.96
C TYR D 224 55.50 -29.48 -20.05
N THR D 225 56.35 -30.41 -20.48
CA THR D 225 55.96 -31.81 -20.60
C THR D 225 55.73 -32.45 -19.23
N ALA D 226 56.31 -31.84 -18.19
CA ALA D 226 56.10 -32.31 -16.82
C ALA D 226 54.86 -31.70 -16.19
N LEU D 227 54.18 -30.81 -16.94
CA LEU D 227 52.98 -30.18 -16.41
C LEU D 227 51.87 -31.19 -16.13
N PRO D 228 51.61 -32.11 -17.10
CA PRO D 228 50.50 -33.05 -16.86
C PRO D 228 50.70 -33.80 -15.53
N LYS D 229 51.93 -34.18 -15.26
CA LYS D 229 52.23 -34.89 -14.02
C LYS D 229 51.90 -34.05 -12.80
N ILE D 230 52.21 -32.76 -12.86
CA ILE D 230 51.93 -31.85 -11.74
C ILE D 230 50.42 -31.60 -11.60
N ARG D 231 49.73 -31.48 -12.74
CA ARG D 231 48.30 -31.22 -12.76
C ARG D 231 47.53 -32.31 -12.00
N GLN D 232 47.99 -33.55 -12.16
CA GLN D 232 47.33 -34.72 -11.59
C GLN D 232 47.69 -34.92 -10.12
N ALA D 233 48.94 -34.62 -9.76
CA ALA D 233 49.39 -34.75 -8.38
C ALA D 233 48.88 -33.62 -7.47
N CYS D 234 48.39 -32.54 -8.07
CA CYS D 234 48.02 -31.36 -7.29
C CYS D 234 46.57 -30.93 -7.50
N ARG D 235 45.95 -30.54 -6.39
CA ARG D 235 44.54 -30.19 -6.39
C ARG D 235 44.35 -28.77 -6.93
N ILE D 236 45.14 -27.83 -6.40
CA ILE D 236 45.20 -26.46 -6.92
C ILE D 236 45.36 -26.46 -8.44
N PRO D 237 44.44 -25.81 -9.16
CA PRO D 237 44.54 -25.82 -10.63
C PRO D 237 45.78 -25.04 -11.07
N ILE D 238 46.41 -25.49 -12.15
CA ILE D 238 47.59 -24.79 -12.66
C ILE D 238 47.33 -24.12 -13.99
N MET D 239 47.83 -22.89 -14.11
CA MET D 239 47.59 -22.04 -15.28
C MET D 239 48.91 -21.78 -16.00
N ALA D 240 48.95 -22.12 -17.28
CA ALA D 240 50.12 -21.90 -18.11
C ALA D 240 50.22 -20.43 -18.53
N ASP D 241 51.35 -19.81 -18.22
CA ASP D 241 51.62 -18.47 -18.69
C ASP D 241 52.73 -18.49 -19.74
N GLU D 242 53.98 -18.46 -19.27
CA GLU D 242 55.13 -18.47 -20.17
C GLU D 242 55.08 -19.67 -21.11
N SER D 243 54.45 -20.75 -20.65
CA SER D 243 54.41 -21.98 -21.42
C SER D 243 53.37 -21.90 -22.52
N CYS D 244 52.50 -20.89 -22.44
CA CYS D 244 51.46 -20.69 -23.44
C CYS D 244 51.58 -19.29 -24.08
N CYS D 245 52.22 -19.23 -25.24
CA CYS D 245 52.48 -17.96 -25.92
C CYS D 245 51.58 -17.78 -27.12
N ASN D 246 51.64 -18.70 -28.06
CA ASN D 246 50.80 -18.61 -29.24
C ASN D 246 49.83 -19.78 -29.34
N SER D 247 49.03 -19.80 -30.40
CA SER D 247 48.03 -20.83 -30.57
C SER D 247 48.63 -22.25 -30.66
N PHE D 248 49.76 -22.38 -31.34
CA PHE D 248 50.43 -23.69 -31.41
C PHE D 248 50.75 -24.22 -30.01
N ASP D 249 51.34 -23.37 -29.18
CA ASP D 249 51.63 -23.72 -27.79
C ASP D 249 50.35 -24.18 -27.09
N ALA D 250 49.25 -23.48 -27.35
CA ALA D 250 47.99 -23.78 -26.68
C ALA D 250 47.51 -25.17 -27.06
N GLU D 251 47.50 -25.46 -28.35
CA GLU D 251 47.08 -26.76 -28.88
C GLU D 251 47.90 -27.88 -28.26
N ARG D 252 49.22 -27.69 -28.22
CA ARG D 252 50.14 -28.68 -27.70
C ARG D 252 49.88 -28.94 -26.23
N LEU D 253 49.58 -27.89 -25.49
CA LEU D 253 49.32 -28.03 -24.05
C LEU D 253 48.03 -28.81 -23.77
N ILE D 254 47.01 -28.49 -24.56
CA ILE D 254 45.72 -29.18 -24.49
C ILE D 254 45.87 -30.66 -24.82
N GLN D 255 46.61 -30.93 -25.89
CA GLN D 255 46.85 -32.29 -26.37
C GLN D 255 47.36 -33.24 -25.29
N ILE D 256 48.27 -32.76 -24.46
CA ILE D 256 48.86 -33.59 -23.42
C ILE D 256 48.23 -33.27 -22.07
N GLN D 257 47.12 -32.55 -22.10
CA GLN D 257 46.41 -32.13 -20.88
C GLN D 257 47.35 -31.60 -19.81
N ALA D 258 48.09 -30.56 -20.15
CA ALA D 258 49.15 -30.07 -19.31
C ALA D 258 48.63 -29.20 -18.16
N CYS D 259 47.47 -28.59 -18.36
CA CYS D 259 47.05 -27.59 -17.38
C CYS D 259 45.56 -27.36 -17.42
N ASP D 260 45.08 -26.63 -16.40
CA ASP D 260 43.67 -26.38 -16.21
C ASP D 260 43.21 -25.11 -16.94
N SER D 261 44.08 -24.10 -16.97
CA SER D 261 43.73 -22.82 -17.57
C SER D 261 44.94 -22.09 -18.19
N PHE D 262 44.65 -21.08 -19.02
CA PHE D 262 45.66 -20.26 -19.67
C PHE D 262 45.73 -18.86 -19.10
N ASN D 263 46.91 -18.27 -19.18
CA ASN D 263 47.04 -16.83 -19.01
C ASN D 263 47.36 -16.20 -20.35
N LEU D 264 46.36 -15.57 -20.96
CA LEU D 264 46.49 -14.97 -22.28
C LEU D 264 47.05 -13.54 -22.18
N LYS D 265 48.08 -13.27 -22.98
CA LYS D 265 48.68 -11.94 -23.05
C LYS D 265 48.97 -11.56 -24.50
N LEU D 266 48.60 -10.35 -24.91
CA LEU D 266 48.69 -10.00 -26.31
C LEU D 266 50.14 -9.98 -26.82
N SER D 267 51.06 -9.58 -25.95
CA SER D 267 52.49 -9.63 -26.31
C SER D 267 52.97 -11.03 -26.73
N LYS D 268 52.56 -12.06 -26.00
CA LYS D 268 53.03 -13.40 -26.25
C LYS D 268 52.49 -13.95 -27.57
N SER D 269 51.28 -13.52 -27.91
CA SER D 269 50.62 -14.04 -29.12
C SER D 269 50.88 -13.14 -30.33
N ALA D 270 51.71 -12.10 -30.16
CA ALA D 270 52.05 -11.17 -31.23
C ALA D 270 50.88 -10.28 -31.67
N GLY D 271 49.89 -10.13 -30.79
CA GLY D 271 48.76 -9.30 -31.10
C GLY D 271 47.42 -9.97 -30.86
N ILE D 272 46.37 -9.32 -31.35
CA ILE D 272 45.01 -9.77 -31.17
C ILE D 272 44.70 -10.97 -32.07
N THR D 273 45.13 -10.86 -33.32
CA THR D 273 44.83 -11.90 -34.30
C THR D 273 45.02 -13.32 -33.77
N ASN D 274 46.20 -13.61 -33.25
CA ASN D 274 46.46 -14.95 -32.77
C ASN D 274 45.87 -15.21 -31.38
N ALA D 275 45.69 -14.15 -30.60
CA ALA D 275 45.04 -14.31 -29.29
C ALA D 275 43.62 -14.87 -29.46
N LEU D 276 42.95 -14.45 -30.51
CA LEU D 276 41.63 -14.98 -30.83
C LEU D 276 41.68 -16.51 -31.01
N ASN D 277 42.70 -17.02 -31.70
CA ASN D 277 42.85 -18.47 -31.85
C ASN D 277 43.00 -19.18 -30.52
N ILE D 278 43.87 -18.66 -29.66
CA ILE D 278 44.07 -19.27 -28.35
C ILE D 278 42.73 -19.31 -27.61
N ILE D 279 41.95 -18.23 -27.71
CA ILE D 279 40.66 -18.18 -27.02
C ILE D 279 39.72 -19.26 -27.56
N ARG D 280 39.63 -19.38 -28.88
CA ARG D 280 38.83 -20.43 -29.51
C ARG D 280 39.18 -21.80 -28.94
N LEU D 281 40.46 -22.14 -28.97
CA LEU D 281 40.92 -23.42 -28.44
C LEU D 281 40.46 -23.60 -27.00
N ALA D 282 40.69 -22.58 -26.18
CA ALA D 282 40.29 -22.64 -24.77
C ALA D 282 38.79 -22.94 -24.62
N GLU D 283 38.01 -22.37 -25.52
CA GLU D 283 36.57 -22.61 -25.55
C GLU D 283 36.31 -24.08 -25.81
N GLN D 284 36.81 -24.57 -26.95
CA GLN D 284 36.58 -25.95 -27.37
C GLN D 284 37.01 -26.96 -26.32
N ALA D 285 37.91 -26.54 -25.44
CA ALA D 285 38.39 -27.43 -24.39
C ALA D 285 37.88 -27.00 -23.00
N HIS D 286 36.86 -26.15 -22.98
CA HIS D 286 36.21 -25.74 -21.74
C HIS D 286 37.24 -25.34 -20.68
N MET D 287 38.20 -24.53 -21.11
CA MET D 287 39.27 -24.06 -20.24
C MET D 287 39.11 -22.60 -19.91
N PRO D 288 39.04 -22.28 -18.62
CA PRO D 288 38.97 -20.87 -18.23
C PRO D 288 40.24 -20.14 -18.69
N VAL D 289 40.10 -18.87 -19.10
CA VAL D 289 41.23 -18.07 -19.50
C VAL D 289 41.32 -16.84 -18.61
N GLN D 290 42.53 -16.48 -18.22
CA GLN D 290 42.76 -15.23 -17.52
C GLN D 290 43.47 -14.36 -18.53
N VAL D 291 43.01 -13.12 -18.69
CA VAL D 291 43.75 -12.18 -19.53
C VAL D 291 44.65 -11.32 -18.67
N GLY D 292 45.91 -11.19 -19.05
CA GLY D 292 46.85 -10.37 -18.29
C GLY D 292 47.79 -9.58 -19.19
N GLY D 293 48.98 -9.28 -18.67
CA GLY D 293 49.96 -8.51 -19.41
C GLY D 293 51.27 -8.35 -18.66
N PHE D 294 52.06 -7.37 -19.06
CA PHE D 294 53.34 -7.12 -18.38
C PHE D 294 53.30 -5.76 -17.70
N LEU D 295 54.09 -4.80 -18.17
CA LEU D 295 54.03 -3.47 -17.56
C LEU D 295 53.50 -2.41 -18.52
N GLU D 296 52.54 -2.82 -19.35
CA GLU D 296 51.89 -1.89 -20.26
C GLU D 296 51.18 -0.84 -19.42
N SER D 297 51.06 0.37 -19.97
CA SER D 297 50.20 1.41 -19.39
C SER D 297 48.74 1.03 -19.59
N ARG D 298 47.83 1.95 -19.24
CA ARG D 298 46.42 1.66 -19.46
C ARG D 298 46.10 1.50 -20.95
N LEU D 299 46.93 2.05 -21.81
CA LEU D 299 46.66 1.89 -23.23
C LEU D 299 46.73 0.42 -23.64
N GLY D 300 47.81 -0.23 -23.23
CA GLY D 300 47.99 -1.65 -23.53
C GLY D 300 46.92 -2.47 -22.89
N PHE D 301 46.61 -2.17 -21.65
CA PHE D 301 45.63 -2.98 -20.95
C PHE D 301 44.22 -2.70 -21.44
N THR D 302 44.05 -1.55 -22.09
CA THR D 302 42.76 -1.26 -22.71
C THR D 302 42.52 -2.24 -23.85
N ALA D 303 43.57 -2.51 -24.64
CA ALA D 303 43.48 -3.54 -25.67
C ALA D 303 43.14 -4.87 -25.04
N ALA D 304 43.85 -5.21 -23.97
CA ALA D 304 43.55 -6.45 -23.26
C ALA D 304 42.07 -6.53 -22.84
N ALA D 305 41.61 -5.45 -22.22
CA ALA D 305 40.24 -5.40 -21.73
C ALA D 305 39.22 -5.57 -22.85
N HIS D 306 39.46 -4.96 -24.01
CA HIS D 306 38.59 -5.14 -25.16
C HIS D 306 38.53 -6.61 -25.56
N VAL D 307 39.68 -7.26 -25.58
CA VAL D 307 39.74 -8.65 -25.99
C VAL D 307 39.03 -9.53 -24.95
N ALA D 308 39.14 -9.12 -23.70
CA ALA D 308 38.53 -9.87 -22.59
C ALA D 308 37.01 -10.05 -22.74
N LEU D 309 36.37 -9.19 -23.53
CA LEU D 309 34.92 -9.24 -23.65
C LEU D 309 34.49 -10.11 -24.82
N VAL D 310 35.44 -10.82 -25.42
CA VAL D 310 35.19 -11.53 -26.67
C VAL D 310 34.55 -12.92 -26.46
N SER D 311 34.76 -13.49 -25.28
CA SER D 311 34.33 -14.87 -25.00
C SER D 311 34.05 -15.10 -23.51
N LYS D 312 33.00 -15.89 -23.24
CA LYS D 312 32.60 -16.13 -21.86
C LYS D 312 33.57 -17.08 -21.13
N THR D 313 34.48 -17.69 -21.89
CA THR D 313 35.47 -18.58 -21.32
C THR D 313 36.56 -17.77 -20.58
N ILE D 314 36.70 -16.50 -20.95
CA ILE D 314 37.60 -15.59 -20.25
C ILE D 314 36.88 -15.09 -19.00
N CYS D 315 37.49 -15.27 -17.82
CA CYS D 315 36.80 -14.97 -16.59
C CYS D 315 37.70 -14.53 -15.44
N TYR D 316 39.00 -14.45 -15.69
CA TYR D 316 39.89 -13.89 -14.69
C TYR D 316 40.67 -12.76 -15.34
N TYR D 317 41.03 -11.75 -14.55
CA TYR D 317 41.67 -10.57 -15.10
C TYR D 317 42.81 -10.07 -14.21
N ASP D 318 43.96 -9.83 -14.83
CA ASP D 318 45.15 -9.32 -14.15
C ASP D 318 45.62 -8.04 -14.84
N PHE D 319 45.07 -6.90 -14.45
CA PHE D 319 45.33 -5.65 -15.13
C PHE D 319 45.88 -4.60 -14.18
N ASP D 320 46.65 -5.03 -13.20
CA ASP D 320 47.01 -4.14 -12.11
C ASP D 320 48.19 -3.16 -12.34
N THR D 321 49.21 -3.59 -13.07
CA THR D 321 50.45 -2.82 -13.15
C THR D 321 50.31 -1.32 -13.43
N PRO D 322 49.32 -0.91 -14.24
CA PRO D 322 49.24 0.53 -14.51
C PRO D 322 49.07 1.34 -13.24
N LEU D 323 48.39 0.76 -12.25
CA LEU D 323 48.20 1.40 -10.96
C LEU D 323 49.52 1.57 -10.19
N MET D 324 50.57 0.87 -10.63
CA MET D 324 51.89 0.98 -10.00
C MET D 324 52.75 2.10 -10.56
N PHE D 325 52.27 2.77 -11.60
CA PHE D 325 52.99 3.86 -12.25
C PHE D 325 53.08 5.10 -11.35
N GLU D 326 54.19 5.81 -11.44
CA GLU D 326 54.29 7.08 -10.73
C GLU D 326 53.35 8.10 -11.36
N ALA D 327 53.08 7.93 -12.65
CA ALA D 327 52.27 8.88 -13.39
C ALA D 327 51.55 8.22 -14.57
N ASP D 328 50.28 8.58 -14.77
CA ASP D 328 49.45 8.02 -15.83
C ASP D 328 49.43 8.92 -17.07
N PRO D 329 50.18 8.53 -18.13
CA PRO D 329 50.27 9.34 -19.34
C PRO D 329 49.17 9.04 -20.35
N VAL D 330 48.26 8.13 -20.02
CA VAL D 330 47.23 7.71 -20.96
C VAL D 330 46.03 8.64 -20.95
N ARG D 331 45.52 8.95 -22.14
CA ARG D 331 44.29 9.72 -22.30
C ARG D 331 43.15 8.77 -22.69
N GLY D 332 42.05 8.81 -21.95
CA GLY D 332 40.95 7.87 -22.16
C GLY D 332 41.26 6.48 -21.64
N GLY D 333 40.84 5.46 -22.38
CA GLY D 333 41.13 4.09 -22.03
C GLY D 333 40.30 3.58 -20.86
N ILE D 334 40.58 2.34 -20.43
CA ILE D 334 39.84 1.71 -19.33
C ILE D 334 39.96 2.54 -18.05
N VAL D 335 38.90 2.54 -17.26
CA VAL D 335 38.92 3.29 -16.01
C VAL D 335 38.74 2.33 -14.84
N TYR D 336 39.59 2.50 -13.82
CA TYR D 336 39.53 1.63 -12.65
C TYR D 336 38.53 2.19 -11.66
N GLN D 337 37.53 1.38 -11.34
CA GLN D 337 36.56 1.74 -10.32
C GLN D 337 36.85 1.05 -8.99
N GLN D 338 35.98 1.22 -8.00
CA GLN D 338 36.20 0.58 -6.71
C GLN D 338 36.04 -0.93 -6.80
N ARG D 339 36.74 -1.64 -5.92
CA ARG D 339 36.74 -3.10 -5.92
C ARG D 339 37.54 -3.68 -7.09
N GLY D 340 38.29 -2.82 -7.76
CA GLY D 340 39.06 -3.19 -8.94
C GLY D 340 38.21 -3.59 -10.14
N ILE D 341 37.00 -3.05 -10.22
CA ILE D 341 36.14 -3.29 -11.38
C ILE D 341 36.54 -2.36 -12.50
N ILE D 342 36.68 -2.93 -13.70
CA ILE D 342 37.20 -2.19 -14.85
C ILE D 342 36.09 -1.86 -15.83
N GLU D 343 36.08 -0.64 -16.34
CA GLU D 343 35.09 -0.25 -17.34
C GLU D 343 35.75 0.02 -18.67
N VAL D 344 35.21 -0.58 -19.72
CA VAL D 344 35.78 -0.47 -21.07
C VAL D 344 35.18 0.68 -21.88
N PRO D 345 36.04 1.49 -22.55
CA PRO D 345 35.59 2.60 -23.41
C PRO D 345 34.57 2.15 -24.45
N GLU D 346 33.67 3.06 -24.83
CA GLU D 346 32.66 2.70 -25.80
C GLU D 346 32.83 3.44 -27.11
N THR D 347 33.82 4.31 -27.15
CA THR D 347 34.07 5.08 -28.34
C THR D 347 34.73 4.23 -29.43
N ALA D 348 34.70 4.71 -30.67
CA ALA D 348 35.22 3.93 -31.79
C ALA D 348 36.71 3.73 -31.61
N GLY D 349 37.16 2.54 -32.00
CA GLY D 349 38.58 2.21 -31.93
C GLY D 349 39.03 1.63 -30.61
N LEU D 350 40.33 1.77 -30.35
CA LEU D 350 40.92 1.32 -29.09
C LEU D 350 40.28 2.08 -27.97
N GLY D 351 39.97 3.34 -28.21
CA GLY D 351 39.32 4.17 -27.23
C GLY D 351 40.32 4.72 -26.23
N ALA D 352 41.57 4.83 -26.65
CA ALA D 352 42.65 5.31 -25.80
C ALA D 352 43.77 5.94 -26.62
N GLY D 353 44.48 6.86 -26.00
CA GLY D 353 45.61 7.52 -26.63
C GLY D 353 46.49 8.12 -25.55
N TYR D 354 47.46 8.91 -25.94
CA TYR D 354 48.34 9.48 -24.93
C TYR D 354 48.07 10.95 -24.71
N GLN D 355 48.25 11.39 -23.47
CA GLN D 355 48.11 12.79 -23.08
C GLN D 355 48.89 13.73 -24.01
N LYS D 356 48.41 14.96 -24.10
CA LYS D 356 49.00 15.93 -25.01
C LYS D 356 50.43 16.23 -24.63
N ASP D 357 51.30 16.25 -25.65
CA ASP D 357 52.74 16.51 -25.48
C ASP D 357 53.42 15.68 -24.39
N TYR D 358 52.79 14.59 -23.98
CA TYR D 358 53.52 13.54 -23.29
C TYR D 358 54.42 12.92 -24.33
N LEU D 359 53.83 12.56 -25.47
CA LEU D 359 54.58 11.94 -26.56
C LEU D 359 55.70 12.83 -27.07
N SER D 360 55.48 14.14 -27.11
CA SER D 360 56.48 15.02 -27.69
C SER D 360 57.77 15.08 -26.86
N GLY D 361 57.68 14.70 -25.59
CA GLY D 361 58.84 14.71 -24.72
C GLY D 361 59.61 13.41 -24.74
N LEU D 362 59.16 12.46 -25.55
CA LEU D 362 59.73 11.12 -25.59
C LEU D 362 60.76 10.97 -26.69
N GLU D 363 61.78 10.15 -26.45
CA GLU D 363 62.72 9.80 -27.50
C GLU D 363 61.93 9.07 -28.58
N LYS D 364 62.00 9.57 -29.81
CA LYS D 364 61.16 9.01 -30.86
C LYS D 364 61.88 8.93 -32.20
N ILE D 365 61.37 8.06 -33.06
CA ILE D 365 61.80 8.02 -34.45
C ILE D 365 60.55 7.96 -35.29
N CYS D 366 60.71 8.19 -36.58
CA CYS D 366 59.56 8.32 -37.46
C CYS D 366 59.90 7.67 -38.79
N ILE D 367 59.10 6.70 -39.19
CA ILE D 367 59.38 5.97 -40.42
C ILE D 367 58.53 6.50 -41.58
N ASN D 368 59.23 7.14 -42.52
CA ASN D 368 58.63 7.97 -43.58
C ASN D 368 58.16 9.35 -43.15
N MET E 1 36.96 -32.26 36.85
CA MET E 1 36.15 -33.46 37.03
C MET E 1 34.76 -33.29 36.39
N ILE E 2 34.48 -34.14 35.40
CA ILE E 2 33.27 -34.05 34.61
C ILE E 2 32.03 -34.45 35.43
N ILE E 3 30.92 -33.74 35.19
CA ILE E 3 29.65 -34.07 35.83
C ILE E 3 28.93 -35.13 35.00
N THR E 4 28.56 -36.23 35.65
CA THR E 4 28.00 -37.35 34.92
C THR E 4 26.49 -37.46 35.05
N GLN E 5 25.98 -37.17 36.24
CA GLN E 5 24.53 -37.15 36.45
C GLN E 5 24.13 -36.28 37.64
N VAL E 6 22.93 -35.73 37.58
CA VAL E 6 22.40 -35.04 38.74
C VAL E 6 21.03 -35.58 39.10
N GLU E 7 20.80 -35.77 40.39
CA GLU E 7 19.50 -36.22 40.87
C GLU E 7 18.80 -35.07 41.60
N LEU E 8 17.48 -34.97 41.43
CA LEU E 8 16.69 -33.98 42.15
C LEU E 8 15.61 -34.67 42.96
N TYR E 9 15.37 -34.15 44.17
CA TYR E 9 14.43 -34.75 45.10
C TYR E 9 13.45 -33.71 45.66
N LYS E 10 12.18 -34.08 45.76
CA LYS E 10 11.22 -33.26 46.49
C LYS E 10 11.23 -33.66 47.98
N SER E 11 11.61 -32.70 48.82
CA SER E 11 11.82 -32.98 50.23
C SER E 11 10.91 -32.15 51.13
N PRO E 12 9.70 -32.66 51.36
CA PRO E 12 8.72 -31.95 52.19
C PRO E 12 8.69 -32.50 53.62
N VAL E 13 9.11 -31.69 54.57
CA VAL E 13 9.04 -32.11 55.95
C VAL E 13 8.10 -31.19 56.74
N LYS E 14 7.27 -31.77 57.59
CA LYS E 14 6.29 -31.01 58.36
C LYS E 14 6.90 -30.30 59.55
N LEU E 15 6.41 -29.10 59.85
CA LEU E 15 6.85 -28.36 61.02
C LEU E 15 6.03 -28.73 62.25
N LYS E 16 6.64 -28.63 63.42
CA LYS E 16 5.96 -28.90 64.69
C LYS E 16 4.79 -27.95 64.84
N GLU E 17 5.10 -26.66 64.96
CA GLU E 17 4.09 -25.61 64.97
C GLU E 17 4.11 -24.89 63.63
N PRO E 18 2.95 -24.43 63.17
CA PRO E 18 2.94 -23.63 61.94
C PRO E 18 3.78 -22.35 62.07
N PHE E 19 4.47 -22.01 60.99
CA PHE E 19 5.38 -20.87 60.95
C PHE E 19 4.68 -19.68 60.31
N LYS E 20 4.65 -18.56 61.01
CA LYS E 20 3.78 -17.44 60.65
C LYS E 20 4.53 -16.12 60.49
N ILE E 21 4.43 -15.53 59.30
CA ILE E 21 5.00 -14.20 59.08
C ILE E 21 3.92 -13.31 58.47
N SER E 22 4.18 -12.02 58.35
CA SER E 22 3.19 -11.08 57.85
C SER E 22 2.69 -11.46 56.45
N LEU E 23 3.49 -12.22 55.72
CA LEU E 23 3.18 -12.60 54.34
C LEU E 23 2.33 -13.85 54.22
N GLY E 24 2.32 -14.68 55.24
CA GLY E 24 1.57 -15.93 55.21
C GLY E 24 1.92 -16.92 56.30
N ILE E 25 1.29 -18.08 56.23
CA ILE E 25 1.48 -19.16 57.18
C ILE E 25 1.95 -20.44 56.49
N LEU E 26 2.96 -21.10 57.07
CA LEU E 26 3.48 -22.35 56.49
C LEU E 26 3.38 -23.53 57.44
N THR E 27 2.97 -24.67 56.90
CA THR E 27 2.87 -25.88 57.71
C THR E 27 4.02 -26.81 57.42
N HIS E 28 4.60 -26.66 56.23
CA HIS E 28 5.69 -27.53 55.79
C HIS E 28 6.85 -26.73 55.27
N ALA E 29 8.03 -27.31 55.32
CA ALA E 29 9.16 -26.81 54.57
C ALA E 29 9.23 -27.68 53.31
N ASN E 30 8.85 -27.11 52.17
CA ASN E 30 8.83 -27.89 50.94
C ASN E 30 10.06 -27.64 50.10
N ASN E 31 11.12 -28.39 50.40
CA ASN E 31 12.44 -28.11 49.84
C ASN E 31 12.74 -28.96 48.60
N VAL E 32 13.76 -28.55 47.86
CA VAL E 32 14.24 -29.37 46.75
C VAL E 32 15.70 -29.69 46.95
N ILE E 33 16.04 -30.96 46.78
CA ILE E 33 17.41 -31.42 47.02
C ILE E 33 18.12 -31.73 45.70
N VAL E 34 19.39 -31.35 45.63
CA VAL E 34 20.19 -31.56 44.42
C VAL E 34 21.45 -32.36 44.76
N ARG E 35 21.70 -33.42 43.99
CA ARG E 35 22.91 -34.22 44.10
C ARG E 35 23.62 -34.30 42.77
N ILE E 36 24.81 -33.72 42.71
CA ILE E 36 25.63 -33.82 41.50
C ILE E 36 26.68 -34.95 41.64
N HIS E 37 26.76 -35.79 40.61
CA HIS E 37 27.71 -36.91 40.55
C HIS E 37 28.82 -36.61 39.56
N THR E 38 30.05 -36.92 39.93
CA THR E 38 31.16 -36.82 38.99
C THR E 38 31.59 -38.20 38.47
N ALA E 39 32.41 -38.20 37.44
CA ALA E 39 32.93 -39.42 36.86
C ALA E 39 33.79 -40.13 37.91
N SER E 40 34.57 -39.34 38.66
CA SER E 40 35.41 -39.87 39.75
C SER E 40 34.60 -40.42 40.93
N GLY E 41 33.26 -40.31 40.86
CA GLY E 41 32.40 -40.85 41.88
C GLY E 41 32.20 -39.96 43.12
N HIS E 42 32.58 -38.69 43.02
CA HIS E 42 32.28 -37.73 44.07
C HIS E 42 30.83 -37.27 43.97
N ILE E 43 30.28 -36.89 45.11
CA ILE E 43 28.89 -36.43 45.15
C ILE E 43 28.80 -35.13 45.92
N GLY E 44 28.21 -34.12 45.28
CA GLY E 44 27.96 -32.84 45.93
C GLY E 44 26.49 -32.65 46.25
N TYR E 45 26.21 -32.07 47.42
CA TYR E 45 24.83 -31.85 47.83
C TYR E 45 24.50 -30.39 47.82
N GLY E 46 23.30 -30.08 47.34
CA GLY E 46 22.74 -28.75 47.46
C GLY E 46 21.29 -28.85 47.84
N GLU E 47 20.81 -27.85 48.57
CA GLU E 47 19.42 -27.78 48.96
C GLU E 47 18.89 -26.39 48.69
N CYS E 48 17.57 -26.28 48.53
CA CYS E 48 16.96 -24.97 48.45
C CYS E 48 15.55 -25.06 48.98
N SER E 49 15.05 -23.94 49.47
CA SER E 49 13.75 -23.92 50.09
C SER E 49 12.83 -22.85 49.49
N PRO E 50 12.17 -23.18 48.37
CA PRO E 50 11.36 -22.19 47.66
C PRO E 50 10.31 -21.57 48.55
N PHE E 51 10.22 -20.25 48.51
CA PHE E 51 9.24 -19.48 49.26
C PHE E 51 8.44 -18.60 48.28
N MET E 52 7.24 -19.05 47.93
CA MET E 52 6.47 -18.45 46.84
C MET E 52 6.33 -16.94 46.87
N THR E 53 6.01 -16.38 48.02
CA THR E 53 5.79 -14.93 48.12
C THR E 53 7.07 -14.08 48.16
N ILE E 54 8.23 -14.73 48.05
CA ILE E 54 9.49 -14.00 48.04
C ILE E 54 10.37 -14.40 46.86
N HIS E 55 10.54 -15.70 46.68
CA HIS E 55 11.34 -16.17 45.57
C HIS E 55 10.55 -16.10 44.29
N GLY E 56 9.24 -16.32 44.39
CA GLY E 56 8.43 -16.52 43.22
C GLY E 56 8.76 -17.86 42.60
N GLU E 57 9.19 -18.78 43.44
CA GLU E 57 9.39 -20.16 43.02
C GLU E 57 8.66 -21.05 44.01
N SER E 58 8.36 -22.28 43.62
CA SER E 58 7.77 -23.25 44.54
C SER E 58 8.58 -24.53 44.44
N MET E 59 8.32 -25.47 45.33
CA MET E 59 8.94 -26.77 45.23
C MET E 59 8.63 -27.36 43.85
N ASP E 60 7.40 -27.22 43.39
CA ASP E 60 7.03 -27.74 42.08
C ASP E 60 7.82 -27.11 40.92
N THR E 61 7.96 -25.79 40.92
CA THR E 61 8.66 -25.15 39.81
C THR E 61 10.14 -25.45 39.93
N ALA E 62 10.66 -25.43 41.15
CA ALA E 62 12.08 -25.70 41.35
C ALA E 62 12.46 -27.07 40.81
N PHE E 63 11.59 -28.04 41.03
CA PHE E 63 11.81 -29.41 40.60
C PHE E 63 11.87 -29.51 39.07
N ILE E 64 11.16 -28.63 38.37
CA ILE E 64 11.18 -28.67 36.91
C ILE E 64 12.36 -27.88 36.35
N VAL E 65 12.49 -26.63 36.77
CA VAL E 65 13.58 -25.78 36.32
C VAL E 65 14.93 -26.44 36.62
N GLY E 66 15.03 -27.11 37.76
CA GLY E 66 16.24 -27.83 38.12
C GLY E 66 16.66 -28.85 37.06
N GLN E 67 15.68 -29.44 36.39
CA GLN E 67 15.99 -30.37 35.32
C GLN E 67 16.56 -29.64 34.12
N TYR E 68 16.03 -28.47 33.79
CA TYR E 68 16.56 -27.69 32.69
C TYR E 68 18.03 -27.48 32.97
N LEU E 69 18.31 -27.17 34.23
CA LEU E 69 19.66 -26.80 34.64
C LEU E 69 20.61 -28.01 34.64
N ALA E 70 20.15 -29.11 35.22
CA ALA E 70 20.93 -30.33 35.22
C ALA E 70 21.38 -30.67 33.81
N LYS E 71 20.42 -30.70 32.88
CA LYS E 71 20.67 -31.03 31.48
C LYS E 71 21.87 -30.26 30.95
N GLY E 72 21.90 -28.96 31.22
CA GLY E 72 22.96 -28.10 30.73
C GLY E 72 24.31 -28.34 31.40
N LEU E 73 24.28 -28.86 32.61
CA LEU E 73 25.51 -29.06 33.37
C LEU E 73 26.16 -30.41 33.05
N ILE E 74 25.36 -31.40 32.70
CA ILE E 74 25.91 -32.69 32.34
C ILE E 74 27.01 -32.56 31.30
N GLY E 75 28.21 -33.02 31.65
CA GLY E 75 29.35 -32.98 30.75
C GLY E 75 30.34 -31.85 31.03
N THR E 76 29.97 -30.93 31.91
CA THR E 76 30.86 -29.84 32.29
C THR E 76 31.77 -30.19 33.46
N SER E 77 32.79 -29.36 33.68
CA SER E 77 33.68 -29.54 34.83
C SER E 77 33.12 -28.85 36.06
N CYS E 78 32.88 -29.62 37.10
CA CYS E 78 32.25 -29.08 38.30
C CYS E 78 33.15 -28.10 39.04
N LEU E 79 34.34 -27.84 38.50
CA LEU E 79 35.25 -26.92 39.16
C LEU E 79 35.12 -25.51 38.59
N ASP E 80 34.62 -25.41 37.37
CA ASP E 80 34.39 -24.11 36.72
C ASP E 80 33.09 -23.49 37.26
N ILE E 81 33.11 -23.13 38.54
CA ILE E 81 31.90 -22.67 39.19
C ILE E 81 31.35 -21.46 38.47
N VAL E 82 32.19 -20.46 38.21
CA VAL E 82 31.72 -19.27 37.51
C VAL E 82 31.17 -19.57 36.09
N SER E 83 31.93 -20.33 35.32
CA SER E 83 31.45 -20.75 34.02
C SER E 83 30.07 -21.41 34.11
N ASN E 84 29.89 -22.28 35.09
CA ASN E 84 28.65 -23.04 35.20
C ASN E 84 27.46 -22.21 35.69
N SER E 85 27.78 -21.24 36.54
CA SER E 85 26.77 -20.31 37.03
C SER E 85 26.24 -19.48 35.87
N LEU E 86 27.14 -19.08 34.97
CA LEU E 86 26.76 -18.35 33.77
C LEU E 86 25.94 -19.23 32.85
N LEU E 87 26.36 -20.47 32.70
CA LEU E 87 25.65 -21.42 31.89
C LEU E 87 24.19 -21.52 32.32
N MET E 88 23.96 -21.65 33.61
CA MET E 88 22.61 -21.73 34.13
C MET E 88 21.83 -20.46 33.80
N ASP E 89 22.43 -19.32 34.07
CA ASP E 89 21.82 -18.04 33.74
C ASP E 89 21.42 -17.96 32.26
N ALA E 90 22.25 -18.50 31.39
CA ALA E 90 21.94 -18.54 29.99
C ALA E 90 20.78 -19.47 29.67
N ILE E 91 20.48 -20.39 30.58
CA ILE E 91 19.38 -21.33 30.37
C ILE E 91 18.03 -20.72 30.78
N ILE E 92 18.04 -19.97 31.85
CA ILE E 92 16.82 -19.35 32.36
C ILE E 92 17.15 -18.18 33.26
N TYR E 93 16.36 -17.12 33.15
CA TYR E 93 16.56 -15.94 33.96
C TYR E 93 15.97 -16.18 35.35
N GLY E 94 16.44 -15.41 36.34
CA GLY E 94 15.95 -15.55 37.71
C GLY E 94 16.09 -16.97 38.27
N ASN E 95 15.05 -17.44 38.96
CA ASN E 95 15.08 -18.78 39.55
C ASN E 95 16.32 -18.99 40.43
N SER E 96 16.64 -17.96 41.22
CA SER E 96 17.83 -17.97 42.04
C SER E 96 17.79 -19.10 43.07
N CYS E 97 16.62 -19.31 43.65
CA CYS E 97 16.45 -20.37 44.64
C CYS E 97 17.00 -21.71 44.12
N ILE E 98 16.40 -22.26 43.09
CA ILE E 98 16.88 -23.53 42.58
C ILE E 98 18.35 -23.43 42.14
N LYS E 99 18.74 -22.33 41.51
CA LYS E 99 20.12 -22.14 41.08
C LYS E 99 21.09 -22.24 42.27
N SER E 100 20.69 -21.65 43.38
CA SER E 100 21.53 -21.70 44.58
C SER E 100 21.84 -23.14 45.00
N ALA E 101 20.88 -24.05 44.87
CA ALA E 101 21.14 -25.43 45.20
C ALA E 101 22.23 -26.01 44.33
N PHE E 102 22.15 -25.77 43.03
CA PHE E 102 23.20 -26.28 42.16
C PHE E 102 24.53 -25.63 42.54
N ASN E 103 24.49 -24.33 42.80
CA ASN E 103 25.71 -23.60 43.10
C ASN E 103 26.37 -24.15 44.34
N ILE E 104 25.59 -24.31 45.39
CA ILE E 104 26.09 -24.89 46.64
C ILE E 104 26.73 -26.25 46.38
N ALA E 105 26.03 -27.14 45.68
CA ALA E 105 26.59 -28.45 45.37
C ALA E 105 27.91 -28.34 44.65
N LEU E 106 28.01 -27.41 43.71
CA LEU E 106 29.25 -27.25 42.96
C LEU E 106 30.36 -26.93 43.93
N TYR E 107 30.12 -25.98 44.82
CA TYR E 107 31.14 -25.61 45.81
C TYR E 107 31.49 -26.81 46.68
N ASP E 108 30.50 -27.61 47.02
CA ASP E 108 30.74 -28.83 47.75
C ASP E 108 31.83 -29.61 47.01
N LEU E 109 31.56 -29.96 45.76
CA LEU E 109 32.53 -30.72 44.97
C LEU E 109 33.90 -30.00 44.92
N ALA E 110 33.88 -28.67 44.80
CA ALA E 110 35.13 -27.94 44.71
C ALA E 110 35.94 -28.07 46.00
N ALA E 111 35.30 -27.84 47.13
CA ALA E 111 35.96 -27.98 48.42
C ALA E 111 36.46 -29.42 48.58
N GLN E 112 35.63 -30.40 48.21
CA GLN E 112 36.03 -31.80 48.29
C GLN E 112 37.33 -32.06 47.55
N HIS E 113 37.41 -31.49 46.35
CA HIS E 113 38.58 -31.65 45.49
C HIS E 113 39.83 -31.06 46.12
N ALA E 114 39.65 -29.95 46.84
CA ALA E 114 40.79 -29.26 47.45
C ALA E 114 41.12 -29.86 48.81
N GLY E 115 40.29 -30.80 49.27
CA GLY E 115 40.52 -31.43 50.55
C GLY E 115 40.33 -30.46 51.72
N LEU E 116 39.49 -29.45 51.51
CA LEU E 116 39.17 -28.52 52.59
C LEU E 116 37.67 -28.51 52.93
N PRO E 117 37.31 -28.15 54.17
CA PRO E 117 35.92 -27.83 54.45
C PRO E 117 35.52 -26.54 53.71
N LEU E 118 34.24 -26.39 53.40
CA LEU E 118 33.81 -25.23 52.61
C LEU E 118 34.37 -23.92 53.13
N TYR E 119 34.20 -23.66 54.42
CA TYR E 119 34.57 -22.34 54.93
C TYR E 119 36.04 -22.02 54.65
N ALA E 120 36.90 -23.03 54.74
CA ALA E 120 38.31 -22.81 54.46
C ALA E 120 38.58 -22.66 52.95
N PHE E 121 37.83 -23.38 52.13
CA PHE E 121 37.99 -23.27 50.69
C PHE E 121 37.61 -21.87 50.23
N LEU E 122 36.71 -21.22 50.97
CA LEU E 122 36.28 -19.86 50.67
C LEU E 122 37.18 -18.81 51.31
N GLY E 123 38.22 -19.27 52.01
CA GLY E 123 39.17 -18.36 52.62
C GLY E 123 38.71 -17.81 53.96
N GLY E 124 37.83 -18.56 54.62
CA GLY E 124 37.37 -18.17 55.94
C GLY E 124 38.16 -18.86 57.03
N LYS E 125 37.85 -18.56 58.28
CA LYS E 125 38.52 -19.18 59.40
C LYS E 125 37.62 -19.10 60.61
N LYS E 126 37.78 -20.06 61.53
CA LYS E 126 36.95 -20.12 62.73
C LYS E 126 37.42 -19.16 63.81
N ASP E 127 37.18 -17.87 63.60
CA ASP E 127 37.66 -16.85 64.54
C ASP E 127 36.53 -16.09 65.23
N LYS E 128 35.35 -16.69 65.26
CA LYS E 128 34.23 -16.07 65.96
C LYS E 128 33.15 -17.09 66.29
N ILE E 129 32.32 -16.78 67.29
CA ILE E 129 31.26 -17.71 67.66
C ILE E 129 29.98 -17.38 66.89
N ILE E 130 29.43 -18.42 66.27
CA ILE E 130 28.18 -18.25 65.54
C ILE E 130 27.01 -18.56 66.47
N GLN E 131 26.22 -17.53 66.74
CA GLN E 131 25.04 -17.71 67.58
C GLN E 131 23.73 -17.36 66.87
N THR E 132 22.82 -18.33 66.80
CA THR E 132 21.56 -18.11 66.14
C THR E 132 20.54 -17.50 67.09
N ASP E 133 19.59 -16.79 66.51
CA ASP E 133 18.42 -16.32 67.23
C ASP E 133 17.39 -17.44 67.10
N TYR E 134 16.19 -17.19 67.62
CA TYR E 134 15.06 -18.07 67.35
C TYR E 134 13.82 -17.20 67.14
N THR E 135 12.90 -17.68 66.33
CA THR E 135 11.87 -16.82 65.77
C THR E 135 10.50 -17.05 66.37
N VAL E 136 9.92 -15.97 66.88
CA VAL E 136 8.54 -16.00 67.33
C VAL E 136 7.62 -15.66 66.17
N SER E 137 6.74 -16.60 65.80
CA SER E 137 5.78 -16.35 64.74
C SER E 137 4.82 -15.20 65.09
N ILE E 138 4.34 -14.51 64.07
CA ILE E 138 3.38 -13.43 64.25
C ILE E 138 2.01 -14.01 64.59
N ASP E 139 1.49 -13.63 65.75
CA ASP E 139 0.25 -14.19 66.25
C ASP E 139 -0.37 -13.23 67.22
N GLU E 140 -1.43 -13.66 67.89
CA GLU E 140 -2.05 -12.88 68.96
C GLU E 140 -1.01 -12.62 70.06
N PRO E 141 -0.95 -11.38 70.60
CA PRO E 141 0.16 -10.97 71.47
C PRO E 141 0.44 -11.88 72.68
N HIS E 142 -0.60 -12.43 73.31
CA HIS E 142 -0.40 -13.33 74.43
C HIS E 142 0.37 -14.59 74.00
N LYS E 143 -0.07 -15.20 72.91
CA LYS E 143 0.62 -16.33 72.32
C LYS E 143 2.09 -15.99 72.06
N MET E 144 2.34 -14.81 71.50
CA MET E 144 3.69 -14.41 71.15
C MET E 144 4.58 -14.26 72.38
N ALA E 145 4.04 -13.68 73.45
CA ALA E 145 4.81 -13.54 74.68
C ALA E 145 5.12 -14.91 75.26
N ALA E 146 4.15 -15.82 75.21
CA ALA E 146 4.31 -17.17 75.71
C ALA E 146 5.49 -17.87 75.03
N ASP E 147 5.51 -17.80 73.71
CA ASP E 147 6.58 -18.38 72.90
C ASP E 147 7.93 -17.75 73.28
N ALA E 148 7.96 -16.42 73.38
CA ALA E 148 9.18 -15.72 73.72
C ALA E 148 9.75 -16.28 75.01
N VAL E 149 8.87 -16.56 75.95
CA VAL E 149 9.26 -17.16 77.22
C VAL E 149 9.88 -18.54 77.01
N GLN E 150 9.11 -19.46 76.42
CA GLN E 150 9.61 -20.78 76.14
C GLN E 150 11.00 -20.72 75.50
N ILE E 151 11.17 -19.80 74.56
CA ILE E 151 12.44 -19.64 73.86
C ILE E 151 13.55 -19.25 74.81
N LYS E 152 13.28 -18.28 75.69
CA LYS E 152 14.26 -17.86 76.68
C LYS E 152 14.62 -19.01 77.62
N LYS E 153 13.60 -19.77 78.01
CA LYS E 153 13.77 -20.93 78.87
C LYS E 153 14.67 -21.98 78.21
N ASN E 154 14.43 -22.25 76.93
CA ASN E 154 15.26 -23.20 76.18
C ASN E 154 16.71 -22.71 76.00
N GLY E 155 16.97 -21.48 76.44
CA GLY E 155 18.33 -20.97 76.53
C GLY E 155 18.83 -20.07 75.43
N PHE E 156 17.97 -19.77 74.45
CA PHE E 156 18.36 -18.88 73.36
C PHE E 156 18.52 -17.47 73.89
N GLU E 157 19.58 -16.80 73.47
CA GLU E 157 19.89 -15.46 73.99
C GLU E 157 19.49 -14.35 73.02
N ILE E 158 18.96 -14.73 71.86
CA ILE E 158 18.52 -13.74 70.86
C ILE E 158 17.17 -14.16 70.29
N ILE E 159 16.18 -13.27 70.36
CA ILE E 159 14.87 -13.57 69.82
C ILE E 159 14.57 -12.71 68.59
N LYS E 160 14.03 -13.35 67.56
CA LYS E 160 13.61 -12.62 66.36
C LYS E 160 12.10 -12.64 66.27
N VAL E 161 11.50 -11.46 66.31
CA VAL E 161 10.05 -11.35 66.35
C VAL E 161 9.44 -10.91 65.04
N LYS E 162 8.50 -11.71 64.54
CA LYS E 162 7.78 -11.34 63.32
C LYS E 162 6.66 -10.31 63.54
N VAL E 163 6.91 -9.09 63.09
CA VAL E 163 5.89 -8.07 63.08
C VAL E 163 5.41 -7.83 61.66
N GLY E 164 4.57 -6.80 61.48
CA GLY E 164 4.06 -6.42 60.18
C GLY E 164 2.56 -6.18 60.16
N GLY E 165 1.94 -6.19 61.33
CA GLY E 165 0.51 -5.93 61.44
C GLY E 165 0.26 -4.43 61.59
N SER E 166 -0.89 -4.08 62.17
CA SER E 166 -1.20 -2.68 62.44
C SER E 166 -0.24 -2.10 63.48
N LYS E 167 0.04 -0.80 63.38
CA LYS E 167 0.95 -0.14 64.33
C LYS E 167 0.57 -0.43 65.78
N GLU E 168 -0.71 -0.31 66.07
CA GLU E 168 -1.25 -0.59 67.38
C GLU E 168 -0.80 -1.98 67.86
N LEU E 169 -1.15 -2.99 67.07
CA LEU E 169 -0.95 -4.39 67.43
C LEU E 169 0.54 -4.80 67.58
N ASP E 170 1.39 -4.29 66.69
CA ASP E 170 2.81 -4.62 66.73
C ASP E 170 3.48 -4.08 67.99
N VAL E 171 3.03 -2.94 68.46
CA VAL E 171 3.59 -2.37 69.67
C VAL E 171 3.12 -3.15 70.90
N GLU E 172 1.86 -3.54 70.90
CA GLU E 172 1.34 -4.38 71.97
C GLU E 172 2.15 -5.65 72.01
N ARG E 173 2.44 -6.19 70.83
CA ARG E 173 3.25 -7.39 70.69
C ARG E 173 4.64 -7.23 71.34
N ILE E 174 5.43 -6.26 70.88
CA ILE E 174 6.77 -6.07 71.43
C ILE E 174 6.75 -5.80 72.93
N ARG E 175 5.81 -4.98 73.39
CA ARG E 175 5.70 -4.65 74.81
C ARG E 175 5.42 -5.90 75.64
N MET E 176 4.34 -6.60 75.32
CA MET E 176 3.98 -7.83 76.03
C MET E 176 5.16 -8.80 76.12
N ILE E 177 5.94 -8.88 75.04
CA ILE E 177 7.13 -9.72 75.02
C ILE E 177 8.20 -9.16 75.95
N ARG E 178 8.50 -7.88 75.79
CA ARG E 178 9.53 -7.23 76.58
C ARG E 178 9.24 -7.35 78.08
N GLU E 179 7.97 -7.20 78.45
CA GLU E 179 7.61 -7.24 79.86
C GLU E 179 7.38 -8.68 80.35
N ALA E 180 7.33 -9.63 79.42
CA ALA E 180 7.16 -11.03 79.80
C ALA E 180 8.44 -11.86 79.62
N ALA E 181 9.54 -11.21 79.26
CA ALA E 181 10.77 -11.96 78.98
C ALA E 181 12.06 -11.24 79.35
N GLY E 182 11.98 -9.93 79.59
CA GLY E 182 13.14 -9.21 80.08
C GLY E 182 13.65 -8.14 79.14
N ASP E 183 14.59 -7.34 79.64
CA ASP E 183 15.12 -6.21 78.87
C ASP E 183 16.58 -6.46 78.54
N SER E 184 17.10 -7.57 79.05
CA SER E 184 18.51 -7.92 78.85
C SER E 184 18.68 -8.78 77.61
N ILE E 185 17.73 -9.70 77.40
CA ILE E 185 17.73 -10.55 76.21
C ILE E 185 17.65 -9.66 74.95
N THR E 186 18.62 -9.82 74.06
CA THR E 186 18.65 -9.03 72.85
C THR E 186 17.54 -9.50 71.88
N LEU E 187 16.76 -8.57 71.35
CA LEU E 187 15.74 -8.95 70.35
C LEU E 187 15.71 -8.10 69.05
N ARG E 188 15.42 -8.77 67.95
CA ARG E 188 15.40 -8.16 66.62
C ARG E 188 14.04 -8.44 65.97
N ILE E 189 13.58 -7.55 65.11
CA ILE E 189 12.26 -7.69 64.51
C ILE E 189 12.29 -7.74 62.99
N ASP E 190 11.24 -8.32 62.42
CA ASP E 190 11.15 -8.52 60.98
C ASP E 190 9.71 -8.32 60.53
N ALA E 191 9.49 -7.37 59.62
CA ALA E 191 8.15 -6.99 59.18
C ALA E 191 7.73 -7.70 57.91
N ASN E 192 8.71 -8.28 57.20
CA ASN E 192 8.46 -8.89 55.91
C ASN E 192 7.58 -8.01 55.02
N GLN E 193 8.00 -6.76 54.82
CA GLN E 193 7.32 -5.83 53.93
C GLN E 193 5.93 -5.42 54.41
N GLY E 194 5.64 -5.68 55.69
CA GLY E 194 4.29 -5.54 56.22
C GLY E 194 3.70 -4.14 56.31
N TRP E 195 4.54 -3.16 56.62
CA TRP E 195 4.06 -1.77 56.83
C TRP E 195 4.12 -0.87 55.58
N SER E 196 3.28 0.17 55.59
CA SER E 196 3.44 1.28 54.64
C SER E 196 4.56 2.16 55.15
N VAL E 197 5.15 2.98 54.28
CA VAL E 197 6.25 3.84 54.71
C VAL E 197 5.85 4.62 55.95
N GLU E 198 4.62 5.08 55.94
CA GLU E 198 3.98 5.86 56.98
C GLU E 198 3.93 5.06 58.29
N THR E 199 3.22 3.93 58.26
CA THR E 199 3.06 3.06 59.42
C THR E 199 4.40 2.58 59.95
N ALA E 200 5.36 2.43 59.05
CA ALA E 200 6.69 1.97 59.43
C ALA E 200 7.29 2.99 60.40
N ILE E 201 7.50 4.20 59.90
CA ILE E 201 8.12 5.26 60.69
C ILE E 201 7.43 5.46 62.04
N GLU E 202 6.11 5.40 62.06
CA GLU E 202 5.35 5.58 63.30
C GLU E 202 5.56 4.44 64.28
N THR E 203 5.52 3.22 63.77
CA THR E 203 5.70 2.06 64.62
C THR E 203 7.15 1.96 65.10
N LEU E 204 8.09 2.33 64.24
CA LEU E 204 9.51 2.19 64.58
C LEU E 204 9.97 3.17 65.67
N THR E 205 9.34 4.35 65.74
CA THR E 205 9.66 5.29 66.80
C THR E 205 8.91 4.88 68.06
N LEU E 206 7.67 4.43 67.91
CA LEU E 206 6.91 3.90 69.03
C LEU E 206 7.51 2.63 69.64
N LEU E 207 8.47 2.02 68.95
CA LEU E 207 9.11 0.79 69.42
C LEU E 207 10.51 1.04 69.99
N GLU E 208 11.11 2.17 69.65
CA GLU E 208 12.48 2.48 70.07
C GLU E 208 12.75 2.30 71.56
N PRO E 209 11.80 2.73 72.41
CA PRO E 209 11.95 2.54 73.86
C PRO E 209 12.24 1.08 74.26
N TYR E 210 11.72 0.12 73.49
CA TYR E 210 11.89 -1.29 73.86
C TYR E 210 13.25 -1.85 73.46
N ASN E 211 14.14 -1.00 72.99
CA ASN E 211 15.52 -1.37 72.70
C ASN E 211 15.63 -2.56 71.76
N ILE E 212 15.35 -2.33 70.47
CA ILE E 212 15.42 -3.43 69.52
C ILE E 212 16.62 -3.28 68.60
N GLN E 213 17.23 -4.42 68.26
CA GLN E 213 18.57 -4.46 67.65
C GLN E 213 18.59 -3.95 66.20
N HIS E 214 17.65 -4.46 65.42
CA HIS E 214 17.43 -4.00 64.08
C HIS E 214 16.11 -4.53 63.55
N CYS E 215 15.58 -3.89 62.52
CA CYS E 215 14.32 -4.29 61.90
C CYS E 215 14.56 -4.68 60.45
N GLU E 216 14.12 -5.88 60.09
CA GLU E 216 14.30 -6.37 58.73
C GLU E 216 13.12 -5.92 57.87
N GLU E 217 13.43 -5.40 56.68
CA GLU E 217 12.44 -5.16 55.62
C GLU E 217 11.10 -4.63 56.14
N PRO E 218 11.08 -3.36 56.54
CA PRO E 218 9.86 -2.76 57.10
C PRO E 218 8.76 -2.54 56.05
N VAL E 219 9.16 -2.25 54.81
CA VAL E 219 8.17 -1.96 53.79
C VAL E 219 8.38 -2.78 52.52
N SER E 220 7.44 -2.63 51.60
CA SER E 220 7.48 -3.30 50.32
C SER E 220 8.83 -3.18 49.63
N ARG E 221 9.30 -4.29 49.07
CA ARG E 221 10.58 -4.31 48.38
C ARG E 221 10.53 -3.37 47.19
N ASN E 222 9.32 -3.06 46.74
CA ASN E 222 9.09 -2.16 45.61
C ASN E 222 9.33 -0.71 45.99
N LEU E 223 9.25 -0.43 47.28
CA LEU E 223 9.43 0.95 47.76
C LEU E 223 10.78 1.14 48.44
N TYR E 224 11.80 0.43 47.97
CA TYR E 224 13.12 0.49 48.59
C TYR E 224 13.68 1.92 48.58
N THR E 225 13.19 2.73 47.64
CA THR E 225 13.64 4.11 47.50
C THR E 225 13.18 4.96 48.68
N ALA E 226 12.20 4.46 49.41
CA ALA E 226 11.73 5.17 50.60
C ALA E 226 12.51 4.75 51.84
N LEU E 227 13.38 3.77 51.66
CA LEU E 227 14.18 3.30 52.79
C LEU E 227 15.07 4.41 53.39
N PRO E 228 15.79 5.16 52.54
CA PRO E 228 16.65 6.20 53.11
C PRO E 228 15.86 7.13 54.03
N LYS E 229 14.63 7.45 53.62
CA LYS E 229 13.78 8.32 54.44
C LYS E 229 13.45 7.72 55.79
N ILE E 230 13.21 6.42 55.81
CA ILE E 230 12.90 5.71 57.05
C ILE E 230 14.15 5.59 57.93
N ARG E 231 15.28 5.29 57.30
CA ARG E 231 16.56 5.12 58.02
C ARG E 231 16.90 6.35 58.85
N GLN E 232 16.61 7.53 58.29
CA GLN E 232 16.94 8.81 58.93
C GLN E 232 15.92 9.22 59.99
N ALA E 233 14.65 8.88 59.76
CA ALA E 233 13.60 9.22 60.71
C ALA E 233 13.57 8.27 61.91
N CYS E 234 14.24 7.12 61.77
CA CYS E 234 14.18 6.10 62.82
C CYS E 234 15.53 5.73 63.43
N ARG E 235 15.52 5.53 64.74
CA ARG E 235 16.75 5.27 65.48
C ARG E 235 17.12 3.80 65.31
N ILE E 236 16.13 2.93 65.51
CA ILE E 236 16.29 1.49 65.29
C ILE E 236 16.89 1.27 63.91
N PRO E 237 18.03 0.55 63.84
CA PRO E 237 18.64 0.31 62.53
C PRO E 237 17.75 -0.59 61.66
N ILE E 238 17.75 -0.35 60.35
CA ILE E 238 16.94 -1.18 59.46
C ILE E 238 17.80 -2.05 58.55
N MET E 239 17.38 -3.30 58.42
CA MET E 239 18.13 -4.30 57.66
C MET E 239 17.33 -4.75 56.45
N ALA E 240 17.93 -4.60 55.27
CA ALA E 240 17.28 -4.99 54.02
C ALA E 240 17.33 -6.48 53.83
N ASP E 241 16.16 -7.11 53.65
CA ASP E 241 16.13 -8.54 53.33
C ASP E 241 15.64 -8.76 51.90
N GLU E 242 14.33 -8.83 51.71
CA GLU E 242 13.78 -8.98 50.37
C GLU E 242 14.32 -7.91 49.41
N SER E 243 14.64 -6.73 49.94
CA SER E 243 15.12 -5.65 49.11
C SER E 243 16.55 -5.87 48.63
N CYS E 244 17.25 -6.78 49.29
CA CYS E 244 18.64 -7.08 48.94
C CYS E 244 18.81 -8.53 48.57
N CYS E 245 18.77 -8.83 47.28
CA CYS E 245 18.87 -10.20 46.79
C CYS E 245 20.23 -10.53 46.22
N ASN E 246 20.67 -9.74 45.25
CA ASN E 246 21.97 -9.99 44.61
C ASN E 246 22.91 -8.80 44.81
N SER E 247 24.11 -8.90 44.27
CA SER E 247 25.10 -7.85 44.44
C SER E 247 24.67 -6.49 43.86
N PHE E 248 24.00 -6.50 42.70
CA PHE E 248 23.47 -5.26 42.12
C PHE E 248 22.52 -4.55 43.08
N ASP E 249 21.54 -5.30 43.58
CA ASP E 249 20.67 -4.77 44.62
C ASP E 249 21.46 -4.13 45.76
N ALA E 250 22.52 -4.81 46.19
CA ALA E 250 23.33 -4.34 47.31
C ALA E 250 23.95 -3.00 47.00
N GLU E 251 24.57 -2.90 45.83
CA GLU E 251 25.24 -1.68 45.39
C GLU E 251 24.26 -0.52 45.36
N ARG E 252 23.08 -0.78 44.81
CA ARG E 252 22.09 0.25 44.64
C ARG E 252 21.60 0.74 46.00
N LEU E 253 21.48 -0.17 46.96
CA LEU E 253 20.99 0.20 48.28
C LEU E 253 22.01 1.07 49.00
N ILE E 254 23.28 0.69 48.85
CA ILE E 254 24.38 1.43 49.45
C ILE E 254 24.43 2.85 48.87
N GLN E 255 24.33 2.91 47.55
CA GLN E 255 24.38 4.16 46.79
C GLN E 255 23.45 5.25 47.33
N ILE E 256 22.24 4.87 47.69
CA ILE E 256 21.26 5.82 48.17
C ILE E 256 21.14 5.77 49.69
N GLN E 257 22.12 5.09 50.31
CA GLN E 257 22.14 4.90 51.77
C GLN E 257 20.77 4.47 52.32
N ALA E 258 20.28 3.33 51.84
CA ALA E 258 18.91 2.92 52.14
C ALA E 258 18.78 2.30 53.51
N CYS E 259 19.88 1.72 53.99
CA CYS E 259 19.78 0.89 55.18
C CYS E 259 21.11 0.74 55.93
N ASP E 260 21.01 0.22 57.15
CA ASP E 260 22.15 0.06 58.03
C ASP E 260 22.85 -1.28 57.84
N SER E 261 22.07 -2.32 57.52
CA SER E 261 22.63 -3.67 57.38
C SER E 261 21.87 -4.54 56.37
N PHE E 262 22.48 -5.65 55.98
CA PHE E 262 21.88 -6.61 55.06
C PHE E 262 21.50 -7.90 55.74
N ASN E 263 20.48 -8.57 55.23
CA ASN E 263 20.27 -9.97 55.53
C ASN E 263 20.61 -10.81 54.30
N LEU E 264 21.74 -11.48 54.36
CA LEU E 264 22.24 -12.29 53.26
C LEU E 264 21.70 -13.72 53.28
N LYS E 265 21.15 -14.16 52.15
CA LYS E 265 20.65 -15.51 52.04
C LYS E 265 21.08 -16.10 50.70
N LEU E 266 21.60 -17.32 50.72
CA LEU E 266 22.15 -17.91 49.51
C LEU E 266 21.12 -18.06 48.39
N SER E 267 19.87 -18.35 48.75
CA SER E 267 18.78 -18.46 47.76
C SER E 267 18.57 -17.18 46.95
N LYS E 268 18.66 -16.03 47.63
CA LYS E 268 18.42 -14.77 46.96
C LYS E 268 19.55 -14.41 45.99
N SER E 269 20.75 -14.83 46.31
CA SER E 269 21.93 -14.48 45.51
C SER E 269 22.28 -15.59 44.51
N ALA E 270 21.43 -16.62 44.44
CA ALA E 270 21.60 -17.71 43.49
C ALA E 270 22.82 -18.54 43.77
N GLY E 271 23.26 -18.52 45.02
CA GLY E 271 24.41 -19.32 45.42
C GLY E 271 25.46 -18.56 46.17
N ILE E 272 26.60 -19.23 46.36
CA ILE E 272 27.70 -18.68 47.12
C ILE E 272 28.45 -17.64 46.32
N THR E 273 28.69 -17.96 45.05
CA THR E 273 29.44 -17.05 44.17
C THR E 273 29.06 -15.58 44.32
N ASN E 274 27.78 -15.27 44.13
CA ASN E 274 27.35 -13.88 44.22
C ASN E 274 27.23 -13.39 45.66
N ALA E 275 26.96 -14.30 46.58
CA ALA E 275 26.88 -13.93 47.99
C ALA E 275 28.20 -13.34 48.44
N LEU E 276 29.31 -13.89 47.93
CA LEU E 276 30.63 -13.34 48.21
C LEU E 276 30.72 -11.87 47.79
N ASN E 277 30.18 -11.53 46.61
CA ASN E 277 30.14 -10.13 46.15
C ASN E 277 29.37 -9.23 47.12
N ILE E 278 28.20 -9.68 47.55
CA ILE E 278 27.42 -8.90 48.49
C ILE E 278 28.22 -8.62 49.77
N ILE E 279 28.91 -9.66 50.25
CA ILE E 279 29.74 -9.54 51.44
C ILE E 279 30.85 -8.49 51.27
N ARG E 280 31.56 -8.58 50.14
CA ARG E 280 32.60 -7.59 49.80
C ARG E 280 32.08 -6.16 49.89
N LEU E 281 30.95 -5.92 49.25
CA LEU E 281 30.34 -4.60 49.26
C LEU E 281 30.03 -4.16 50.68
N ALA E 282 29.45 -5.07 51.46
CA ALA E 282 29.12 -4.76 52.86
C ALA E 282 30.38 -4.40 53.64
N GLU E 283 31.48 -5.08 53.34
CA GLU E 283 32.75 -4.76 53.97
C GLU E 283 33.14 -3.32 53.63
N GLN E 284 33.27 -3.04 52.34
CA GLN E 284 33.72 -1.73 51.88
C GLN E 284 32.85 -0.59 52.42
N ALA E 285 31.63 -0.91 52.82
CA ALA E 285 30.73 0.11 53.33
C ALA E 285 30.51 -0.03 54.85
N HIS E 286 31.35 -0.86 55.48
CA HIS E 286 31.30 -1.03 56.92
C HIS E 286 29.89 -1.32 57.41
N MET E 287 29.24 -2.25 56.73
CA MET E 287 27.86 -2.62 57.03
C MET E 287 27.79 -4.02 57.63
N PRO E 288 27.22 -4.13 58.85
CA PRO E 288 27.02 -5.46 59.42
C PRO E 288 26.13 -6.33 58.55
N VAL E 289 26.43 -7.61 58.46
CA VAL E 289 25.63 -8.54 57.68
C VAL E 289 25.08 -9.63 58.58
N GLN E 290 23.81 -9.96 58.40
CA GLN E 290 23.23 -11.10 59.08
C GLN E 290 23.04 -12.18 58.04
N VAL E 291 23.51 -13.39 58.29
CA VAL E 291 23.25 -14.46 57.36
C VAL E 291 22.03 -15.22 57.82
N GLY E 292 21.14 -15.54 56.88
CA GLY E 292 19.90 -16.23 57.20
C GLY E 292 19.48 -17.20 56.12
N GLY E 293 18.18 -17.47 56.04
CA GLY E 293 17.66 -18.44 55.10
C GLY E 293 16.16 -18.50 55.12
N PHE E 294 15.62 -19.60 54.60
CA PHE E 294 14.17 -19.80 54.55
C PHE E 294 13.82 -21.01 55.38
N LEU E 295 13.38 -22.09 54.75
CA LEU E 295 13.07 -23.29 55.52
C LEU E 295 13.95 -24.44 55.13
N GLU E 296 15.20 -24.13 54.80
CA GLU E 296 16.17 -25.16 54.47
C GLU E 296 16.40 -26.02 55.69
N SER E 297 16.73 -27.29 55.47
CA SER E 297 17.14 -28.17 56.53
C SER E 297 18.52 -27.76 57.03
N ARG E 298 19.12 -28.56 57.90
CA ARG E 298 20.47 -28.25 58.35
C ARG E 298 21.48 -28.29 57.20
N LEU E 299 21.16 -29.01 56.12
CA LEU E 299 22.11 -29.07 55.00
C LEU E 299 22.29 -27.68 54.39
N GLY E 300 21.17 -27.04 54.09
CA GLY E 300 21.17 -25.70 53.55
C GLY E 300 21.81 -24.72 54.50
N PHE E 301 21.43 -24.79 55.75
CA PHE E 301 22.02 -23.85 56.70
C PHE E 301 23.48 -24.15 57.02
N THR E 302 23.92 -25.37 56.71
CA THR E 302 25.35 -25.68 56.85
C THR E 302 26.13 -24.85 55.83
N ALA E 303 25.62 -24.78 54.59
CA ALA E 303 26.21 -23.91 53.58
C ALA E 303 26.24 -22.45 54.05
N ALA E 304 25.12 -21.99 54.58
CA ALA E 304 25.08 -20.65 55.15
C ALA E 304 26.15 -20.44 56.22
N ALA E 305 26.25 -21.41 57.13
CA ALA E 305 27.21 -21.31 58.22
C ALA E 305 28.65 -21.26 57.72
N HIS E 306 29.01 -22.13 56.78
CA HIS E 306 30.31 -22.03 56.12
C HIS E 306 30.58 -20.63 55.56
N VAL E 307 29.59 -20.05 54.89
CA VAL E 307 29.79 -18.74 54.28
C VAL E 307 29.95 -17.70 55.39
N ALA E 308 29.26 -17.93 56.49
CA ALA E 308 29.25 -16.97 57.59
C ALA E 308 30.63 -16.73 58.17
N LEU E 309 31.53 -17.67 57.94
CA LEU E 309 32.89 -17.58 58.50
C LEU E 309 33.86 -16.87 57.56
N VAL E 310 33.34 -16.30 56.48
CA VAL E 310 34.17 -15.76 55.41
C VAL E 310 34.65 -14.31 55.67
N SER E 311 33.94 -13.58 56.54
CA SER E 311 34.23 -12.17 56.77
C SER E 311 33.76 -11.69 58.13
N LYS E 312 34.57 -10.84 58.77
CA LYS E 312 34.23 -10.37 60.10
C LYS E 312 33.06 -9.38 60.09
N THR E 313 32.61 -9.01 58.90
CA THR E 313 31.53 -8.03 58.78
C THR E 313 30.20 -8.73 59.01
N ILE E 314 30.21 -10.05 58.82
CA ILE E 314 29.06 -10.89 59.16
C ILE E 314 29.08 -11.15 60.67
N CYS E 315 28.00 -10.81 61.35
CA CYS E 315 28.01 -10.88 62.82
C CYS E 315 26.63 -11.15 63.46
N TYR E 316 25.59 -11.34 62.65
CA TYR E 316 24.31 -11.82 63.16
C TYR E 316 23.94 -13.09 62.40
N TYR E 317 23.17 -13.96 63.04
CA TYR E 317 22.88 -15.26 62.45
C TYR E 317 21.44 -15.67 62.75
N ASP E 318 20.73 -16.12 61.71
CA ASP E 318 19.35 -16.54 61.84
C ASP E 318 19.26 -17.92 61.19
N PHE E 319 19.59 -18.95 61.96
CA PHE E 319 19.58 -20.32 61.44
C PHE E 319 18.60 -21.23 62.16
N ASP E 320 17.44 -20.72 62.54
CA ASP E 320 16.59 -21.45 63.49
C ASP E 320 15.64 -22.48 62.89
N THR E 321 15.16 -22.24 61.68
CA THR E 321 14.08 -23.08 61.14
C THR E 321 14.28 -24.61 61.17
N PRO E 322 15.51 -25.10 61.01
CA PRO E 322 15.65 -26.55 61.06
C PRO E 322 15.18 -27.14 62.41
N LEU E 323 15.31 -26.36 63.48
CA LEU E 323 14.83 -26.77 64.79
C LEU E 323 13.31 -26.90 64.86
N MET E 324 12.62 -26.41 63.83
CA MET E 324 11.15 -26.44 63.79
C MET E 324 10.62 -27.66 63.07
N PHE E 325 11.53 -28.46 62.52
CA PHE E 325 11.17 -29.65 61.76
C PHE E 325 10.63 -30.72 62.70
N GLU E 326 9.69 -31.52 62.22
CA GLU E 326 9.24 -32.68 62.96
C GLU E 326 10.33 -33.74 63.03
N ALA E 327 11.19 -33.74 62.02
CA ALA E 327 12.23 -34.75 61.91
C ALA E 327 13.45 -34.24 61.13
N ASP E 328 14.64 -34.56 61.63
CA ASP E 328 15.91 -34.12 61.03
C ASP E 328 16.49 -35.20 60.12
N PRO E 329 16.38 -35.03 58.80
CA PRO E 329 16.84 -36.03 57.83
C PRO E 329 18.31 -35.82 57.45
N VAL E 330 18.94 -34.79 58.00
CA VAL E 330 20.32 -34.49 57.64
C VAL E 330 21.36 -35.35 58.39
N ARG E 331 22.37 -35.82 57.66
CA ARG E 331 23.50 -36.53 58.22
C ARG E 331 24.71 -35.61 58.27
N GLY E 332 25.26 -35.42 59.45
CA GLY E 332 26.36 -34.47 59.60
C GLY E 332 25.90 -33.03 59.67
N GLY E 333 26.67 -32.14 59.09
CA GLY E 333 26.30 -30.75 59.06
C GLY E 333 26.46 -30.02 60.38
N ILE E 334 26.07 -28.75 60.42
CA ILE E 334 26.19 -27.95 61.63
C ILE E 334 25.44 -28.57 62.79
N VAL E 335 25.97 -28.40 63.99
CA VAL E 335 25.33 -28.93 65.20
C VAL E 335 24.97 -27.79 66.14
N TYR E 336 23.74 -27.84 66.64
CA TYR E 336 23.23 -26.81 67.53
C TYR E 336 23.58 -27.15 68.96
N GLN E 337 24.30 -26.23 69.60
CA GLN E 337 24.71 -26.41 70.97
C GLN E 337 23.84 -25.56 71.88
N GLN E 338 24.15 -25.50 73.18
CA GLN E 338 23.34 -24.71 74.08
C GLN E 338 23.56 -23.22 73.85
N ARG E 339 22.54 -22.42 74.16
CA ARG E 339 22.59 -20.97 73.92
C ARG E 339 22.46 -20.63 72.44
N GLY E 340 22.13 -21.65 71.64
CA GLY E 340 22.03 -21.49 70.20
C GLY E 340 23.36 -21.26 69.50
N ILE E 341 24.44 -21.75 70.10
CA ILE E 341 25.74 -21.62 69.48
C ILE E 341 25.90 -22.72 68.45
N ILE E 342 26.38 -22.34 67.26
CA ILE E 342 26.47 -23.25 66.13
C ILE E 342 27.91 -23.67 65.88
N GLU E 343 28.11 -24.95 65.65
CA GLU E 343 29.43 -25.45 65.31
C GLU E 343 29.48 -25.95 63.87
N VAL E 344 30.49 -25.51 63.12
CA VAL E 344 30.63 -25.85 61.70
C VAL E 344 31.52 -27.06 61.43
N PRO E 345 31.05 -28.01 60.61
CA PRO E 345 31.83 -29.22 60.28
C PRO E 345 33.23 -28.89 59.82
N GLU E 346 34.18 -29.79 60.07
CA GLU E 346 35.54 -29.53 59.64
C GLU E 346 35.99 -30.48 58.57
N THR E 347 35.13 -31.41 58.21
CA THR E 347 35.50 -32.36 57.16
C THR E 347 35.48 -31.71 55.76
N ALA E 348 36.08 -32.39 54.79
CA ALA E 348 36.19 -31.82 53.44
C ALA E 348 34.80 -31.66 52.83
N GLY E 349 34.62 -30.60 52.05
CA GLY E 349 33.36 -30.33 51.39
C GLY E 349 32.34 -29.57 52.24
N LEU E 350 31.07 -29.72 51.87
CA LEU E 350 29.97 -29.09 52.57
C LEU E 350 29.97 -29.62 54.01
N GLY E 351 30.28 -30.92 54.13
CA GLY E 351 30.38 -31.57 55.42
C GLY E 351 29.02 -32.01 55.90
N ALA E 352 28.09 -32.21 54.96
CA ALA E 352 26.74 -32.63 55.29
C ALA E 352 26.15 -33.46 54.16
N GLY E 353 25.16 -34.29 54.49
CA GLY E 353 24.50 -35.11 53.51
C GLY E 353 23.17 -35.55 54.08
N TYR E 354 22.49 -36.46 53.42
CA TYR E 354 21.21 -36.90 53.94
C TYR E 354 21.30 -38.31 54.49
N GLN E 355 20.53 -38.55 55.56
CA GLN E 355 20.43 -39.87 56.17
C GLN E 355 20.21 -40.98 55.13
N LYS E 356 20.64 -42.18 55.48
CA LYS E 356 20.52 -43.32 54.57
C LYS E 356 19.06 -43.64 54.27
N ASP E 357 18.79 -43.88 52.99
CA ASP E 357 17.44 -44.16 52.49
C ASP E 357 16.31 -43.22 52.97
N TYR E 358 16.70 -42.02 53.43
CA TYR E 358 15.75 -40.93 53.53
C TYR E 358 15.47 -40.49 52.11
N LEU E 359 16.56 -40.28 51.36
CA LEU E 359 16.47 -39.92 49.95
C LEU E 359 15.71 -40.94 49.12
N SER E 360 15.93 -42.22 49.36
CA SER E 360 15.27 -43.23 48.54
C SER E 360 13.73 -43.24 48.66
N GLY E 361 13.19 -42.67 49.74
CA GLY E 361 11.76 -42.60 49.93
C GLY E 361 11.12 -41.36 49.34
N LEU E 362 11.94 -40.52 48.72
CA LEU E 362 11.54 -39.23 48.22
C LEU E 362 11.15 -39.32 46.74
N GLU E 363 10.18 -38.52 46.31
CA GLU E 363 9.87 -38.39 44.89
C GLU E 363 11.10 -37.78 44.22
N LYS E 364 11.60 -38.44 43.20
CA LYS E 364 12.87 -38.00 42.63
C LYS E 364 12.89 -38.16 41.12
N ILE E 365 13.79 -37.41 40.50
CA ILE E 365 14.07 -37.63 39.10
C ILE E 365 15.57 -37.66 38.95
N CYS E 366 16.03 -38.13 37.80
CA CYS E 366 17.46 -38.32 37.57
C CYS E 366 17.84 -37.88 36.16
N ILE E 367 18.77 -36.93 36.04
CA ILE E 367 19.13 -36.40 34.75
C ILE E 367 20.41 -37.05 34.24
N ASN E 368 20.23 -37.87 33.20
CA ASN E 368 21.24 -38.79 32.69
C ASN E 368 21.39 -40.06 33.51
N MET F 1 57.25 40.73 51.42
CA MET F 1 57.69 41.99 50.84
C MET F 1 56.53 42.98 50.63
N ILE F 2 56.62 44.11 51.34
CA ILE F 2 55.54 45.10 51.35
C ILE F 2 55.37 45.79 49.99
N ILE F 3 54.11 46.05 49.62
CA ILE F 3 53.82 46.81 48.41
C ILE F 3 53.86 48.30 48.71
N THR F 4 54.69 49.04 47.98
CA THR F 4 54.89 50.46 48.25
C THR F 4 54.14 51.39 47.31
N GLN F 5 54.03 51.01 46.04
CA GLN F 5 53.24 51.79 45.11
C GLN F 5 52.81 50.96 43.91
N VAL F 6 51.67 51.32 43.31
CA VAL F 6 51.28 50.73 42.04
C VAL F 6 50.98 51.79 41.00
N GLU F 7 51.44 51.55 39.78
CA GLU F 7 51.19 52.46 38.67
C GLU F 7 50.22 51.79 37.71
N LEU F 8 49.29 52.57 37.16
CA LEU F 8 48.35 52.08 36.14
C LEU F 8 48.54 52.88 34.87
N TYR F 9 48.51 52.20 33.73
CA TYR F 9 48.70 52.86 32.45
C TYR F 9 47.56 52.53 31.47
N LYS F 10 47.12 53.51 30.68
CA LYS F 10 46.25 53.22 29.55
C LYS F 10 47.09 52.90 28.32
N SER F 11 46.93 51.67 27.80
CA SER F 11 47.75 51.18 26.70
C SER F 11 46.93 50.84 25.48
N PRO F 12 46.66 51.82 24.63
CA PRO F 12 45.87 51.59 23.42
C PRO F 12 46.76 51.44 22.20
N VAL F 13 46.82 50.23 21.64
CA VAL F 13 47.58 50.03 20.41
C VAL F 13 46.64 49.65 19.24
N LYS F 14 46.89 50.24 18.08
CA LYS F 14 46.05 50.01 16.92
C LYS F 14 46.36 48.67 16.25
N LEU F 15 45.32 48.02 15.74
CA LEU F 15 45.49 46.78 14.99
C LEU F 15 45.74 47.07 13.51
N LYS F 16 46.48 46.18 12.86
CA LYS F 16 46.70 46.29 11.41
C LYS F 16 45.37 46.25 10.66
N GLU F 17 44.67 45.12 10.77
CA GLU F 17 43.33 44.99 10.20
C GLU F 17 42.34 45.00 11.35
N PRO F 18 41.15 45.58 11.11
CA PRO F 18 40.11 45.49 12.15
C PRO F 18 39.77 44.04 12.50
N PHE F 19 39.50 43.80 13.79
CA PHE F 19 39.22 42.47 14.30
C PHE F 19 37.73 42.33 14.48
N LYS F 20 37.15 41.30 13.84
CA LYS F 20 35.69 41.17 13.71
C LYS F 20 35.13 39.87 14.29
N ILE F 21 34.22 39.99 15.25
CA ILE F 21 33.49 38.83 15.74
C ILE F 21 31.99 39.09 15.66
N SER F 22 31.19 38.07 15.96
CA SER F 22 29.73 38.19 15.86
C SER F 22 29.21 39.30 16.77
N LEU F 23 29.96 39.61 17.82
CA LEU F 23 29.55 40.61 18.80
C LEU F 23 29.86 42.06 18.41
N GLY F 24 30.81 42.25 17.48
CA GLY F 24 31.25 43.58 17.12
C GLY F 24 32.61 43.65 16.42
N ILE F 25 33.03 44.88 16.11
CA ILE F 25 34.28 45.12 15.41
C ILE F 25 35.23 45.99 16.25
N LEU F 26 36.51 45.62 16.30
CA LEU F 26 37.50 46.37 17.07
C LEU F 26 38.62 46.92 16.19
N THR F 27 39.01 48.16 16.43
CA THR F 27 40.11 48.76 15.68
C THR F 27 41.38 48.81 16.51
N HIS F 28 41.19 48.83 17.83
CA HIS F 28 42.28 48.96 18.79
C HIS F 28 42.21 47.91 19.88
N ALA F 29 43.36 47.55 20.43
CA ALA F 29 43.39 46.82 21.68
C ALA F 29 43.56 47.85 22.76
N ASN F 30 42.49 48.15 23.49
CA ASN F 30 42.58 49.15 24.55
C ASN F 30 42.83 48.55 25.90
N ASN F 31 44.11 48.31 26.21
CA ASN F 31 44.49 47.60 27.43
C ASN F 31 44.85 48.49 28.62
N VAL F 32 44.87 47.90 29.79
CA VAL F 32 45.35 48.61 30.97
C VAL F 32 46.52 47.86 31.56
N ILE F 33 47.60 48.56 31.85
CA ILE F 33 48.79 47.95 32.39
C ILE F 33 48.91 48.25 33.87
N VAL F 34 49.36 47.26 34.64
CA VAL F 34 49.57 47.42 36.08
C VAL F 34 51.01 47.10 36.45
N ARG F 35 51.65 47.98 37.23
CA ARG F 35 52.97 47.73 37.78
C ARG F 35 52.91 47.85 39.29
N ILE F 36 53.21 46.77 39.99
CA ILE F 36 53.36 46.82 41.44
C ILE F 36 54.83 46.93 41.87
N HIS F 37 55.09 47.85 42.80
CA HIS F 37 56.44 48.08 43.34
C HIS F 37 56.50 47.61 44.78
N THR F 38 57.60 46.96 45.12
CA THR F 38 57.85 46.58 46.52
C THR F 38 58.92 47.46 47.16
N ALA F 39 58.98 47.41 48.49
CA ALA F 39 59.99 48.16 49.23
C ALA F 39 61.38 47.71 48.79
N SER F 40 61.55 46.41 48.60
CA SER F 40 62.82 45.84 48.13
C SER F 40 63.16 46.28 46.71
N GLY F 41 62.28 47.03 46.07
CA GLY F 41 62.51 47.51 44.71
C GLY F 41 62.21 46.53 43.57
N HIS F 42 61.48 45.48 43.87
CA HIS F 42 61.00 44.56 42.82
C HIS F 42 59.77 45.14 42.15
N ILE F 43 59.61 44.81 40.86
CA ILE F 43 58.49 45.28 40.08
C ILE F 43 57.76 44.13 39.41
N GLY F 44 56.45 44.02 39.66
CA GLY F 44 55.61 43.02 39.01
C GLY F 44 54.72 43.63 37.94
N TYR F 45 54.68 43.02 36.76
CA TYR F 45 53.81 43.49 35.69
C TYR F 45 52.54 42.67 35.56
N GLY F 46 51.43 43.35 35.31
CA GLY F 46 50.16 42.71 34.96
C GLY F 46 49.51 43.52 33.86
N GLU F 47 48.74 42.85 33.02
CA GLU F 47 48.06 43.52 31.90
C GLU F 47 46.66 42.97 31.88
N CYS F 48 45.73 43.71 31.31
CA CYS F 48 44.38 43.21 31.07
C CYS F 48 43.81 43.92 29.87
N SER F 49 42.84 43.29 29.23
CA SER F 49 42.33 43.80 27.96
C SER F 49 40.81 43.84 27.96
N PRO F 50 40.24 44.86 28.61
CA PRO F 50 38.78 44.92 28.78
C PRO F 50 38.08 44.81 27.46
N PHE F 51 37.05 43.96 27.44
CA PHE F 51 36.21 43.73 26.25
C PHE F 51 34.76 43.99 26.67
N MET F 52 34.23 45.15 26.28
CA MET F 52 32.97 45.62 26.85
C MET F 52 31.82 44.63 26.78
N THR F 53 31.65 43.98 25.64
CA THR F 53 30.49 43.11 25.46
C THR F 53 30.59 41.75 26.16
N ILE F 54 31.71 41.50 26.83
CA ILE F 54 31.92 40.24 27.53
C ILE F 54 32.32 40.46 28.99
N HIS F 55 33.27 41.35 29.22
CA HIS F 55 33.71 41.63 30.57
C HIS F 55 32.73 42.56 31.24
N GLY F 56 32.15 43.45 30.44
CA GLY F 56 31.36 44.55 30.98
C GLY F 56 32.29 45.53 31.67
N GLU F 57 33.52 45.59 31.18
CA GLU F 57 34.48 46.57 31.61
C GLU F 57 35.06 47.23 30.36
N SER F 58 35.65 48.42 30.52
CA SER F 58 36.33 49.10 29.42
C SER F 58 37.68 49.56 29.92
N MET F 59 38.53 50.03 29.01
CA MET F 59 39.81 50.60 29.44
C MET F 59 39.55 51.72 30.44
N ASP F 60 38.54 52.54 30.18
CA ASP F 60 38.21 53.64 31.07
C ASP F 60 37.82 53.17 32.47
N THR F 61 36.94 52.18 32.56
CA THR F 61 36.48 51.72 33.87
C THR F 61 37.59 50.97 34.59
N ALA F 62 38.36 50.18 33.84
CA ALA F 62 39.44 49.44 34.44
C ALA F 62 40.43 50.38 35.11
N PHE F 63 40.74 51.48 34.41
CA PHE F 63 41.70 52.46 34.91
C PHE F 63 41.25 53.10 36.22
N ILE F 64 39.94 53.20 36.43
CA ILE F 64 39.43 53.77 37.65
C ILE F 64 39.35 52.74 38.77
N VAL F 65 38.73 51.61 38.47
CA VAL F 65 38.55 50.57 39.47
C VAL F 65 39.94 50.12 39.94
N GLY F 66 40.88 50.06 39.01
CA GLY F 66 42.24 49.68 39.34
C GLY F 66 42.82 50.53 40.47
N GLN F 67 42.43 51.79 40.52
CA GLN F 67 42.90 52.69 41.58
C GLN F 67 42.27 52.35 42.92
N TYR F 68 40.99 52.03 42.94
CA TYR F 68 40.35 51.55 44.16
C TYR F 68 41.17 50.39 44.71
N LEU F 69 41.56 49.50 43.78
CA LEU F 69 42.25 48.27 44.13
C LEU F 69 43.66 48.56 44.62
N ALA F 70 44.40 49.35 43.86
CA ALA F 70 45.74 49.74 44.27
C ALA F 70 45.74 50.25 45.73
N LYS F 71 44.89 51.25 45.97
CA LYS F 71 44.73 51.81 47.30
C LYS F 71 44.69 50.74 48.38
N GLY F 72 43.85 49.74 48.17
CA GLY F 72 43.68 48.70 49.18
C GLY F 72 44.90 47.81 49.33
N LEU F 73 45.71 47.72 48.28
CA LEU F 73 46.85 46.81 48.29
C LEU F 73 48.09 47.45 48.90
N ILE F 74 48.17 48.77 48.84
CA ILE F 74 49.33 49.46 49.40
C ILE F 74 49.50 49.08 50.85
N GLY F 75 50.68 48.57 51.19
CA GLY F 75 51.00 48.20 52.55
C GLY F 75 50.90 46.71 52.84
N THR F 76 50.37 45.95 51.90
CA THR F 76 50.20 44.51 52.08
C THR F 76 51.42 43.75 51.54
N SER F 77 51.51 42.47 51.89
CA SER F 77 52.58 41.62 51.43
C SER F 77 52.19 41.02 50.10
N CYS F 78 52.98 41.31 49.07
CA CYS F 78 52.66 40.81 47.73
C CYS F 78 52.78 39.28 47.59
N LEU F 79 53.08 38.60 48.69
CA LEU F 79 53.23 37.15 48.65
C LEU F 79 51.94 36.46 49.09
N ASP F 80 51.13 37.16 49.89
CA ASP F 80 49.81 36.68 50.28
C ASP F 80 48.81 36.83 49.13
N ILE F 81 49.07 36.11 48.03
CA ILE F 81 48.23 36.22 46.87
C ILE F 81 46.75 35.98 47.19
N VAL F 82 46.42 34.89 47.88
CA VAL F 82 45.03 34.61 48.23
C VAL F 82 44.42 35.71 49.08
N SER F 83 45.12 36.08 50.14
CA SER F 83 44.64 37.14 51.02
C SER F 83 44.36 38.42 50.23
N ASN F 84 45.24 38.76 49.30
CA ASN F 84 45.07 39.99 48.52
C ASN F 84 43.94 39.90 47.49
N SER F 85 43.75 38.72 46.91
CA SER F 85 42.65 38.53 45.97
C SER F 85 41.32 38.70 46.69
N LEU F 86 41.28 38.26 47.95
CA LEU F 86 40.06 38.42 48.75
C LEU F 86 39.86 39.89 49.08
N LEU F 87 40.95 40.57 49.41
CA LEU F 87 40.91 41.99 49.73
C LEU F 87 40.30 42.79 48.59
N MET F 88 40.75 42.51 47.37
CA MET F 88 40.18 43.15 46.18
C MET F 88 38.69 42.86 46.06
N ASP F 89 38.31 41.59 46.14
CA ASP F 89 36.92 41.20 46.11
C ASP F 89 36.11 41.97 47.15
N ALA F 90 36.70 42.21 48.32
CA ALA F 90 35.98 42.94 49.35
C ALA F 90 35.85 44.42 49.01
N ILE F 91 36.68 44.90 48.10
CA ILE F 91 36.59 46.29 47.69
C ILE F 91 35.50 46.50 46.62
N ILE F 92 35.41 45.57 45.68
CA ILE F 92 34.42 45.68 44.62
C ILE F 92 34.09 44.31 44.02
N TYR F 93 32.81 44.08 43.76
CA TYR F 93 32.36 42.84 43.17
C TYR F 93 32.69 42.83 41.68
N GLY F 94 32.80 41.62 41.11
CA GLY F 94 33.11 41.48 39.70
C GLY F 94 34.39 42.18 39.29
N ASN F 95 34.36 42.87 38.16
CA ASN F 95 35.55 43.52 37.62
C ASN F 95 36.74 42.58 37.53
N SER F 96 36.49 41.36 37.08
CA SER F 96 37.54 40.35 37.01
C SER F 96 38.69 40.79 36.09
N CYS F 97 38.37 41.43 34.98
CA CYS F 97 39.39 41.84 34.03
C CYS F 97 40.51 42.62 34.70
N ILE F 98 40.15 43.75 35.32
CA ILE F 98 41.17 44.54 35.98
C ILE F 98 41.80 43.76 37.13
N LYS F 99 40.99 43.07 37.91
CA LYS F 99 41.53 42.24 38.99
C LYS F 99 42.61 41.28 38.50
N SER F 100 42.41 40.70 37.33
CA SER F 100 43.35 39.73 36.80
C SER F 100 44.73 40.36 36.62
N ALA F 101 44.76 41.60 36.15
CA ALA F 101 46.06 42.26 35.97
C ALA F 101 46.78 42.36 37.30
N PHE F 102 46.08 42.79 38.35
CA PHE F 102 46.72 42.82 39.65
C PHE F 102 47.19 41.44 40.04
N ASN F 103 46.31 40.46 39.91
CA ASN F 103 46.64 39.08 40.27
C ASN F 103 47.89 38.61 39.51
N ILE F 104 47.91 38.79 38.21
CA ILE F 104 49.06 38.38 37.44
C ILE F 104 50.31 39.02 38.01
N ALA F 105 50.25 40.32 38.28
CA ALA F 105 51.46 41.01 38.73
C ALA F 105 51.91 40.45 40.08
N LEU F 106 50.98 40.23 40.99
CA LEU F 106 51.31 39.57 42.24
C LEU F 106 52.10 38.27 42.02
N TYR F 107 51.59 37.39 41.15
CA TYR F 107 52.29 36.15 40.83
C TYR F 107 53.67 36.41 40.24
N ASP F 108 53.79 37.46 39.45
CA ASP F 108 55.08 37.86 38.93
C ASP F 108 56.04 38.05 40.10
N LEU F 109 55.65 38.92 41.04
CA LEU F 109 56.44 39.16 42.22
C LEU F 109 56.74 37.84 42.97
N ALA F 110 55.71 37.02 43.16
CA ALA F 110 55.90 35.77 43.88
C ALA F 110 56.96 34.88 43.21
N ALA F 111 56.83 34.70 41.90
CA ALA F 111 57.78 33.90 41.16
C ALA F 111 59.16 34.51 41.26
N GLN F 112 59.24 35.83 41.13
CA GLN F 112 60.54 36.50 41.28
C GLN F 112 61.18 36.14 42.61
N HIS F 113 60.39 36.18 43.67
CA HIS F 113 60.91 35.97 45.02
C HIS F 113 61.47 34.58 45.18
N ALA F 114 60.84 33.62 44.49
CA ALA F 114 61.22 32.21 44.60
C ALA F 114 62.33 31.88 43.59
N GLY F 115 62.67 32.84 42.74
CA GLY F 115 63.72 32.65 41.77
C GLY F 115 63.35 31.64 40.71
N LEU F 116 62.06 31.52 40.43
CA LEU F 116 61.57 30.63 39.36
C LEU F 116 60.79 31.40 38.30
N PRO F 117 60.76 30.87 37.06
CA PRO F 117 59.81 31.38 36.06
C PRO F 117 58.39 31.04 36.50
N LEU F 118 57.40 31.80 36.04
CA LEU F 118 56.04 31.59 36.52
C LEU F 118 55.63 30.12 36.42
N TYR F 119 55.81 29.55 35.24
CA TYR F 119 55.32 28.21 35.00
C TYR F 119 55.84 27.22 36.02
N ALA F 120 57.12 27.30 36.34
CA ALA F 120 57.69 26.45 37.39
C ALA F 120 57.19 26.82 38.80
N PHE F 121 56.94 28.10 39.05
CA PHE F 121 56.44 28.47 40.36
C PHE F 121 55.04 27.88 40.57
N LEU F 122 54.34 27.68 39.46
CA LEU F 122 52.98 27.13 39.52
C LEU F 122 52.96 25.60 39.50
N GLY F 123 54.14 24.99 39.49
CA GLY F 123 54.26 23.55 39.47
C GLY F 123 54.17 22.94 38.07
N GLY F 124 54.41 23.74 37.04
CA GLY F 124 54.33 23.24 35.68
C GLY F 124 55.70 22.80 35.19
N LYS F 125 55.77 22.33 33.95
CA LYS F 125 57.03 21.92 33.39
C LYS F 125 56.91 21.93 31.88
N LYS F 126 58.01 22.12 31.19
CA LYS F 126 57.96 22.22 29.72
C LYS F 126 57.94 20.86 29.04
N ASP F 127 56.80 20.18 29.12
CA ASP F 127 56.70 18.82 28.60
C ASP F 127 55.73 18.69 27.42
N LYS F 128 55.45 19.80 26.75
CA LYS F 128 54.60 19.77 25.55
C LYS F 128 54.83 20.98 24.69
N ILE F 129 54.52 20.87 23.39
CA ILE F 129 54.70 22.01 22.51
C ILE F 129 53.44 22.88 22.50
N ILE F 130 53.63 24.18 22.68
CA ILE F 130 52.53 25.12 22.64
C ILE F 130 52.39 25.68 21.24
N GLN F 131 51.26 25.37 20.60
CA GLN F 131 51.01 25.85 19.24
C GLN F 131 49.73 26.66 19.14
N THR F 132 49.85 27.90 18.67
CA THR F 132 48.70 28.77 18.60
C THR F 132 48.02 28.62 17.25
N ASP F 133 46.72 28.91 17.24
CA ASP F 133 45.97 29.03 16.02
C ASP F 133 46.11 30.48 15.57
N TYR F 134 45.41 30.84 14.51
CA TYR F 134 45.30 32.23 14.13
C TYR F 134 43.86 32.46 13.66
N THR F 135 43.34 33.65 13.86
CA THR F 135 41.91 33.88 13.77
C THR F 135 41.48 34.60 12.50
N VAL F 136 40.54 34.00 11.79
CA VAL F 136 39.90 34.68 10.67
C VAL F 136 38.70 35.47 11.15
N SER F 137 38.72 36.79 10.92
CA SER F 137 37.59 37.62 11.34
C SER F 137 36.34 37.29 10.55
N ILE F 138 35.18 37.47 11.17
CA ILE F 138 33.90 37.23 10.51
C ILE F 138 33.64 38.33 9.49
N ASP F 139 33.50 37.92 8.24
CA ASP F 139 33.36 38.87 7.15
C ASP F 139 32.61 38.18 6.01
N GLU F 140 32.53 38.85 4.87
CA GLU F 140 32.02 38.28 3.65
C GLU F 140 32.86 37.04 3.31
N PRO F 141 32.22 35.94 2.88
CA PRO F 141 32.88 34.64 2.72
C PRO F 141 34.14 34.63 1.86
N HIS F 142 34.15 35.39 0.76
CA HIS F 142 35.34 35.46 -0.10
C HIS F 142 36.52 36.05 0.65
N LYS F 143 36.29 37.17 1.33
CA LYS F 143 37.30 37.76 2.21
C LYS F 143 37.83 36.72 3.19
N MET F 144 36.92 35.98 3.82
CA MET F 144 37.31 35.02 4.85
C MET F 144 38.20 33.92 4.28
N ALA F 145 37.86 33.46 3.08
CA ALA F 145 38.66 32.41 2.47
C ALA F 145 40.04 32.94 2.14
N ALA F 146 40.09 34.17 1.67
CA ALA F 146 41.36 34.81 1.30
C ALA F 146 42.29 34.85 2.50
N ASP F 147 41.77 35.32 3.63
CA ASP F 147 42.51 35.37 4.89
C ASP F 147 42.98 33.97 5.29
N ALA F 148 42.10 32.99 5.19
CA ALA F 148 42.46 31.64 5.59
C ALA F 148 43.66 31.19 4.80
N VAL F 149 43.70 31.58 3.53
CA VAL F 149 44.80 31.22 2.65
C VAL F 149 46.09 31.87 3.13
N GLN F 150 46.08 33.20 3.22
CA GLN F 150 47.23 33.94 3.74
C GLN F 150 47.75 33.31 5.04
N ILE F 151 46.84 32.91 5.93
CA ILE F 151 47.22 32.34 7.21
C ILE F 151 47.95 31.02 7.01
N LYS F 152 47.44 30.20 6.11
CA LYS F 152 48.08 28.92 5.79
C LYS F 152 49.46 29.15 5.17
N LYS F 153 49.53 30.13 4.28
CA LYS F 153 50.79 30.50 3.65
C LYS F 153 51.84 30.95 4.67
N ASN F 154 51.42 31.77 5.63
CA ASN F 154 52.32 32.22 6.70
C ASN F 154 52.77 31.07 7.62
N GLY F 155 52.19 29.89 7.42
CA GLY F 155 52.69 28.70 8.08
C GLY F 155 51.91 28.23 9.30
N PHE F 156 50.82 28.90 9.63
CA PHE F 156 50.01 28.46 10.76
C PHE F 156 49.29 27.17 10.44
N GLU F 157 49.29 26.23 11.39
CA GLU F 157 48.70 24.91 11.15
C GLU F 157 47.30 24.73 11.72
N ILE F 158 46.81 25.74 12.42
CA ILE F 158 45.49 25.73 13.03
C ILE F 158 44.77 27.05 12.78
N ILE F 159 43.58 26.99 12.20
CA ILE F 159 42.83 28.21 11.95
C ILE F 159 41.60 28.28 12.85
N LYS F 160 41.35 29.44 13.44
CA LYS F 160 40.14 29.66 14.23
C LYS F 160 39.22 30.63 13.49
N VAL F 161 38.02 30.15 13.13
CA VAL F 161 37.11 30.93 12.31
C VAL F 161 35.93 31.51 13.11
N LYS F 162 35.73 32.81 12.97
CA LYS F 162 34.65 33.49 13.67
C LYS F 162 33.36 33.36 12.91
N VAL F 163 32.44 32.58 13.47
CA VAL F 163 31.11 32.45 12.91
C VAL F 163 30.10 33.12 13.85
N GLY F 164 28.81 32.95 13.57
CA GLY F 164 27.76 33.51 14.39
C GLY F 164 26.69 34.27 13.61
N GLY F 165 26.77 34.21 12.28
CA GLY F 165 25.79 34.83 11.43
C GLY F 165 24.59 33.91 11.22
N SER F 166 23.88 34.11 10.10
CA SER F 166 22.79 33.22 9.73
C SER F 166 23.34 31.83 9.37
N LYS F 167 22.54 30.79 9.59
CA LYS F 167 22.96 29.42 9.29
C LYS F 167 23.46 29.27 7.85
N GLU F 168 22.73 29.86 6.92
CA GLU F 168 23.09 29.86 5.52
C GLU F 168 24.51 30.37 5.34
N LEU F 169 24.76 31.58 5.83
CA LEU F 169 26.01 32.31 5.62
C LEU F 169 27.23 31.65 6.28
N ASP F 170 27.06 31.14 7.50
CA ASP F 170 28.15 30.47 8.22
C ASP F 170 28.62 29.19 7.53
N VAL F 171 27.70 28.50 6.87
CA VAL F 171 28.06 27.29 6.15
C VAL F 171 28.79 27.65 4.87
N GLU F 172 28.32 28.69 4.18
CA GLU F 172 29.01 29.14 2.99
C GLU F 172 30.43 29.55 3.38
N ARG F 173 30.56 30.18 4.54
CA ARG F 173 31.86 30.59 5.07
C ARG F 173 32.80 29.40 5.26
N ILE F 174 32.39 28.42 6.08
CA ILE F 174 33.24 27.26 6.33
C ILE F 174 33.58 26.49 5.05
N ARG F 175 32.61 26.34 4.17
CA ARG F 175 32.82 25.62 2.92
C ARG F 175 33.86 26.33 2.07
N MET F 176 33.61 27.60 1.76
CA MET F 176 34.54 28.38 0.94
C MET F 176 35.96 28.30 1.49
N ILE F 177 36.08 28.29 2.81
CA ILE F 177 37.39 28.19 3.47
C ILE F 177 37.97 26.80 3.28
N ARG F 178 37.18 25.79 3.59
CA ARG F 178 37.61 24.40 3.46
C ARG F 178 38.08 24.09 2.05
N GLU F 179 37.34 24.57 1.05
CA GLU F 179 37.67 24.30 -0.34
C GLU F 179 38.73 25.24 -0.89
N ALA F 180 39.05 26.28 -0.14
CA ALA F 180 40.09 27.22 -0.55
C ALA F 180 41.37 27.10 0.28
N ALA F 181 41.42 26.13 1.19
CA ALA F 181 42.58 26.03 2.06
C ALA F 181 42.99 24.59 2.40
N GLY F 182 42.10 23.64 2.17
CA GLY F 182 42.45 22.24 2.40
C GLY F 182 41.64 21.57 3.48
N ASP F 183 41.80 20.25 3.57
CA ASP F 183 41.02 19.43 4.50
C ASP F 183 41.93 18.85 5.58
N SER F 184 43.22 19.09 5.42
CA SER F 184 44.24 18.57 6.33
C SER F 184 44.49 19.56 7.46
N ILE F 185 44.51 20.85 7.12
CA ILE F 185 44.70 21.90 8.12
C ILE F 185 43.58 21.84 9.15
N THR F 186 43.93 21.70 10.43
CA THR F 186 42.92 21.61 11.47
C THR F 186 42.26 22.98 11.67
N LEU F 187 40.93 23.01 11.74
CA LEU F 187 40.22 24.25 12.03
C LEU F 187 39.12 24.19 13.09
N ARG F 188 39.03 25.26 13.89
CA ARG F 188 38.09 25.38 15.01
C ARG F 188 37.24 26.64 14.82
N ILE F 189 36.02 26.62 15.35
CA ILE F 189 35.12 27.75 15.13
C ILE F 189 34.61 28.37 16.43
N ASP F 190 34.19 29.62 16.34
CA ASP F 190 33.76 30.40 17.48
C ASP F 190 32.59 31.33 17.08
N ALA F 191 31.45 31.15 17.75
CA ALA F 191 30.26 31.90 17.38
C ALA F 191 30.05 33.12 18.25
N ASN F 192 30.75 33.17 19.39
CA ASN F 192 30.57 34.25 20.36
C ASN F 192 29.10 34.52 20.62
N GLN F 193 28.38 33.48 21.02
CA GLN F 193 26.97 33.60 21.40
C GLN F 193 26.05 34.01 20.23
N GLY F 194 26.54 33.87 19.01
CA GLY F 194 25.84 34.34 17.82
C GLY F 194 24.50 33.69 17.47
N TRP F 195 24.39 32.38 17.66
CA TRP F 195 23.21 31.63 17.25
C TRP F 195 22.15 31.45 18.35
N SER F 196 20.90 31.23 17.93
CA SER F 196 19.85 30.74 18.84
C SER F 196 20.10 29.24 19.04
N VAL F 197 19.53 28.65 20.08
CA VAL F 197 19.68 27.21 20.30
C VAL F 197 19.33 26.39 19.05
N GLU F 198 18.26 26.80 18.40
CA GLU F 198 17.72 26.26 17.17
C GLU F 198 18.75 26.38 16.02
N THR F 199 19.16 27.60 15.68
CA THR F 199 20.09 27.85 14.60
C THR F 199 21.45 27.17 14.85
N ALA F 200 21.79 27.04 16.13
CA ALA F 200 23.03 26.38 16.52
C ALA F 200 23.04 24.95 16.03
N ILE F 201 22.10 24.18 16.55
CA ILE F 201 21.99 22.77 16.23
C ILE F 201 21.93 22.52 14.73
N GLU F 202 21.20 23.36 14.00
CA GLU F 202 21.06 23.19 12.56
C GLU F 202 22.36 23.47 11.82
N THR F 203 23.03 24.53 12.22
CA THR F 203 24.28 24.91 11.59
C THR F 203 25.39 23.93 11.96
N LEU F 204 25.38 23.45 13.20
CA LEU F 204 26.42 22.55 13.66
C LEU F 204 26.39 21.17 12.99
N THR F 205 25.19 20.71 12.63
CA THR F 205 25.10 19.45 11.90
C THR F 205 25.41 19.68 10.42
N LEU F 206 24.96 20.82 9.91
CA LEU F 206 25.28 21.20 8.52
C LEU F 206 26.79 21.44 8.33
N LEU F 207 27.53 21.54 9.42
CA LEU F 207 28.96 21.86 9.35
C LEU F 207 29.83 20.63 9.60
N GLU F 208 29.25 19.62 10.24
CA GLU F 208 29.98 18.41 10.62
C GLU F 208 30.82 17.78 9.49
N PRO F 209 30.26 17.73 8.27
CA PRO F 209 31.02 17.21 7.12
C PRO F 209 32.37 17.88 6.93
N TYR F 210 32.48 19.16 7.30
CA TYR F 210 33.71 19.91 7.08
C TYR F 210 34.81 19.64 8.13
N ASN F 211 34.54 18.69 9.03
CA ASN F 211 35.54 18.23 10.00
C ASN F 211 36.11 19.35 10.85
N ILE F 212 35.32 19.86 11.79
CA ILE F 212 35.78 20.95 12.60
C ILE F 212 36.05 20.48 14.03
N GLN F 213 37.11 21.04 14.62
CA GLN F 213 37.69 20.50 15.84
C GLN F 213 36.82 20.72 17.09
N HIS F 214 36.31 21.93 17.23
CA HIS F 214 35.35 22.27 18.27
C HIS F 214 34.74 23.62 17.98
N CYS F 215 33.62 23.90 18.64
CA CYS F 215 32.95 25.18 18.46
C CYS F 215 32.82 25.88 19.81
N GLU F 216 33.30 27.12 19.86
CA GLU F 216 33.25 27.91 21.08
C GLU F 216 31.91 28.62 21.18
N GLU F 217 31.31 28.56 22.37
CA GLU F 217 30.15 29.38 22.73
C GLU F 217 29.18 29.61 21.57
N PRO F 218 28.36 28.60 21.25
CA PRO F 218 27.43 28.70 20.13
C PRO F 218 26.25 29.60 20.43
N VAL F 219 25.82 29.67 21.68
CA VAL F 219 24.66 30.45 22.01
C VAL F 219 24.90 31.39 23.17
N SER F 220 23.92 32.24 23.44
CA SER F 220 23.95 33.14 24.57
C SER F 220 24.42 32.48 25.88
N ARG F 221 25.31 33.16 26.58
CA ARG F 221 25.79 32.71 27.88
C ARG F 221 24.63 32.57 28.84
N ASN F 222 23.53 33.28 28.56
CA ASN F 222 22.34 33.22 29.38
C ASN F 222 21.59 31.91 29.24
N LEU F 223 21.80 31.24 28.12
CA LEU F 223 21.09 30.00 27.84
C LEU F 223 22.01 28.79 27.99
N TYR F 224 22.92 28.84 28.96
CA TYR F 224 23.89 27.76 29.12
C TYR F 224 23.21 26.44 29.46
N THR F 225 21.99 26.53 29.97
CA THR F 225 21.21 25.36 30.33
C THR F 225 20.78 24.59 29.09
N ALA F 226 20.74 25.25 27.95
CA ALA F 226 20.46 24.59 26.67
C ALA F 226 21.70 23.94 26.04
N LEU F 227 22.84 24.09 26.69
CA LEU F 227 24.06 23.52 26.13
C LEU F 227 24.01 22.00 26.09
N PRO F 228 23.61 21.37 27.21
CA PRO F 228 23.58 19.91 27.20
C PRO F 228 22.78 19.39 26.00
N LYS F 229 21.63 20.01 25.72
CA LYS F 229 20.81 19.62 24.58
C LYS F 229 21.57 19.73 23.25
N ILE F 230 22.37 20.79 23.10
CA ILE F 230 23.14 20.97 21.88
C ILE F 230 24.30 19.99 21.79
N ARG F 231 24.93 19.73 22.94
CA ARG F 231 26.06 18.82 22.99
C ARG F 231 25.69 17.43 22.46
N GLN F 232 24.48 17.00 22.80
CA GLN F 232 23.99 15.66 22.47
C GLN F 232 23.50 15.58 21.05
N ALA F 233 22.91 16.68 20.57
CA ALA F 233 22.39 16.75 19.21
C ALA F 233 23.48 16.92 18.15
N CYS F 234 24.66 17.33 18.59
CA CYS F 234 25.74 17.68 17.66
C CYS F 234 27.04 16.89 17.89
N ARG F 235 27.65 16.52 16.75
CA ARG F 235 28.83 15.68 16.78
C ARG F 235 30.04 16.54 17.13
N ILE F 236 30.16 17.66 16.41
CA ILE F 236 31.18 18.67 16.69
C ILE F 236 31.21 19.02 18.18
N PRO F 237 32.38 18.86 18.82
CA PRO F 237 32.43 19.14 20.26
C PRO F 237 32.22 20.62 20.51
N ILE F 238 31.59 20.97 21.63
CA ILE F 238 31.37 22.38 21.92
C ILE F 238 32.16 22.82 23.13
N MET F 239 32.75 24.00 23.01
CA MET F 239 33.62 24.58 24.04
C MET F 239 33.00 25.83 24.64
N ALA F 240 32.86 25.84 25.96
CA ALA F 240 32.29 26.97 26.68
C ALA F 240 33.32 28.07 26.87
N ASP F 241 33.02 29.26 26.37
CA ASP F 241 33.89 30.40 26.61
C ASP F 241 33.25 31.39 27.57
N GLU F 242 32.47 32.33 27.03
CA GLU F 242 31.74 33.30 27.84
C GLU F 242 30.94 32.61 28.95
N SER F 243 30.54 31.37 28.72
CA SER F 243 29.72 30.63 29.66
C SER F 243 30.53 30.07 30.82
N CYS F 244 31.84 30.03 30.64
CA CYS F 244 32.72 29.54 31.68
C CYS F 244 33.73 30.62 32.06
N CYS F 245 33.44 31.35 33.14
CA CYS F 245 34.29 32.45 33.59
C CYS F 245 35.11 32.06 34.80
N ASN F 246 34.44 31.66 35.88
CA ASN F 246 35.16 31.29 37.09
C ASN F 246 34.92 29.84 37.44
N SER F 247 35.50 29.38 38.56
CA SER F 247 35.42 27.98 38.94
C SER F 247 33.96 27.52 39.18
N PHE F 248 33.18 28.38 39.83
CA PHE F 248 31.77 28.06 40.06
C PHE F 248 31.07 27.77 38.75
N ASP F 249 31.24 28.64 37.77
CA ASP F 249 30.70 28.41 36.42
C ASP F 249 31.14 27.05 35.87
N ALA F 250 32.41 26.72 36.09
CA ALA F 250 32.95 25.47 35.57
C ALA F 250 32.25 24.27 36.21
N GLU F 251 32.13 24.28 37.53
CA GLU F 251 31.47 23.20 38.25
C GLU F 251 30.03 22.99 37.76
N ARG F 252 29.31 24.10 37.61
CA ARG F 252 27.92 24.08 37.21
C ARG F 252 27.77 23.51 35.80
N LEU F 253 28.71 23.84 34.93
CA LEU F 253 28.64 23.34 33.55
C LEU F 253 28.90 21.83 33.49
N ILE F 254 29.85 21.38 34.30
CA ILE F 254 30.20 19.98 34.41
C ILE F 254 29.02 19.18 34.95
N GLN F 255 28.43 19.71 36.02
CA GLN F 255 27.28 19.11 36.68
C GLN F 255 26.16 18.71 35.71
N ILE F 256 25.85 19.57 34.75
CA ILE F 256 24.75 19.33 33.83
C ILE F 256 25.30 18.87 32.49
N GLN F 257 26.57 18.46 32.50
CA GLN F 257 27.24 18.02 31.27
C GLN F 257 26.95 18.91 30.07
N ALA F 258 27.28 20.20 30.22
CA ALA F 258 26.92 21.21 29.22
C ALA F 258 27.82 21.21 27.98
N CYS F 259 29.06 20.77 28.14
CA CYS F 259 30.00 20.94 27.04
C CYS F 259 31.17 19.98 27.15
N ASP F 260 31.91 19.89 26.04
CA ASP F 260 33.02 18.96 25.90
C ASP F 260 34.34 19.53 26.43
N SER F 261 34.50 20.85 26.29
CA SER F 261 35.74 21.51 26.70
C SER F 261 35.55 22.98 27.12
N PHE F 262 36.54 23.51 27.82
CA PHE F 262 36.54 24.90 28.24
C PHE F 262 37.49 25.77 27.41
N ASN F 263 37.20 27.06 27.39
CA ASN F 263 38.18 28.05 26.96
C ASN F 263 38.54 28.90 28.16
N LEU F 264 39.72 28.65 28.72
CA LEU F 264 40.20 29.31 29.93
C LEU F 264 40.93 30.62 29.62
N LYS F 265 40.51 31.69 30.28
CA LYS F 265 41.11 33.01 30.11
C LYS F 265 41.30 33.63 31.48
N LEU F 266 42.46 34.24 31.71
CA LEU F 266 42.79 34.77 33.04
C LEU F 266 41.90 35.97 33.43
N SER F 267 41.54 36.80 32.45
CA SER F 267 40.58 37.89 32.66
C SER F 267 39.22 37.44 33.22
N LYS F 268 38.67 36.34 32.69
CA LYS F 268 37.38 35.84 33.17
C LYS F 268 37.46 35.30 34.60
N SER F 269 38.60 34.70 34.94
CA SER F 269 38.73 34.06 36.25
C SER F 269 39.30 35.01 37.30
N ALA F 270 39.56 36.26 36.90
CA ALA F 270 40.11 37.29 37.80
C ALA F 270 41.55 37.00 38.20
N GLY F 271 42.24 36.22 37.37
CA GLY F 271 43.63 35.97 37.63
C GLY F 271 44.01 34.51 37.53
N ILE F 272 45.21 34.21 37.99
CA ILE F 272 45.74 32.87 37.93
C ILE F 272 45.13 32.03 39.04
N THR F 273 45.03 32.60 40.23
CA THR F 273 44.53 31.85 41.39
C THR F 273 43.32 30.97 41.07
N ASN F 274 42.25 31.60 40.57
CA ASN F 274 41.03 30.85 40.27
C ASN F 274 41.11 30.05 38.97
N ALA F 275 41.95 30.46 38.03
CA ALA F 275 42.13 29.69 36.80
C ALA F 275 42.65 28.32 37.16
N LEU F 276 43.48 28.25 38.20
CA LEU F 276 44.01 26.96 38.67
C LEU F 276 42.86 26.03 39.09
N ASN F 277 41.87 26.57 39.78
CA ASN F 277 40.69 25.80 40.16
C ASN F 277 39.93 25.27 38.95
N ILE F 278 39.67 26.13 37.98
CA ILE F 278 39.02 25.68 36.74
C ILE F 278 39.81 24.53 36.08
N ILE F 279 41.13 24.65 36.07
CA ILE F 279 41.97 23.60 35.50
C ILE F 279 41.81 22.27 36.26
N ARG F 280 41.85 22.33 37.59
CA ARG F 280 41.67 21.15 38.42
C ARG F 280 40.38 20.42 38.07
N LEU F 281 39.27 21.17 38.07
CA LEU F 281 37.98 20.63 37.69
C LEU F 281 38.02 19.97 36.32
N ALA F 282 38.58 20.66 35.33
CA ALA F 282 38.67 20.11 33.98
C ALA F 282 39.42 18.78 33.98
N GLU F 283 40.45 18.69 34.82
CA GLU F 283 41.23 17.46 34.97
C GLU F 283 40.33 16.34 35.50
N GLN F 284 39.71 16.60 36.66
CA GLN F 284 38.86 15.60 37.31
C GLN F 284 37.72 15.12 36.40
N ALA F 285 37.38 15.92 35.41
CA ALA F 285 36.31 15.56 34.49
C ALA F 285 36.84 15.22 33.11
N HIS F 286 38.14 15.02 33.02
CA HIS F 286 38.79 14.61 31.77
C HIS F 286 38.36 15.47 30.56
N MET F 287 38.35 16.78 30.80
CA MET F 287 37.94 17.75 29.79
C MET F 287 39.14 18.52 29.26
N PRO F 288 39.34 18.47 27.94
CA PRO F 288 40.37 19.30 27.33
C PRO F 288 40.13 20.79 27.59
N VAL F 289 41.23 21.52 27.80
CA VAL F 289 41.15 22.96 28.01
C VAL F 289 41.93 23.69 26.91
N GLN F 290 41.33 24.74 26.38
CA GLN F 290 42.03 25.65 25.50
C GLN F 290 42.34 26.89 26.33
N VAL F 291 43.60 27.35 26.31
CA VAL F 291 43.90 28.63 26.93
C VAL F 291 43.88 29.72 25.87
N GLY F 292 43.18 30.81 26.17
CA GLY F 292 43.10 31.94 25.26
C GLY F 292 43.07 33.27 25.98
N GLY F 293 42.47 34.26 25.34
CA GLY F 293 42.44 35.61 25.86
C GLY F 293 41.69 36.61 24.99
N PHE F 294 41.95 37.89 25.19
CA PHE F 294 41.26 38.90 24.41
C PHE F 294 42.25 39.66 23.54
N LEU F 295 42.51 40.92 23.82
CA LEU F 295 43.47 41.65 23.00
C LEU F 295 44.70 42.04 23.79
N GLU F 296 45.09 41.21 24.75
CA GLU F 296 46.30 41.43 25.53
C GLU F 296 47.49 41.44 24.60
N SER F 297 48.52 42.20 24.98
CA SER F 297 49.80 42.17 24.27
C SER F 297 50.50 40.87 24.60
N ARG F 298 51.73 40.70 24.12
CA ARG F 298 52.49 39.51 24.51
C ARG F 298 52.72 39.40 26.03
N LEU F 299 52.55 40.49 26.76
CA LEU F 299 52.79 40.38 28.17
C LEU F 299 51.69 39.55 28.79
N GLY F 300 50.45 39.86 28.42
CA GLY F 300 49.30 39.17 28.97
C GLY F 300 49.33 37.72 28.54
N PHE F 301 49.56 37.52 27.26
CA PHE F 301 49.63 36.15 26.76
C PHE F 301 50.81 35.35 27.32
N THR F 302 51.83 36.03 27.81
CA THR F 302 52.96 35.35 28.42
C THR F 302 52.46 34.74 29.70
N ALA F 303 51.64 35.48 30.45
CA ALA F 303 51.02 34.91 31.65
C ALA F 303 50.18 33.67 31.27
N ALA F 304 49.37 33.82 30.23
CA ALA F 304 48.55 32.71 29.77
C ALA F 304 49.44 31.49 29.45
N ALA F 305 50.54 31.74 28.72
CA ALA F 305 51.44 30.66 28.30
C ALA F 305 52.08 29.97 29.50
N HIS F 306 52.42 30.73 30.52
CA HIS F 306 52.97 30.13 31.72
C HIS F 306 51.96 29.19 32.31
N VAL F 307 50.70 29.63 32.39
CA VAL F 307 49.66 28.84 33.04
C VAL F 307 49.38 27.59 32.21
N ALA F 308 49.44 27.74 30.89
CA ALA F 308 49.25 26.63 29.95
C ALA F 308 50.14 25.41 30.20
N LEU F 309 51.28 25.60 30.84
CA LEU F 309 52.21 24.51 31.11
C LEU F 309 51.93 23.83 32.45
N VAL F 310 50.81 24.17 33.08
CA VAL F 310 50.53 23.71 34.43
C VAL F 310 49.86 22.32 34.49
N SER F 311 49.26 21.88 33.38
CA SER F 311 48.47 20.66 33.35
C SER F 311 48.35 20.07 31.95
N LYS F 312 48.40 18.74 31.88
CA LYS F 312 48.39 18.07 30.58
C LYS F 312 46.99 18.06 29.98
N THR F 313 46.00 18.49 30.75
CA THR F 313 44.63 18.58 30.25
C THR F 313 44.48 19.79 29.32
N ILE F 314 45.34 20.79 29.51
CA ILE F 314 45.39 21.92 28.60
C ILE F 314 46.12 21.49 27.32
N CYS F 315 45.51 21.68 26.16
CA CYS F 315 46.11 21.17 24.92
C CYS F 315 45.76 21.96 23.65
N TYR F 316 44.99 23.02 23.81
CA TYR F 316 44.73 23.92 22.69
C TYR F 316 45.13 25.32 23.11
N TYR F 317 45.59 26.12 22.16
CA TYR F 317 46.10 27.46 22.48
C TYR F 317 45.65 28.48 21.45
N ASP F 318 45.08 29.57 21.94
CA ASP F 318 44.66 30.69 21.09
C ASP F 318 45.37 31.96 21.56
N PHE F 319 46.57 32.22 21.03
CA PHE F 319 47.39 33.35 21.49
C PHE F 319 47.72 34.30 20.34
N ASP F 320 46.81 34.47 19.40
CA ASP F 320 47.18 35.14 18.16
C ASP F 320 47.16 36.68 18.17
N THR F 321 46.24 37.28 18.93
CA THR F 321 46.00 38.72 18.80
C THR F 321 47.23 39.65 18.84
N PRO F 322 48.25 39.31 19.65
CA PRO F 322 49.43 40.18 19.66
C PRO F 322 50.02 40.33 18.27
N LEU F 323 49.94 39.30 17.44
CA LEU F 323 50.45 39.40 16.06
C LEU F 323 49.66 40.39 15.19
N MET F 324 48.52 40.83 15.71
CA MET F 324 47.66 41.77 14.96
C MET F 324 47.97 43.22 15.28
N PHE F 325 48.88 43.44 16.23
CA PHE F 325 49.27 44.78 16.66
C PHE F 325 50.07 45.49 15.56
N GLU F 326 49.88 46.80 15.44
CA GLU F 326 50.72 47.57 14.54
C GLU F 326 52.15 47.61 15.06
N ALA F 327 52.30 47.46 16.38
CA ALA F 327 53.61 47.57 17.01
C ALA F 327 53.68 46.82 18.34
N ASP F 328 54.80 46.15 18.56
CA ASP F 328 54.98 45.32 19.75
C ASP F 328 55.76 46.05 20.86
N PRO F 329 55.05 46.51 21.90
CA PRO F 329 55.71 47.30 22.97
C PRO F 329 56.25 46.42 24.08
N VAL F 330 56.17 45.11 23.92
CA VAL F 330 56.61 44.23 24.99
C VAL F 330 58.11 43.93 24.90
N ARG F 331 58.74 43.89 26.07
CA ARG F 331 60.14 43.51 26.15
C ARG F 331 60.17 42.11 26.75
N GLY F 332 60.85 41.19 26.05
CA GLY F 332 60.90 39.80 26.47
C GLY F 332 59.61 39.06 26.23
N GLY F 333 59.19 38.24 27.19
CA GLY F 333 57.97 37.46 27.06
C GLY F 333 58.04 36.37 25.99
N ILE F 334 56.92 35.69 25.77
CA ILE F 334 56.86 34.57 24.81
C ILE F 334 57.29 35.01 23.41
N VAL F 335 57.92 34.10 22.69
CA VAL F 335 58.35 34.40 21.33
C VAL F 335 57.65 33.47 20.36
N TYR F 336 57.15 34.06 19.28
CA TYR F 336 56.46 33.29 18.25
C TYR F 336 57.46 32.75 17.24
N GLN F 337 57.49 31.43 17.12
CA GLN F 337 58.33 30.77 16.13
C GLN F 337 57.51 30.35 14.93
N GLN F 338 58.13 29.64 13.99
CA GLN F 338 57.40 29.20 12.79
C GLN F 338 56.38 28.12 13.14
N ARG F 339 55.30 28.07 12.34
CA ARG F 339 54.21 27.12 12.56
C ARG F 339 53.35 27.52 13.76
N GLY F 340 53.55 28.74 14.24
CA GLY F 340 52.84 29.24 15.39
C GLY F 340 53.23 28.53 16.67
N ILE F 341 54.43 27.97 16.72
CA ILE F 341 54.92 27.40 17.96
C ILE F 341 55.43 28.48 18.93
N ILE F 342 55.01 28.39 20.19
CA ILE F 342 55.29 29.42 21.17
C ILE F 342 56.35 28.92 22.14
N GLU F 343 57.32 29.77 22.44
CA GLU F 343 58.33 29.45 23.43
C GLU F 343 58.19 30.35 24.67
N VAL F 344 58.21 29.73 25.85
CA VAL F 344 58.01 30.43 27.11
C VAL F 344 59.31 30.84 27.77
N PRO F 345 59.39 32.08 28.26
CA PRO F 345 60.55 32.57 29.01
C PRO F 345 60.95 31.65 30.16
N GLU F 346 62.24 31.61 30.47
CA GLU F 346 62.71 30.76 31.54
C GLU F 346 63.28 31.53 32.68
N THR F 347 63.38 32.85 32.53
CA THR F 347 63.94 33.70 33.59
C THR F 347 62.93 33.82 34.74
N ALA F 348 63.40 34.23 35.91
CA ALA F 348 62.52 34.35 37.07
C ALA F 348 61.37 35.31 36.81
N GLY F 349 60.20 35.00 37.40
CA GLY F 349 59.00 35.83 37.28
C GLY F 349 58.22 35.67 35.99
N LEU F 350 57.41 36.65 35.67
CA LEU F 350 56.60 36.62 34.47
C LEU F 350 57.52 36.45 33.27
N GLY F 351 58.68 37.08 33.31
CA GLY F 351 59.63 36.97 32.23
C GLY F 351 59.31 37.89 31.08
N ALA F 352 58.60 38.97 31.39
CA ALA F 352 58.26 39.98 30.39
C ALA F 352 58.06 41.34 31.08
N GLY F 353 58.20 42.40 30.29
CA GLY F 353 57.91 43.74 30.74
C GLY F 353 57.71 44.62 29.53
N TYR F 354 57.70 45.95 29.72
CA TYR F 354 57.50 46.83 28.59
C TYR F 354 58.75 47.58 28.17
N GLN F 355 58.88 47.78 26.85
CA GLN F 355 59.98 48.50 26.22
C GLN F 355 60.25 49.81 26.95
N LYS F 356 61.50 50.24 26.91
CA LYS F 356 61.92 51.46 27.61
C LYS F 356 61.18 52.68 27.08
N ASP F 357 60.67 53.48 28.02
CA ASP F 357 59.93 54.69 27.68
C ASP F 357 58.77 54.51 26.69
N TYR F 358 58.32 53.28 26.51
CA TYR F 358 57.02 53.10 25.91
C TYR F 358 56.04 53.51 26.99
N LEU F 359 56.25 52.98 28.20
CA LEU F 359 55.39 53.31 29.32
C LEU F 359 55.35 54.82 29.59
N SER F 360 56.49 55.49 29.44
CA SER F 360 56.54 56.89 29.83
C SER F 360 55.70 57.78 28.91
N GLY F 361 55.37 57.28 27.73
CA GLY F 361 54.51 58.01 26.81
C GLY F 361 53.02 57.77 26.99
N LEU F 362 52.68 56.96 27.97
CA LEU F 362 51.30 56.55 28.16
C LEU F 362 50.61 57.38 29.23
N GLU F 363 49.31 57.57 29.06
CA GLU F 363 48.53 58.22 30.11
C GLU F 363 48.59 57.32 31.34
N LYS F 364 49.02 57.86 32.47
CA LYS F 364 49.22 57.03 33.63
C LYS F 364 48.80 57.70 34.92
N ILE F 365 48.56 56.89 35.94
CA ILE F 365 48.35 57.41 37.27
C ILE F 365 49.20 56.58 38.19
N CYS F 366 49.38 57.04 39.42
CA CYS F 366 50.30 56.42 40.38
C CYS F 366 49.69 56.44 41.77
N ILE F 367 49.55 55.27 42.38
CA ILE F 367 48.88 55.20 43.67
C ILE F 367 49.93 55.10 44.78
N ASN F 368 50.01 56.19 45.54
CA ASN F 368 51.08 56.43 46.50
C ASN F 368 52.39 56.85 45.85
N MET G 1 -47.82 -46.26 -35.46
CA MET G 1 -47.18 -46.93 -36.59
C MET G 1 -46.36 -48.15 -36.15
N ILE G 2 -46.78 -49.33 -36.62
CA ILE G 2 -46.14 -50.59 -36.22
C ILE G 2 -44.70 -50.73 -36.75
N ILE G 3 -43.85 -51.33 -35.93
CA ILE G 3 -42.48 -51.60 -36.36
C ILE G 3 -42.42 -52.97 -37.04
N THR G 4 -41.92 -52.97 -38.28
CA THR G 4 -41.94 -54.18 -39.11
C THR G 4 -40.61 -54.92 -39.12
N GLN G 5 -39.51 -54.17 -39.18
CA GLN G 5 -38.20 -54.79 -39.10
C GLN G 5 -37.13 -53.81 -38.63
N VAL G 6 -36.09 -54.33 -38.00
CA VAL G 6 -34.94 -53.50 -37.69
C VAL G 6 -33.67 -54.14 -38.23
N GLU G 7 -32.81 -53.29 -38.79
CA GLU G 7 -31.50 -53.73 -39.28
C GLU G 7 -30.42 -53.24 -38.34
N LEU G 8 -29.42 -54.07 -38.10
CA LEU G 8 -28.23 -53.67 -37.34
C LEU G 8 -26.96 -53.76 -38.19
N TYR G 9 -26.09 -52.76 -38.09
CA TYR G 9 -24.85 -52.76 -38.85
C TYR G 9 -23.61 -52.57 -37.97
N LYS G 10 -22.53 -53.29 -38.27
CA LYS G 10 -21.25 -52.96 -37.65
C LYS G 10 -20.53 -51.88 -38.49
N SER G 11 -20.27 -50.73 -37.88
CA SER G 11 -19.70 -49.59 -38.59
C SER G 11 -18.35 -49.15 -38.02
N PRO G 12 -17.26 -49.80 -38.46
CA PRO G 12 -15.93 -49.46 -37.98
C PRO G 12 -15.23 -48.53 -38.94
N VAL G 13 -14.98 -47.29 -38.52
CA VAL G 13 -14.22 -46.34 -39.33
C VAL G 13 -12.92 -45.95 -38.63
N LYS G 14 -11.83 -45.91 -39.39
CA LYS G 14 -10.52 -45.64 -38.86
C LYS G 14 -10.30 -44.14 -38.61
N LEU G 15 -9.57 -43.82 -37.54
CA LEU G 15 -9.26 -42.44 -37.22
C LEU G 15 -7.96 -42.01 -37.89
N LYS G 16 -7.85 -40.73 -38.25
CA LYS G 16 -6.61 -40.20 -38.82
C LYS G 16 -5.44 -40.42 -37.86
N GLU G 17 -5.52 -39.78 -36.69
CA GLU G 17 -4.54 -40.01 -35.63
C GLU G 17 -5.18 -40.87 -34.55
N PRO G 18 -4.38 -41.72 -33.90
CA PRO G 18 -4.94 -42.46 -32.76
C PRO G 18 -5.43 -41.48 -31.65
N PHE G 19 -6.56 -41.84 -31.04
CA PHE G 19 -7.20 -41.06 -29.99
C PHE G 19 -6.81 -41.62 -28.62
N LYS G 20 -6.25 -40.75 -27.78
CA LYS G 20 -5.60 -41.16 -26.53
C LYS G 20 -6.20 -40.52 -25.28
N ILE G 21 -6.67 -41.34 -24.35
CA ILE G 21 -7.10 -40.85 -23.05
C ILE G 21 -6.44 -41.66 -21.95
N SER G 22 -6.58 -41.20 -20.72
CA SER G 22 -5.91 -41.84 -19.59
C SER G 22 -6.26 -43.33 -19.49
N LEU G 23 -7.42 -43.68 -20.04
CA LEU G 23 -7.94 -45.04 -19.94
C LEU G 23 -7.41 -45.98 -21.02
N GLY G 24 -6.96 -45.40 -22.13
CA GLY G 24 -6.48 -46.18 -23.27
C GLY G 24 -6.34 -45.44 -24.59
N ILE G 25 -5.98 -46.20 -25.62
CA ILE G 25 -5.75 -45.64 -26.94
C ILE G 25 -6.68 -46.30 -27.96
N LEU G 26 -7.26 -45.50 -28.84
CA LEU G 26 -8.17 -46.02 -29.86
C LEU G 26 -7.71 -45.70 -31.27
N THR G 27 -7.81 -46.69 -32.17
CA THR G 27 -7.42 -46.49 -33.56
C THR G 27 -8.65 -46.36 -34.46
N HIS G 28 -9.75 -46.94 -34.00
CA HIS G 28 -10.99 -46.96 -34.76
C HIS G 28 -12.17 -46.55 -33.91
N ALA G 29 -13.18 -46.00 -34.57
CA ALA G 29 -14.46 -45.83 -33.95
C ALA G 29 -15.29 -47.04 -34.36
N ASN G 30 -15.43 -48.01 -33.45
CA ASN G 30 -16.24 -49.19 -33.75
C ASN G 30 -17.69 -49.08 -33.31
N ASN G 31 -18.50 -48.43 -34.16
CA ASN G 31 -19.90 -48.14 -33.85
C ASN G 31 -20.89 -49.22 -34.30
N VAL G 32 -22.11 -49.15 -33.78
CA VAL G 32 -23.19 -50.00 -34.25
C VAL G 32 -24.33 -49.12 -34.70
N ILE G 33 -24.83 -49.39 -35.92
CA ILE G 33 -25.92 -48.60 -36.50
C ILE G 33 -27.24 -49.34 -36.42
N VAL G 34 -28.31 -48.60 -36.17
CA VAL G 34 -29.64 -49.20 -36.01
C VAL G 34 -30.59 -48.51 -36.96
N ARG G 35 -31.36 -49.30 -37.70
CA ARG G 35 -32.41 -48.77 -38.59
C ARG G 35 -33.71 -49.45 -38.26
N ILE G 36 -34.69 -48.65 -37.88
CA ILE G 36 -36.03 -49.18 -37.64
C ILE G 36 -36.96 -48.86 -38.82
N HIS G 37 -37.69 -49.88 -39.27
CA HIS G 37 -38.65 -49.75 -40.37
C HIS G 37 -40.06 -49.86 -39.86
N THR G 38 -40.93 -48.99 -40.36
CA THR G 38 -42.35 -49.10 -40.04
C THR G 38 -43.15 -49.66 -41.22
N ALA G 39 -44.36 -50.12 -40.95
CA ALA G 39 -45.27 -50.60 -41.99
C ALA G 39 -45.49 -49.48 -43.01
N SER G 40 -45.63 -48.25 -42.52
CA SER G 40 -45.84 -47.11 -43.41
C SER G 40 -44.61 -46.76 -44.24
N GLY G 41 -43.53 -47.53 -44.05
CA GLY G 41 -42.31 -47.33 -44.83
C GLY G 41 -41.38 -46.23 -44.34
N HIS G 42 -41.60 -45.76 -43.12
CA HIS G 42 -40.69 -44.79 -42.50
C HIS G 42 -39.49 -45.51 -41.91
N ILE G 43 -38.36 -44.82 -41.93
CA ILE G 43 -37.13 -45.39 -41.40
C ILE G 43 -36.49 -44.45 -40.41
N GLY G 44 -36.20 -45.00 -39.23
CA GLY G 44 -35.50 -44.25 -38.20
C GLY G 44 -34.07 -44.74 -38.01
N TYR G 45 -33.16 -43.78 -37.88
CA TYR G 45 -31.75 -44.12 -37.66
C TYR G 45 -31.32 -43.87 -36.22
N GLY G 46 -30.49 -44.77 -35.72
CA GLY G 46 -29.88 -44.62 -34.42
C GLY G 46 -28.46 -45.15 -34.53
N GLU G 47 -27.55 -44.54 -33.79
CA GLU G 47 -26.18 -44.98 -33.79
C GLU G 47 -25.71 -45.09 -32.33
N CYS G 48 -24.70 -45.91 -32.08
CA CYS G 48 -24.09 -45.93 -30.78
C CYS G 48 -22.60 -46.30 -30.91
N SER G 49 -21.79 -45.91 -29.95
CA SER G 49 -20.35 -46.06 -30.09
C SER G 49 -19.76 -46.71 -28.84
N PRO G 50 -19.96 -48.02 -28.68
CA PRO G 50 -19.51 -48.72 -27.48
C PRO G 50 -18.09 -48.37 -27.12
N PHE G 51 -17.86 -48.14 -25.83
CA PHE G 51 -16.52 -47.83 -25.31
C PHE G 51 -16.27 -48.77 -24.13
N MET G 52 -15.48 -49.80 -24.36
CA MET G 52 -15.39 -50.90 -23.41
C MET G 52 -15.10 -50.52 -21.95
N THR G 53 -14.15 -49.61 -21.75
CA THR G 53 -13.74 -49.27 -20.39
C THR G 53 -14.71 -48.33 -19.64
N ILE G 54 -15.77 -47.89 -20.31
CA ILE G 54 -16.77 -47.02 -19.71
C ILE G 54 -18.18 -47.58 -19.78
N HIS G 55 -18.60 -47.98 -20.99
CA HIS G 55 -19.92 -48.59 -21.15
C HIS G 55 -19.92 -50.02 -20.63
N GLY G 56 -18.79 -50.72 -20.77
CA GLY G 56 -18.75 -52.16 -20.55
C GLY G 56 -19.49 -52.87 -21.67
N GLU G 57 -19.53 -52.22 -22.84
CA GLU G 57 -20.07 -52.80 -24.05
C GLU G 57 -19.03 -52.66 -25.16
N SER G 58 -19.12 -53.51 -26.19
CA SER G 58 -18.25 -53.43 -27.37
C SER G 58 -19.12 -53.45 -28.59
N MET G 59 -18.50 -53.21 -29.75
CA MET G 59 -19.24 -53.31 -31.01
C MET G 59 -19.79 -54.73 -31.18
N ASP G 60 -19.00 -55.70 -30.77
CA ASP G 60 -19.46 -57.09 -30.81
C ASP G 60 -20.66 -57.36 -29.90
N THR G 61 -20.61 -56.92 -28.64
CA THR G 61 -21.71 -57.24 -27.73
C THR G 61 -22.94 -56.44 -28.12
N ALA G 62 -22.73 -55.19 -28.55
CA ALA G 62 -23.83 -54.31 -28.95
C ALA G 62 -24.63 -54.94 -30.08
N PHE G 63 -23.89 -55.50 -31.05
CA PHE G 63 -24.47 -56.13 -32.23
C PHE G 63 -25.34 -57.32 -31.87
N ILE G 64 -24.97 -58.04 -30.83
CA ILE G 64 -25.78 -59.18 -30.39
C ILE G 64 -26.97 -58.72 -29.55
N VAL G 65 -26.72 -57.93 -28.51
CA VAL G 65 -27.77 -57.51 -27.61
C VAL G 65 -28.83 -56.77 -28.42
N GLY G 66 -28.36 -55.98 -29.39
CA GLY G 66 -29.25 -55.24 -30.27
C GLY G 66 -30.32 -56.12 -30.91
N GLN G 67 -29.94 -57.36 -31.19
CA GLN G 67 -30.87 -58.33 -31.77
C GLN G 67 -31.93 -58.77 -30.76
N TYR G 68 -31.50 -59.10 -29.54
CA TYR G 68 -32.48 -59.36 -28.47
C TYR G 68 -33.52 -58.25 -28.47
N LEU G 69 -33.03 -57.02 -28.57
CA LEU G 69 -33.89 -55.84 -28.44
C LEU G 69 -34.84 -55.74 -29.63
N ALA G 70 -34.27 -55.82 -30.84
CA ALA G 70 -35.04 -55.72 -32.06
C ALA G 70 -36.19 -56.72 -32.01
N LYS G 71 -35.87 -57.95 -31.66
CA LYS G 71 -36.88 -59.00 -31.52
C LYS G 71 -38.10 -58.51 -30.73
N GLY G 72 -37.85 -57.99 -29.52
CA GLY G 72 -38.92 -57.56 -28.65
C GLY G 72 -39.68 -56.37 -29.20
N LEU G 73 -39.03 -55.57 -30.04
CA LEU G 73 -39.66 -54.37 -30.54
C LEU G 73 -40.57 -54.64 -31.72
N ILE G 74 -40.27 -55.71 -32.46
CA ILE G 74 -41.06 -56.02 -33.67
C ILE G 74 -42.54 -56.16 -33.33
N GLY G 75 -43.38 -55.36 -33.99
CA GLY G 75 -44.82 -55.41 -33.79
C GLY G 75 -45.35 -54.34 -32.87
N THR G 76 -44.47 -53.57 -32.24
CA THR G 76 -44.90 -52.47 -31.35
C THR G 76 -45.04 -51.15 -32.09
N SER G 77 -45.69 -50.19 -31.43
CA SER G 77 -45.86 -48.86 -32.01
C SER G 77 -44.63 -48.03 -31.70
N CYS G 78 -43.96 -47.55 -32.74
CA CYS G 78 -42.73 -46.78 -32.56
C CYS G 78 -42.97 -45.43 -31.90
N LEU G 79 -44.23 -45.13 -31.58
CA LEU G 79 -44.56 -43.83 -30.97
C LEU G 79 -44.60 -43.92 -29.44
N ASP G 80 -44.85 -45.13 -28.93
CA ASP G 80 -44.84 -45.40 -27.48
C ASP G 80 -43.40 -45.49 -26.98
N ILE G 81 -42.67 -44.38 -27.10
CA ILE G 81 -41.26 -44.38 -26.76
C ILE G 81 -41.01 -44.90 -25.34
N VAL G 82 -41.75 -44.38 -24.36
CA VAL G 82 -41.58 -44.83 -22.97
C VAL G 82 -41.89 -46.30 -22.78
N SER G 83 -43.03 -46.73 -23.31
CA SER G 83 -43.41 -48.14 -23.26
C SER G 83 -42.31 -49.03 -23.82
N ASN G 84 -41.74 -48.63 -24.95
CA ASN G 84 -40.71 -49.42 -25.62
C ASN G 84 -39.39 -49.44 -24.88
N SER G 85 -39.03 -48.31 -24.27
CA SER G 85 -37.80 -48.21 -23.51
C SER G 85 -37.91 -49.14 -22.32
N LEU G 86 -39.12 -49.29 -21.78
CA LEU G 86 -39.33 -50.18 -20.65
C LEU G 86 -39.23 -51.62 -21.10
N LEU G 87 -39.82 -51.87 -22.27
CA LEU G 87 -39.78 -53.20 -22.88
C LEU G 87 -38.33 -53.69 -23.04
N MET G 88 -37.48 -52.81 -23.58
CA MET G 88 -36.06 -53.12 -23.67
C MET G 88 -35.46 -53.45 -22.30
N ASP G 89 -35.70 -52.58 -21.33
CA ASP G 89 -35.19 -52.78 -19.97
C ASP G 89 -35.63 -54.13 -19.43
N ALA G 90 -36.85 -54.53 -19.77
CA ALA G 90 -37.37 -55.83 -19.31
C ALA G 90 -36.69 -57.00 -20.02
N ILE G 91 -36.12 -56.74 -21.20
CA ILE G 91 -35.37 -57.77 -21.93
C ILE G 91 -33.95 -57.98 -21.39
N ILE G 92 -33.24 -56.88 -21.11
CA ILE G 92 -31.91 -56.97 -20.53
C ILE G 92 -31.54 -55.73 -19.71
N TYR G 93 -30.86 -55.97 -18.59
CA TYR G 93 -30.43 -54.89 -17.72
C TYR G 93 -29.23 -54.21 -18.34
N GLY G 94 -29.00 -52.96 -17.95
CA GLY G 94 -27.86 -52.23 -18.47
C GLY G 94 -27.87 -52.06 -19.99
N ASN G 95 -26.69 -52.22 -20.58
CA ASN G 95 -26.54 -52.09 -22.04
C ASN G 95 -27.11 -50.79 -22.59
N SER G 96 -26.87 -49.71 -21.86
CA SER G 96 -27.44 -48.42 -22.24
C SER G 96 -26.95 -47.96 -23.62
N CYS G 97 -25.68 -48.23 -23.92
CA CYS G 97 -25.14 -47.81 -25.22
C CYS G 97 -26.03 -48.28 -26.36
N ILE G 98 -26.18 -49.59 -26.48
CA ILE G 98 -26.99 -50.10 -27.57
C ILE G 98 -28.43 -49.61 -27.45
N LYS G 99 -29.00 -49.68 -26.26
CA LYS G 99 -30.35 -49.15 -26.02
C LYS G 99 -30.52 -47.71 -26.55
N SER G 100 -29.48 -46.90 -26.39
CA SER G 100 -29.57 -45.52 -26.77
C SER G 100 -29.80 -45.42 -28.28
N ALA G 101 -29.19 -46.33 -29.03
CA ALA G 101 -29.32 -46.27 -30.48
C ALA G 101 -30.78 -46.55 -30.85
N PHE G 102 -31.36 -47.59 -30.26
CA PHE G 102 -32.78 -47.83 -30.49
C PHE G 102 -33.59 -46.61 -30.11
N ASN G 103 -33.31 -46.07 -28.93
CA ASN G 103 -34.07 -44.95 -28.40
C ASN G 103 -34.02 -43.79 -29.37
N ILE G 104 -32.80 -43.42 -29.78
CA ILE G 104 -32.64 -42.35 -30.74
C ILE G 104 -33.47 -42.59 -31.99
N ALA G 105 -33.43 -43.81 -32.52
CA ALA G 105 -34.17 -44.11 -33.74
C ALA G 105 -35.67 -43.93 -33.50
N LEU G 106 -36.16 -44.43 -32.38
CA LEU G 106 -37.58 -44.23 -32.06
C LEU G 106 -37.96 -42.76 -32.08
N TYR G 107 -37.13 -41.92 -31.48
CA TYR G 107 -37.40 -40.47 -31.50
C TYR G 107 -37.40 -39.96 -32.92
N ASP G 108 -36.51 -40.52 -33.75
CA ASP G 108 -36.41 -40.11 -35.14
C ASP G 108 -37.79 -40.32 -35.77
N LEU G 109 -38.31 -41.53 -35.58
CA LEU G 109 -39.62 -41.86 -36.13
C LEU G 109 -40.68 -40.93 -35.58
N ALA G 110 -40.64 -40.70 -34.27
CA ALA G 110 -41.62 -39.82 -33.62
C ALA G 110 -41.59 -38.40 -34.21
N ALA G 111 -40.39 -37.83 -34.30
CA ALA G 111 -40.27 -36.49 -34.86
C ALA G 111 -40.78 -36.45 -36.30
N GLN G 112 -40.44 -37.51 -37.07
CA GLN G 112 -40.92 -37.66 -38.45
C GLN G 112 -42.44 -37.60 -38.53
N HIS G 113 -43.07 -38.37 -37.63
CA HIS G 113 -44.51 -38.47 -37.60
C HIS G 113 -45.19 -37.13 -37.29
N ALA G 114 -44.51 -36.30 -36.50
CA ALA G 114 -45.07 -35.02 -36.11
C ALA G 114 -44.68 -33.94 -37.08
N GLY G 115 -43.83 -34.28 -38.03
CA GLY G 115 -43.42 -33.30 -39.04
C GLY G 115 -42.53 -32.20 -38.50
N LEU G 116 -41.74 -32.53 -37.50
CA LEU G 116 -40.82 -31.57 -36.90
C LEU G 116 -39.43 -32.13 -36.86
N PRO G 117 -38.43 -31.26 -36.87
CA PRO G 117 -37.06 -31.69 -36.56
C PRO G 117 -36.97 -32.11 -35.08
N LEU G 118 -36.01 -32.97 -34.74
CA LEU G 118 -35.96 -33.53 -33.38
C LEU G 118 -36.03 -32.43 -32.31
N TYR G 119 -35.14 -31.44 -32.45
CA TYR G 119 -35.04 -30.43 -31.41
C TYR G 119 -36.38 -29.77 -31.13
N ALA G 120 -37.13 -29.46 -32.17
CA ALA G 120 -38.47 -28.90 -31.99
C ALA G 120 -39.46 -29.92 -31.40
N PHE G 121 -39.32 -31.18 -31.77
CA PHE G 121 -40.23 -32.20 -31.26
C PHE G 121 -40.03 -32.37 -29.75
N LEU G 122 -38.81 -32.07 -29.30
CA LEU G 122 -38.46 -32.16 -27.88
C LEU G 122 -38.78 -30.86 -27.12
N GLY G 123 -39.27 -29.87 -27.85
CA GLY G 123 -39.65 -28.60 -27.24
C GLY G 123 -38.48 -27.64 -27.14
N GLY G 124 -37.47 -27.87 -27.97
CA GLY G 124 -36.32 -26.98 -28.02
C GLY G 124 -36.54 -25.86 -29.01
N LYS G 125 -35.57 -24.97 -29.12
CA LYS G 125 -35.61 -23.88 -30.10
C LYS G 125 -34.18 -23.37 -30.34
N LYS G 126 -33.94 -22.82 -31.53
CA LYS G 126 -32.60 -22.37 -31.89
C LYS G 126 -32.33 -20.99 -31.33
N ASP G 127 -32.10 -20.91 -30.03
CA ASP G 127 -31.88 -19.61 -29.40
C ASP G 127 -30.46 -19.43 -28.81
N LYS G 128 -29.51 -20.21 -29.31
CA LYS G 128 -28.13 -20.10 -28.87
C LYS G 128 -27.18 -20.71 -29.89
N ILE G 129 -25.92 -20.29 -29.85
CA ILE G 129 -24.93 -20.84 -30.75
C ILE G 129 -24.23 -22.05 -30.14
N ILE G 130 -24.23 -23.14 -30.88
CA ILE G 130 -23.56 -24.36 -30.45
C ILE G 130 -22.11 -24.37 -30.93
N GLN G 131 -21.16 -24.30 -30.01
CA GLN G 131 -19.77 -24.30 -30.40
C GLN G 131 -19.01 -25.42 -29.74
N THR G 132 -18.37 -26.24 -30.56
CA THR G 132 -17.66 -27.41 -30.04
C THR G 132 -16.22 -27.06 -29.70
N ASP G 133 -15.67 -27.82 -28.78
CA ASP G 133 -14.25 -27.75 -28.48
C ASP G 133 -13.59 -28.73 -29.45
N TYR G 134 -12.28 -28.92 -29.27
CA TYR G 134 -11.59 -30.01 -29.97
C TYR G 134 -10.59 -30.60 -29.00
N THR G 135 -10.31 -31.89 -29.14
CA THR G 135 -9.63 -32.62 -28.08
C THR G 135 -8.16 -32.94 -28.36
N VAL G 136 -7.28 -32.54 -27.46
CA VAL G 136 -5.88 -32.92 -27.53
C VAL G 136 -5.68 -34.24 -26.80
N SER G 137 -5.20 -35.25 -27.51
CA SER G 137 -4.99 -36.55 -26.89
C SER G 137 -3.88 -36.45 -25.84
N ILE G 138 -3.95 -37.32 -24.84
CA ILE G 138 -2.92 -37.39 -23.82
C ILE G 138 -1.66 -38.03 -24.40
N ASP G 139 -0.59 -37.26 -24.40
CA ASP G 139 0.67 -37.71 -24.97
C ASP G 139 1.84 -37.03 -24.27
N GLU G 140 3.03 -37.20 -24.81
CA GLU G 140 4.19 -36.46 -24.37
C GLU G 140 3.91 -34.94 -24.53
N PRO G 141 4.32 -34.13 -23.54
CA PRO G 141 3.92 -32.72 -23.49
C PRO G 141 4.21 -31.89 -24.74
N HIS G 142 5.37 -32.12 -25.38
CA HIS G 142 5.69 -31.39 -26.61
C HIS G 142 4.68 -31.69 -27.72
N LYS G 143 4.38 -32.98 -27.89
CA LYS G 143 3.36 -33.41 -28.83
C LYS G 143 2.05 -32.69 -28.53
N MET G 144 1.65 -32.69 -27.26
CA MET G 144 0.38 -32.09 -26.88
C MET G 144 0.32 -30.60 -27.21
N ALA G 145 1.40 -29.88 -26.94
CA ALA G 145 1.44 -28.45 -27.23
C ALA G 145 1.31 -28.22 -28.74
N ALA G 146 2.04 -29.03 -29.51
CA ALA G 146 1.99 -28.94 -30.96
C ALA G 146 0.55 -29.05 -31.48
N ASP G 147 -0.15 -30.09 -31.03
CA ASP G 147 -1.55 -30.31 -31.41
C ASP G 147 -2.41 -29.11 -31.02
N ALA G 148 -2.21 -28.61 -29.79
CA ALA G 148 -2.98 -27.47 -29.31
C ALA G 148 -2.83 -26.32 -30.30
N VAL G 149 -1.61 -26.12 -30.76
CA VAL G 149 -1.32 -25.07 -31.75
C VAL G 149 -2.12 -25.30 -33.04
N GLN G 150 -1.92 -26.45 -33.66
CA GLN G 150 -2.66 -26.81 -34.87
C GLN G 150 -4.14 -26.54 -34.70
N ILE G 151 -4.67 -26.93 -33.54
CA ILE G 151 -6.10 -26.77 -33.25
C ILE G 151 -6.48 -25.29 -33.25
N LYS G 152 -5.65 -24.48 -32.61
CA LYS G 152 -5.89 -23.04 -32.55
C LYS G 152 -5.83 -22.44 -33.96
N LYS G 153 -4.86 -22.92 -34.75
CA LYS G 153 -4.69 -22.47 -36.13
C LYS G 153 -5.90 -22.81 -36.99
N ASN G 154 -6.43 -24.02 -36.83
CA ASN G 154 -7.62 -24.42 -37.56
C ASN G 154 -8.84 -23.61 -37.17
N GLY G 155 -8.69 -22.78 -36.15
CA GLY G 155 -9.74 -21.83 -35.78
C GLY G 155 -10.65 -22.19 -34.62
N PHE G 156 -10.41 -23.33 -33.97
CA PHE G 156 -11.20 -23.71 -32.80
C PHE G 156 -10.90 -22.79 -31.62
N GLU G 157 -11.96 -22.33 -30.95
CA GLU G 157 -11.81 -21.38 -29.84
C GLU G 157 -11.83 -22.02 -28.45
N ILE G 158 -12.06 -23.32 -28.40
CA ILE G 158 -12.08 -24.07 -27.14
C ILE G 158 -11.31 -25.38 -27.27
N ILE G 159 -10.33 -25.58 -26.40
CA ILE G 159 -9.58 -26.83 -26.42
C ILE G 159 -9.88 -27.69 -25.20
N LYS G 160 -10.10 -28.99 -25.43
CA LYS G 160 -10.28 -29.93 -24.35
C LYS G 160 -9.05 -30.83 -24.25
N VAL G 161 -8.37 -30.79 -23.10
CA VAL G 161 -7.12 -31.51 -22.92
C VAL G 161 -7.27 -32.76 -22.06
N LYS G 162 -6.77 -33.88 -22.57
CA LYS G 162 -6.85 -35.13 -21.83
C LYS G 162 -5.71 -35.26 -20.84
N VAL G 163 -6.03 -35.17 -19.56
CA VAL G 163 -5.04 -35.40 -18.52
C VAL G 163 -5.35 -36.71 -17.78
N GLY G 164 -4.63 -36.98 -16.72
CA GLY G 164 -4.85 -38.19 -15.96
C GLY G 164 -3.57 -38.93 -15.61
N GLY G 165 -2.43 -38.33 -15.94
CA GLY G 165 -1.15 -38.92 -15.61
C GLY G 165 -0.70 -38.56 -14.22
N SER G 166 0.61 -38.65 -13.97
CA SER G 166 1.17 -38.17 -12.71
C SER G 166 0.99 -36.65 -12.58
N LYS G 167 0.89 -36.17 -11.34
CA LYS G 167 0.69 -34.76 -11.06
C LYS G 167 1.74 -33.89 -11.77
N GLU G 168 2.98 -34.32 -11.66
CA GLU G 168 4.10 -33.65 -12.29
C GLU G 168 3.82 -33.43 -13.78
N LEU G 169 3.57 -34.54 -14.47
CA LEU G 169 3.41 -34.56 -15.92
C LEU G 169 2.23 -33.75 -16.45
N ASP G 170 1.10 -33.85 -15.75
CA ASP G 170 -0.12 -33.15 -16.18
C ASP G 170 0.02 -31.64 -16.07
N VAL G 171 0.84 -31.22 -15.12
CA VAL G 171 1.09 -29.79 -14.97
C VAL G 171 2.04 -29.30 -16.07
N GLU G 172 3.06 -30.09 -16.35
CA GLU G 172 3.95 -29.77 -17.45
C GLU G 172 3.16 -29.67 -18.75
N ARG G 173 2.21 -30.60 -18.90
CA ARG G 173 1.32 -30.61 -20.06
C ARG G 173 0.52 -29.31 -20.22
N ILE G 174 -0.24 -28.94 -19.20
CA ILE G 174 -1.05 -27.75 -19.26
C ILE G 174 -0.21 -26.48 -19.45
N ARG G 175 0.92 -26.41 -18.76
CA ARG G 175 1.81 -25.27 -18.88
C ARG G 175 2.34 -25.11 -20.31
N MET G 176 2.99 -26.15 -20.81
CA MET G 176 3.51 -26.12 -22.17
C MET G 176 2.45 -25.71 -23.18
N ILE G 177 1.21 -26.17 -22.98
CA ILE G 177 0.11 -25.81 -23.86
C ILE G 177 -0.24 -24.33 -23.71
N ARG G 178 -0.42 -23.91 -22.46
CA ARG G 178 -0.79 -22.53 -22.15
C ARG G 178 0.24 -21.54 -22.72
N GLU G 179 1.52 -21.88 -22.58
CA GLU G 179 2.59 -20.98 -23.03
C GLU G 179 2.87 -21.15 -24.53
N ALA G 180 2.30 -22.19 -25.14
CA ALA G 180 2.48 -22.41 -26.56
C ALA G 180 1.24 -22.09 -27.39
N ALA G 181 0.18 -21.63 -26.73
CA ALA G 181 -1.08 -21.38 -27.44
C ALA G 181 -1.87 -20.15 -26.97
N GLY G 182 -1.53 -19.62 -25.81
CA GLY G 182 -2.16 -18.39 -25.34
C GLY G 182 -2.96 -18.54 -24.06
N ASP G 183 -3.38 -17.40 -23.53
CA ASP G 183 -4.11 -17.39 -22.26
C ASP G 183 -5.55 -16.95 -22.49
N SER G 184 -5.85 -16.60 -23.73
CA SER G 184 -7.16 -16.09 -24.10
C SER G 184 -8.07 -17.24 -24.56
N ILE G 185 -7.48 -18.18 -25.28
CA ILE G 185 -8.22 -19.35 -25.73
C ILE G 185 -8.73 -20.12 -24.50
N THR G 186 -10.04 -20.33 -24.43
CA THR G 186 -10.61 -21.06 -23.31
C THR G 186 -10.24 -22.54 -23.39
N LEU G 187 -9.78 -23.12 -22.28
CA LEU G 187 -9.51 -24.56 -22.27
C LEU G 187 -10.05 -25.34 -21.06
N ARG G 188 -10.52 -26.57 -21.35
CA ARG G 188 -11.13 -27.46 -20.36
C ARG G 188 -10.37 -28.78 -20.33
N ILE G 189 -10.33 -29.45 -19.18
CA ILE G 189 -9.56 -30.68 -19.04
C ILE G 189 -10.41 -31.89 -18.62
N ASP G 190 -9.88 -33.08 -18.86
CA ASP G 190 -10.61 -34.31 -18.64
C ASP G 190 -9.62 -35.40 -18.25
N ALA G 191 -9.81 -35.99 -17.09
CA ALA G 191 -8.86 -36.94 -16.52
C ALA G 191 -9.31 -38.36 -16.69
N ASN G 192 -10.56 -38.54 -17.10
CA ASN G 192 -11.11 -39.88 -17.27
C ASN G 192 -10.75 -40.82 -16.11
N GLN G 193 -11.03 -40.38 -14.89
CA GLN G 193 -10.81 -41.19 -13.69
C GLN G 193 -9.33 -41.44 -13.39
N GLY G 194 -8.47 -40.62 -13.99
CA GLY G 194 -7.03 -40.85 -13.92
C GLY G 194 -6.38 -40.75 -12.56
N TRP G 195 -6.78 -39.75 -11.78
CA TRP G 195 -6.12 -39.45 -10.50
C TRP G 195 -6.73 -40.15 -9.28
N SER G 196 -5.91 -40.32 -8.23
CA SER G 196 -6.42 -40.65 -6.90
C SER G 196 -6.99 -39.37 -6.30
N VAL G 197 -7.81 -39.50 -5.27
CA VAL G 197 -8.42 -38.31 -4.66
C VAL G 197 -7.34 -37.30 -4.27
N GLU G 198 -6.26 -37.78 -3.73
CA GLU G 198 -5.22 -36.86 -3.39
C GLU G 198 -4.61 -36.26 -4.62
N THR G 199 -4.04 -37.08 -5.47
CA THR G 199 -3.37 -36.53 -6.64
C THR G 199 -4.26 -35.53 -7.35
N ALA G 200 -5.56 -35.75 -7.27
CA ALA G 200 -6.51 -34.87 -7.92
C ALA G 200 -6.40 -33.48 -7.31
N ILE G 201 -6.65 -33.42 -6.01
CA ILE G 201 -6.64 -32.15 -5.31
C ILE G 201 -5.32 -31.38 -5.50
N GLU G 202 -4.21 -32.10 -5.48
CA GLU G 202 -2.89 -31.49 -5.61
C GLU G 202 -2.68 -30.93 -7.00
N THR G 203 -3.04 -31.71 -8.01
CA THR G 203 -2.88 -31.30 -9.40
C THR G 203 -3.85 -30.16 -9.75
N LEU G 204 -5.06 -30.22 -9.19
CA LEU G 204 -6.06 -29.22 -9.53
C LEU G 204 -5.75 -27.84 -8.94
N THR G 205 -5.08 -27.80 -7.79
CA THR G 205 -4.66 -26.50 -7.25
C THR G 205 -3.42 -26.02 -7.98
N LEU G 206 -2.52 -26.96 -8.29
CA LEU G 206 -1.33 -26.64 -9.07
C LEU G 206 -1.66 -26.15 -10.50
N LEU G 207 -2.90 -26.38 -10.93
CA LEU G 207 -3.33 -26.04 -12.29
C LEU G 207 -4.16 -24.77 -12.33
N GLU G 208 -4.71 -24.38 -11.18
CA GLU G 208 -5.60 -23.23 -11.12
C GLU G 208 -5.04 -21.98 -11.79
N PRO G 209 -3.74 -21.68 -11.59
CA PRO G 209 -3.12 -20.50 -12.21
C PRO G 209 -3.32 -20.45 -13.72
N TYR G 210 -3.38 -21.61 -14.35
CA TYR G 210 -3.51 -21.67 -15.80
C TYR G 210 -4.92 -21.39 -16.32
N ASN G 211 -5.83 -21.02 -15.43
CA ASN G 211 -7.20 -20.62 -15.80
C ASN G 211 -7.93 -21.66 -16.64
N ILE G 212 -8.33 -22.76 -16.02
CA ILE G 212 -9.03 -23.78 -16.78
C ILE G 212 -10.52 -23.82 -16.44
N GLN G 213 -11.34 -24.05 -17.46
CA GLN G 213 -12.79 -23.83 -17.38
C GLN G 213 -13.53 -24.82 -16.47
N HIS G 214 -13.25 -26.10 -16.65
CA HIS G 214 -13.70 -27.15 -15.74
C HIS G 214 -12.92 -28.43 -15.98
N CYS G 215 -12.97 -29.35 -15.02
CA CYS G 215 -12.28 -30.63 -15.15
C CYS G 215 -13.29 -31.77 -15.09
N GLU G 216 -13.26 -32.66 -16.09
CA GLU G 216 -14.19 -33.79 -16.14
C GLU G 216 -13.63 -34.96 -15.38
N GLU G 217 -14.46 -35.57 -14.56
CA GLU G 217 -14.17 -36.85 -13.90
C GLU G 217 -12.71 -37.00 -13.47
N PRO G 218 -12.33 -36.36 -12.35
CA PRO G 218 -10.94 -36.41 -11.92
C PRO G 218 -10.57 -37.75 -11.31
N VAL G 219 -11.52 -38.43 -10.70
CA VAL G 219 -11.18 -39.68 -10.03
C VAL G 219 -12.09 -40.82 -10.47
N SER G 220 -11.77 -42.02 -9.98
CA SER G 220 -12.62 -43.19 -10.18
C SER G 220 -14.11 -42.94 -9.95
N ARG G 221 -14.92 -43.45 -10.86
CA ARG G 221 -16.36 -43.29 -10.74
C ARG G 221 -16.84 -43.98 -9.48
N ASN G 222 -16.04 -44.93 -8.98
CA ASN G 222 -16.35 -45.67 -7.76
C ASN G 222 -16.18 -44.83 -6.51
N LEU G 223 -15.42 -43.74 -6.62
CA LEU G 223 -15.15 -42.86 -5.49
C LEU G 223 -15.90 -41.54 -5.61
N TYR G 224 -17.10 -41.58 -6.18
CA TYR G 224 -17.87 -40.36 -6.40
C TYR G 224 -18.18 -39.67 -5.07
N THR G 225 -18.15 -40.42 -3.99
CA THR G 225 -18.44 -39.89 -2.66
C THR G 225 -17.36 -38.96 -2.18
N ALA G 226 -16.19 -39.05 -2.80
CA ALA G 226 -15.07 -38.16 -2.49
C ALA G 226 -15.08 -36.90 -3.34
N LEU G 227 -16.06 -36.81 -4.23
CA LEU G 227 -16.16 -35.66 -5.10
C LEU G 227 -16.45 -34.37 -4.33
N PRO G 228 -17.41 -34.43 -3.39
CA PRO G 228 -17.71 -33.21 -2.64
C PRO G 228 -16.47 -32.63 -1.99
N LYS G 229 -15.62 -33.52 -1.44
CA LYS G 229 -14.36 -33.09 -0.83
C LYS G 229 -13.46 -32.37 -1.82
N ILE G 230 -13.38 -32.90 -3.04
CA ILE G 230 -12.55 -32.29 -4.07
C ILE G 230 -13.15 -30.98 -4.55
N ARG G 231 -14.46 -30.94 -4.70
CA ARG G 231 -15.16 -29.72 -5.16
C ARG G 231 -14.87 -28.51 -4.28
N GLN G 232 -14.79 -28.76 -2.97
CA GLN G 232 -14.56 -27.73 -1.98
C GLN G 232 -13.09 -27.32 -1.86
N ALA G 233 -12.20 -28.30 -2.01
CA ALA G 233 -10.77 -28.03 -1.93
C ALA G 233 -10.22 -27.35 -3.17
N CYS G 234 -10.97 -27.40 -4.27
CA CYS G 234 -10.47 -26.91 -5.54
C CYS G 234 -11.32 -25.82 -6.18
N ARG G 235 -10.65 -24.84 -6.76
CA ARG G 235 -11.32 -23.69 -7.33
C ARG G 235 -11.88 -24.02 -8.70
N ILE G 236 -11.07 -24.67 -9.53
CA ILE G 236 -11.48 -25.19 -10.83
C ILE G 236 -12.73 -26.03 -10.68
N PRO G 237 -13.81 -25.69 -11.41
CA PRO G 237 -15.06 -26.45 -11.29
C PRO G 237 -14.89 -27.88 -11.77
N ILE G 238 -15.55 -28.84 -11.15
CA ILE G 238 -15.43 -30.21 -11.61
C ILE G 238 -16.74 -30.73 -12.22
N MET G 239 -16.60 -31.43 -13.34
CA MET G 239 -17.75 -31.93 -14.09
C MET G 239 -17.78 -33.45 -14.07
N ALA G 240 -18.90 -34.01 -13.67
CA ALA G 240 -19.07 -35.45 -13.58
C ALA G 240 -19.39 -36.01 -14.97
N ASP G 241 -18.59 -36.97 -15.42
CA ASP G 241 -18.88 -37.65 -16.66
C ASP G 241 -19.28 -39.11 -16.39
N GLU G 242 -18.28 -39.97 -16.27
CA GLU G 242 -18.55 -41.39 -16.01
C GLU G 242 -19.39 -41.54 -14.75
N SER G 243 -19.28 -40.56 -13.84
CA SER G 243 -19.96 -40.66 -12.54
C SER G 243 -21.43 -40.29 -12.65
N CYS G 244 -21.79 -39.70 -13.78
CA CYS G 244 -23.17 -39.30 -14.04
C CYS G 244 -23.68 -39.94 -15.35
N CYS G 245 -24.33 -41.08 -15.22
CA CYS G 245 -24.84 -41.83 -16.37
C CYS G 245 -26.34 -41.59 -16.57
N ASN G 246 -27.14 -41.95 -15.59
CA ASN G 246 -28.57 -41.78 -15.70
C ASN G 246 -29.12 -40.77 -14.70
N SER G 247 -30.44 -40.59 -14.68
CA SER G 247 -31.05 -39.59 -13.80
C SER G 247 -30.83 -39.89 -12.31
N PHE G 248 -30.90 -41.16 -11.92
CA PHE G 248 -30.63 -41.54 -10.54
C PHE G 248 -29.24 -41.08 -10.11
N ASP G 249 -28.25 -41.37 -10.94
CA ASP G 249 -26.89 -40.91 -10.68
C ASP G 249 -26.87 -39.40 -10.48
N ALA G 250 -27.60 -38.68 -11.32
CA ALA G 250 -27.60 -37.22 -11.27
C ALA G 250 -28.17 -36.70 -9.95
N GLU G 251 -29.33 -37.19 -9.56
CA GLU G 251 -29.94 -36.86 -8.28
C GLU G 251 -28.99 -37.13 -7.11
N ARG G 252 -28.38 -38.31 -7.09
CA ARG G 252 -27.46 -38.68 -6.01
C ARG G 252 -26.27 -37.75 -5.94
N LEU G 253 -25.76 -37.32 -7.09
CA LEU G 253 -24.62 -36.41 -7.11
C LEU G 253 -24.99 -35.02 -6.58
N ILE G 254 -26.18 -34.56 -6.99
CA ILE G 254 -26.71 -33.30 -6.53
C ILE G 254 -26.92 -33.31 -5.02
N GLN G 255 -27.51 -34.39 -4.53
CA GLN G 255 -27.82 -34.57 -3.12
C GLN G 255 -26.60 -34.32 -2.21
N ILE G 256 -25.45 -34.81 -2.61
CA ILE G 256 -24.24 -34.72 -1.79
C ILE G 256 -23.33 -33.61 -2.29
N GLN G 257 -23.87 -32.78 -3.16
CA GLN G 257 -23.13 -31.68 -3.78
C GLN G 257 -21.76 -32.12 -4.27
N ALA G 258 -21.75 -33.10 -5.17
CA ALA G 258 -20.51 -33.73 -5.59
C ALA G 258 -19.76 -32.91 -6.62
N CYS G 259 -20.47 -32.08 -7.37
CA CYS G 259 -19.85 -31.45 -8.52
C CYS G 259 -20.57 -30.20 -9.00
N ASP G 260 -19.91 -29.45 -9.88
CA ASP G 260 -20.40 -28.17 -10.37
C ASP G 260 -21.21 -28.32 -11.65
N SER G 261 -20.85 -29.30 -12.47
CA SER G 261 -21.56 -29.51 -13.71
C SER G 261 -21.59 -30.98 -14.17
N PHE G 262 -22.45 -31.26 -15.13
CA PHE G 262 -22.54 -32.59 -15.72
C PHE G 262 -22.00 -32.64 -17.14
N ASN G 263 -21.55 -33.82 -17.54
CA ASN G 263 -21.33 -34.11 -18.96
C ASN G 263 -22.36 -35.13 -19.40
N LEU G 264 -23.36 -34.66 -20.14
CA LEU G 264 -24.47 -35.49 -20.58
C LEU G 264 -24.14 -36.19 -21.91
N LYS G 265 -24.37 -37.50 -21.96
CA LYS G 265 -24.13 -38.30 -23.17
C LYS G 265 -25.27 -39.29 -23.34
N LEU G 266 -25.86 -39.34 -24.53
CA LEU G 266 -27.03 -40.18 -24.76
C LEU G 266 -26.77 -41.68 -24.49
N SER G 267 -25.57 -42.15 -24.79
CA SER G 267 -25.19 -43.53 -24.50
C SER G 267 -25.32 -43.87 -23.02
N LYS G 268 -24.91 -42.97 -22.14
CA LYS G 268 -24.90 -43.27 -20.71
C LYS G 268 -26.32 -43.31 -20.13
N SER G 269 -27.21 -42.49 -20.68
CA SER G 269 -28.58 -42.42 -20.21
C SER G 269 -29.55 -43.35 -20.95
N ALA G 270 -28.99 -44.19 -21.84
CA ALA G 270 -29.77 -45.15 -22.63
C ALA G 270 -30.72 -44.50 -23.61
N GLY G 271 -30.36 -43.29 -24.06
CA GLY G 271 -31.22 -42.57 -24.99
C GLY G 271 -31.65 -41.19 -24.55
N ILE G 272 -32.52 -40.60 -25.36
CA ILE G 272 -33.01 -39.25 -25.12
C ILE G 272 -33.98 -39.18 -23.92
N THR G 273 -34.86 -40.17 -23.80
CA THR G 273 -35.88 -40.14 -22.75
C THR G 273 -35.32 -39.80 -21.37
N ASN G 274 -34.32 -40.54 -20.93
CA ASN G 274 -33.75 -40.29 -19.62
C ASN G 274 -32.79 -39.09 -19.60
N ALA G 275 -32.18 -38.78 -20.73
CA ALA G 275 -31.33 -37.60 -20.80
C ALA G 275 -32.17 -36.37 -20.44
N LEU G 276 -33.42 -36.36 -20.84
CA LEU G 276 -34.30 -35.26 -20.55
C LEU G 276 -34.45 -35.09 -19.05
N ASN G 277 -34.54 -36.21 -18.33
CA ASN G 277 -34.62 -36.16 -16.88
C ASN G 277 -33.36 -35.53 -16.25
N ILE G 278 -32.19 -35.99 -16.69
CA ILE G 278 -30.95 -35.42 -16.20
C ILE G 278 -30.93 -33.92 -16.42
N ILE G 279 -31.41 -33.48 -17.58
CA ILE G 279 -31.42 -32.05 -17.90
C ILE G 279 -32.32 -31.27 -16.95
N ARG G 280 -33.50 -31.80 -16.68
CA ARG G 280 -34.44 -31.19 -15.75
C ARG G 280 -33.77 -30.99 -14.40
N LEU G 281 -33.16 -32.05 -13.89
CA LEU G 281 -32.48 -32.01 -12.60
C LEU G 281 -31.42 -30.91 -12.60
N ALA G 282 -30.60 -30.89 -13.63
CA ALA G 282 -29.56 -29.87 -13.77
C ALA G 282 -30.15 -28.45 -13.76
N GLU G 283 -31.31 -28.29 -14.36
CA GLU G 283 -32.02 -27.01 -14.34
C GLU G 283 -32.40 -26.60 -12.92
N GLN G 284 -33.14 -27.49 -12.25
CA GLN G 284 -33.59 -27.26 -10.90
C GLN G 284 -32.45 -26.93 -9.95
N ALA G 285 -31.25 -27.38 -10.30
CA ALA G 285 -30.09 -27.19 -9.46
C ALA G 285 -29.11 -26.21 -10.07
N HIS G 286 -29.57 -25.48 -11.08
CA HIS G 286 -28.80 -24.39 -11.67
C HIS G 286 -27.38 -24.83 -12.02
N MET G 287 -27.30 -26.02 -12.60
CA MET G 287 -26.04 -26.66 -12.96
C MET G 287 -25.79 -26.63 -14.47
N PRO G 288 -24.69 -26.02 -14.89
CA PRO G 288 -24.38 -26.05 -16.32
C PRO G 288 -24.16 -27.47 -16.80
N VAL G 289 -24.64 -27.76 -18.01
CA VAL G 289 -24.48 -29.07 -18.61
C VAL G 289 -23.66 -28.97 -19.88
N GLN G 290 -22.74 -29.90 -20.06
CA GLN G 290 -22.03 -30.04 -21.33
C GLN G 290 -22.57 -31.27 -22.02
N VAL G 291 -22.99 -31.14 -23.27
CA VAL G 291 -23.37 -32.33 -24.01
C VAL G 291 -22.16 -32.88 -24.78
N GLY G 292 -21.90 -34.17 -24.67
CA GLY G 292 -20.80 -34.80 -25.36
C GLY G 292 -21.16 -36.18 -25.90
N GLY G 293 -20.14 -37.03 -25.98
CA GLY G 293 -20.31 -38.34 -26.59
C GLY G 293 -19.03 -39.14 -26.63
N PHE G 294 -19.03 -40.18 -27.46
CA PHE G 294 -17.85 -41.03 -27.57
C PHE G 294 -17.26 -40.96 -28.97
N LEU G 295 -17.33 -42.02 -29.76
CA LEU G 295 -16.81 -41.91 -31.11
C LEU G 295 -17.90 -42.09 -32.15
N GLU G 296 -19.10 -41.61 -31.83
CA GLU G 296 -20.21 -41.60 -32.77
C GLU G 296 -19.80 -40.80 -34.00
N SER G 297 -20.42 -41.12 -35.13
CA SER G 297 -20.25 -40.33 -36.35
C SER G 297 -21.12 -39.09 -36.21
N ARG G 298 -21.19 -38.27 -37.25
CA ARG G 298 -22.07 -37.12 -37.21
C ARG G 298 -23.55 -37.51 -37.00
N LEU G 299 -23.90 -38.75 -37.22
CA LEU G 299 -25.30 -39.11 -37.02
C LEU G 299 -25.62 -39.10 -35.53
N GLY G 300 -24.76 -39.74 -34.75
CA GLY G 300 -24.93 -39.81 -33.32
C GLY G 300 -24.89 -38.41 -32.71
N PHE G 301 -23.89 -37.63 -33.10
CA PHE G 301 -23.77 -36.29 -32.56
C PHE G 301 -24.88 -35.37 -33.07
N THR G 302 -25.56 -35.76 -34.15
CA THR G 302 -26.67 -34.93 -34.59
C THR G 302 -27.77 -35.07 -33.55
N ALA G 303 -27.98 -36.30 -33.09
CA ALA G 303 -28.91 -36.53 -32.00
C ALA G 303 -28.54 -35.68 -30.76
N ALA G 304 -27.28 -35.77 -30.35
CA ALA G 304 -26.76 -34.95 -29.27
C ALA G 304 -27.06 -33.47 -29.47
N ALA G 305 -26.79 -32.96 -30.66
CA ALA G 305 -26.99 -31.53 -30.96
C ALA G 305 -28.48 -31.14 -30.87
N HIS G 306 -29.37 -32.02 -31.33
CA HIS G 306 -30.80 -31.76 -31.19
C HIS G 306 -31.17 -31.61 -29.73
N VAL G 307 -30.65 -32.50 -28.91
CA VAL G 307 -30.96 -32.48 -27.50
C VAL G 307 -30.38 -31.22 -26.86
N ALA G 308 -29.21 -30.81 -27.31
CA ALA G 308 -28.53 -29.66 -26.76
C ALA G 308 -29.37 -28.38 -26.83
N LEU G 309 -30.36 -28.34 -27.71
CA LEU G 309 -31.18 -27.13 -27.89
C LEU G 309 -32.41 -27.15 -27.02
N VAL G 310 -32.48 -28.10 -26.10
CA VAL G 310 -33.67 -28.34 -25.30
C VAL G 310 -33.79 -27.45 -24.06
N SER G 311 -32.65 -26.94 -23.59
CA SER G 311 -32.59 -26.19 -22.33
C SER G 311 -31.41 -25.24 -22.26
N LYS G 312 -31.65 -24.06 -21.67
CA LYS G 312 -30.62 -23.03 -21.62
C LYS G 312 -29.53 -23.34 -20.59
N THR G 313 -29.77 -24.40 -19.81
CA THR G 313 -28.78 -24.82 -18.83
C THR G 313 -27.64 -25.57 -19.52
N ILE G 314 -27.91 -26.10 -20.71
CA ILE G 314 -26.86 -26.73 -21.52
C ILE G 314 -26.11 -25.61 -22.23
N CYS G 315 -24.80 -25.55 -22.07
CA CYS G 315 -24.02 -24.43 -22.60
C CYS G 315 -22.58 -24.74 -23.00
N TYR G 316 -22.17 -25.99 -22.83
CA TYR G 316 -20.87 -26.44 -23.33
C TYR G 316 -21.06 -27.62 -24.29
N TYR G 317 -20.23 -27.69 -25.31
CA TYR G 317 -20.41 -28.75 -26.31
C TYR G 317 -19.10 -29.42 -26.70
N ASP G 318 -19.11 -30.75 -26.70
CA ASP G 318 -17.92 -31.54 -27.06
C ASP G 318 -18.32 -32.52 -28.17
N PHE G 319 -18.29 -32.04 -29.41
CA PHE G 319 -18.77 -32.83 -30.57
C PHE G 319 -17.66 -33.11 -31.60
N ASP G 320 -16.43 -33.30 -31.16
CA ASP G 320 -15.29 -33.20 -32.07
C ASP G 320 -14.94 -34.50 -32.82
N THR G 321 -15.09 -35.65 -32.18
CA THR G 321 -14.60 -36.91 -32.72
C THR G 321 -14.93 -37.22 -34.19
N PRO G 322 -16.12 -36.79 -34.68
CA PRO G 322 -16.40 -37.07 -36.10
C PRO G 322 -15.35 -36.45 -37.04
N LEU G 323 -14.80 -35.32 -36.63
CA LEU G 323 -13.74 -34.67 -37.39
C LEU G 323 -12.44 -35.49 -37.41
N MET G 324 -12.36 -36.52 -36.58
CA MET G 324 -11.16 -37.35 -36.52
C MET G 324 -11.25 -38.57 -37.44
N PHE G 325 -12.41 -38.73 -38.08
CA PHE G 325 -12.65 -39.86 -38.98
C PHE G 325 -11.83 -39.75 -40.27
N GLU G 326 -11.35 -40.87 -40.78
CA GLU G 326 -10.71 -40.87 -42.09
C GLU G 326 -11.72 -40.55 -43.19
N ALA G 327 -12.98 -40.87 -42.93
CA ALA G 327 -14.03 -40.67 -43.91
C ALA G 327 -15.42 -40.49 -43.27
N ASP G 328 -16.18 -39.54 -43.79
CA ASP G 328 -17.50 -39.22 -43.27
C ASP G 328 -18.60 -39.93 -44.05
N PRO G 329 -19.17 -41.01 -43.46
CA PRO G 329 -20.21 -41.80 -44.14
C PRO G 329 -21.60 -41.25 -43.93
N VAL G 330 -21.71 -40.12 -43.25
CA VAL G 330 -23.03 -39.59 -42.89
C VAL G 330 -23.62 -38.71 -44.00
N ARG G 331 -24.92 -38.88 -44.23
CA ARG G 331 -25.65 -38.04 -45.17
C ARG G 331 -26.51 -37.05 -44.37
N GLY G 332 -26.38 -35.76 -44.67
CA GLY G 332 -27.06 -34.73 -43.92
C GLY G 332 -26.47 -34.49 -42.53
N GLY G 333 -27.34 -34.31 -41.53
CA GLY G 333 -26.91 -34.14 -40.15
C GLY G 333 -26.23 -32.81 -39.89
N ILE G 334 -25.75 -32.61 -38.68
CA ILE G 334 -25.10 -31.37 -38.30
C ILE G 334 -23.92 -31.06 -39.22
N VAL G 335 -23.70 -29.77 -39.46
CA VAL G 335 -22.57 -29.34 -40.29
C VAL G 335 -21.63 -28.47 -39.47
N TYR G 336 -20.34 -28.74 -39.58
CA TYR G 336 -19.35 -27.99 -38.84
C TYR G 336 -18.94 -26.76 -39.63
N GLN G 337 -19.10 -25.59 -39.01
CA GLN G 337 -18.68 -24.33 -39.63
C GLN G 337 -17.37 -23.86 -39.02
N GLN G 338 -16.93 -22.66 -39.39
CA GLN G 338 -15.68 -22.16 -38.86
C GLN G 338 -15.82 -21.79 -37.38
N ARG G 339 -14.71 -21.87 -36.65
CA ARG G 339 -14.69 -21.60 -35.21
C ARG G 339 -15.35 -22.73 -34.41
N GLY G 340 -15.67 -23.83 -35.10
CA GLY G 340 -16.28 -24.97 -34.46
C GLY G 340 -17.76 -24.75 -34.16
N ILE G 341 -18.37 -23.81 -34.87
CA ILE G 341 -19.80 -23.56 -34.68
C ILE G 341 -20.62 -24.61 -35.42
N ILE G 342 -21.59 -25.18 -34.74
CA ILE G 342 -22.36 -26.30 -35.28
C ILE G 342 -23.74 -25.82 -35.69
N GLU G 343 -24.21 -26.28 -36.83
CA GLU G 343 -25.56 -25.96 -37.28
C GLU G 343 -26.45 -27.20 -37.33
N VAL G 344 -27.64 -27.11 -36.75
CA VAL G 344 -28.51 -28.27 -36.64
C VAL G 344 -29.51 -28.34 -37.79
N PRO G 345 -29.69 -29.53 -38.38
CA PRO G 345 -30.70 -29.76 -39.42
C PRO G 345 -32.10 -29.25 -39.05
N GLU G 346 -32.86 -28.79 -40.04
CA GLU G 346 -34.21 -28.32 -39.76
C GLU G 346 -35.30 -29.22 -40.33
N THR G 347 -34.87 -30.28 -40.99
CA THR G 347 -35.82 -31.14 -41.67
C THR G 347 -36.45 -32.05 -40.65
N ALA G 348 -37.60 -32.63 -40.98
CA ALA G 348 -38.30 -33.49 -40.06
C ALA G 348 -37.42 -34.67 -39.61
N GLY G 349 -37.52 -35.03 -38.32
CA GLY G 349 -36.86 -36.20 -37.73
C GLY G 349 -35.43 -35.89 -37.33
N LEU G 350 -34.62 -36.94 -37.18
CA LEU G 350 -33.22 -36.79 -36.84
C LEU G 350 -32.55 -35.83 -37.79
N GLY G 351 -32.94 -35.89 -39.07
CA GLY G 351 -32.35 -35.04 -40.11
C GLY G 351 -30.97 -35.49 -40.55
N ALA G 352 -30.74 -36.81 -40.43
CA ALA G 352 -29.46 -37.42 -40.85
C ALA G 352 -29.68 -38.89 -41.19
N GLY G 353 -28.78 -39.40 -42.03
CA GLY G 353 -28.82 -40.80 -42.42
C GLY G 353 -27.45 -41.15 -42.96
N TYR G 354 -27.34 -42.33 -43.56
CA TYR G 354 -26.04 -42.73 -44.08
C TYR G 354 -25.99 -42.66 -45.60
N GLN G 355 -24.82 -42.31 -46.11
CA GLN G 355 -24.55 -42.26 -47.55
C GLN G 355 -25.02 -43.53 -48.24
N LYS G 356 -25.36 -43.39 -49.52
CA LYS G 356 -25.86 -44.51 -50.31
C LYS G 356 -24.83 -45.62 -50.44
N ASP G 357 -25.32 -46.86 -50.23
CA ASP G 357 -24.51 -48.08 -50.25
C ASP G 357 -23.21 -48.04 -49.42
N TYR G 358 -23.13 -47.10 -48.48
CA TYR G 358 -22.14 -47.22 -47.42
C TYR G 358 -22.66 -48.37 -46.55
N LEU G 359 -23.94 -48.30 -46.23
CA LEU G 359 -24.55 -49.32 -45.40
C LEU G 359 -24.43 -50.68 -46.05
N SER G 360 -24.61 -50.74 -47.37
CA SER G 360 -24.66 -52.06 -48.01
C SER G 360 -23.32 -52.80 -47.92
N GLY G 361 -22.23 -52.06 -47.70
CA GLY G 361 -20.91 -52.64 -47.59
C GLY G 361 -20.57 -53.13 -46.20
N LEU G 362 -21.52 -52.95 -45.28
CA LEU G 362 -21.28 -53.21 -43.87
C LEU G 362 -21.75 -54.60 -43.45
N GLU G 363 -21.05 -55.21 -42.50
CA GLU G 363 -21.53 -56.46 -41.93
C GLU G 363 -22.84 -56.15 -41.24
N LYS G 364 -23.88 -56.89 -41.57
CA LYS G 364 -25.20 -56.53 -41.08
C LYS G 364 -26.04 -57.74 -40.73
N ILE G 365 -27.07 -57.53 -39.91
CA ILE G 365 -28.09 -58.54 -39.69
C ILE G 365 -29.41 -57.82 -39.78
N CYS G 366 -30.49 -58.59 -39.81
CA CYS G 366 -31.81 -58.04 -40.05
C CYS G 366 -32.82 -58.85 -39.26
N ILE G 367 -33.58 -58.15 -38.40
CA ILE G 367 -34.52 -58.84 -37.53
C ILE G 367 -35.92 -58.74 -38.09
N ASN G 368 -36.42 -59.90 -38.51
CA ASN G 368 -37.63 -60.03 -39.32
C ASN G 368 -37.48 -59.68 -40.79
N MET H 1 -51.71 64.63 -3.73
CA MET H 1 -51.66 65.11 -2.34
C MET H 1 -50.29 65.70 -2.01
N ILE H 2 -50.28 67.00 -1.70
CA ILE H 2 -49.05 67.74 -1.47
C ILE H 2 -48.34 67.33 -0.17
N ILE H 3 -47.01 67.27 -0.22
CA ILE H 3 -46.21 66.97 0.95
C ILE H 3 -45.95 68.24 1.71
N THR H 4 -46.34 68.26 2.98
CA THR H 4 -46.26 69.50 3.78
C THR H 4 -45.05 69.53 4.72
N GLN H 5 -44.68 68.39 5.28
CA GLN H 5 -43.48 68.31 6.11
C GLN H 5 -42.97 66.88 6.23
N VAL H 6 -41.67 66.77 6.45
CA VAL H 6 -41.09 65.46 6.75
C VAL H 6 -40.27 65.53 8.03
N GLU H 7 -40.42 64.50 8.85
CA GLU H 7 -39.64 64.38 10.09
C GLU H 7 -38.61 63.26 9.94
N LEU H 8 -37.41 63.48 10.46
CA LEU H 8 -36.38 62.44 10.47
C LEU H 8 -35.97 62.10 11.90
N TYR H 9 -35.79 60.83 12.20
CA TYR H 9 -35.43 60.39 13.54
C TYR H 9 -34.18 59.51 13.54
N LYS H 10 -33.30 59.69 14.52
CA LYS H 10 -32.23 58.72 14.78
C LYS H 10 -32.75 57.62 15.71
N SER H 11 -32.76 56.39 15.22
CA SER H 11 -33.37 55.28 15.95
C SER H 11 -32.36 54.16 16.22
N PRO H 12 -31.58 54.32 17.30
CA PRO H 12 -30.58 53.32 17.69
C PRO H 12 -31.13 52.34 18.73
N VAL H 13 -31.29 51.08 18.36
CA VAL H 13 -31.72 50.06 19.32
C VAL H 13 -30.65 49.01 19.50
N LYS H 14 -30.43 48.59 20.75
CA LYS H 14 -29.34 47.66 21.06
C LYS H 14 -29.73 46.21 20.76
N LEU H 15 -28.76 45.42 20.32
CA LEU H 15 -28.98 44.01 20.02
C LEU H 15 -28.74 43.18 21.27
N LYS H 16 -29.46 42.06 21.39
CA LYS H 16 -29.26 41.16 22.51
C LYS H 16 -27.82 40.65 22.49
N GLU H 17 -27.48 39.90 21.44
CA GLU H 17 -26.11 39.45 21.22
C GLU H 17 -25.50 40.29 20.12
N PRO H 18 -24.19 40.54 20.19
CA PRO H 18 -23.55 41.23 19.07
C PRO H 18 -23.68 40.43 17.76
N PHE H 19 -23.90 41.15 16.66
CA PHE H 19 -24.09 40.56 15.33
C PHE H 19 -22.77 40.59 14.54
N LYS H 20 -22.31 39.42 14.11
CA LYS H 20 -20.97 39.28 13.57
C LYS H 20 -20.93 38.74 12.13
N ILE H 21 -20.31 39.51 11.23
CA ILE H 21 -20.07 39.02 9.87
C ILE H 21 -18.60 39.23 9.51
N SER H 22 -18.19 38.67 8.37
CA SER H 22 -16.77 38.72 7.99
C SER H 22 -16.26 40.15 7.93
N LEU H 23 -17.17 41.09 7.72
CA LEU H 23 -16.81 42.50 7.52
C LEU H 23 -16.64 43.27 8.84
N GLY H 24 -17.25 42.76 9.90
CA GLY H 24 -17.22 43.45 11.19
C GLY H 24 -18.26 42.97 12.19
N ILE H 25 -18.26 43.63 13.35
CA ILE H 25 -19.18 43.30 14.44
C ILE H 25 -20.09 44.50 14.77
N LEU H 26 -21.36 44.23 15.02
CA LEU H 26 -22.30 45.29 15.37
C LEU H 26 -22.96 45.06 16.72
N THR H 27 -23.06 46.12 17.53
CA THR H 27 -23.75 46.01 18.82
C THR H 27 -25.16 46.60 18.76
N HIS H 28 -25.35 47.56 17.84
CA HIS H 28 -26.60 48.28 17.70
C HIS H 28 -27.08 48.28 16.26
N ALA H 29 -28.39 48.36 16.10
CA ALA H 29 -28.98 48.72 14.82
C ALA H 29 -29.20 50.22 14.81
N ASN H 30 -28.31 50.97 14.15
CA ASN H 30 -28.45 52.41 14.12
C ASN H 30 -29.22 52.89 12.90
N ASN H 31 -30.53 52.88 13.01
CA ASN H 31 -31.41 53.21 11.90
C ASN H 31 -31.79 54.70 11.80
N VAL H 32 -32.33 55.09 10.66
CA VAL H 32 -32.95 56.40 10.52
C VAL H 32 -34.40 56.24 10.07
N ILE H 33 -35.29 56.95 10.74
CA ILE H 33 -36.72 56.85 10.42
C ILE H 33 -37.20 58.07 9.67
N VAL H 34 -38.10 57.86 8.73
CA VAL H 34 -38.62 58.97 7.92
C VAL H 34 -40.15 58.97 8.01
N ARG H 35 -40.73 60.14 8.30
CA ARG H 35 -42.19 60.33 8.28
C ARG H 35 -42.57 61.48 7.38
N ILE H 36 -43.34 61.17 6.33
CA ILE H 36 -43.82 62.19 5.41
C ILE H 36 -45.26 62.53 5.74
N HIS H 37 -45.54 63.84 5.83
CA HIS H 37 -46.88 64.35 6.11
C HIS H 37 -47.46 64.99 4.86
N THR H 38 -48.74 64.76 4.62
CA THR H 38 -49.44 65.43 3.53
C THR H 38 -50.38 66.50 4.08
N ALA H 39 -50.85 67.38 3.21
CA ALA H 39 -51.80 68.40 3.58
C ALA H 39 -53.09 67.75 4.10
N SER H 40 -53.52 66.68 3.43
CA SER H 40 -54.70 65.93 3.86
C SER H 40 -54.54 65.23 5.22
N GLY H 41 -53.33 65.30 5.78
CA GLY H 41 -53.06 64.75 7.10
C GLY H 41 -52.68 63.28 7.13
N HIS H 42 -52.32 62.73 5.97
CA HIS H 42 -51.83 61.36 5.89
C HIS H 42 -50.36 61.30 6.27
N ILE H 43 -49.96 60.18 6.86
CA ILE H 43 -48.56 60.02 7.22
C ILE H 43 -47.97 58.73 6.66
N GLY H 44 -46.83 58.87 5.97
CA GLY H 44 -46.12 57.72 5.43
C GLY H 44 -44.85 57.47 6.18
N TYR H 45 -44.61 56.20 6.52
CA TYR H 45 -43.40 55.83 7.21
C TYR H 45 -42.37 55.16 6.28
N GLY H 46 -41.10 55.52 6.50
CA GLY H 46 -40.00 54.83 5.85
C GLY H 46 -38.90 54.64 6.88
N GLU H 47 -38.13 53.56 6.72
CA GLU H 47 -37.02 53.32 7.63
C GLU H 47 -35.83 52.92 6.76
N CYS H 48 -34.63 53.13 7.27
CA CYS H 48 -33.44 52.60 6.63
C CYS H 48 -32.38 52.26 7.67
N SER H 49 -31.46 51.36 7.32
CA SER H 49 -30.50 50.87 8.30
C SER H 49 -29.08 50.94 7.74
N PRO H 50 -28.48 52.15 7.77
CA PRO H 50 -27.17 52.35 7.14
C PRO H 50 -26.16 51.34 7.67
N PHE H 51 -25.42 50.74 6.73
CA PHE H 51 -24.37 49.79 7.04
C PHE H 51 -23.05 50.27 6.41
N MET H 52 -22.16 50.84 7.22
CA MET H 52 -21.04 51.61 6.68
C MET H 52 -20.18 50.90 5.65
N THR H 53 -19.87 49.64 5.92
CA THR H 53 -18.97 48.88 5.04
C THR H 53 -19.62 48.34 3.76
N ILE H 54 -20.92 48.61 3.59
CA ILE H 54 -21.64 48.18 2.39
C ILE H 54 -22.39 49.32 1.69
N HIS H 55 -23.12 50.11 2.47
CA HIS H 55 -23.80 51.27 1.91
C HIS H 55 -22.83 52.43 1.69
N GLY H 56 -21.82 52.53 2.54
CA GLY H 56 -21.01 53.72 2.56
C GLY H 56 -21.82 54.91 3.10
N GLU H 57 -22.80 54.58 3.94
CA GLU H 57 -23.59 55.57 4.67
C GLU H 57 -23.62 55.15 6.15
N SER H 58 -23.89 56.11 7.03
CA SER H 58 -24.06 55.86 8.46
C SER H 58 -25.35 56.50 8.93
N MET H 59 -25.77 56.18 10.14
CA MET H 59 -26.92 56.88 10.73
C MET H 59 -26.68 58.40 10.70
N ASP H 60 -25.46 58.82 11.02
CA ASP H 60 -25.13 60.23 11.00
C ASP H 60 -25.27 60.86 9.62
N THR H 61 -24.72 60.22 8.59
CA THR H 61 -24.79 60.82 7.25
C THR H 61 -26.23 60.75 6.71
N ALA H 62 -26.91 59.65 7.01
CA ALA H 62 -28.27 59.48 6.53
C ALA H 62 -29.13 60.62 7.04
N PHE H 63 -28.95 60.93 8.33
CA PHE H 63 -29.72 61.95 9.01
C PHE H 63 -29.52 63.33 8.36
N ILE H 64 -28.34 63.58 7.83
CA ILE H 64 -28.09 64.86 7.19
C ILE H 64 -28.60 64.88 5.75
N VAL H 65 -28.20 63.86 4.98
CA VAL H 65 -28.59 63.79 3.59
C VAL H 65 -30.11 63.78 3.49
N GLY H 66 -30.73 63.07 4.44
CA GLY H 66 -32.19 62.99 4.49
C GLY H 66 -32.83 64.37 4.48
N GLN H 67 -32.16 65.33 5.10
CA GLN H 67 -32.68 66.69 5.15
C GLN H 67 -32.59 67.37 3.79
N TYR H 68 -31.45 67.21 3.11
CA TYR H 68 -31.32 67.69 1.74
C TYR H 68 -32.52 67.22 0.90
N LEU H 69 -32.88 65.95 1.13
CA LEU H 69 -33.91 65.31 0.34
C LEU H 69 -35.28 65.82 0.72
N ALA H 70 -35.59 65.81 2.01
CA ALA H 70 -36.85 66.35 2.50
C ALA H 70 -37.11 67.75 1.90
N LYS H 71 -36.12 68.62 1.99
CA LYS H 71 -36.22 69.98 1.45
C LYS H 71 -36.77 69.96 0.04
N GLY H 72 -36.18 69.13 -0.81
CA GLY H 72 -36.55 69.07 -2.21
C GLY H 72 -37.94 68.48 -2.43
N LEU H 73 -38.39 67.64 -1.49
CA LEU H 73 -39.69 67.01 -1.62
C LEU H 73 -40.86 67.88 -1.14
N ILE H 74 -40.59 68.78 -0.21
CA ILE H 74 -41.65 69.65 0.29
C ILE H 74 -42.33 70.38 -0.85
N GLY H 75 -43.64 70.20 -0.95
CA GLY H 75 -44.43 70.89 -1.96
C GLY H 75 -44.79 70.05 -3.17
N THR H 76 -44.23 68.84 -3.24
CA THR H 76 -44.48 67.93 -4.37
C THR H 76 -45.61 66.97 -4.05
N SER H 77 -46.14 66.32 -5.07
CA SER H 77 -47.20 65.32 -4.91
C SER H 77 -46.61 63.97 -4.55
N CYS H 78 -47.00 63.44 -3.39
CA CYS H 78 -46.43 62.19 -2.92
C CYS H 78 -46.85 60.98 -3.78
N LEU H 79 -47.63 61.25 -4.82
CA LEU H 79 -48.08 60.18 -5.68
C LEU H 79 -47.15 60.00 -6.88
N ASP H 80 -46.46 61.07 -7.28
CA ASP H 80 -45.49 61.03 -8.38
C ASP H 80 -44.21 60.37 -7.91
N ILE H 81 -44.30 59.09 -7.56
CA ILE H 81 -43.16 58.40 -6.99
C ILE H 81 -41.94 58.45 -7.91
N VAL H 82 -42.13 58.20 -9.19
CA VAL H 82 -41.00 58.23 -10.12
C VAL H 82 -40.40 59.64 -10.21
N SER H 83 -41.26 60.62 -10.41
CA SER H 83 -40.78 62.00 -10.49
C SER H 83 -39.98 62.39 -9.24
N ASN H 84 -40.46 61.98 -8.07
CA ASN H 84 -39.79 62.30 -6.82
C ASN H 84 -38.49 61.55 -6.62
N SER H 85 -38.45 60.30 -7.06
CA SER H 85 -37.23 59.53 -6.97
C SER H 85 -36.16 60.19 -7.85
N LEU H 86 -36.57 60.76 -8.98
CA LEU H 86 -35.63 61.42 -9.86
C LEU H 86 -35.16 62.72 -9.22
N LEU H 87 -36.09 63.41 -8.58
CA LEU H 87 -35.80 64.65 -7.88
C LEU H 87 -34.71 64.44 -6.86
N MET H 88 -34.85 63.38 -6.06
CA MET H 88 -33.82 63.05 -5.08
C MET H 88 -32.49 62.81 -5.75
N ASP H 89 -32.48 61.97 -6.79
CA ASP H 89 -31.26 61.67 -7.52
C ASP H 89 -30.59 62.95 -8.03
N ALA H 90 -31.41 63.89 -8.48
CA ALA H 90 -30.87 65.17 -8.92
C ALA H 90 -30.28 66.00 -7.77
N ILE H 91 -30.71 65.73 -6.54
CA ILE H 91 -30.16 66.44 -5.37
C ILE H 91 -28.81 65.88 -4.94
N ILE H 92 -28.71 64.56 -4.89
CA ILE H 92 -27.46 63.91 -4.55
C ILE H 92 -27.30 62.51 -5.20
N TYR H 93 -26.08 62.20 -5.63
CA TYR H 93 -25.78 60.89 -6.19
C TYR H 93 -25.69 59.87 -5.08
N GLY H 94 -25.86 58.59 -5.43
CA GLY H 94 -25.81 57.51 -4.46
C GLY H 94 -26.75 57.66 -3.26
N ASN H 95 -26.22 57.41 -2.07
CA ASN H 95 -27.03 57.49 -0.86
C ASN H 95 -28.35 56.73 -1.00
N SER H 96 -28.28 55.52 -1.56
CA SER H 96 -29.47 54.74 -1.76
C SER H 96 -30.18 54.38 -0.46
N CYS H 97 -29.40 54.05 0.56
CA CYS H 97 -29.98 53.69 1.86
C CYS H 97 -31.01 54.71 2.32
N ILE H 98 -30.55 55.95 2.51
CA ILE H 98 -31.49 56.98 2.95
C ILE H 98 -32.62 57.16 1.93
N LYS H 99 -32.28 57.24 0.64
CA LYS H 99 -33.29 57.42 -0.39
C LYS H 99 -34.40 56.36 -0.27
N SER H 100 -34.01 55.12 0.06
CA SER H 100 -34.95 54.03 0.13
C SER H 100 -36.02 54.31 1.17
N ALA H 101 -35.62 54.90 2.30
CA ALA H 101 -36.58 55.25 3.35
C ALA H 101 -37.63 56.24 2.82
N PHE H 102 -37.18 57.29 2.15
CA PHE H 102 -38.14 58.20 1.52
C PHE H 102 -39.02 57.44 0.55
N ASN H 103 -38.39 56.62 -0.30
CA ASN H 103 -39.12 55.89 -1.33
C ASN H 103 -40.20 54.99 -0.72
N ILE H 104 -39.81 54.20 0.28
CA ILE H 104 -40.78 53.37 0.99
C ILE H 104 -41.93 54.20 1.53
N ALA H 105 -41.63 55.35 2.15
CA ALA H 105 -42.67 56.18 2.73
C ALA H 105 -43.62 56.69 1.66
N LEU H 106 -43.05 57.09 0.53
CA LEU H 106 -43.89 57.53 -0.58
C LEU H 106 -44.89 56.44 -0.98
N TYR H 107 -44.39 55.21 -1.17
CA TYR H 107 -45.25 54.06 -1.48
C TYR H 107 -46.32 53.85 -0.41
N ASP H 108 -45.92 54.01 0.84
CA ASP H 108 -46.89 53.94 1.92
C ASP H 108 -48.08 54.87 1.65
N LEU H 109 -47.78 56.15 1.46
CA LEU H 109 -48.80 57.13 1.10
C LEU H 109 -49.60 56.71 -0.15
N ALA H 110 -48.92 56.24 -1.19
CA ALA H 110 -49.58 55.83 -2.42
C ALA H 110 -50.57 54.69 -2.18
N ALA H 111 -50.12 53.66 -1.46
CA ALA H 111 -50.99 52.56 -1.12
C ALA H 111 -52.17 53.06 -0.29
N GLN H 112 -51.88 53.92 0.69
CA GLN H 112 -52.94 54.50 1.52
C GLN H 112 -54.01 55.17 0.66
N HIS H 113 -53.55 55.97 -0.31
CA HIS H 113 -54.44 56.70 -1.17
C HIS H 113 -55.36 55.80 -1.99
N ALA H 114 -54.83 54.63 -2.37
CA ALA H 114 -55.55 53.64 -3.18
C ALA H 114 -56.42 52.71 -2.33
N GLY H 115 -56.24 52.79 -1.01
CA GLY H 115 -57.02 51.98 -0.11
C GLY H 115 -56.63 50.52 -0.15
N LEU H 116 -55.37 50.26 -0.52
CA LEU H 116 -54.82 48.90 -0.60
C LEU H 116 -53.62 48.74 0.31
N PRO H 117 -53.37 47.50 0.80
CA PRO H 117 -52.08 47.20 1.44
C PRO H 117 -50.96 47.26 0.38
N LEU H 118 -49.74 47.54 0.80
CA LEU H 118 -48.65 47.75 -0.16
C LEU H 118 -48.58 46.62 -1.17
N TYR H 119 -48.51 45.39 -0.68
CA TYR H 119 -48.34 44.25 -1.59
C TYR H 119 -49.37 44.24 -2.72
N ALA H 120 -50.63 44.53 -2.40
CA ALA H 120 -51.69 44.60 -3.43
C ALA H 120 -51.53 45.83 -4.34
N PHE H 121 -51.05 46.92 -3.77
CA PHE H 121 -50.85 48.14 -4.56
C PHE H 121 -49.78 47.89 -5.64
N LEU H 122 -48.83 47.03 -5.31
CA LEU H 122 -47.73 46.66 -6.20
C LEU H 122 -48.09 45.53 -7.16
N GLY H 123 -49.33 45.05 -7.08
CA GLY H 123 -49.79 43.98 -7.95
C GLY H 123 -49.43 42.58 -7.47
N GLY H 124 -49.18 42.44 -6.18
CA GLY H 124 -48.85 41.16 -5.60
C GLY H 124 -50.09 40.49 -5.05
N LYS H 125 -49.94 39.27 -4.55
CA LYS H 125 -51.06 38.54 -3.95
C LYS H 125 -50.48 37.52 -2.98
N LYS H 126 -51.28 37.15 -1.98
CA LYS H 126 -50.80 36.22 -0.96
C LYS H 126 -50.94 34.77 -1.40
N ASP H 127 -50.07 34.35 -2.32
CA ASP H 127 -50.18 33.01 -2.89
C ASP H 127 -48.97 32.14 -2.55
N LYS H 128 -48.26 32.48 -1.47
CA LYS H 128 -47.14 31.65 -1.02
C LYS H 128 -46.81 31.93 0.44
N ILE H 129 -46.18 30.96 1.10
CA ILE H 129 -45.79 31.16 2.49
C ILE H 129 -44.40 31.77 2.59
N ILE H 130 -44.31 32.86 3.35
CA ILE H 130 -43.02 33.52 3.55
C ILE H 130 -42.36 32.96 4.79
N GLN H 131 -41.21 32.31 4.61
CA GLN H 131 -40.51 31.75 5.74
C GLN H 131 -39.08 32.28 5.85
N THR H 132 -38.78 32.89 6.98
CA THR H 132 -37.46 33.45 7.18
C THR H 132 -36.48 32.42 7.73
N ASP H 133 -35.21 32.65 7.44
CA ASP H 133 -34.13 31.89 8.04
C ASP H 133 -33.81 32.59 9.34
N TYR H 134 -32.74 32.15 9.99
CA TYR H 134 -32.18 32.90 11.11
C TYR H 134 -30.65 32.77 11.02
N THR H 135 -29.94 33.78 11.50
CA THR H 135 -28.53 33.92 11.17
C THR H 135 -27.58 33.60 12.33
N VAL H 136 -26.71 32.63 12.10
CA VAL H 136 -25.61 32.39 13.01
C VAL H 136 -24.43 33.31 12.74
N SER H 137 -24.06 34.13 13.72
CA SER H 137 -22.93 35.03 13.55
C SER H 137 -21.63 34.25 13.39
N ILE H 138 -20.68 34.87 12.70
CA ILE H 138 -19.38 34.26 12.49
C ILE H 138 -18.56 34.35 13.77
N ASP H 139 -18.20 33.18 14.29
CA ASP H 139 -17.49 33.13 15.56
C ASP H 139 -16.65 31.85 15.59
N GLU H 140 -16.05 31.58 16.75
CA GLU H 140 -15.39 30.31 17.00
C GLU H 140 -16.39 29.16 16.76
N PRO H 141 -15.94 28.07 16.10
CA PRO H 141 -16.85 27.02 15.62
C PRO H 141 -17.78 26.40 16.68
N HIS H 142 -17.28 26.18 17.89
CA HIS H 142 -18.13 25.62 18.95
C HIS H 142 -19.30 26.54 19.26
N LYS H 143 -19.00 27.82 19.44
CA LYS H 143 -20.03 28.84 19.63
C LYS H 143 -21.06 28.74 18.50
N MET H 144 -20.57 28.70 17.27
CA MET H 144 -21.47 28.69 16.11
C MET H 144 -22.39 27.47 16.10
N ALA H 145 -21.85 26.32 16.46
CA ALA H 145 -22.67 25.12 16.49
C ALA H 145 -23.72 25.23 17.58
N ALA H 146 -23.32 25.78 18.73
CA ALA H 146 -24.24 25.99 19.85
C ALA H 146 -25.46 26.84 19.43
N ASP H 147 -25.18 27.97 18.79
CA ASP H 147 -26.21 28.86 18.25
C ASP H 147 -27.12 28.14 17.27
N ALA H 148 -26.51 27.41 16.34
CA ALA H 148 -27.27 26.67 15.34
C ALA H 148 -28.29 25.74 16.03
N VAL H 149 -27.85 25.12 17.12
CA VAL H 149 -28.73 24.27 17.91
C VAL H 149 -29.90 25.05 18.50
N GLN H 150 -29.59 26.06 19.31
CA GLN H 150 -30.60 26.94 19.86
C GLN H 150 -31.62 27.37 18.79
N ILE H 151 -31.13 27.73 17.60
CA ILE H 151 -31.99 28.18 16.53
C ILE H 151 -32.93 27.09 16.07
N LYS H 152 -32.40 25.88 15.95
CA LYS H 152 -33.23 24.73 15.55
C LYS H 152 -34.27 24.46 16.61
N LYS H 153 -33.86 24.57 17.87
CA LYS H 153 -34.74 24.34 19.02
C LYS H 153 -35.89 25.33 19.03
N ASN H 154 -35.56 26.60 18.76
CA ASN H 154 -36.58 27.65 18.68
C ASN H 154 -37.54 27.44 17.48
N GLY H 155 -37.22 26.47 16.62
CA GLY H 155 -38.15 26.00 15.61
C GLY H 155 -37.93 26.49 14.20
N PHE H 156 -36.88 27.29 14.01
CA PHE H 156 -36.54 27.77 12.68
C PHE H 156 -36.08 26.62 11.78
N GLU H 157 -36.60 26.57 10.56
CA GLU H 157 -36.30 25.47 9.63
C GLU H 157 -35.22 25.80 8.58
N ILE H 158 -34.70 27.03 8.63
CA ILE H 158 -33.66 27.48 7.73
C ILE H 158 -32.58 28.27 8.45
N ILE H 159 -31.33 27.85 8.35
CA ILE H 159 -30.27 28.57 9.03
C ILE H 159 -29.35 29.25 8.03
N LYS H 160 -28.99 30.49 8.32
CA LYS H 160 -28.06 31.22 7.48
C LYS H 160 -26.74 31.41 8.22
N VAL H 161 -25.67 30.85 7.68
CA VAL H 161 -24.39 30.89 8.40
C VAL H 161 -23.39 31.88 7.82
N LYS H 162 -22.87 32.74 8.68
CA LYS H 162 -21.87 33.72 8.25
C LYS H 162 -20.49 33.12 8.17
N VAL H 163 -19.99 32.95 6.94
CA VAL H 163 -18.63 32.49 6.72
C VAL H 163 -17.81 33.64 6.15
N GLY H 164 -16.56 33.37 5.80
CA GLY H 164 -15.69 34.38 5.23
C GLY H 164 -14.30 34.38 5.83
N GLY H 165 -14.01 33.37 6.66
CA GLY H 165 -12.70 33.25 7.27
C GLY H 165 -11.76 32.46 6.38
N SER H 166 -10.71 31.90 6.98
CA SER H 166 -9.81 31.02 6.24
C SER H 166 -10.56 29.76 5.80
N LYS H 167 -10.11 29.16 4.71
CA LYS H 167 -10.77 27.98 4.15
C LYS H 167 -10.90 26.88 5.19
N GLU H 168 -9.82 26.69 5.94
CA GLU H 168 -9.74 25.69 7.02
C GLU H 168 -10.88 25.87 8.00
N LEU H 169 -10.94 27.08 8.57
CA LEU H 169 -11.89 27.46 9.62
C LEU H 169 -13.36 27.39 9.19
N ASP H 170 -13.66 27.89 7.99
CA ASP H 170 -15.03 27.90 7.50
C ASP H 170 -15.59 26.49 7.32
N VAL H 171 -14.71 25.55 6.96
CA VAL H 171 -15.15 24.18 6.77
C VAL H 171 -15.39 23.52 8.14
N GLU H 172 -14.51 23.80 9.08
CA GLU H 172 -14.70 23.31 10.43
C GLU H 172 -16.05 23.83 10.95
N ARG H 173 -16.32 25.10 10.67
CA ARG H 173 -17.57 25.72 11.07
C ARG H 173 -18.79 24.98 10.51
N ILE H 174 -18.90 24.89 9.19
CA ILE H 174 -20.02 24.18 8.58
C ILE H 174 -20.16 22.73 9.05
N ARG H 175 -19.04 22.02 9.18
CA ARG H 175 -19.07 20.62 9.63
C ARG H 175 -19.62 20.52 11.06
N MET H 176 -19.00 21.25 11.99
CA MET H 176 -19.45 21.22 13.38
C MET H 176 -20.94 21.52 13.50
N ILE H 177 -21.42 22.47 12.69
CA ILE H 177 -22.84 22.80 12.65
C ILE H 177 -23.66 21.64 12.08
N ARG H 178 -23.24 21.12 10.94
CA ARG H 178 -23.95 20.04 10.27
C ARG H 178 -24.08 18.80 11.17
N GLU H 179 -23.01 18.48 11.90
CA GLU H 179 -22.99 17.30 12.76
C GLU H 179 -23.59 17.59 14.14
N ALA H 180 -23.82 18.87 14.45
CA ALA H 180 -24.44 19.26 15.72
C ALA H 180 -25.89 19.70 15.57
N ALA H 181 -26.45 19.62 14.36
CA ALA H 181 -27.80 20.13 14.13
C ALA H 181 -28.61 19.35 13.11
N GLY H 182 -27.95 18.50 12.33
CA GLY H 182 -28.67 17.64 11.40
C GLY H 182 -28.39 17.90 9.94
N ASP H 183 -28.90 17.02 9.09
CA ASP H 183 -28.66 17.07 7.66
C ASP H 183 -29.96 17.38 6.90
N SER H 184 -31.05 17.44 7.65
CA SER H 184 -32.37 17.68 7.08
C SER H 184 -32.69 19.17 7.07
N ILE H 185 -32.27 19.87 8.13
CA ILE H 185 -32.48 21.30 8.22
C ILE H 185 -31.73 22.00 7.09
N THR H 186 -32.46 22.77 6.28
CA THR H 186 -31.84 23.45 5.15
C THR H 186 -30.93 24.59 5.66
N LEU H 187 -29.72 24.67 5.13
CA LEU H 187 -28.86 25.81 5.48
C LEU H 187 -28.15 26.53 4.31
N ARG H 188 -28.01 27.84 4.43
CA ARG H 188 -27.44 28.69 3.41
C ARG H 188 -26.29 29.48 4.04
N ILE H 189 -25.31 29.86 3.23
CA ILE H 189 -24.13 30.56 3.76
C ILE H 189 -23.88 31.91 3.09
N ASP H 190 -23.10 32.75 3.77
CA ASP H 190 -22.88 34.12 3.36
C ASP H 190 -21.48 34.55 3.79
N ALA H 191 -20.66 34.90 2.82
CA ALA H 191 -19.26 35.20 3.07
C ALA H 191 -19.04 36.69 3.25
N ASN H 192 -19.98 37.50 2.78
CA ASN H 192 -19.83 38.94 2.76
C ASN H 192 -18.47 39.37 2.22
N GLN H 193 -18.15 38.89 1.01
CA GLN H 193 -16.92 39.27 0.29
C GLN H 193 -15.65 38.77 0.96
N GLY H 194 -15.78 37.78 1.83
CA GLY H 194 -14.69 37.35 2.69
C GLY H 194 -13.51 36.66 2.03
N TRP H 195 -13.80 35.82 1.04
CA TRP H 195 -12.76 35.03 0.37
C TRP H 195 -12.14 35.68 -0.88
N SER H 196 -10.89 35.31 -1.19
CA SER H 196 -10.29 35.58 -2.50
C SER H 196 -10.94 34.62 -3.50
N VAL H 197 -10.80 34.91 -4.80
CA VAL H 197 -11.40 34.04 -5.81
C VAL H 197 -10.93 32.59 -5.63
N GLU H 198 -9.63 32.45 -5.37
CA GLU H 198 -8.91 31.22 -5.06
C GLU H 198 -9.60 30.48 -3.91
N THR H 199 -9.50 31.08 -2.73
CA THR H 199 -10.03 30.52 -1.48
C THR H 199 -11.50 30.20 -1.62
N ALA H 200 -12.22 30.99 -2.41
CA ALA H 200 -13.63 30.77 -2.58
C ALA H 200 -13.88 29.40 -3.21
N ILE H 201 -13.29 29.21 -4.37
CA ILE H 201 -13.47 27.98 -5.11
C ILE H 201 -13.07 26.75 -4.30
N GLU H 202 -11.98 26.88 -3.54
CA GLU H 202 -11.49 25.76 -2.73
C GLU H 202 -12.45 25.43 -1.60
N THR H 203 -12.90 26.46 -0.91
CA THR H 203 -13.81 26.27 0.21
C THR H 203 -15.17 25.79 -0.25
N LEU H 204 -15.62 26.30 -1.40
CA LEU H 204 -16.94 25.96 -1.89
C LEU H 204 -17.06 24.50 -2.38
N THR H 205 -15.95 23.94 -2.86
CA THR H 205 -15.97 22.52 -3.22
C THR H 205 -15.79 21.65 -1.97
N LEU H 206 -14.92 22.11 -1.05
CA LEU H 206 -14.75 21.48 0.25
C LEU H 206 -16.03 21.47 1.10
N LEU H 207 -17.00 22.31 0.73
CA LEU H 207 -18.25 22.43 1.49
C LEU H 207 -19.42 21.71 0.83
N GLU H 208 -19.30 21.41 -0.45
CA GLU H 208 -20.38 20.79 -1.20
C GLU H 208 -21.01 19.56 -0.53
N PRO H 209 -20.16 18.68 0.02
CA PRO H 209 -20.67 17.48 0.71
C PRO H 209 -21.70 17.81 1.80
N TYR H 210 -21.57 18.96 2.44
CA TYR H 210 -22.48 19.35 3.51
C TYR H 210 -23.84 19.87 3.05
N ASN H 211 -24.10 19.79 1.74
CA ASN H 211 -25.41 20.12 1.17
C ASN H 211 -25.91 21.51 1.56
N ILE H 212 -25.30 22.53 0.98
CA ILE H 212 -25.68 23.91 1.32
C ILE H 212 -26.46 24.54 0.16
N GLN H 213 -27.49 25.30 0.49
CA GLN H 213 -28.52 25.75 -0.46
C GLN H 213 -28.01 26.78 -1.47
N HIS H 214 -27.28 27.78 -0.97
CA HIS H 214 -26.59 28.76 -1.79
C HIS H 214 -25.62 29.57 -0.95
N CYS H 215 -24.68 30.24 -1.61
CA CYS H 215 -23.70 31.04 -0.92
C CYS H 215 -23.79 32.47 -1.40
N GLU H 216 -23.95 33.42 -0.47
CA GLU H 216 -24.06 34.81 -0.85
C GLU H 216 -22.68 35.44 -0.94
N GLU H 217 -22.45 36.21 -2.01
CA GLU H 217 -21.28 37.08 -2.14
C GLU H 217 -19.99 36.47 -1.58
N PRO H 218 -19.40 35.52 -2.31
CA PRO H 218 -18.18 34.84 -1.85
C PRO H 218 -16.95 35.71 -1.93
N VAL H 219 -16.91 36.62 -2.89
CA VAL H 219 -15.73 37.46 -3.05
C VAL H 219 -16.06 38.95 -3.08
N SER H 220 -15.00 39.76 -3.07
CA SER H 220 -15.13 41.21 -3.23
C SER H 220 -16.09 41.63 -4.34
N ARG H 221 -16.95 42.59 -4.02
CA ARG H 221 -17.88 43.13 -5.01
C ARG H 221 -17.13 43.71 -6.21
N ASN H 222 -15.87 44.06 -5.99
CA ASN H 222 -15.00 44.60 -7.03
C ASN H 222 -14.57 43.56 -8.06
N LEU H 223 -14.64 42.30 -7.68
CA LEU H 223 -14.19 41.22 -8.56
C LEU H 223 -15.38 40.43 -9.05
N TYR H 224 -16.48 41.12 -9.33
CA TYR H 224 -17.69 40.44 -9.76
C TYR H 224 -17.46 39.72 -11.07
N THR H 225 -16.43 40.16 -11.80
CA THR H 225 -16.12 39.59 -13.12
C THR H 225 -15.57 38.18 -13.01
N ALA H 226 -15.06 37.86 -11.82
CA ALA H 226 -14.58 36.52 -11.50
C ALA H 226 -15.70 35.60 -11.02
N LEU H 227 -16.90 36.15 -10.87
CA LEU H 227 -18.02 35.32 -10.44
C LEU H 227 -18.36 34.21 -11.43
N PRO H 228 -18.45 34.53 -12.73
CA PRO H 228 -18.80 33.44 -13.66
C PRO H 228 -17.84 32.26 -13.54
N LYS H 229 -16.56 32.53 -13.35
CA LYS H 229 -15.57 31.47 -13.19
C LYS H 229 -15.89 30.61 -11.96
N ILE H 230 -16.26 31.26 -10.85
CA ILE H 230 -16.60 30.55 -9.62
C ILE H 230 -17.89 29.74 -9.75
N ARG H 231 -18.89 30.33 -10.41
CA ARG H 231 -20.17 29.69 -10.62
C ARG H 231 -20.02 28.35 -11.33
N GLN H 232 -19.07 28.29 -12.26
CA GLN H 232 -18.88 27.12 -13.10
C GLN H 232 -18.05 26.08 -12.39
N ALA H 233 -17.10 26.54 -11.58
CA ALA H 233 -16.21 25.63 -10.87
C ALA H 233 -16.88 25.03 -9.64
N CYS H 234 -17.99 25.62 -9.23
CA CYS H 234 -18.64 25.22 -7.96
C CYS H 234 -20.09 24.78 -8.12
N ARG H 235 -20.44 23.72 -7.38
CA ARG H 235 -21.74 23.12 -7.51
C ARG H 235 -22.76 23.93 -6.73
N ILE H 236 -22.38 24.28 -5.49
CA ILE H 236 -23.16 25.15 -4.63
C ILE H 236 -23.52 26.42 -5.40
N PRO H 237 -24.83 26.74 -5.50
CA PRO H 237 -25.22 27.94 -6.25
C PRO H 237 -24.73 29.20 -5.55
N ILE H 238 -24.38 30.24 -6.29
CA ILE H 238 -23.91 31.45 -5.66
C ILE H 238 -24.89 32.59 -5.91
N MET H 239 -25.14 33.35 -4.84
CA MET H 239 -26.10 34.45 -4.82
C MET H 239 -25.36 35.79 -4.62
N ALA H 240 -25.62 36.71 -5.54
CA ALA H 240 -24.99 38.02 -5.49
C ALA H 240 -25.75 38.91 -4.51
N ASP H 241 -25.03 39.49 -3.55
CA ASP H 241 -25.64 40.46 -2.65
C ASP H 241 -25.06 41.87 -2.87
N GLU H 242 -23.96 42.17 -2.20
CA GLU H 242 -23.26 43.43 -2.41
C GLU H 242 -23.02 43.70 -3.91
N SER H 243 -22.85 42.64 -4.70
CA SER H 243 -22.53 42.80 -6.11
C SER H 243 -23.76 43.14 -6.95
N CYS H 244 -24.93 42.94 -6.35
CA CYS H 244 -26.18 43.32 -7.02
C CYS H 244 -26.97 44.34 -6.18
N CYS H 245 -26.81 45.63 -6.50
CA CYS H 245 -27.47 46.73 -5.78
C CYS H 245 -28.68 47.27 -6.54
N ASN H 246 -28.45 47.75 -7.76
CA ASN H 246 -29.55 48.28 -8.56
C ASN H 246 -29.80 47.45 -9.82
N SER H 247 -30.75 47.89 -10.63
CA SER H 247 -31.13 47.14 -11.82
C SER H 247 -29.98 47.05 -12.84
N PHE H 248 -29.19 48.10 -12.97
CA PHE H 248 -28.04 48.06 -13.86
C PHE H 248 -27.08 46.94 -13.47
N ASP H 249 -26.75 46.89 -12.18
CA ASP H 249 -25.92 45.84 -11.64
C ASP H 249 -26.50 44.48 -12.00
N ALA H 250 -27.81 44.35 -11.91
CA ALA H 250 -28.47 43.08 -12.15
C ALA H 250 -28.28 42.65 -13.59
N GLU H 251 -28.57 43.56 -14.51
CA GLU H 251 -28.41 43.31 -15.94
C GLU H 251 -26.99 42.86 -16.27
N ARG H 252 -26.02 43.59 -15.74
CA ARG H 252 -24.61 43.31 -15.99
C ARG H 252 -24.24 41.92 -15.49
N LEU H 253 -24.78 41.53 -14.34
CA LEU H 253 -24.45 40.23 -13.78
C LEU H 253 -25.03 39.09 -14.62
N ILE H 254 -26.26 39.29 -15.07
CA ILE H 254 -26.97 38.34 -15.93
C ILE H 254 -26.23 38.16 -17.26
N GLN H 255 -25.84 39.29 -17.85
CA GLN H 255 -25.11 39.35 -19.12
C GLN H 255 -23.89 38.42 -19.16
N ILE H 256 -23.10 38.42 -18.10
CA ILE H 256 -21.89 37.60 -18.02
C ILE H 256 -22.12 36.32 -17.24
N GLN H 257 -23.39 35.97 -17.01
CA GLN H 257 -23.79 34.82 -16.22
C GLN H 257 -22.95 34.65 -14.96
N ALA H 258 -22.96 35.67 -14.12
CA ALA H 258 -22.10 35.72 -12.96
C ALA H 258 -22.57 34.82 -11.82
N CYS H 259 -23.88 34.58 -11.73
CA CYS H 259 -24.43 33.96 -10.54
C CYS H 259 -25.79 33.31 -10.79
N ASP H 260 -26.20 32.51 -9.80
CA ASP H 260 -27.41 31.72 -9.90
C ASP H 260 -28.62 32.47 -9.37
N SER H 261 -28.42 33.29 -8.35
CA SER H 261 -29.52 34.02 -7.74
C SER H 261 -29.11 35.38 -7.18
N PHE H 262 -30.11 36.21 -6.91
CA PHE H 262 -29.90 37.52 -6.30
C PHE H 262 -30.35 37.58 -4.84
N ASN H 263 -29.71 38.46 -4.07
CA ASN H 263 -30.26 38.89 -2.80
C ASN H 263 -30.73 40.35 -2.89
N LEU H 264 -32.04 40.53 -2.99
CA LEU H 264 -32.66 41.83 -3.18
C LEU H 264 -32.90 42.54 -1.84
N LYS H 265 -32.42 43.78 -1.73
CA LYS H 265 -32.59 44.59 -0.53
C LYS H 265 -33.00 46.02 -0.92
N LEU H 266 -34.06 46.54 -0.31
CA LEU H 266 -34.58 47.87 -0.72
C LEU H 266 -33.56 49.01 -0.55
N SER H 267 -32.72 48.91 0.49
CA SER H 267 -31.66 49.89 0.68
C SER H 267 -30.70 49.98 -0.50
N LYS H 268 -30.31 48.84 -1.07
CA LYS H 268 -29.36 48.82 -2.18
C LYS H 268 -29.94 49.39 -3.47
N SER H 269 -31.24 49.15 -3.69
CA SER H 269 -31.92 49.64 -4.89
C SER H 269 -32.55 51.03 -4.75
N ALA H 270 -32.34 51.67 -3.59
CA ALA H 270 -32.82 53.02 -3.33
C ALA H 270 -34.34 53.09 -3.24
N GLY H 271 -34.95 51.94 -2.94
CA GLY H 271 -36.38 51.91 -2.73
C GLY H 271 -37.05 50.78 -3.47
N ILE H 272 -38.37 50.84 -3.48
CA ILE H 272 -39.18 49.84 -4.14
C ILE H 272 -39.14 49.99 -5.66
N THR H 273 -39.26 51.21 -6.14
CA THR H 273 -39.30 51.47 -7.58
C THR H 273 -38.27 50.67 -8.38
N ASN H 274 -37.00 50.79 -8.03
CA ASN H 274 -35.97 50.08 -8.77
C ASN H 274 -35.90 48.59 -8.39
N ALA H 275 -36.31 48.25 -7.18
CA ALA H 275 -36.33 46.85 -6.77
C ALA H 275 -37.24 46.07 -7.72
N LEU H 276 -38.32 46.72 -8.16
CA LEU H 276 -39.25 46.09 -9.09
C LEU H 276 -38.55 45.75 -10.38
N ASN H 277 -37.65 46.62 -10.84
CA ASN H 277 -36.86 46.36 -12.04
C ASN H 277 -35.97 45.15 -11.87
N ILE H 278 -35.27 45.08 -10.74
CA ILE H 278 -34.40 43.92 -10.47
C ILE H 278 -35.21 42.62 -10.49
N ILE H 279 -36.41 42.66 -9.92
CA ILE H 279 -37.27 41.49 -9.92
C ILE H 279 -37.68 41.07 -11.33
N ARG H 280 -38.11 42.03 -12.15
CA ARG H 280 -38.43 41.77 -13.54
C ARG H 280 -37.30 41.03 -14.27
N LEU H 281 -36.10 41.59 -14.19
CA LEU H 281 -34.93 40.98 -14.79
C LEU H 281 -34.74 39.55 -14.28
N ALA H 282 -34.81 39.36 -12.96
CA ALA H 282 -34.69 38.01 -12.39
C ALA H 282 -35.72 37.03 -12.96
N GLU H 283 -36.95 37.51 -13.14
CA GLU H 283 -37.99 36.72 -13.80
C GLU H 283 -37.55 36.30 -15.20
N GLN H 284 -37.27 37.27 -16.06
CA GLN H 284 -36.91 37.02 -17.46
C GLN H 284 -35.71 36.08 -17.58
N ALA H 285 -34.90 35.97 -16.53
CA ALA H 285 -33.74 35.11 -16.58
C ALA H 285 -33.92 33.90 -15.66
N HIS H 286 -35.17 33.66 -15.24
CA HIS H 286 -35.50 32.49 -14.43
C HIS H 286 -34.55 32.30 -13.24
N MET H 287 -34.28 33.41 -12.54
CA MET H 287 -33.36 33.41 -11.42
C MET H 287 -34.14 33.56 -10.12
N PRO H 288 -33.97 32.60 -9.19
CA PRO H 288 -34.55 32.75 -7.86
C PRO H 288 -34.02 34.00 -7.14
N VAL H 289 -34.89 34.67 -6.40
CA VAL H 289 -34.54 35.88 -5.66
C VAL H 289 -34.79 35.66 -4.18
N GLN H 290 -33.82 36.06 -3.36
CA GLN H 290 -34.02 36.08 -1.93
C GLN H 290 -34.20 37.54 -1.52
N VAL H 291 -35.27 37.86 -0.82
CA VAL H 291 -35.40 39.21 -0.27
C VAL H 291 -34.80 39.28 1.15
N GLY H 292 -33.96 40.28 1.39
CA GLY H 292 -33.32 40.43 2.68
C GLY H 292 -33.26 41.87 3.13
N GLY H 293 -32.28 42.18 3.96
CA GLY H 293 -32.07 43.53 4.45
C GLY H 293 -30.86 43.65 5.36
N PHE H 294 -30.82 44.70 6.18
CA PHE H 294 -29.71 44.91 7.08
C PHE H 294 -30.19 44.83 8.53
N LEU H 295 -30.17 45.93 9.28
CA LEU H 295 -30.69 45.85 10.64
C LEU H 295 -31.98 46.64 10.85
N GLU H 296 -32.79 46.71 9.81
CA GLU H 296 -34.05 47.45 9.89
C GLU H 296 -34.88 46.80 10.98
N SER H 297 -35.76 47.59 11.59
CA SER H 297 -36.77 47.05 12.51
C SER H 297 -37.85 46.31 11.70
N ARG H 298 -38.89 45.82 12.36
CA ARG H 298 -39.98 45.21 11.63
C ARG H 298 -40.66 46.16 10.63
N LEU H 299 -40.45 47.46 10.79
CA LEU H 299 -41.09 48.38 9.86
C LEU H 299 -40.44 48.24 8.49
N GLY H 300 -39.10 48.26 8.49
CA GLY H 300 -38.35 48.13 7.26
C GLY H 300 -38.66 46.80 6.61
N PHE H 301 -38.65 45.75 7.42
CA PHE H 301 -38.84 44.41 6.88
C PHE H 301 -40.27 44.19 6.44
N THR H 302 -41.18 45.00 6.95
CA THR H 302 -42.57 44.92 6.49
C THR H 302 -42.64 45.38 5.04
N ALA H 303 -41.90 46.43 4.72
CA ALA H 303 -41.79 46.87 3.34
C ALA H 303 -41.22 45.73 2.48
N ALA H 304 -40.10 45.15 2.93
CA ALA H 304 -39.51 44.02 2.25
C ALA H 304 -40.53 42.89 2.03
N ALA H 305 -41.27 42.53 3.08
CA ALA H 305 -42.25 41.46 2.97
C ALA H 305 -43.35 41.78 1.96
N HIS H 306 -43.81 43.04 1.93
CA HIS H 306 -44.80 43.42 0.93
C HIS H 306 -44.27 43.20 -0.48
N VAL H 307 -43.02 43.58 -0.69
CA VAL H 307 -42.41 43.46 -2.01
C VAL H 307 -42.25 41.98 -2.36
N ALA H 308 -41.94 41.16 -1.35
CA ALA H 308 -41.70 39.73 -1.52
C ALA H 308 -42.89 39.00 -2.16
N LEU H 309 -44.08 39.57 -2.05
CA LEU H 309 -45.30 38.94 -2.58
C LEU H 309 -45.60 39.39 -3.99
N VAL H 310 -44.66 40.08 -4.62
CA VAL H 310 -44.87 40.69 -5.93
C VAL H 310 -44.63 39.73 -7.13
N SER H 311 -43.81 38.70 -6.91
CA SER H 311 -43.42 37.78 -7.97
C SER H 311 -43.06 36.38 -7.46
N LYS H 312 -43.44 35.37 -8.22
CA LYS H 312 -43.21 34.00 -7.80
C LYS H 312 -41.74 33.61 -7.89
N THR H 313 -40.95 34.45 -8.56
CA THR H 313 -39.52 34.22 -8.68
C THR H 313 -38.79 34.47 -7.35
N ILE H 314 -39.43 35.24 -6.46
CA ILE H 314 -38.92 35.44 -5.11
C ILE H 314 -39.35 34.26 -4.26
N CYS H 315 -38.41 33.61 -3.58
CA CYS H 315 -38.73 32.34 -2.89
C CYS H 315 -37.83 32.04 -1.68
N TYR H 316 -36.88 32.93 -1.39
CA TYR H 316 -36.13 32.80 -0.15
C TYR H 316 -36.26 34.09 0.62
N TYR H 317 -36.22 34.00 1.94
CA TYR H 317 -36.45 35.18 2.78
C TYR H 317 -35.49 35.22 3.98
N ASP H 318 -34.88 36.38 4.19
CA ASP H 318 -33.95 36.62 5.29
C ASP H 318 -34.39 37.87 6.05
N PHE H 319 -35.32 37.67 6.99
CA PHE H 319 -35.94 38.77 7.73
C PHE H 319 -35.70 38.66 9.23
N ASP H 320 -34.56 38.13 9.62
CA ASP H 320 -34.37 37.76 11.02
C ASP H 320 -33.98 38.89 12.00
N THR H 321 -33.15 39.83 11.56
CA THR H 321 -32.54 40.80 12.48
C THR H 321 -33.47 41.48 13.50
N PRO H 322 -34.73 41.78 13.12
CA PRO H 322 -35.62 42.40 14.12
C PRO H 322 -35.78 41.55 15.38
N LEU H 323 -35.70 40.22 15.24
CA LEU H 323 -35.75 39.32 16.40
C LEU H 323 -34.52 39.46 17.32
N MET H 324 -33.49 40.17 16.86
CA MET H 324 -32.26 40.33 17.64
C MET H 324 -32.27 41.59 18.48
N PHE H 325 -33.30 42.40 18.28
CA PHE H 325 -33.48 43.65 19.03
C PHE H 325 -33.73 43.39 20.52
N GLU H 326 -33.19 44.24 21.38
CA GLU H 326 -33.54 44.20 22.79
C GLU H 326 -35.00 44.57 23.01
N ALA H 327 -35.54 45.40 22.10
CA ALA H 327 -36.90 45.90 22.24
C ALA H 327 -37.53 46.27 20.89
N ASP H 328 -38.79 45.87 20.71
CA ASP H 328 -39.52 46.07 19.45
C ASP H 328 -40.38 47.34 19.50
N PRO H 329 -39.92 48.43 18.84
CA PRO H 329 -40.62 49.73 18.89
C PRO H 329 -41.67 49.87 17.78
N VAL H 330 -41.87 48.81 17.02
CA VAL H 330 -42.79 48.87 15.90
C VAL H 330 -44.22 48.58 16.33
N ARG H 331 -45.15 49.35 15.79
CA ARG H 331 -46.58 49.11 15.96
C ARG H 331 -47.14 48.51 14.68
N GLY H 332 -47.84 47.38 14.81
CA GLY H 332 -48.33 46.66 13.63
C GLY H 332 -47.22 45.97 12.84
N GLY H 333 -47.31 46.01 11.52
CA GLY H 333 -46.30 45.38 10.67
C GLY H 333 -46.36 43.86 10.64
N ILE H 334 -45.39 43.25 9.98
CA ILE H 334 -45.31 41.79 9.89
C ILE H 334 -45.21 41.13 11.27
N VAL H 335 -45.86 39.99 11.42
CA VAL H 335 -45.79 39.25 12.66
C VAL H 335 -45.11 37.92 12.42
N TYR H 336 -44.18 37.59 13.31
CA TYR H 336 -43.43 36.32 13.25
C TYR H 336 -44.20 35.22 13.94
N GLN H 337 -44.54 34.18 13.17
CA GLN H 337 -45.19 33.00 13.73
C GLN H 337 -44.18 31.87 13.97
N GLN H 338 -44.67 30.69 14.35
CA GLN H 338 -43.77 29.58 14.60
C GLN H 338 -43.20 29.04 13.29
N ARG H 339 -41.98 28.47 13.38
CA ARG H 339 -41.26 27.97 12.21
C ARG H 339 -40.69 29.11 11.36
N GLY H 340 -40.75 30.33 11.89
CA GLY H 340 -40.28 31.52 11.18
C GLY H 340 -41.17 31.91 10.01
N ILE H 341 -42.44 31.51 10.06
CA ILE H 341 -43.38 31.92 9.02
C ILE H 341 -43.87 33.35 9.29
N ILE H 342 -43.85 34.16 8.23
CA ILE H 342 -44.15 35.59 8.35
C ILE H 342 -45.52 35.90 7.77
N GLU H 343 -46.28 36.71 8.50
CA GLU H 343 -47.60 37.13 8.03
C GLU H 343 -47.63 38.62 7.72
N VAL H 344 -48.12 38.96 6.54
CA VAL H 344 -48.09 40.36 6.07
C VAL H 344 -49.40 41.12 6.37
N PRO H 345 -49.29 42.35 6.92
CA PRO H 345 -50.46 43.18 7.21
C PRO H 345 -51.38 43.31 5.99
N GLU H 346 -52.68 43.44 6.24
CA GLU H 346 -53.63 43.55 5.14
C GLU H 346 -54.29 44.91 5.08
N THR H 347 -53.99 45.77 6.06
CA THR H 347 -54.60 47.10 6.12
C THR H 347 -53.98 48.00 5.05
N ALA H 348 -54.65 49.09 4.73
CA ALA H 348 -54.13 50.00 3.71
C ALA H 348 -52.75 50.57 4.08
N GLY H 349 -51.89 50.72 3.06
CA GLY H 349 -50.56 51.29 3.22
C GLY H 349 -49.52 50.28 3.64
N LEU H 350 -48.42 50.79 4.18
CA LEU H 350 -47.33 49.95 4.68
C LEU H 350 -47.89 48.96 5.71
N GLY H 351 -48.85 49.43 6.51
CA GLY H 351 -49.46 48.57 7.50
C GLY H 351 -48.61 48.47 8.75
N ALA H 352 -47.78 49.48 8.98
CA ALA H 352 -46.90 49.54 10.16
C ALA H 352 -46.56 50.98 10.52
N GLY H 353 -46.18 51.17 11.78
CA GLY H 353 -45.76 52.48 12.26
C GLY H 353 -45.00 52.28 13.55
N TYR H 354 -44.72 53.36 14.26
CA TYR H 354 -44.00 53.22 15.52
C TYR H 354 -44.87 53.42 16.75
N GLN H 355 -44.53 52.68 17.81
CA GLN H 355 -45.22 52.76 19.09
C GLN H 355 -45.36 54.21 19.54
N LYS H 356 -46.42 54.48 20.29
CA LYS H 356 -46.68 55.83 20.80
C LYS H 356 -45.54 56.34 21.66
N ASP H 357 -45.16 57.59 21.40
CA ASP H 357 -44.05 58.25 22.10
C ASP H 357 -42.75 57.44 22.24
N TYR H 358 -42.59 56.43 21.40
CA TYR H 358 -41.27 55.89 21.13
C TYR H 358 -40.55 56.96 20.32
N LEU H 359 -41.24 57.43 19.29
CA LEU H 359 -40.69 58.47 18.41
C LEU H 359 -40.33 59.74 19.17
N SER H 360 -41.19 60.16 20.09
CA SER H 360 -40.97 61.42 20.80
C SER H 360 -39.70 61.43 21.65
N GLY H 361 -39.22 60.23 22.02
CA GLY H 361 -38.00 60.09 22.81
C GLY H 361 -36.72 60.08 21.97
N LEU H 362 -36.89 60.18 20.66
CA LEU H 362 -35.76 60.08 19.72
C LEU H 362 -35.21 61.43 19.29
N GLU H 363 -33.90 61.49 19.06
CA GLU H 363 -33.30 62.70 18.50
C GLU H 363 -33.91 62.89 17.12
N LYS H 364 -34.47 64.07 16.86
CA LYS H 364 -35.22 64.26 15.63
C LYS H 364 -35.01 65.64 15.05
N ILE H 365 -35.26 65.76 13.76
CA ILE H 365 -35.35 67.06 13.12
C ILE H 365 -36.65 67.08 12.30
N CYS H 366 -36.98 68.25 11.76
CA CYS H 366 -38.26 68.40 11.08
C CYS H 366 -38.08 69.39 9.97
N ILE H 367 -38.41 68.97 8.76
CA ILE H 367 -38.20 69.83 7.60
C ILE H 367 -39.51 70.49 7.20
N ASN H 368 -39.54 71.82 7.41
CA ASN H 368 -40.75 72.63 7.35
C ASN H 368 -41.65 72.52 8.56
N MET I 1 -23.23 15.82 -50.78
CA MET I 1 -23.43 15.95 -52.23
C MET I 1 -24.88 16.28 -52.55
N ILE I 2 -25.10 17.46 -53.12
CA ILE I 2 -26.45 17.97 -53.36
C ILE I 2 -27.18 17.12 -54.41
N ILE I 3 -28.48 16.94 -54.20
CA ILE I 3 -29.35 16.30 -55.17
C ILE I 3 -29.83 17.33 -56.19
N THR I 4 -29.60 17.05 -57.48
CA THR I 4 -29.91 18.03 -58.52
C THR I 4 -31.19 17.71 -59.28
N GLN I 5 -31.43 16.42 -59.51
CA GLN I 5 -32.68 16.00 -60.14
C GLN I 5 -33.02 14.54 -59.86
N VAL I 6 -34.31 14.23 -59.85
CA VAL I 6 -34.72 12.83 -59.76
C VAL I 6 -35.65 12.50 -60.93
N GLU I 7 -35.44 11.33 -61.50
CA GLU I 7 -36.32 10.83 -62.55
C GLU I 7 -37.17 9.68 -62.02
N LEU I 8 -38.42 9.62 -62.45
CA LEU I 8 -39.33 8.52 -62.07
C LEU I 8 -39.81 7.82 -63.34
N TYR I 9 -39.88 6.49 -63.29
CA TYR I 9 -40.29 5.68 -64.44
C TYR I 9 -41.38 4.68 -64.06
N LYS I 10 -42.39 4.54 -64.92
CA LYS I 10 -43.32 3.42 -64.81
C LYS I 10 -42.73 2.19 -65.53
N SER I 11 -42.50 1.13 -64.75
CA SER I 11 -41.84 -0.09 -65.24
C SER I 11 -42.76 -1.32 -65.13
N PRO I 12 -43.65 -1.52 -66.11
CA PRO I 12 -44.54 -2.68 -66.12
C PRO I 12 -43.97 -3.84 -66.97
N VAL I 13 -43.58 -4.93 -66.30
CA VAL I 13 -43.11 -6.10 -67.04
C VAL I 13 -44.06 -7.29 -66.83
N LYS I 14 -44.36 -8.01 -67.92
CA LYS I 14 -45.31 -9.11 -67.88
C LYS I 14 -44.69 -10.38 -67.29
N LEU I 15 -45.49 -11.12 -66.50
CA LEU I 15 -45.05 -12.39 -65.94
C LEU I 15 -45.31 -13.53 -66.92
N LYS I 16 -44.45 -14.56 -66.89
CA LYS I 16 -44.63 -15.74 -67.73
C LYS I 16 -45.98 -16.39 -67.42
N GLU I 17 -46.12 -16.88 -66.19
CA GLU I 17 -47.39 -17.40 -65.68
C GLU I 17 -48.00 -16.38 -64.72
N PRO I 18 -49.34 -16.29 -64.70
CA PRO I 18 -49.97 -15.43 -63.68
C PRO I 18 -49.62 -15.86 -62.24
N PHE I 19 -49.42 -14.86 -61.39
CA PHE I 19 -49.00 -15.06 -60.00
C PHE I 19 -50.24 -14.96 -59.10
N LYS I 20 -50.48 -16.02 -58.34
CA LYS I 20 -51.74 -16.18 -57.62
C LYS I 20 -51.55 -16.33 -56.11
N ILE I 21 -52.17 -15.43 -55.35
CA ILE I 21 -52.24 -15.58 -53.89
C ILE I 21 -53.69 -15.48 -53.42
N SER I 22 -53.92 -15.74 -52.14
CA SER I 22 -55.29 -15.74 -51.60
C SER I 22 -55.99 -14.40 -51.81
N LEU I 23 -55.20 -13.35 -51.94
CA LEU I 23 -55.72 -11.99 -52.07
C LEU I 23 -56.10 -11.60 -53.51
N GLY I 24 -55.53 -12.30 -54.51
CA GLY I 24 -55.78 -11.96 -55.90
C GLY I 24 -54.79 -12.56 -56.88
N ILE I 25 -54.97 -12.20 -58.15
CA ILE I 25 -54.13 -12.71 -59.24
C ILE I 25 -53.44 -11.56 -59.99
N LEU I 26 -52.16 -11.73 -60.30
CA LEU I 26 -51.38 -10.69 -60.99
C LEU I 26 -50.80 -11.21 -62.31
N THR I 27 -50.92 -10.38 -63.37
CA THR I 27 -50.37 -10.74 -64.68
C THR I 27 -49.07 -9.97 -64.94
N HIS I 28 -48.93 -8.83 -64.28
CA HIS I 28 -47.78 -7.95 -64.46
C HIS I 28 -47.16 -7.54 -63.14
N ALA I 29 -45.87 -7.28 -63.16
CA ALA I 29 -45.23 -6.57 -62.07
C ALA I 29 -45.24 -5.09 -62.48
N ASN I 30 -46.11 -4.31 -61.84
CA ASN I 30 -46.18 -2.88 -62.18
C ASN I 30 -45.36 -2.02 -61.23
N ASN I 31 -44.07 -1.88 -61.54
CA ASN I 31 -43.14 -1.22 -60.64
C ASN I 31 -42.93 0.24 -60.95
N VAL I 32 -42.37 0.97 -59.98
CA VAL I 32 -41.93 2.34 -60.24
C VAL I 32 -40.42 2.44 -59.96
N ILE I 33 -39.69 3.02 -60.90
CA ILE I 33 -38.25 3.17 -60.75
C ILE I 33 -37.85 4.62 -60.38
N VAL I 34 -36.86 4.74 -59.52
CA VAL I 34 -36.40 6.06 -59.07
C VAL I 34 -34.91 6.20 -59.35
N ARG I 35 -34.53 7.32 -59.98
CA ARG I 35 -33.13 7.66 -60.20
C ARG I 35 -32.80 9.04 -59.64
N ILE I 36 -31.93 9.07 -58.64
CA ILE I 36 -31.49 10.33 -58.04
C ILE I 36 -30.15 10.75 -58.64
N HIS I 37 -30.04 12.00 -59.06
CA HIS I 37 -28.81 12.56 -59.61
C HIS I 37 -28.21 13.53 -58.63
N THR I 38 -26.88 13.50 -58.48
CA THR I 38 -26.18 14.51 -57.70
C THR I 38 -25.43 15.51 -58.57
N ALA I 39 -25.01 16.61 -57.98
CA ALA I 39 -24.24 17.63 -58.70
C ALA I 39 -22.95 17.02 -59.23
N SER I 40 -22.33 16.17 -58.41
CA SER I 40 -21.09 15.48 -58.79
C SER I 40 -21.28 14.45 -59.92
N GLY I 41 -22.53 14.25 -60.35
CA GLY I 41 -22.83 13.33 -61.43
C GLY I 41 -23.03 11.87 -61.05
N HIS I 42 -23.18 11.61 -59.75
CA HIS I 42 -23.51 10.27 -59.27
C HIS I 42 -24.98 9.97 -59.48
N ILE I 43 -25.29 8.69 -59.69
CA ILE I 43 -26.67 8.28 -59.86
C ILE I 43 -27.01 7.13 -58.91
N GLY I 44 -28.10 7.30 -58.16
CA GLY I 44 -28.60 6.26 -57.27
C GLY I 44 -29.90 5.69 -57.80
N TYR I 45 -30.01 4.36 -57.76
CA TYR I 45 -31.23 3.69 -58.21
C TYR I 45 -32.07 3.14 -57.05
N GLY I 46 -33.39 3.31 -57.19
CA GLY I 46 -34.34 2.74 -56.26
C GLY I 46 -35.51 2.18 -57.05
N GLU I 47 -36.09 1.11 -56.54
CA GLU I 47 -37.23 0.52 -57.21
C GLU I 47 -38.27 0.22 -56.14
N CYS I 48 -39.54 0.15 -56.57
CA CYS I 48 -40.59 -0.28 -55.66
C CYS I 48 -41.70 -0.98 -56.47
N SER I 49 -42.42 -1.88 -55.79
CA SER I 49 -43.40 -2.69 -56.49
C SER I 49 -44.73 -2.62 -55.77
N PRO I 50 -45.50 -1.53 -56.02
CA PRO I 50 -46.78 -1.31 -55.32
C PRO I 50 -47.71 -2.50 -55.48
N PHE I 51 -48.26 -2.93 -54.35
CA PHE I 51 -49.20 -4.05 -54.29
C PHE I 51 -50.49 -3.56 -53.62
N MET I 52 -51.53 -3.33 -54.43
CA MET I 52 -52.69 -2.57 -53.96
C MET I 52 -53.36 -3.07 -52.68
N THR I 53 -53.52 -4.40 -52.62
CA THR I 53 -54.24 -5.00 -51.47
C THR I 53 -53.40 -5.12 -50.19
N ILE I 54 -52.14 -4.64 -50.24
CA ILE I 54 -51.28 -4.69 -49.06
C ILE I 54 -50.64 -3.33 -48.76
N HIS I 55 -50.11 -2.69 -49.80
CA HIS I 55 -49.50 -1.38 -49.63
C HIS I 55 -50.58 -0.31 -49.57
N GLY I 56 -51.67 -0.56 -50.30
CA GLY I 56 -52.66 0.49 -50.55
C GLY I 56 -52.06 1.56 -51.45
N GLU I 57 -51.13 1.13 -52.31
CA GLU I 57 -50.55 2.01 -53.30
C GLU I 57 -50.58 1.25 -54.63
N SER I 58 -50.54 1.99 -55.73
CA SER I 58 -50.47 1.37 -57.05
C SER I 58 -49.29 2.00 -57.79
N MET I 59 -48.96 1.45 -58.96
CA MET I 59 -47.97 2.09 -59.83
C MET I 59 -48.41 3.54 -60.09
N ASP I 60 -49.70 3.73 -60.39
CA ASP I 60 -50.21 5.08 -60.70
C ASP I 60 -50.05 6.06 -59.53
N THR I 61 -50.43 5.65 -58.32
CA THR I 61 -50.28 6.55 -57.17
C THR I 61 -48.80 6.77 -56.81
N ALA I 62 -48.01 5.71 -56.83
CA ALA I 62 -46.58 5.82 -56.53
C ALA I 62 -45.91 6.85 -57.45
N PHE I 63 -46.25 6.80 -58.74
CA PHE I 63 -45.69 7.71 -59.75
C PHE I 63 -46.01 9.19 -59.46
N ILE I 64 -47.15 9.44 -58.81
CA ILE I 64 -47.54 10.80 -58.48
C ILE I 64 -46.89 11.24 -57.19
N VAL I 65 -47.12 10.45 -56.13
CA VAL I 65 -46.57 10.75 -54.82
C VAL I 65 -45.03 10.90 -54.90
N GLY I 66 -44.40 10.05 -55.71
CA GLY I 66 -42.96 10.11 -55.92
C GLY I 66 -42.50 11.49 -56.37
N GLN I 67 -43.35 12.19 -57.12
CA GLN I 67 -43.05 13.56 -57.55
C GLN I 67 -43.10 14.55 -56.39
N TYR I 68 -44.14 14.45 -55.55
CA TYR I 68 -44.21 15.26 -54.34
C TYR I 68 -42.88 15.12 -53.60
N LEU I 69 -42.41 13.88 -53.50
CA LEU I 69 -41.22 13.54 -52.71
C LEU I 69 -39.93 14.09 -53.35
N ALA I 70 -39.79 13.82 -54.64
CA ALA I 70 -38.66 14.35 -55.41
C ALA I 70 -38.53 15.88 -55.19
N LYS I 71 -39.63 16.60 -55.43
CA LYS I 71 -39.67 18.05 -55.21
C LYS I 71 -39.00 18.45 -53.90
N GLY I 72 -39.39 17.79 -52.81
CA GLY I 72 -38.87 18.11 -51.49
C GLY I 72 -37.40 17.76 -51.31
N LEU I 73 -36.94 16.78 -52.07
CA LEU I 73 -35.56 16.31 -51.92
C LEU I 73 -34.56 17.15 -52.73
N ILE I 74 -35.03 17.75 -53.83
CA ILE I 74 -34.16 18.58 -54.65
C ILE I 74 -33.50 19.64 -53.80
N GLY I 75 -32.16 19.64 -53.79
CA GLY I 75 -31.39 20.64 -53.07
C GLY I 75 -30.77 20.12 -51.79
N THR I 76 -31.20 18.93 -51.37
CA THR I 76 -30.73 18.36 -50.10
C THR I 76 -29.50 17.50 -50.30
N SER I 77 -28.82 17.19 -49.19
CA SER I 77 -27.65 16.33 -49.24
C SER I 77 -28.09 14.88 -49.19
N CYS I 78 -27.77 14.11 -50.23
CA CYS I 78 -28.18 12.71 -50.32
C CYS I 78 -27.50 11.83 -49.28
N LEU I 79 -26.64 12.42 -48.43
CA LEU I 79 -25.98 11.65 -47.37
C LEU I 79 -26.74 11.71 -46.04
N ASP I 80 -27.53 12.77 -45.84
CA ASP I 80 -28.41 12.89 -44.66
C ASP I 80 -29.64 11.99 -44.82
N ILE I 81 -29.40 10.69 -44.87
CA ILE I 81 -30.47 9.74 -45.10
C ILE I 81 -31.63 9.89 -44.08
N VAL I 82 -31.28 9.98 -42.80
CA VAL I 82 -32.31 10.14 -41.76
C VAL I 82 -33.10 11.44 -41.94
N SER I 83 -32.37 12.54 -42.07
CA SER I 83 -32.99 13.84 -42.29
C SER I 83 -33.97 13.79 -43.49
N ASN I 84 -33.56 13.14 -44.57
CA ASN I 84 -34.36 13.09 -45.80
C ASN I 84 -35.58 12.18 -45.69
N SER I 85 -35.43 11.11 -44.93
CA SER I 85 -36.54 10.20 -44.67
C SER I 85 -37.60 10.90 -43.83
N LEU I 86 -37.17 11.74 -42.89
CA LEU I 86 -38.10 12.58 -42.13
C LEU I 86 -38.78 13.62 -43.03
N LEU I 87 -37.99 14.22 -43.90
CA LEU I 87 -38.49 15.22 -44.83
C LEU I 87 -39.64 14.67 -45.68
N MET I 88 -39.45 13.45 -46.21
CA MET I 88 -40.52 12.75 -46.95
C MET I 88 -41.75 12.54 -46.09
N ASP I 89 -41.56 12.01 -44.88
CA ASP I 89 -42.65 11.77 -43.94
C ASP I 89 -43.42 13.06 -43.68
N ALA I 90 -42.70 14.18 -43.59
CA ALA I 90 -43.34 15.47 -43.39
C ALA I 90 -44.15 15.90 -44.62
N ILE I 91 -43.83 15.33 -45.79
CA ILE I 91 -44.55 15.68 -47.01
C ILE I 91 -45.86 14.90 -47.13
N ILE I 92 -45.80 13.61 -46.80
CA ILE I 92 -46.98 12.78 -46.86
C ILE I 92 -46.87 11.59 -45.90
N TYR I 93 -47.98 11.27 -45.26
CA TYR I 93 -48.06 10.13 -44.37
C TYR I 93 -48.14 8.80 -45.18
N GLY I 94 -47.70 7.71 -44.55
CA GLY I 94 -47.74 6.40 -45.20
C GLY I 94 -46.96 6.38 -46.51
N ASN I 95 -47.53 5.78 -47.54
CA ASN I 95 -46.86 5.62 -48.83
C ASN I 95 -45.45 5.05 -48.69
N SER I 96 -45.31 4.02 -47.85
CA SER I 96 -43.99 3.44 -47.58
C SER I 96 -43.36 2.84 -48.84
N CYS I 97 -44.20 2.24 -49.68
CA CYS I 97 -43.71 1.62 -50.91
C CYS I 97 -42.85 2.60 -51.70
N ILE I 98 -43.47 3.68 -52.17
CA ILE I 98 -42.73 4.66 -52.97
C ILE I 98 -41.57 5.27 -52.17
N LYS I 99 -41.81 5.59 -50.88
CA LYS I 99 -40.73 6.07 -50.03
C LYS I 99 -39.51 5.12 -50.00
N SER I 100 -39.76 3.82 -49.97
CA SER I 100 -38.69 2.85 -49.91
C SER I 100 -37.79 2.99 -51.14
N ALA I 101 -38.38 3.24 -52.32
CA ALA I 101 -37.55 3.41 -53.51
C ALA I 101 -36.58 4.57 -53.32
N PHE I 102 -37.09 5.71 -52.84
CA PHE I 102 -36.22 6.87 -52.63
C PHE I 102 -35.14 6.52 -51.63
N ASN I 103 -35.56 5.82 -50.56
CA ASN I 103 -34.66 5.48 -49.46
C ASN I 103 -33.54 4.60 -49.98
N ILE I 104 -33.91 3.54 -50.71
CA ILE I 104 -32.91 2.66 -51.31
C ILE I 104 -31.92 3.45 -52.16
N ALA I 105 -32.45 4.30 -53.06
CA ALA I 105 -31.57 5.10 -53.92
C ALA I 105 -30.59 5.96 -53.08
N LEU I 106 -31.10 6.56 -52.00
CA LEU I 106 -30.26 7.37 -51.13
C LEU I 106 -29.09 6.54 -50.59
N TYR I 107 -29.42 5.34 -50.11
CA TYR I 107 -28.37 4.43 -49.61
C TYR I 107 -27.39 4.05 -50.71
N ASP I 108 -27.91 3.90 -51.93
CA ASP I 108 -27.06 3.63 -53.07
C ASP I 108 -25.98 4.74 -53.14
N LEU I 109 -26.45 5.98 -53.23
CA LEU I 109 -25.55 7.13 -53.26
C LEU I 109 -24.58 7.15 -52.06
N ALA I 110 -25.11 6.89 -50.86
CA ALA I 110 -24.27 6.83 -49.66
C ALA I 110 -23.17 5.76 -49.73
N ALA I 111 -23.54 4.54 -50.11
CA ALA I 111 -22.55 3.48 -50.31
C ALA I 111 -21.52 3.87 -51.38
N GLN I 112 -21.99 4.42 -52.50
CA GLN I 112 -21.10 4.86 -53.56
C GLN I 112 -20.06 5.82 -53.01
N HIS I 113 -20.52 6.77 -52.19
CA HIS I 113 -19.67 7.82 -51.65
C HIS I 113 -18.56 7.26 -50.76
N ALA I 114 -18.90 6.19 -50.05
CA ALA I 114 -17.97 5.55 -49.13
C ALA I 114 -17.10 4.50 -49.83
N GLY I 115 -17.37 4.27 -51.12
CA GLY I 115 -16.58 3.32 -51.88
C GLY I 115 -16.78 1.87 -51.43
N LEU I 116 -17.97 1.58 -50.90
CA LEU I 116 -18.31 0.23 -50.44
C LEU I 116 -19.56 -0.28 -51.14
N PRO I 117 -19.68 -1.61 -51.28
CA PRO I 117 -20.98 -2.18 -51.66
C PRO I 117 -21.99 -1.95 -50.52
N LEU I 118 -23.28 -1.94 -50.83
CA LEU I 118 -24.30 -1.62 -49.82
C LEU I 118 -24.14 -2.45 -48.55
N TYR I 119 -24.08 -3.77 -48.71
CA TYR I 119 -24.00 -4.65 -47.54
C TYR I 119 -22.86 -4.26 -46.57
N ALA I 120 -21.69 -3.96 -47.10
CA ALA I 120 -20.57 -3.52 -46.26
C ALA I 120 -20.77 -2.11 -45.67
N PHE I 121 -21.42 -1.23 -46.42
CA PHE I 121 -21.73 0.11 -45.92
C PHE I 121 -22.69 0.01 -44.72
N LEU I 122 -23.54 -1.02 -44.74
CA LEU I 122 -24.50 -1.28 -43.66
C LEU I 122 -23.90 -2.07 -42.49
N GLY I 123 -22.62 -2.42 -42.61
CA GLY I 123 -21.91 -3.14 -41.55
C GLY I 123 -22.14 -4.65 -41.63
N GLY I 124 -22.52 -5.12 -42.81
CA GLY I 124 -22.72 -6.55 -43.04
C GLY I 124 -21.45 -7.18 -43.54
N LYS I 125 -21.49 -8.49 -43.73
CA LYS I 125 -20.35 -9.25 -44.25
C LYS I 125 -20.88 -10.55 -44.86
N LYS I 126 -20.13 -11.07 -45.83
CA LYS I 126 -20.55 -12.27 -46.54
C LYS I 126 -20.18 -13.54 -45.77
N ASP I 127 -20.90 -13.81 -44.68
CA ASP I 127 -20.58 -14.94 -43.82
C ASP I 127 -21.69 -16.00 -43.78
N LYS I 128 -22.53 -16.04 -44.82
CA LYS I 128 -23.57 -17.07 -44.92
C LYS I 128 -24.04 -17.20 -46.36
N ILE I 129 -24.62 -18.36 -46.69
CA ILE I 129 -25.16 -18.56 -48.03
C ILE I 129 -26.63 -18.13 -48.10
N ILE I 130 -26.93 -17.30 -49.09
CA ILE I 130 -28.28 -16.83 -49.31
C ILE I 130 -28.99 -17.76 -50.30
N GLN I 131 -30.03 -18.43 -49.81
CA GLN I 131 -30.75 -19.38 -50.66
C GLN I 131 -32.23 -19.05 -50.72
N THR I 132 -32.71 -18.80 -51.94
CA THR I 132 -34.10 -18.44 -52.12
C THR I 132 -34.98 -19.67 -52.27
N ASP I 133 -36.23 -19.50 -51.86
CA ASP I 133 -37.28 -20.46 -52.13
C ASP I 133 -37.82 -20.15 -53.52
N TYR I 134 -38.87 -20.83 -53.91
CA TYR I 134 -39.60 -20.47 -55.11
C TYR I 134 -41.07 -20.75 -54.81
N THR I 135 -41.96 -19.98 -55.44
CA THR I 135 -43.33 -19.89 -54.99
C THR I 135 -44.32 -20.62 -55.89
N VAL I 136 -45.10 -21.52 -55.30
CA VAL I 136 -46.20 -22.16 -56.01
C VAL I 136 -47.44 -21.32 -55.82
N SER I 137 -48.01 -20.85 -56.93
CA SER I 137 -49.24 -20.07 -56.86
C SER I 137 -50.41 -20.90 -56.35
N ILE I 138 -51.34 -20.25 -55.66
CA ILE I 138 -52.54 -20.90 -55.18
C ILE I 138 -53.46 -21.23 -56.35
N ASP I 139 -53.72 -22.52 -56.53
CA ASP I 139 -54.51 -22.98 -57.66
C ASP I 139 -55.20 -24.29 -57.28
N GLU I 140 -55.81 -24.93 -58.27
CA GLU I 140 -56.33 -26.28 -58.13
C GLU I 140 -55.19 -27.23 -57.73
N PRO I 141 -55.44 -28.14 -56.76
CA PRO I 141 -54.36 -28.94 -56.13
C PRO I 141 -53.47 -29.71 -57.12
N HIS I 142 -54.04 -30.27 -58.18
CA HIS I 142 -53.22 -30.98 -59.17
C HIS I 142 -52.21 -30.04 -59.84
N LYS I 143 -52.69 -28.88 -60.27
CA LYS I 143 -51.83 -27.84 -60.84
C LYS I 143 -50.69 -27.54 -59.85
N MET I 144 -51.06 -27.35 -58.58
CA MET I 144 -50.07 -26.95 -57.57
C MET I 144 -48.98 -28.01 -57.40
N ALA I 145 -49.39 -29.28 -57.38
CA ALA I 145 -48.43 -30.37 -57.24
C ALA I 145 -47.50 -30.41 -58.46
N ALA I 146 -48.07 -30.18 -59.65
CA ALA I 146 -47.30 -30.17 -60.89
C ALA I 146 -46.18 -29.14 -60.85
N ASP I 147 -46.55 -27.91 -60.46
CA ASP I 147 -45.60 -26.81 -60.29
C ASP I 147 -44.51 -27.15 -59.27
N ALA I 148 -44.93 -27.69 -58.12
CA ALA I 148 -43.99 -28.08 -57.07
C ALA I 148 -42.93 -29.03 -57.65
N VAL I 149 -43.37 -29.93 -58.52
CA VAL I 149 -42.48 -30.89 -59.17
C VAL I 149 -41.48 -30.15 -60.05
N GLN I 150 -42.00 -29.40 -61.03
CA GLN I 150 -41.16 -28.59 -61.91
C GLN I 150 -40.10 -27.80 -61.12
N ILE I 151 -40.53 -27.19 -60.02
CA ILE I 151 -39.64 -26.41 -59.17
C ILE I 151 -38.52 -27.27 -58.59
N LYS I 152 -38.88 -28.45 -58.08
CA LYS I 152 -37.89 -29.37 -57.53
C LYS I 152 -36.92 -29.82 -58.62
N LYS I 153 -37.45 -30.09 -59.80
CA LYS I 153 -36.65 -30.48 -60.97
C LYS I 153 -35.65 -29.39 -61.35
N ASN I 154 -36.12 -28.13 -61.35
CA ASN I 154 -35.26 -27.00 -61.65
C ASN I 154 -34.16 -26.79 -60.58
N GLY I 155 -34.24 -27.55 -59.50
CA GLY I 155 -33.16 -27.60 -58.53
C GLY I 155 -33.35 -26.80 -57.25
N PHE I 156 -34.49 -26.12 -57.12
CA PHE I 156 -34.75 -25.35 -55.90
C PHE I 156 -34.97 -26.29 -54.72
N GLU I 157 -34.35 -25.96 -53.60
CA GLU I 157 -34.41 -26.84 -52.43
C GLU I 157 -35.42 -26.37 -51.37
N ILE I 158 -36.08 -25.24 -51.63
CA ILE I 158 -37.10 -24.71 -50.73
C ILE I 158 -38.31 -24.23 -51.52
N ILE I 159 -39.50 -24.74 -51.20
CA ILE I 159 -40.73 -24.32 -51.86
C ILE I 159 -41.60 -23.51 -50.93
N LYS I 160 -42.10 -22.40 -51.43
CA LYS I 160 -43.08 -21.61 -50.69
C LYS I 160 -44.49 -21.77 -51.32
N VAL I 161 -45.43 -22.29 -50.53
CA VAL I 161 -46.77 -22.59 -51.04
C VAL I 161 -47.82 -21.57 -50.60
N LYS I 162 -48.53 -21.01 -51.57
CA LYS I 162 -49.61 -20.06 -51.29
C LYS I 162 -50.91 -20.77 -50.91
N VAL I 163 -51.24 -20.70 -49.62
CA VAL I 163 -52.51 -21.22 -49.14
C VAL I 163 -53.42 -20.03 -48.78
N GLY I 164 -54.59 -20.34 -48.21
CA GLY I 164 -55.53 -19.32 -47.77
C GLY I 164 -56.95 -19.62 -48.18
N GLY I 165 -57.17 -20.80 -48.76
CA GLY I 165 -58.50 -21.27 -49.14
C GLY I 165 -59.25 -21.90 -47.97
N SER I 166 -60.22 -22.75 -48.28
CA SER I 166 -60.96 -23.48 -47.25
C SER I 166 -60.03 -24.49 -46.61
N LYS I 167 -60.25 -24.79 -45.32
CA LYS I 167 -59.42 -25.77 -44.59
C LYS I 167 -59.25 -27.09 -45.34
N GLU I 168 -60.37 -27.59 -45.85
CA GLU I 168 -60.40 -28.81 -46.65
C GLU I 168 -59.38 -28.74 -47.79
N LEU I 169 -59.53 -27.71 -48.63
CA LEU I 169 -58.76 -27.53 -49.87
C LEU I 169 -57.25 -27.33 -49.63
N ASP I 170 -56.90 -26.53 -48.62
CA ASP I 170 -55.49 -26.23 -48.31
C ASP I 170 -54.74 -27.47 -47.85
N VAL I 171 -55.45 -28.38 -47.19
CA VAL I 171 -54.82 -29.62 -46.73
C VAL I 171 -54.63 -30.58 -47.91
N GLU I 172 -55.62 -30.64 -48.79
CA GLU I 172 -55.50 -31.43 -50.00
C GLU I 172 -54.32 -30.92 -50.81
N ARG I 173 -54.18 -29.59 -50.85
CA ARG I 173 -53.07 -28.94 -51.54
C ARG I 173 -51.70 -29.38 -51.00
N ILE I 174 -51.47 -29.18 -49.69
CA ILE I 174 -50.18 -29.56 -49.09
C ILE I 174 -49.88 -31.06 -49.20
N ARG I 175 -50.90 -31.89 -48.99
CA ARG I 175 -50.74 -33.34 -49.11
C ARG I 175 -50.32 -33.74 -50.53
N MET I 176 -51.13 -33.33 -51.52
CA MET I 176 -50.82 -33.64 -52.92
C MET I 176 -49.40 -33.23 -53.30
N ILE I 177 -48.96 -32.08 -52.78
CA ILE I 177 -47.62 -31.60 -53.02
C ILE I 177 -46.58 -32.47 -52.32
N ARG I 178 -46.80 -32.71 -51.03
CA ARG I 178 -45.90 -33.51 -50.21
C ARG I 178 -45.71 -34.92 -50.80
N GLU I 179 -46.80 -35.52 -51.27
CA GLU I 179 -46.75 -36.87 -51.83
C GLU I 179 -46.31 -36.89 -53.30
N ALA I 180 -46.27 -35.71 -53.93
CA ALA I 180 -45.84 -35.60 -55.32
C ALA I 180 -44.45 -34.97 -55.47
N ALA I 181 -43.79 -34.67 -54.34
CA ALA I 181 -42.51 -33.98 -54.42
C ALA I 181 -41.50 -34.39 -53.34
N GLY I 182 -41.96 -35.09 -52.30
CA GLY I 182 -41.04 -35.59 -51.30
C GLY I 182 -41.21 -34.99 -49.91
N ASP I 183 -40.51 -35.59 -48.95
CA ASP I 183 -40.63 -35.21 -47.54
C ASP I 183 -39.34 -34.59 -47.05
N SER I 184 -38.34 -34.61 -47.92
CA SER I 184 -37.01 -34.10 -47.61
C SER I 184 -36.89 -32.62 -47.98
N ILE I 185 -37.46 -32.26 -49.13
CA ILE I 185 -37.49 -30.87 -49.58
C ILE I 185 -38.21 -29.99 -48.55
N THR I 186 -37.53 -28.98 -48.04
CA THR I 186 -38.12 -28.09 -47.04
C THR I 186 -39.20 -27.20 -47.67
N LEU I 187 -40.37 -27.11 -47.05
CA LEU I 187 -41.42 -26.22 -47.58
C LEU I 187 -42.07 -25.31 -46.53
N ARG I 188 -42.39 -24.09 -46.96
CA ARG I 188 -43.01 -23.09 -46.10
C ARG I 188 -44.30 -22.60 -46.75
N ILE I 189 -45.26 -22.17 -45.94
CA ILE I 189 -46.55 -21.75 -46.48
C ILE I 189 -46.93 -20.30 -46.13
N ASP I 190 -47.84 -19.76 -46.93
CA ASP I 190 -48.23 -18.36 -46.82
C ASP I 190 -49.72 -18.21 -47.17
N ALA I 191 -50.49 -17.71 -46.20
CA ALA I 191 -51.93 -17.62 -46.32
C ALA I 191 -52.41 -16.25 -46.80
N ASN I 192 -51.52 -15.27 -46.69
CA ASN I 192 -51.85 -13.87 -47.01
C ASN I 192 -53.19 -13.48 -46.40
N GLN I 193 -53.30 -13.66 -45.07
CA GLN I 193 -54.51 -13.28 -44.32
C GLN I 193 -55.76 -14.07 -44.71
N GLY I 194 -55.58 -15.20 -45.39
CA GLY I 194 -56.68 -15.98 -45.96
C GLY I 194 -57.70 -16.59 -45.00
N TRP I 195 -57.23 -17.11 -43.85
CA TRP I 195 -58.10 -17.80 -42.89
C TRP I 195 -58.70 -16.91 -41.78
N SER I 196 -59.83 -17.35 -41.22
CA SER I 196 -60.30 -16.81 -39.94
C SER I 196 -59.43 -17.41 -38.83
N VAL I 197 -59.46 -16.80 -37.65
CA VAL I 197 -58.68 -17.32 -36.53
C VAL I 197 -58.95 -18.81 -36.28
N GLU I 198 -60.24 -19.15 -36.40
CA GLU I 198 -60.82 -20.48 -36.27
C GLU I 198 -60.25 -21.45 -37.32
N THR I 199 -60.48 -21.14 -38.60
CA THR I 199 -59.99 -21.96 -39.72
C THR I 199 -58.47 -22.10 -39.68
N ALA I 200 -57.79 -21.06 -39.20
CA ALA I 200 -56.33 -21.08 -39.14
C ALA I 200 -55.88 -22.20 -38.24
N ILE I 201 -56.28 -22.12 -36.98
CA ILE I 201 -55.90 -23.12 -35.98
C ILE I 201 -56.21 -24.55 -36.42
N GLU I 202 -57.39 -24.77 -37.01
CA GLU I 202 -57.78 -26.09 -37.48
C GLU I 202 -56.92 -26.59 -38.63
N THR I 203 -56.66 -25.71 -39.60
CA THR I 203 -55.87 -26.07 -40.77
C THR I 203 -54.39 -26.26 -40.38
N LEU I 204 -53.92 -25.45 -39.44
CA LEU I 204 -52.51 -25.51 -39.03
C LEU I 204 -52.16 -26.78 -38.24
N THR I 205 -53.11 -27.31 -37.48
CA THR I 205 -52.89 -28.59 -36.81
C THR I 205 -53.06 -29.76 -37.79
N LEU I 206 -54.04 -29.63 -38.69
CA LEU I 206 -54.25 -30.62 -39.76
C LEU I 206 -53.07 -30.69 -40.73
N LEU I 207 -52.20 -29.70 -40.70
CA LEU I 207 -51.06 -29.61 -41.62
C LEU I 207 -49.73 -30.01 -40.97
N GLU I 208 -49.68 -29.95 -39.65
CA GLU I 208 -48.46 -30.26 -38.90
C GLU I 208 -47.77 -31.55 -39.33
N PRO I 209 -48.54 -32.65 -39.55
CA PRO I 209 -47.94 -33.92 -40.00
C PRO I 209 -47.05 -33.76 -41.23
N TYR I 210 -47.40 -32.81 -42.10
CA TYR I 210 -46.67 -32.63 -43.36
C TYR I 210 -45.33 -31.89 -43.21
N ASN I 211 -44.97 -31.57 -41.96
CA ASN I 211 -43.66 -30.98 -41.65
C ASN I 211 -43.40 -29.68 -42.39
N ILE I 212 -44.11 -28.62 -42.01
CA ILE I 212 -43.91 -27.36 -42.71
C ILE I 212 -43.12 -26.36 -41.83
N GLN I 213 -42.25 -25.59 -42.48
CA GLN I 213 -41.21 -24.84 -41.78
C GLN I 213 -41.76 -23.66 -41.00
N HIS I 214 -42.64 -22.89 -41.65
CA HIS I 214 -43.39 -21.82 -40.99
C HIS I 214 -44.55 -21.36 -41.87
N CYS I 215 -45.48 -20.64 -41.28
CA CYS I 215 -46.62 -20.14 -42.02
C CYS I 215 -46.66 -18.61 -41.90
N GLU I 216 -46.70 -17.93 -43.05
CA GLU I 216 -46.78 -16.47 -43.07
C GLU I 216 -48.22 -16.00 -42.97
N GLU I 217 -48.45 -15.03 -42.09
CA GLU I 217 -49.71 -14.28 -42.03
C GLU I 217 -50.96 -15.16 -42.26
N PRO I 218 -51.34 -15.95 -41.23
CA PRO I 218 -52.48 -16.87 -41.38
C PRO I 218 -53.82 -16.13 -41.40
N VAL I 219 -53.92 -15.02 -40.69
CA VAL I 219 -55.18 -14.30 -40.58
C VAL I 219 -55.04 -12.82 -40.90
N SER I 220 -56.19 -12.14 -40.93
CA SER I 220 -56.27 -10.69 -41.17
C SER I 220 -55.26 -9.89 -40.31
N ARG I 221 -54.55 -8.98 -40.96
CA ARG I 221 -53.60 -8.11 -40.27
C ARG I 221 -54.31 -7.33 -39.16
N ASN I 222 -55.62 -7.18 -39.34
CA ASN I 222 -56.48 -6.49 -38.37
C ASN I 222 -56.66 -7.28 -37.06
N LEU I 223 -56.45 -8.59 -37.16
CA LEU I 223 -56.67 -9.47 -36.01
C LEU I 223 -55.35 -9.95 -35.44
N TYR I 224 -54.32 -9.11 -35.53
CA TYR I 224 -52.99 -9.51 -35.06
C TYR I 224 -52.99 -9.88 -33.57
N THR I 225 -54.00 -9.39 -32.85
CA THR I 225 -54.14 -9.63 -31.41
C THR I 225 -54.52 -11.08 -31.12
N ALA I 226 -55.07 -11.76 -32.15
CA ALA I 226 -55.39 -13.18 -32.08
C ALA I 226 -54.21 -14.07 -32.46
N LEU I 227 -53.11 -13.46 -32.87
CA LEU I 227 -51.90 -14.22 -33.21
C LEU I 227 -51.33 -15.02 -32.02
N PRO I 228 -51.20 -14.37 -30.83
CA PRO I 228 -50.62 -15.12 -29.70
C PRO I 228 -51.41 -16.40 -29.41
N LYS I 229 -52.74 -16.33 -29.54
CA LYS I 229 -53.59 -17.51 -29.35
C LYS I 229 -53.30 -18.62 -30.37
N ILE I 230 -53.08 -18.22 -31.63
CA ILE I 230 -52.76 -19.18 -32.69
C ILE I 230 -51.36 -19.76 -32.53
N ARG I 231 -50.41 -18.90 -32.16
CA ARG I 231 -49.03 -19.33 -31.93
C ARG I 231 -48.95 -20.50 -30.91
N GLN I 232 -49.78 -20.40 -29.88
CA GLN I 232 -49.75 -21.35 -28.76
C GLN I 232 -50.51 -22.62 -29.08
N ALA I 233 -51.59 -22.47 -29.85
CA ALA I 233 -52.41 -23.62 -30.26
C ALA I 233 -51.76 -24.44 -31.38
N CYS I 234 -50.77 -23.85 -32.06
CA CYS I 234 -50.19 -24.50 -33.23
C CYS I 234 -48.69 -24.74 -33.12
N ARG I 235 -48.28 -25.90 -33.61
CA ARG I 235 -46.88 -26.32 -33.52
C ARG I 235 -46.04 -25.64 -34.62
N ILE I 236 -46.56 -25.66 -35.85
CA ILE I 236 -45.99 -24.94 -36.97
C ILE I 236 -45.74 -23.48 -36.59
N PRO I 237 -44.50 -23.00 -36.74
CA PRO I 237 -44.20 -21.61 -36.36
C PRO I 237 -44.91 -20.62 -37.29
N ILE I 238 -45.36 -19.49 -36.76
CA ILE I 238 -46.04 -18.52 -37.61
C ILE I 238 -45.21 -17.26 -37.77
N MET I 239 -45.18 -16.78 -39.00
CA MET I 239 -44.38 -15.62 -39.37
C MET I 239 -45.31 -14.47 -39.79
N ALA I 240 -45.13 -13.33 -39.13
CA ALA I 240 -45.88 -12.13 -39.44
C ALA I 240 -45.32 -11.46 -40.70
N ASP I 241 -46.20 -11.23 -41.67
CA ASP I 241 -45.84 -10.47 -42.86
C ASP I 241 -46.58 -9.13 -42.89
N GLU I 242 -47.79 -9.13 -43.45
CA GLU I 242 -48.61 -7.92 -43.50
C GLU I 242 -48.77 -7.29 -42.12
N SER I 243 -48.73 -8.13 -41.08
CA SER I 243 -48.91 -7.65 -39.70
C SER I 243 -47.66 -6.94 -39.15
N CYS I 244 -46.53 -7.14 -39.82
CA CYS I 244 -45.26 -6.53 -39.42
C CYS I 244 -44.71 -5.67 -40.56
N CYS I 245 -45.02 -4.38 -40.51
CA CYS I 245 -44.58 -3.44 -41.55
C CYS I 245 -43.37 -2.60 -41.10
N ASN I 246 -43.53 -1.87 -40.00
CA ASN I 246 -42.47 -1.01 -39.51
C ASN I 246 -41.99 -1.44 -38.12
N SER I 247 -41.03 -0.71 -37.55
CA SER I 247 -40.44 -1.10 -36.27
C SER I 247 -41.48 -1.08 -35.13
N PHE I 248 -42.38 -0.10 -35.15
CA PHE I 248 -43.47 -0.03 -34.16
C PHE I 248 -44.31 -1.31 -34.15
N ASP I 249 -44.76 -1.72 -35.33
CA ASP I 249 -45.47 -3.00 -35.51
C ASP I 249 -44.66 -4.16 -34.92
N ALA I 250 -43.34 -4.15 -35.15
CA ALA I 250 -42.48 -5.23 -34.69
C ALA I 250 -42.47 -5.30 -33.16
N GLU I 251 -42.25 -4.15 -32.53
CA GLU I 251 -42.24 -4.04 -31.07
C GLU I 251 -43.54 -4.53 -30.47
N ARG I 252 -44.64 -4.06 -31.03
CA ARG I 252 -45.98 -4.43 -30.56
C ARG I 252 -46.22 -5.93 -30.66
N LEU I 253 -45.76 -6.55 -31.75
CA LEU I 253 -45.95 -7.99 -31.94
C LEU I 253 -45.13 -8.80 -30.93
N ILE I 254 -43.91 -8.35 -30.69
CA ILE I 254 -43.00 -8.99 -29.73
C ILE I 254 -43.60 -8.92 -28.33
N GLN I 255 -44.10 -7.72 -27.99
CA GLN I 255 -44.68 -7.41 -26.68
C GLN I 255 -45.76 -8.42 -26.24
N ILE I 256 -46.62 -8.81 -27.17
CA ILE I 256 -47.73 -9.73 -26.89
C ILE I 256 -47.39 -11.16 -27.36
N GLN I 257 -46.11 -11.37 -27.69
CA GLN I 257 -45.63 -12.65 -28.21
C GLN I 257 -46.58 -13.20 -29.27
N ALA I 258 -46.78 -12.43 -30.33
CA ALA I 258 -47.75 -12.79 -31.36
C ALA I 258 -47.26 -13.89 -32.31
N CYS I 259 -45.94 -13.98 -32.49
CA CYS I 259 -45.40 -14.83 -33.56
C CYS I 259 -43.97 -15.25 -33.31
N ASP I 260 -43.53 -16.22 -34.12
CA ASP I 260 -42.21 -16.83 -33.99
C ASP I 260 -41.16 -16.10 -34.81
N SER I 261 -41.57 -15.59 -35.97
CA SER I 261 -40.64 -14.93 -36.90
C SER I 261 -41.28 -13.81 -37.73
N PHE I 262 -40.43 -12.97 -38.32
CA PHE I 262 -40.88 -11.88 -39.18
C PHE I 262 -40.58 -12.14 -40.64
N ASN I 263 -41.41 -11.56 -41.49
CA ASN I 263 -41.05 -11.42 -42.90
C ASN I 263 -40.76 -9.96 -43.17
N LEU I 264 -39.48 -9.63 -43.26
CA LEU I 264 -39.02 -8.27 -43.52
C LEU I 264 -39.02 -7.89 -45.04
N LYS I 265 -39.66 -6.78 -45.37
CA LYS I 265 -39.70 -6.27 -46.74
C LYS I 265 -39.43 -4.76 -46.72
N LEU I 266 -38.53 -4.29 -47.60
CA LEU I 266 -38.14 -2.89 -47.62
C LEU I 266 -39.31 -1.92 -47.91
N SER I 267 -40.22 -2.34 -48.80
CA SER I 267 -41.44 -1.56 -49.07
C SER I 267 -42.30 -1.28 -47.82
N LYS I 268 -42.45 -2.27 -46.96
CA LYS I 268 -43.30 -2.12 -45.77
C LYS I 268 -42.70 -1.16 -44.73
N SER I 269 -41.36 -1.18 -44.62
CA SER I 269 -40.64 -0.36 -43.64
C SER I 269 -40.20 1.01 -44.21
N ALA I 270 -40.63 1.31 -45.45
CA ALA I 270 -40.35 2.58 -46.14
C ALA I 270 -38.86 2.79 -46.44
N GLY I 271 -38.12 1.68 -46.52
CA GLY I 271 -36.72 1.74 -46.86
C GLY I 271 -35.84 0.92 -45.94
N ILE I 272 -34.53 1.10 -46.13
CA ILE I 272 -33.55 0.39 -45.34
C ILE I 272 -33.47 0.91 -43.90
N THR I 273 -33.51 2.23 -43.75
CA THR I 273 -33.34 2.88 -42.44
C THR I 273 -34.16 2.21 -41.34
N ASN I 274 -35.47 2.06 -41.58
CA ASN I 274 -36.34 1.44 -40.57
C ASN I 274 -36.27 -0.09 -40.55
N ALA I 275 -35.96 -0.69 -41.70
CA ALA I 275 -35.74 -2.14 -41.74
C ALA I 275 -34.64 -2.54 -40.73
N LEU I 276 -33.63 -1.68 -40.59
CA LEU I 276 -32.52 -1.94 -39.65
C LEU I 276 -33.05 -2.02 -38.22
N ASN I 277 -34.00 -1.16 -37.88
CA ASN I 277 -34.65 -1.21 -36.56
C ASN I 277 -35.39 -2.53 -36.33
N ILE I 278 -36.20 -2.94 -37.30
CA ILE I 278 -36.91 -4.20 -37.19
C ILE I 278 -35.93 -5.36 -36.97
N ILE I 279 -34.80 -5.33 -37.67
CA ILE I 279 -33.78 -6.37 -37.52
C ILE I 279 -33.18 -6.38 -36.11
N ARG I 280 -32.85 -5.19 -35.60
CA ARG I 280 -32.34 -5.06 -34.23
C ARG I 280 -33.27 -5.74 -33.22
N LEU I 281 -34.56 -5.34 -33.28
CA LEU I 281 -35.61 -5.91 -32.43
C LEU I 281 -35.64 -7.45 -32.53
N ALA I 282 -35.68 -7.95 -33.77
CA ALA I 282 -35.68 -9.38 -34.01
C ALA I 282 -34.47 -10.05 -33.33
N GLU I 283 -33.32 -9.40 -33.41
CA GLU I 283 -32.12 -9.90 -32.73
C GLU I 283 -32.31 -10.00 -31.22
N GLN I 284 -32.69 -8.88 -30.60
CA GLN I 284 -32.87 -8.81 -29.15
C GLN I 284 -33.90 -9.82 -28.65
N ALA I 285 -34.82 -10.21 -29.53
CA ALA I 285 -35.84 -11.19 -29.16
C ALA I 285 -35.59 -12.57 -29.79
N HIS I 286 -34.35 -12.78 -30.26
CA HIS I 286 -33.92 -14.08 -30.82
C HIS I 286 -34.95 -14.66 -31.80
N MET I 287 -35.40 -13.82 -32.72
CA MET I 287 -36.44 -14.19 -33.68
C MET I 287 -35.86 -14.27 -35.07
N PRO I 288 -35.97 -15.45 -35.70
CA PRO I 288 -35.51 -15.56 -37.09
C PRO I 288 -36.26 -14.57 -37.98
N VAL I 289 -35.55 -14.03 -38.97
CA VAL I 289 -36.14 -13.12 -39.94
C VAL I 289 -36.00 -13.69 -41.34
N GLN I 290 -37.09 -13.61 -42.10
CA GLN I 290 -37.03 -13.93 -43.51
C GLN I 290 -37.07 -12.61 -44.25
N VAL I 291 -36.15 -12.40 -45.19
CA VAL I 291 -36.23 -11.22 -46.06
C VAL I 291 -36.95 -11.55 -47.36
N GLY I 292 -37.90 -10.71 -47.74
CA GLY I 292 -38.67 -10.98 -48.94
C GLY I 292 -39.01 -9.70 -49.67
N GLY I 293 -40.13 -9.73 -50.39
CA GLY I 293 -40.53 -8.60 -51.21
C GLY I 293 -41.82 -8.84 -51.97
N PHE I 294 -42.06 -8.04 -53.01
CA PHE I 294 -43.28 -8.17 -53.81
C PHE I 294 -42.92 -8.57 -55.22
N LEU I 295 -43.13 -7.68 -56.19
CA LEU I 295 -42.76 -8.03 -57.55
C LEU I 295 -41.64 -7.15 -58.11
N GLU I 296 -40.76 -6.71 -57.21
CA GLU I 296 -39.57 -5.97 -57.62
C GLU I 296 -38.74 -6.81 -58.60
N SER I 297 -38.08 -6.13 -59.54
CA SER I 297 -37.08 -6.78 -60.39
C SER I 297 -35.87 -7.18 -59.54
N ARG I 298 -34.82 -7.66 -60.20
CA ARG I 298 -33.59 -7.97 -59.48
C ARG I 298 -32.95 -6.74 -58.82
N LEU I 299 -33.32 -5.53 -59.28
CA LEU I 299 -32.77 -4.32 -58.68
C LEU I 299 -33.28 -4.16 -57.25
N GLY I 300 -34.58 -4.30 -57.09
CA GLY I 300 -35.21 -4.21 -55.77
C GLY I 300 -34.69 -5.31 -54.86
N PHE I 301 -34.63 -6.53 -55.38
CA PHE I 301 -34.21 -7.65 -54.56
C PHE I 301 -32.71 -7.60 -54.26
N THR I 302 -31.96 -6.89 -55.09
CA THR I 302 -30.52 -6.69 -54.81
C THR I 302 -30.39 -5.88 -53.52
N ALA I 303 -31.22 -4.85 -53.37
CA ALA I 303 -31.27 -4.09 -52.13
C ALA I 303 -31.60 -5.02 -50.96
N ALA I 304 -32.66 -5.82 -51.12
CA ALA I 304 -33.04 -6.80 -50.09
C ALA I 304 -31.85 -7.71 -49.73
N ALA I 305 -31.17 -8.22 -50.76
CA ALA I 305 -30.05 -9.15 -50.55
C ALA I 305 -28.92 -8.48 -49.78
N HIS I 306 -28.62 -7.23 -50.11
CA HIS I 306 -27.61 -6.47 -49.36
C HIS I 306 -27.98 -6.38 -47.88
N VAL I 307 -29.25 -6.06 -47.61
CA VAL I 307 -29.73 -5.94 -46.25
C VAL I 307 -29.70 -7.29 -45.52
N ALA I 308 -29.93 -8.37 -46.29
CA ALA I 308 -29.95 -9.72 -45.74
C ALA I 308 -28.62 -10.14 -45.10
N LEU I 309 -27.54 -9.47 -45.47
CA LEU I 309 -26.20 -9.82 -44.97
C LEU I 309 -25.82 -9.01 -43.74
N VAL I 310 -26.79 -8.27 -43.20
CA VAL I 310 -26.55 -7.34 -42.10
C VAL I 310 -26.55 -7.98 -40.70
N SER I 311 -27.23 -9.12 -40.56
CA SER I 311 -27.42 -9.78 -39.26
C SER I 311 -27.61 -11.29 -39.38
N LYS I 312 -27.03 -12.02 -38.44
CA LYS I 312 -27.12 -13.49 -38.47
C LYS I 312 -28.52 -14.02 -38.09
N THR I 313 -29.37 -13.12 -37.58
CA THR I 313 -30.75 -13.46 -37.25
C THR I 313 -31.58 -13.63 -38.52
N ILE I 314 -31.15 -13.01 -39.61
CA ILE I 314 -31.80 -13.21 -40.90
C ILE I 314 -31.29 -14.54 -41.49
N CYS I 315 -32.20 -15.43 -41.87
CA CYS I 315 -31.79 -16.79 -42.27
C CYS I 315 -32.73 -17.47 -43.27
N TYR I 316 -33.82 -16.80 -43.62
CA TYR I 316 -34.68 -17.30 -44.69
C TYR I 316 -34.79 -16.24 -45.76
N TYR I 317 -34.92 -16.68 -47.02
CA TYR I 317 -34.93 -15.74 -48.16
C TYR I 317 -35.99 -16.10 -49.19
N ASP I 318 -36.77 -15.10 -49.57
CA ASP I 318 -37.82 -15.23 -50.56
C ASP I 318 -37.59 -14.16 -51.67
N PHE I 319 -36.76 -14.51 -52.65
CA PHE I 319 -36.37 -13.57 -53.71
C PHE I 319 -36.74 -14.05 -55.11
N ASP I 320 -37.83 -14.78 -55.25
CA ASP I 320 -38.08 -15.56 -56.47
C ASP I 320 -38.72 -14.79 -57.62
N THR I 321 -39.59 -13.82 -57.32
CA THR I 321 -40.42 -13.19 -58.36
C THR I 321 -39.69 -12.68 -59.63
N PRO I 322 -38.46 -12.16 -59.48
CA PRO I 322 -37.78 -11.74 -60.69
C PRO I 322 -37.65 -12.87 -61.73
N LEU I 323 -37.50 -14.11 -61.28
CA LEU I 323 -37.40 -15.26 -62.19
C LEU I 323 -38.72 -15.48 -62.95
N MET I 324 -39.79 -14.80 -62.53
CA MET I 324 -41.11 -14.98 -63.18
C MET I 324 -41.36 -13.96 -64.29
N PHE I 325 -40.40 -13.04 -64.46
CA PHE I 325 -40.48 -12.00 -65.49
C PHE I 325 -40.32 -12.59 -66.86
N GLU I 326 -41.03 -12.04 -67.84
CA GLU I 326 -40.83 -12.44 -69.22
C GLU I 326 -39.46 -11.98 -69.71
N ALA I 327 -38.96 -10.92 -69.10
CA ALA I 327 -37.69 -10.31 -69.51
C ALA I 327 -36.99 -9.57 -68.36
N ASP I 328 -35.68 -9.74 -68.27
CA ASP I 328 -34.88 -9.16 -67.19
C ASP I 328 -34.19 -7.84 -67.65
N PRO I 329 -34.75 -6.68 -67.24
CA PRO I 329 -34.24 -5.37 -67.67
C PRO I 329 -33.12 -4.84 -66.78
N VAL I 330 -32.70 -5.64 -65.78
CA VAL I 330 -31.71 -5.20 -64.82
C VAL I 330 -30.29 -5.47 -65.34
N ARG I 331 -29.41 -4.50 -65.12
CA ARG I 331 -27.99 -4.60 -65.43
C ARG I 331 -27.24 -4.78 -64.12
N GLY I 332 -26.46 -5.85 -64.03
CA GLY I 332 -25.76 -6.18 -62.80
C GLY I 332 -26.68 -6.78 -61.74
N GLY I 333 -26.49 -6.40 -60.48
CA GLY I 333 -27.33 -6.88 -59.39
C GLY I 333 -27.05 -8.33 -59.03
N ILE I 334 -27.86 -8.87 -58.11
CA ILE I 334 -27.71 -10.25 -57.62
C ILE I 334 -27.85 -11.24 -58.77
N VAL I 335 -27.07 -12.33 -58.71
CA VAL I 335 -27.16 -13.36 -59.73
C VAL I 335 -27.65 -14.65 -59.12
N TYR I 336 -28.59 -15.27 -59.82
CA TYR I 336 -29.15 -16.55 -59.36
C TYR I 336 -28.31 -17.71 -59.86
N GLN I 337 -27.77 -18.47 -58.91
CA GLN I 337 -27.01 -19.67 -59.24
C GLN I 337 -27.88 -20.93 -59.09
N GLN I 338 -27.30 -22.11 -59.24
CA GLN I 338 -28.06 -23.34 -59.08
C GLN I 338 -28.43 -23.58 -57.61
N ARG I 339 -29.55 -24.27 -57.42
CA ARG I 339 -30.09 -24.55 -56.08
C ARG I 339 -30.74 -23.29 -55.45
N GLY I 340 -30.89 -22.25 -56.26
CA GLY I 340 -31.45 -20.98 -55.81
C GLY I 340 -30.52 -20.20 -54.88
N ILE I 341 -29.21 -20.46 -55.01
CA ILE I 341 -28.23 -19.71 -54.23
C ILE I 341 -27.96 -18.37 -54.88
N ILE I 342 -28.03 -17.32 -54.07
CA ILE I 342 -27.92 -15.93 -54.56
C ILE I 342 -26.54 -15.35 -54.24
N GLU I 343 -25.94 -14.71 -55.24
CA GLU I 343 -24.67 -14.04 -55.05
C GLU I 343 -24.85 -12.52 -55.11
N VAL I 344 -24.31 -11.82 -54.10
CA VAL I 344 -24.44 -10.36 -53.96
C VAL I 344 -23.27 -9.59 -54.61
N PRO I 345 -23.59 -8.55 -55.40
CA PRO I 345 -22.58 -7.68 -56.03
C PRO I 345 -21.54 -7.18 -55.02
N GLU I 346 -20.31 -6.96 -55.47
CA GLU I 346 -19.28 -6.46 -54.56
C GLU I 346 -18.82 -5.06 -54.90
N THR I 347 -19.37 -4.54 -55.98
CA THR I 347 -18.99 -3.21 -56.45
C THR I 347 -19.64 -2.13 -55.57
N ALA I 348 -19.07 -0.91 -55.61
CA ALA I 348 -19.57 0.19 -54.79
C ALA I 348 -21.05 0.49 -55.06
N GLY I 349 -21.78 0.82 -54.00
CA GLY I 349 -23.20 1.14 -54.08
C GLY I 349 -24.15 -0.05 -54.09
N LEU I 350 -25.35 0.17 -54.63
CA LEU I 350 -26.33 -0.88 -54.82
C LEU I 350 -25.75 -2.02 -55.65
N GLY I 351 -24.94 -1.67 -56.64
CA GLY I 351 -24.33 -2.67 -57.48
C GLY I 351 -25.26 -3.16 -58.56
N ALA I 352 -26.26 -2.35 -58.90
CA ALA I 352 -27.25 -2.70 -59.91
C ALA I 352 -27.80 -1.46 -60.58
N GLY I 353 -28.29 -1.63 -61.80
CA GLY I 353 -28.94 -0.55 -62.54
C GLY I 353 -29.79 -1.14 -63.63
N TYR I 354 -30.24 -0.31 -64.56
CA TYR I 354 -31.06 -0.86 -65.64
C TYR I 354 -30.33 -0.89 -66.97
N GLN I 355 -30.71 -1.88 -67.79
CA GLN I 355 -30.15 -2.05 -69.13
C GLN I 355 -30.24 -0.77 -69.94
N LYS I 356 -29.30 -0.61 -70.87
CA LYS I 356 -29.24 0.60 -71.70
C LYS I 356 -30.52 0.77 -72.52
N ASP I 357 -31.03 2.00 -72.52
CA ASP I 357 -32.27 2.36 -73.22
C ASP I 357 -33.47 1.44 -72.98
N TYR I 358 -33.41 0.66 -71.90
CA TYR I 358 -34.63 0.08 -71.37
C TYR I 358 -35.39 1.25 -70.77
N LEU I 359 -34.69 2.03 -69.95
CA LEU I 359 -35.30 3.19 -69.28
C LEU I 359 -35.89 4.19 -70.28
N SER I 360 -35.19 4.40 -71.39
CA SER I 360 -35.61 5.41 -72.35
C SER I 360 -36.93 5.06 -73.04
N GLY I 361 -37.30 3.78 -73.02
CA GLY I 361 -38.57 3.36 -73.61
C GLY I 361 -39.74 3.43 -72.64
N LEU I 362 -39.47 3.85 -71.41
CA LEU I 362 -40.47 3.84 -70.35
C LEU I 362 -41.17 5.19 -70.22
N GLU I 363 -42.45 5.16 -69.84
CA GLU I 363 -43.15 6.39 -69.49
C GLU I 363 -42.45 7.00 -68.27
N LYS I 364 -41.97 8.24 -68.41
CA LYS I 364 -41.17 8.83 -67.36
C LYS I 364 -41.49 10.29 -67.09
N ILE I 365 -41.18 10.73 -65.88
CA ILE I 365 -41.19 12.15 -65.59
C ILE I 365 -39.84 12.52 -64.94
N CYS I 366 -39.59 13.82 -64.83
CA CYS I 366 -38.30 14.30 -64.38
C CYS I 366 -38.52 15.54 -63.50
N ILE I 367 -38.04 15.46 -62.26
CA ILE I 367 -38.25 16.55 -61.34
C ILE I 367 -37.00 17.43 -61.27
N ASN I 368 -37.08 18.67 -61.72
CA ASN I 368 -35.89 19.48 -61.62
C ASN I 368 -35.76 20.23 -60.31
MG MG J . 13.25 -6.24 22.93
N DAL K . 9.28 -9.15 17.03
CA DAL K . 9.07 -10.24 18.04
CB DAL K . 7.66 -10.20 18.59
C DAL K . 10.13 -10.13 19.16
O DAL K . 11.34 -10.13 18.87
N VAL L . 9.69 -10.06 20.42
CA VAL L . 10.58 -9.94 21.58
C VAL L . 11.36 -8.59 21.54
O VAL L . 10.81 -7.47 21.51
CB VAL L . 11.53 -11.18 21.71
CG1 VAL L . 12.12 -11.29 23.09
CG2 VAL L . 10.80 -12.45 21.43
OXT VAL L . 12.61 -8.54 21.53
MG MG M . -38.48 -8.88 1.41
N DAL N . -34.81 -4.35 4.97
CA DAL N . -35.62 -4.85 6.09
CB DAL N . -34.91 -5.94 6.83
C DAL N . -36.91 -5.32 5.49
O DAL N . -37.31 -4.83 4.46
N VAL O . -37.61 -6.24 6.17
CA VAL O . -38.79 -6.91 5.56
C VAL O . -38.50 -7.26 4.08
O VAL O . -37.49 -7.87 3.75
CB VAL O . -40.07 -6.09 5.70
CG1 VAL O . -41.30 -7.03 5.51
CG2 VAL O . -40.12 -5.43 7.05
OXT VAL O . -39.23 -6.86 3.18
MG MG P . 5.52 17.27 -17.34
N DAL Q . 8.26 9.61 -17.01
CA DAL Q . 8.26 10.04 -18.44
CB DAL Q . 9.69 10.24 -18.97
C DAL Q . 7.39 11.31 -18.62
O DAL Q . 6.25 11.37 -18.13
N VAL R . 7.93 12.31 -19.33
CA VAL R . 7.20 13.53 -19.82
C VAL R . 6.62 14.49 -18.75
O VAL R . 7.28 15.11 -17.92
CB VAL R . 6.14 13.16 -20.89
CG1 VAL R . 5.76 14.38 -21.70
CG2 VAL R . 6.66 12.12 -21.83
OXT VAL R . 5.41 14.72 -18.68
MG MG S . 52.65 -15.44 -15.20
N DAL T . 50.03 -8.54 -12.44
CA DAL T . 51.01 -8.24 -13.52
CB DAL T . 50.29 -7.91 -14.81
C DAL T . 51.97 -9.40 -13.72
O DAL T . 52.48 -9.96 -12.75
N VAL U . 52.22 -9.73 -14.99
CA VAL U . 53.18 -10.77 -15.41
C VAL U . 52.75 -12.17 -14.97
O VAL U . 52.50 -12.42 -13.81
CB VAL U . 54.65 -10.46 -14.99
CG1 VAL U . 55.64 -11.39 -15.71
CG2 VAL U . 55.04 -9.01 -15.30
OXT VAL U . 52.66 -13.10 -15.75
MG MG V . 13.17 -11.15 56.33
N DAL W . 14.24 -16.79 61.06
CA DAL W . 13.84 -17.46 59.79
CB DAL W . 15.07 -17.99 59.07
C DAL W . 13.08 -16.43 58.93
O DAL W . 12.40 -15.53 59.48
N VAL X . 13.21 -16.58 57.61
CA VAL X . 12.75 -15.60 56.62
C VAL X . 13.08 -14.16 57.03
O VAL X . 14.23 -13.84 57.35
CB VAL X . 11.26 -15.80 56.27
CG1 VAL X . 10.90 -15.06 55.02
CG2 VAL X . 10.97 -17.25 56.03
OXT VAL X . 12.25 -13.25 57.08
MG MG Y . 35.43 32.09 22.33
N DAL Z . 41.39 34.65 18.66
CA DAL Z . 41.29 35.60 19.80
CB DAL Z . 42.31 35.23 20.91
C DAL Z . 39.88 35.63 20.34
O DAL Z . 38.95 35.31 19.62
N VAL AA . 39.71 36.04 21.58
CA VAL AA . 38.41 36.11 22.27
C VAL AA . 37.66 34.80 22.37
O VAL AA . 37.20 34.48 23.47
CB VAL AA . 37.45 37.18 21.70
CG1 VAL AA . 36.16 37.19 22.50
CG2 VAL AA . 38.12 38.56 21.71
OXT VAL AA . 37.46 34.06 21.42
MG MG BA . -15.26 -36.91 -20.01
N DAL CA . -14.09 -35.49 -27.05
CA DAL CA . -14.75 -36.83 -27.18
CB DAL CA . -16.26 -36.66 -27.36
C DAL CA . -14.40 -37.61 -25.95
O DAL CA . -13.36 -37.33 -25.34
N VAL DA . -15.22 -38.60 -25.58
CA VAL DA . -15.07 -39.33 -24.30
C VAL DA . -14.88 -38.42 -23.00
O VAL DA . -15.64 -37.46 -22.75
CB VAL DA . -14.00 -40.47 -24.33
CG1 VAL DA . -14.36 -41.56 -23.33
CG2 VAL DA . -13.93 -41.11 -25.67
OXT VAL DA . -13.98 -38.64 -22.17
MG MG EA . -25.03 39.14 2.30
N DAL FA . -29.58 37.83 8.24
CA DAL FA . -29.42 39.30 8.17
CB DAL FA . -30.64 39.94 7.49
C DAL FA . -28.12 39.65 7.43
O DAL FA . -27.13 38.92 7.52
N VAL GA . -28.13 40.79 6.72
CA VAL GA . -26.99 41.29 5.92
C VAL GA . -26.38 40.28 4.93
O VAL GA . -26.97 39.85 3.92
CB VAL GA . -25.90 41.91 6.83
CG1 VAL GA . -24.96 42.77 6.02
CG2 VAL GA . -26.54 42.75 7.93
OXT VAL GA . -25.25 39.86 5.11
MG MG HA . -46.45 -13.24 -46.98
N DAL IA . -42.92 -14.86 -53.37
CA DAL IA . -43.29 -13.41 -53.43
CB DAL IA . -42.04 -12.52 -53.24
C DAL IA . -44.41 -13.06 -52.44
O DAL IA . -45.14 -13.96 -52.01
N VAL JA . -44.54 -11.77 -52.08
CA VAL JA . -45.62 -11.23 -51.21
C VAL JA . -45.90 -12.10 -49.95
O VAL JA . -44.98 -12.67 -49.36
CB VAL JA . -46.95 -10.93 -52.00
CG1 VAL JA . -47.80 -9.94 -51.26
CG2 VAL JA . -46.66 -10.40 -53.40
OXT VAL JA . -47.04 -12.28 -49.47
#